data_4KQ2
#
_entry.id   4KQ2
#
_cell.length_a   193.490
_cell.length_b   203.978
_cell.length_c   206.307
_cell.angle_alpha   90.000
_cell.angle_beta   90.000
_cell.angle_gamma   90.000
#
_symmetry.space_group_name_H-M   'I 2 2 2'
#
loop_
_entity.id
_entity.type
_entity.pdbx_description
1 polymer Gsy2p
2 non-polymer "URIDINE-5'-MONOPHOSPHATE"
3 non-polymer 6-O-phosphono-alpha-D-glucopyranose
4 non-polymer DI(HYDROXYETHYL)ETHER
5 non-polymer 'BARIUM ION'
6 non-polymer '(2R,3aR,5R,6S,7S,7aR)-5-(hydroxymethyl)tetrahydro-3aH-[1,3,2]dioxaphospholo[4,5-b]pyran-2,6,7-triol 2-oxide'
#
_entity_poly.entity_id   1
_entity_poly.type   'polypeptide(L)'
_entity_poly.pdbx_seq_one_letter_code
;MGSSHHHHHHSSGLVPRGSMSRDLQNHLLFETATEVANRVGGIYSVLKSKAPITVAQYKDHYHLIGPLNKATYQNEVDIL
DWKKPEAFSDEMRPVQHALQTMESRGVHFVYGRWLIEGAPKVILFDLDSVRGYSNEWKGDLWSLVGIPSPENDFETNDAI
LLGYTVAWFLGEVAHLDSQHAIVAHFHEWLAGVALPLCRKRRIDVVTIFTTHATLLGRYLCASGSFDFYNCLESVDVDHE
AGRFGIYHRYCIERAAAHSADVFTTVSQITAFEAEHLLKRKPDGILPNGLNVIKFQAFHEFQNLHALKKEKINDFVRGHF
HGCFDFDLDNTLYFFIAGRYEYKNKGADMFIEALARLNYRLKVSGSKKTVVAFIVMPAKNNSFTVEALKGQAEVRALENT
VHEVTTSIGKRIFDHAIRYPHNGLTTELPTDLGELLKSSDKVMLKRRILALRRPEGQLPPIVTHNMVDDANDLILNKIRQ
VQLFNSPSDRVKMIFHPEFLNANNPILGLDYDEFVRGCHLGVFPSYYEPWGYTPAECTVMGVPSITTNVSGFGSYMEDLI
ETNQAKDYGIYIVDRRFKAPDESVEQLVDYMEEFVKKTRRQRINQRNATEALSDLLDWKRMGLEYVKARQLALRRGYPDQ
FRELVGEELNDSNMDALAGGKKLKVARPLSVPGSPRDLRSNSTVYMTPGDLGTLQEVNNADDYFSLGVNPAADDDDDGPY
ADDS
;
_entity_poly.pdbx_strand_id   A,B,C,D
#
loop_
_chem_comp.id
_chem_comp.type
_chem_comp.name
_chem_comp.formula
1S3 D-saccharide '(2R,3aR,5R,6S,7S,7aR)-5-(hydroxymethyl)tetrahydro-3aH-[1,3,2]dioxaphospholo[4,5-b]pyran-2,6,7-triol 2-oxide' 'C6 H11 O8 P'
BA non-polymer 'BARIUM ION' 'Ba 2'
G6P D-saccharide, alpha linking 6-O-phosphono-alpha-D-glucopyranose 'C6 H13 O9 P'
PEG non-polymer DI(HYDROXYETHYL)ETHER 'C4 H10 O3'
U5P non-polymer URIDINE-5'-MONOPHOSPHATE 'C9 H13 N2 O9 P'
#
# COMPACT_ATOMS: atom_id res chain seq x y z
N SER A 21 69.18 -22.23 10.14
CA SER A 21 68.43 -21.81 11.34
C SER A 21 67.31 -20.85 10.97
N ARG A 22 66.39 -21.32 10.14
CA ARG A 22 65.21 -20.54 9.78
C ARG A 22 64.22 -20.54 10.94
N ASP A 23 63.44 -19.45 11.04
CA ASP A 23 62.48 -19.26 12.13
C ASP A 23 61.23 -20.10 11.88
N LEU A 24 60.89 -20.93 12.87
CA LEU A 24 59.73 -21.80 12.78
C LEU A 24 58.42 -21.14 13.24
N GLN A 25 58.50 -20.26 14.23
CA GLN A 25 57.31 -19.55 14.72
C GLN A 25 56.79 -18.51 13.74
N ASN A 26 57.62 -17.52 13.41
CA ASN A 26 57.31 -16.58 12.33
C ASN A 26 57.70 -17.20 10.97
N HIS A 27 56.79 -18.00 10.43
CA HIS A 27 57.02 -18.76 9.20
C HIS A 27 56.07 -18.28 8.13
N LEU A 28 56.35 -18.63 6.88
CA LEU A 28 55.54 -18.17 5.77
C LEU A 28 54.60 -19.25 5.25
N LEU A 29 53.41 -18.83 4.82
CA LEU A 29 52.39 -19.73 4.30
C LEU A 29 52.01 -19.39 2.85
N PHE A 30 52.13 -20.38 1.97
CA PHE A 30 51.78 -20.22 0.56
C PHE A 30 50.77 -21.29 0.12
N GLU A 31 49.51 -20.89 0.03
CA GLU A 31 48.41 -21.81 -0.27
C GLU A 31 48.04 -21.78 -1.75
N THR A 32 48.23 -22.91 -2.42
CA THR A 32 48.05 -23.01 -3.86
C THR A 32 46.83 -23.86 -4.23
N ALA A 33 46.10 -23.42 -5.25
CA ALA A 33 45.01 -24.18 -5.87
C ALA A 33 44.60 -23.56 -7.22
N THR A 34 43.94 -24.36 -8.07
CA THR A 34 43.32 -23.87 -9.30
C THR A 34 42.20 -22.86 -9.00
N GLU A 35 41.44 -23.12 -7.94
CA GLU A 35 40.22 -22.39 -7.64
C GLU A 35 40.39 -21.05 -6.92
N VAL A 36 41.47 -20.33 -7.21
CA VAL A 36 41.71 -19.03 -6.57
C VAL A 36 40.80 -17.93 -7.16
N ALA A 37 41.34 -17.10 -8.05
CA ALA A 37 40.61 -15.99 -8.64
C ALA A 37 39.29 -16.44 -9.23
N ASN A 38 39.29 -17.67 -9.73
CA ASN A 38 38.13 -18.23 -10.42
C ASN A 38 37.50 -19.36 -9.63
N ARG A 39 36.30 -19.73 -10.07
CA ARG A 39 35.53 -20.80 -9.46
C ARG A 39 35.40 -21.91 -10.50
N VAL A 40 36.13 -22.99 -10.32
CA VAL A 40 35.99 -24.17 -11.16
C VAL A 40 35.18 -25.24 -10.40
N GLY A 41 35.25 -25.16 -9.08
CA GLY A 41 34.61 -26.15 -8.21
C GLY A 41 34.41 -25.64 -6.80
N GLY A 42 34.22 -26.58 -5.87
CA GLY A 42 33.88 -26.24 -4.49
C GLY A 42 35.07 -25.84 -3.65
N ILE A 43 36.28 -26.09 -4.16
CA ILE A 43 37.51 -25.73 -3.46
C ILE A 43 37.63 -24.20 -3.37
N TYR A 44 37.06 -23.52 -4.36
CA TYR A 44 36.96 -22.06 -4.37
C TYR A 44 36.28 -21.55 -3.09
N SER A 45 35.07 -22.07 -2.82
CA SER A 45 34.29 -21.57 -1.69
C SER A 45 34.94 -21.93 -0.36
N VAL A 46 35.74 -23.00 -0.36
CA VAL A 46 36.56 -23.37 0.79
C VAL A 46 37.61 -22.29 1.06
N LEU A 47 38.55 -22.14 0.12
CA LEU A 47 39.60 -21.12 0.21
C LEU A 47 39.10 -19.69 0.49
N LYS A 48 37.96 -19.33 -0.10
CA LYS A 48 37.33 -18.03 0.15
C LYS A 48 36.88 -17.87 1.62
N SER A 49 35.95 -18.70 2.06
CA SER A 49 35.36 -18.62 3.40
C SER A 49 36.39 -18.76 4.52
N LYS A 50 37.46 -19.48 4.22
CA LYS A 50 38.56 -19.68 5.16
C LYS A 50 39.47 -18.44 5.29
N ALA A 51 39.62 -17.69 4.21
CA ALA A 51 40.55 -16.55 4.16
C ALA A 51 40.49 -15.55 5.34
N PRO A 52 39.27 -15.24 5.83
CA PRO A 52 39.22 -14.44 7.07
C PRO A 52 40.17 -14.94 8.17
N ILE A 53 39.88 -16.13 8.72
CA ILE A 53 40.67 -16.77 9.80
C ILE A 53 42.17 -16.99 9.46
N THR A 54 42.46 -17.31 8.20
CA THR A 54 43.83 -17.47 7.70
C THR A 54 44.61 -16.14 7.76
N VAL A 55 44.02 -15.10 7.18
CA VAL A 55 44.59 -13.74 7.17
C VAL A 55 44.74 -13.23 8.60
N ALA A 56 43.68 -13.40 9.39
CA ALA A 56 43.71 -13.01 10.79
C ALA A 56 45.01 -13.45 11.45
N GLN A 57 45.40 -14.72 11.24
CA GLN A 57 46.56 -15.30 11.94
C GLN A 57 47.89 -15.01 11.25
N TYR A 58 47.88 -15.00 9.92
CA TYR A 58 49.10 -14.83 9.14
C TYR A 58 49.34 -13.43 8.58
N LYS A 59 48.29 -12.61 8.60
CA LYS A 59 48.36 -11.23 8.07
C LYS A 59 49.07 -11.15 6.72
N ASP A 60 50.17 -10.40 6.67
CA ASP A 60 50.88 -10.12 5.42
C ASP A 60 51.79 -11.27 4.96
N HIS A 61 51.89 -12.32 5.77
CA HIS A 61 52.74 -13.47 5.48
C HIS A 61 52.06 -14.51 4.58
N TYR A 62 50.73 -14.52 4.61
CA TYR A 62 49.90 -15.44 3.82
C TYR A 62 49.78 -14.99 2.37
N HIS A 63 49.87 -15.95 1.45
CA HIS A 63 49.76 -15.67 0.01
C HIS A 63 49.12 -16.82 -0.75
N LEU A 64 48.02 -16.53 -1.45
CA LEU A 64 47.40 -17.52 -2.33
C LEU A 64 48.01 -17.49 -3.73
N ILE A 65 48.25 -18.69 -4.27
CA ILE A 65 48.81 -18.84 -5.61
C ILE A 65 47.83 -19.64 -6.46
N GLY A 66 47.49 -19.11 -7.64
CA GLY A 66 46.56 -19.78 -8.56
C GLY A 66 46.77 -19.45 -10.03
N PRO A 67 46.25 -20.30 -10.93
CA PRO A 67 46.31 -19.95 -12.35
C PRO A 67 45.44 -18.72 -12.63
N LEU A 68 45.93 -17.85 -13.51
CA LEU A 68 45.22 -16.63 -13.88
C LEU A 68 44.10 -16.91 -14.88
N ASN A 69 42.87 -16.76 -14.41
CA ASN A 69 41.70 -16.87 -15.27
C ASN A 69 41.43 -15.50 -15.87
N LYS A 70 41.98 -15.29 -17.07
CA LYS A 70 41.88 -14.02 -17.78
C LYS A 70 40.42 -13.66 -18.10
N ALA A 71 39.56 -14.69 -18.07
CA ALA A 71 38.13 -14.53 -18.35
C ALA A 71 37.35 -13.90 -17.20
N THR A 72 37.58 -14.34 -15.96
CA THR A 72 36.76 -13.88 -14.81
C THR A 72 37.51 -13.08 -13.73
N TYR A 73 38.83 -12.95 -13.87
CA TYR A 73 39.63 -12.37 -12.79
C TYR A 73 39.36 -10.89 -12.53
N GLN A 74 39.09 -10.15 -13.61
CA GLN A 74 39.14 -8.69 -13.59
C GLN A 74 38.27 -7.98 -12.54
N ASN A 75 37.05 -8.46 -12.35
CA ASN A 75 36.08 -7.81 -11.46
C ASN A 75 36.23 -8.16 -9.98
N GLU A 76 36.75 -9.35 -9.68
CA GLU A 76 36.87 -9.80 -8.28
C GLU A 76 38.30 -9.94 -7.75
N VAL A 77 39.28 -9.46 -8.52
CA VAL A 77 40.64 -9.30 -8.02
C VAL A 77 41.09 -7.86 -8.21
N ASP A 78 41.19 -7.16 -7.08
CA ASP A 78 41.70 -5.80 -7.00
C ASP A 78 43.21 -5.78 -7.29
N ILE A 79 43.57 -5.38 -8.51
CA ILE A 79 44.96 -5.43 -8.99
C ILE A 79 45.88 -4.43 -8.25
N LEU A 80 47.10 -4.85 -7.93
CA LEU A 80 48.05 -4.04 -7.16
C LEU A 80 49.43 -3.88 -7.81
N ASP A 81 50.06 -2.74 -7.54
CA ASP A 81 51.41 -2.47 -8.02
C ASP A 81 52.45 -3.13 -7.13
N TRP A 82 53.11 -4.15 -7.68
CA TRP A 82 54.08 -4.97 -6.93
C TRP A 82 55.52 -4.45 -7.03
N LYS A 83 55.67 -3.24 -7.57
CA LYS A 83 56.99 -2.64 -7.77
C LYS A 83 57.32 -1.55 -6.75
N LYS A 84 56.28 -0.97 -6.13
CA LYS A 84 56.43 -0.06 -4.98
C LYS A 84 57.29 -0.69 -3.88
N PRO A 85 58.27 0.08 -3.35
CA PRO A 85 58.94 -0.34 -2.12
C PRO A 85 57.97 -0.26 -0.93
N GLU A 86 56.85 0.44 -1.14
CA GLU A 86 55.79 0.60 -0.16
C GLU A 86 54.76 -0.54 -0.23
N ALA A 87 55.07 -1.56 -1.03
CA ALA A 87 54.17 -2.72 -1.19
C ALA A 87 54.56 -3.89 -0.29
N PHE A 88 55.82 -3.95 0.12
CA PHE A 88 56.30 -5.01 0.99
C PHE A 88 57.07 -4.46 2.18
N SER A 89 56.84 -5.07 3.35
CA SER A 89 57.61 -4.75 4.55
C SER A 89 59.05 -5.23 4.39
N ASP A 90 59.89 -4.88 5.36
CA ASP A 90 61.33 -5.09 5.25
C ASP A 90 61.80 -6.53 5.46
N GLU A 91 61.06 -7.29 6.26
CA GLU A 91 61.34 -8.72 6.39
C GLU A 91 60.73 -9.52 5.23
N MET A 92 59.65 -8.99 4.65
CA MET A 92 58.95 -9.63 3.51
C MET A 92 59.60 -9.35 2.16
N ARG A 93 60.76 -8.68 2.18
CA ARG A 93 61.48 -8.30 0.96
C ARG A 93 61.74 -9.45 -0.03
N PRO A 94 62.23 -10.61 0.46
CA PRO A 94 62.65 -11.68 -0.47
C PRO A 94 61.55 -12.17 -1.42
N VAL A 95 60.30 -11.87 -1.09
CA VAL A 95 59.16 -12.18 -1.96
C VAL A 95 59.23 -11.30 -3.22
N GLN A 96 59.46 -10.00 -3.01
CA GLN A 96 59.54 -9.03 -4.11
C GLN A 96 60.72 -9.30 -5.03
N HIS A 97 61.87 -9.66 -4.44
CA HIS A 97 63.05 -10.07 -5.19
C HIS A 97 62.73 -11.24 -6.11
N ALA A 98 62.09 -12.28 -5.54
CA ALA A 98 61.74 -13.50 -6.28
C ALA A 98 60.60 -13.32 -7.27
N LEU A 99 59.81 -12.25 -7.10
CA LEU A 99 58.79 -11.88 -8.07
C LEU A 99 59.42 -11.24 -9.30
N GLN A 100 60.45 -10.44 -9.09
CA GLN A 100 61.15 -9.77 -10.18
C GLN A 100 62.08 -10.70 -10.97
N THR A 101 62.60 -11.74 -10.33
CA THR A 101 63.41 -12.76 -11.03
C THR A 101 62.55 -13.48 -12.07
N MET A 102 61.25 -13.65 -11.75
CA MET A 102 60.27 -14.22 -12.67
C MET A 102 59.97 -13.25 -13.81
N GLU A 103 60.15 -11.95 -13.55
CA GLU A 103 60.03 -10.92 -14.60
C GLU A 103 61.32 -10.81 -15.42
N SER A 104 62.45 -11.14 -14.80
CA SER A 104 63.75 -11.18 -15.48
C SER A 104 63.89 -12.37 -16.42
N ARG A 105 62.98 -13.34 -16.28
CA ARG A 105 62.92 -14.51 -17.16
C ARG A 105 61.67 -14.47 -18.04
N GLY A 106 60.87 -13.41 -17.86
CA GLY A 106 59.76 -13.10 -18.76
C GLY A 106 58.43 -13.77 -18.48
N VAL A 107 58.10 -13.93 -17.19
CA VAL A 107 56.83 -14.54 -16.79
C VAL A 107 55.87 -13.47 -16.25
N HIS A 108 54.76 -13.28 -16.95
CA HIS A 108 53.74 -12.31 -16.54
C HIS A 108 52.78 -12.93 -15.51
N PHE A 109 52.49 -12.18 -14.46
CA PHE A 109 51.60 -12.61 -13.38
C PHE A 109 50.90 -11.44 -12.71
N VAL A 110 49.73 -11.69 -12.15
CA VAL A 110 48.93 -10.65 -11.54
C VAL A 110 49.04 -10.66 -10.01
N TYR A 111 49.62 -9.60 -9.45
CA TYR A 111 49.64 -9.43 -8.00
C TYR A 111 48.49 -8.51 -7.57
N GLY A 112 47.74 -8.92 -6.56
CA GLY A 112 46.63 -8.13 -6.04
C GLY A 112 46.08 -8.54 -4.68
N ARG A 113 44.81 -8.23 -4.46
CA ARG A 113 44.07 -8.65 -3.27
C ARG A 113 42.76 -9.26 -3.73
N TRP A 114 42.42 -10.44 -3.19
CA TRP A 114 41.13 -11.06 -3.48
C TRP A 114 40.01 -10.19 -2.89
N LEU A 115 39.07 -9.79 -3.75
CA LEU A 115 37.97 -8.89 -3.34
C LEU A 115 36.86 -9.63 -2.60
N ILE A 116 37.25 -10.38 -1.57
CA ILE A 116 36.35 -11.15 -0.71
C ILE A 116 36.68 -10.77 0.73
N GLU A 117 35.81 -11.13 1.67
CA GLU A 117 36.04 -10.79 3.08
C GLU A 117 37.38 -11.33 3.58
N GLY A 118 38.05 -10.55 4.42
CA GLY A 118 39.40 -10.87 4.84
C GLY A 118 40.46 -10.30 3.91
N ALA A 119 40.13 -10.23 2.61
CA ALA A 119 41.00 -9.63 1.58
C ALA A 119 42.48 -10.08 1.60
N PRO A 120 42.76 -11.31 1.12
CA PRO A 120 44.12 -11.86 1.12
C PRO A 120 44.92 -11.53 -0.15
N LYS A 121 46.24 -11.54 -0.04
CA LYS A 121 47.11 -11.21 -1.17
C LYS A 121 47.25 -12.41 -2.11
N VAL A 122 46.85 -12.23 -3.36
CA VAL A 122 46.91 -13.30 -4.38
C VAL A 122 48.09 -13.13 -5.35
N ILE A 123 48.48 -14.22 -6.00
CA ILE A 123 49.54 -14.21 -7.00
C ILE A 123 49.10 -15.14 -8.13
N LEU A 124 48.57 -14.55 -9.19
CA LEU A 124 47.98 -15.33 -10.27
C LEU A 124 48.87 -15.38 -11.50
N PHE A 125 49.45 -16.55 -11.75
CA PHE A 125 50.38 -16.75 -12.85
C PHE A 125 49.66 -16.94 -14.18
N ASP A 126 50.11 -16.19 -15.19
CA ASP A 126 49.63 -16.35 -16.57
C ASP A 126 50.37 -17.51 -17.21
N LEU A 127 49.66 -18.62 -17.42
CA LEU A 127 50.26 -19.86 -17.92
C LEU A 127 50.66 -19.80 -19.40
N ASP A 128 50.23 -18.74 -20.08
CA ASP A 128 50.62 -18.48 -21.47
C ASP A 128 52.11 -18.14 -21.57
N SER A 129 52.59 -17.36 -20.59
CA SER A 129 53.97 -16.87 -20.57
C SER A 129 55.01 -17.95 -20.21
N VAL A 130 54.62 -19.22 -20.34
CA VAL A 130 55.52 -20.36 -20.16
C VAL A 130 55.20 -21.51 -21.11
N ARG A 131 54.08 -21.38 -21.82
CA ARG A 131 53.57 -22.41 -22.74
C ARG A 131 54.67 -23.09 -23.58
N GLY A 132 55.71 -22.32 -23.91
CA GLY A 132 56.86 -22.85 -24.65
C GLY A 132 57.53 -24.03 -23.97
N TYR A 133 57.82 -23.86 -22.68
CA TYR A 133 58.49 -24.89 -21.88
C TYR A 133 57.76 -26.21 -21.84
N SER A 134 56.45 -26.17 -22.07
CA SER A 134 55.56 -27.35 -22.02
C SER A 134 56.24 -28.66 -22.41
N ASN A 135 56.85 -28.68 -23.59
CA ASN A 135 57.52 -29.88 -24.10
C ASN A 135 58.69 -30.34 -23.23
N GLU A 136 59.56 -29.41 -22.83
CA GLU A 136 60.70 -29.71 -21.96
C GLU A 136 60.21 -30.28 -20.62
N TRP A 137 59.13 -29.69 -20.11
CA TRP A 137 58.58 -30.05 -18.80
C TRP A 137 57.79 -31.37 -18.80
N LYS A 138 56.83 -31.52 -19.72
CA LYS A 138 56.06 -32.76 -19.85
C LYS A 138 56.97 -33.99 -19.87
N GLY A 139 58.09 -33.86 -20.59
CA GLY A 139 59.08 -34.92 -20.70
C GLY A 139 59.90 -35.11 -19.43
N ASP A 140 60.24 -33.99 -18.79
CA ASP A 140 60.95 -34.02 -17.51
C ASP A 140 60.15 -34.76 -16.45
N LEU A 141 58.82 -34.68 -16.55
CA LEU A 141 57.90 -35.32 -15.62
C LEU A 141 57.96 -36.84 -15.71
N TRP A 142 58.10 -37.36 -16.93
CA TRP A 142 58.29 -38.80 -17.11
C TRP A 142 59.63 -39.22 -16.53
N SER A 143 60.68 -38.48 -16.87
CA SER A 143 62.04 -38.83 -16.44
C SER A 143 62.34 -38.48 -14.97
N LEU A 144 61.31 -38.05 -14.24
CA LEU A 144 61.42 -37.85 -12.78
C LEU A 144 60.31 -38.52 -11.97
N VAL A 145 59.22 -38.93 -12.64
CA VAL A 145 58.11 -39.60 -11.95
C VAL A 145 57.60 -40.80 -12.75
N GLY A 146 57.50 -40.62 -14.06
CA GLY A 146 56.95 -41.65 -14.94
C GLY A 146 55.50 -41.39 -15.34
N ILE A 147 55.17 -40.11 -15.51
CA ILE A 147 53.79 -39.71 -15.80
C ILE A 147 53.60 -39.30 -17.27
N PRO A 148 52.78 -40.08 -18.02
CA PRO A 148 52.47 -39.78 -19.42
C PRO A 148 51.55 -38.55 -19.52
N SER A 149 51.62 -37.84 -20.63
CA SER A 149 50.80 -36.65 -20.82
C SER A 149 50.34 -36.47 -22.26
N PRO A 150 49.13 -36.98 -22.59
CA PRO A 150 48.49 -36.70 -23.88
C PRO A 150 48.26 -35.20 -24.04
N GLU A 151 48.46 -34.70 -25.26
CA GLU A 151 48.44 -33.26 -25.53
C GLU A 151 47.02 -32.68 -25.55
N ASN A 152 46.06 -33.49 -25.96
CA ASN A 152 44.65 -33.07 -26.07
C ASN A 152 43.97 -32.73 -24.73
N ASP A 153 44.53 -33.24 -23.63
CA ASP A 153 44.01 -32.99 -22.30
C ASP A 153 44.38 -31.59 -21.83
N PHE A 154 43.55 -30.62 -22.21
CA PHE A 154 43.76 -29.20 -21.90
C PHE A 154 44.09 -28.95 -20.42
N GLU A 155 43.41 -29.65 -19.52
CA GLU A 155 43.59 -29.47 -18.07
C GLU A 155 44.96 -29.95 -17.58
N THR A 156 45.35 -31.15 -18.02
CA THR A 156 46.61 -31.75 -17.58
C THR A 156 47.79 -30.89 -18.01
N ASN A 157 47.74 -30.38 -19.24
CA ASN A 157 48.76 -29.47 -19.77
C ASN A 157 48.97 -28.23 -18.89
N ASP A 158 47.86 -27.59 -18.51
CA ASP A 158 47.88 -26.38 -17.67
C ASP A 158 48.28 -26.65 -16.22
N ALA A 159 47.93 -27.83 -15.72
CA ALA A 159 48.28 -28.25 -14.37
C ALA A 159 49.80 -28.39 -14.21
N ILE A 160 50.42 -28.99 -15.22
CA ILE A 160 51.88 -29.19 -15.27
C ILE A 160 52.60 -27.85 -15.44
N LEU A 161 51.95 -26.92 -16.13
CA LEU A 161 52.48 -25.57 -16.29
C LEU A 161 52.50 -24.83 -14.97
N LEU A 162 51.44 -25.01 -14.17
CA LEU A 162 51.35 -24.42 -12.83
C LEU A 162 52.41 -25.00 -11.90
N GLY A 163 52.46 -26.33 -11.79
CA GLY A 163 53.39 -27.01 -10.90
C GLY A 163 54.85 -26.60 -11.07
N TYR A 164 55.30 -26.56 -12.32
CA TYR A 164 56.69 -26.21 -12.62
C TYR A 164 57.02 -24.74 -12.41
N THR A 165 56.02 -23.88 -12.60
CA THR A 165 56.17 -22.42 -12.43
C THR A 165 56.19 -22.02 -10.95
N VAL A 166 55.45 -22.76 -10.13
CA VAL A 166 55.40 -22.51 -8.70
C VAL A 166 56.65 -23.09 -8.02
N ALA A 167 57.05 -24.30 -8.43
CA ALA A 167 58.30 -24.91 -7.95
C ALA A 167 59.52 -24.04 -8.27
N TRP A 168 59.52 -23.46 -9.47
CA TRP A 168 60.53 -22.50 -9.91
C TRP A 168 60.49 -21.27 -9.00
N PHE A 169 59.27 -20.77 -8.76
CA PHE A 169 59.05 -19.58 -7.94
C PHE A 169 59.48 -19.79 -6.49
N LEU A 170 58.93 -20.84 -5.86
CA LEU A 170 59.25 -21.18 -4.47
C LEU A 170 60.73 -21.50 -4.29
N GLY A 171 61.31 -22.20 -5.27
CA GLY A 171 62.74 -22.51 -5.28
C GLY A 171 63.59 -21.27 -5.16
N GLU A 172 63.11 -20.17 -5.77
CA GLU A 172 63.79 -18.88 -5.73
C GLU A 172 63.56 -18.12 -4.42
N VAL A 173 62.36 -18.24 -3.86
CA VAL A 173 62.05 -17.67 -2.54
C VAL A 173 62.82 -18.42 -1.44
N ALA A 174 63.10 -19.70 -1.68
CA ALA A 174 63.92 -20.50 -0.78
C ALA A 174 65.38 -20.03 -0.79
N HIS A 175 65.83 -19.53 -1.94
CA HIS A 175 67.21 -19.11 -2.15
C HIS A 175 67.42 -17.61 -1.90
N LEU A 176 66.40 -16.94 -1.36
CA LEU A 176 66.47 -15.51 -1.05
C LEU A 176 66.12 -15.20 0.39
N ASP A 177 64.97 -15.69 0.85
CA ASP A 177 64.59 -15.61 2.25
C ASP A 177 65.38 -16.64 3.03
N SER A 178 66.11 -16.17 4.04
CA SER A 178 66.82 -17.05 4.97
C SER A 178 66.51 -16.68 6.41
N GLN A 179 65.34 -16.10 6.61
CA GLN A 179 64.85 -15.75 7.93
C GLN A 179 63.67 -16.63 8.35
N HIS A 180 62.70 -16.78 7.45
CA HIS A 180 61.49 -17.56 7.73
C HIS A 180 61.58 -19.00 7.23
N ALA A 181 60.86 -19.88 7.92
CA ALA A 181 60.57 -21.21 7.41
C ALA A 181 59.41 -21.07 6.42
N ILE A 182 59.33 -21.98 5.45
CA ILE A 182 58.33 -21.83 4.40
C ILE A 182 57.37 -23.02 4.24
N VAL A 183 56.09 -22.79 4.58
CA VAL A 183 55.02 -23.78 4.40
C VAL A 183 54.29 -23.57 3.07
N ALA A 184 54.25 -24.61 2.24
CA ALA A 184 53.48 -24.57 1.01
C ALA A 184 52.37 -25.63 1.01
N HIS A 185 51.13 -25.16 1.10
CA HIS A 185 49.96 -26.02 1.07
C HIS A 185 49.49 -26.15 -0.38
N PHE A 186 48.87 -27.28 -0.72
CA PHE A 186 48.47 -27.59 -2.08
C PHE A 186 47.14 -28.34 -2.08
N HIS A 187 46.20 -27.84 -2.87
CA HIS A 187 44.86 -28.40 -2.89
C HIS A 187 44.53 -29.08 -4.21
N GLU A 188 44.09 -30.34 -4.13
CA GLU A 188 43.64 -31.14 -5.28
C GLU A 188 44.73 -31.42 -6.33
N TRP A 189 44.58 -32.51 -7.07
CA TRP A 189 45.61 -32.99 -7.98
C TRP A 189 46.06 -31.96 -9.02
N LEU A 190 45.12 -31.15 -9.50
CA LEU A 190 45.38 -30.11 -10.50
C LEU A 190 46.51 -29.15 -10.12
N ALA A 191 46.65 -28.86 -8.83
CA ALA A 191 47.71 -27.98 -8.34
C ALA A 191 48.77 -28.75 -7.57
N GLY A 192 48.91 -30.03 -7.88
CA GLY A 192 49.85 -30.90 -7.18
C GLY A 192 51.05 -31.36 -8.00
N VAL A 193 51.37 -30.60 -9.04
CA VAL A 193 52.52 -30.89 -9.90
C VAL A 193 53.80 -30.34 -9.27
N ALA A 194 53.64 -29.30 -8.45
CA ALA A 194 54.75 -28.69 -7.71
C ALA A 194 55.28 -29.59 -6.59
N LEU A 195 54.46 -30.53 -6.14
CA LEU A 195 54.78 -31.37 -4.98
C LEU A 195 55.92 -32.36 -5.20
N PRO A 196 55.79 -33.28 -6.21
CA PRO A 196 56.91 -34.17 -6.52
C PRO A 196 58.19 -33.41 -6.82
N LEU A 197 58.06 -32.23 -7.41
CA LEU A 197 59.19 -31.36 -7.72
C LEU A 197 59.98 -30.95 -6.49
N CYS A 198 59.27 -30.46 -5.47
CA CYS A 198 59.91 -30.01 -4.24
C CYS A 198 60.67 -31.13 -3.52
N ARG A 199 60.22 -32.37 -3.71
CA ARG A 199 60.90 -33.53 -3.15
C ARG A 199 62.23 -33.81 -3.87
N LYS A 200 62.17 -34.07 -5.18
CA LYS A 200 63.36 -34.36 -5.98
C LYS A 200 64.34 -33.18 -6.05
N ARG A 201 63.80 -31.98 -6.28
CA ARG A 201 64.61 -30.75 -6.32
C ARG A 201 65.12 -30.35 -4.94
N ARG A 202 64.54 -30.94 -3.90
CA ARG A 202 64.86 -30.67 -2.49
C ARG A 202 64.85 -29.18 -2.13
N ILE A 203 63.76 -28.51 -2.52
CA ILE A 203 63.52 -27.12 -2.18
C ILE A 203 63.40 -27.00 -0.67
N ASP A 204 63.97 -25.94 -0.09
CA ASP A 204 63.94 -25.78 1.36
C ASP A 204 62.61 -25.22 1.88
N VAL A 205 61.52 -25.86 1.47
CA VAL A 205 60.17 -25.56 1.98
C VAL A 205 59.58 -26.83 2.61
N VAL A 206 58.43 -26.69 3.27
CA VAL A 206 57.70 -27.88 3.72
C VAL A 206 56.32 -27.91 3.05
N THR A 207 55.81 -29.11 2.82
CA THR A 207 54.65 -29.26 1.95
C THR A 207 53.47 -29.98 2.59
N ILE A 208 52.28 -29.51 2.26
CA ILE A 208 51.05 -30.19 2.62
C ILE A 208 50.24 -30.38 1.35
N PHE A 209 49.88 -31.63 1.07
CA PHE A 209 48.85 -31.90 0.09
C PHE A 209 47.52 -32.01 0.82
N THR A 210 46.46 -31.60 0.14
CA THR A 210 45.13 -31.92 0.61
C THR A 210 44.32 -32.22 -0.62
N THR A 211 43.84 -33.45 -0.69
CA THR A 211 42.92 -33.80 -1.76
C THR A 211 41.51 -33.74 -1.20
N HIS A 212 40.58 -33.28 -2.05
CA HIS A 212 39.17 -33.11 -1.69
C HIS A 212 38.32 -34.20 -2.34
N ALA A 213 38.96 -35.06 -3.12
CA ALA A 213 38.31 -36.12 -3.89
C ALA A 213 39.36 -36.92 -4.65
N THR A 214 39.44 -38.21 -4.36
CA THR A 214 40.24 -39.13 -5.17
C THR A 214 39.68 -39.23 -6.58
N LEU A 215 40.55 -39.28 -7.58
CA LEU A 215 40.09 -39.35 -8.97
C LEU A 215 39.30 -40.62 -9.23
N LEU A 216 39.78 -41.73 -8.68
CA LEU A 216 39.13 -43.04 -8.84
C LEU A 216 37.75 -43.17 -8.18
N GLY A 217 37.64 -42.74 -6.93
CA GLY A 217 36.38 -42.80 -6.18
C GLY A 217 35.21 -42.20 -6.94
N ARG A 218 35.48 -41.10 -7.61
CA ARG A 218 34.50 -40.39 -8.42
C ARG A 218 33.95 -41.29 -9.53
N TYR A 219 34.85 -41.80 -10.35
CA TYR A 219 34.50 -42.60 -11.53
C TYR A 219 33.86 -43.94 -11.19
N LEU A 220 34.37 -44.58 -10.13
CA LEU A 220 33.87 -45.89 -9.72
C LEU A 220 32.45 -45.83 -9.18
N CYS A 221 32.06 -44.66 -8.69
CA CYS A 221 30.73 -44.49 -8.12
C CYS A 221 29.71 -43.94 -9.13
N ALA A 222 30.21 -43.35 -10.22
CA ALA A 222 29.38 -42.87 -11.33
C ALA A 222 28.69 -44.01 -12.08
N SER A 223 29.32 -45.19 -12.07
CA SER A 223 28.74 -46.41 -12.63
C SER A 223 27.48 -46.81 -11.89
N GLY A 224 27.53 -46.70 -10.56
CA GLY A 224 26.37 -46.99 -9.73
C GLY A 224 26.21 -48.45 -9.39
N SER A 225 26.44 -49.31 -10.38
CA SER A 225 26.39 -50.76 -10.22
C SER A 225 27.56 -51.24 -9.36
N PHE A 226 28.73 -50.64 -9.60
CA PHE A 226 29.98 -50.97 -8.91
C PHE A 226 29.92 -50.59 -7.44
N ASP A 227 29.79 -51.58 -6.56
CA ASP A 227 29.91 -51.38 -5.11
C ASP A 227 31.29 -50.83 -4.80
N PHE A 228 31.36 -49.91 -3.84
CA PHE A 228 32.57 -49.17 -3.58
C PHE A 228 33.05 -49.33 -2.14
N TYR A 229 32.14 -49.26 -1.18
CA TYR A 229 32.55 -49.11 0.22
C TYR A 229 32.88 -50.42 0.93
N ASN A 230 32.91 -51.52 0.17
CA ASN A 230 33.34 -52.82 0.69
C ASN A 230 34.48 -53.40 -0.14
N CYS A 231 34.20 -53.82 -1.37
CA CYS A 231 35.27 -54.26 -2.27
C CYS A 231 36.05 -53.04 -2.80
N LEU A 232 36.66 -52.33 -1.85
CA LEU A 232 37.50 -51.18 -2.12
C LEU A 232 38.94 -51.61 -2.03
N GLU A 233 39.21 -52.40 -0.99
CA GLU A 233 40.54 -52.94 -0.74
C GLU A 233 40.97 -53.93 -1.81
N SER A 234 40.07 -54.16 -2.77
CA SER A 234 40.30 -55.08 -3.88
C SER A 234 40.07 -54.42 -5.25
N VAL A 235 40.64 -53.23 -5.45
CA VAL A 235 40.63 -52.60 -6.78
C VAL A 235 42.04 -52.53 -7.35
N ASP A 236 42.21 -53.12 -8.52
CA ASP A 236 43.44 -52.95 -9.27
C ASP A 236 43.47 -51.48 -9.66
N VAL A 237 44.20 -50.70 -8.86
CA VAL A 237 44.29 -49.24 -8.99
C VAL A 237 44.82 -48.77 -10.36
N ASP A 238 45.65 -49.59 -10.98
CA ASP A 238 46.23 -49.27 -12.28
C ASP A 238 45.32 -49.65 -13.44
N HIS A 239 44.70 -50.83 -13.34
CA HIS A 239 43.74 -51.30 -14.33
C HIS A 239 42.50 -50.40 -14.39
N GLU A 240 42.00 -50.02 -13.20
CA GLU A 240 40.79 -49.20 -13.08
C GLU A 240 40.97 -47.79 -13.65
N ALA A 241 42.11 -47.17 -13.33
CA ALA A 241 42.48 -45.87 -13.89
C ALA A 241 42.48 -45.92 -15.41
N GLY A 242 43.20 -46.93 -15.94
CA GLY A 242 43.24 -47.20 -17.37
C GLY A 242 41.88 -47.39 -17.99
N ARG A 243 41.01 -48.15 -17.31
CA ARG A 243 39.63 -48.39 -17.77
C ARG A 243 38.86 -47.10 -18.07
N PHE A 244 38.94 -46.13 -17.15
CA PHE A 244 38.30 -44.82 -17.33
C PHE A 244 39.21 -43.84 -18.09
N GLY A 245 40.28 -44.37 -18.68
CA GLY A 245 41.21 -43.58 -19.50
C GLY A 245 41.73 -42.35 -18.81
N ILE A 246 42.05 -42.49 -17.52
CA ILE A 246 42.54 -41.38 -16.71
C ILE A 246 43.76 -41.80 -15.90
N TYR A 247 44.65 -42.56 -16.53
CA TYR A 247 45.85 -43.02 -15.85
C TYR A 247 46.87 -41.87 -15.66
N HIS A 248 47.01 -41.03 -16.68
CA HIS A 248 47.93 -39.89 -16.62
C HIS A 248 47.64 -38.93 -15.46
N ARG A 249 46.35 -38.66 -15.24
CA ARG A 249 45.89 -37.79 -14.15
C ARG A 249 46.12 -38.42 -12.77
N TYR A 250 45.53 -39.61 -12.57
CA TYR A 250 45.65 -40.37 -11.32
C TYR A 250 47.09 -40.59 -10.84
N CYS A 251 48.05 -40.48 -11.76
CA CYS A 251 49.46 -40.54 -11.41
C CYS A 251 49.91 -39.28 -10.67
N ILE A 252 49.54 -38.12 -11.22
CA ILE A 252 49.84 -36.83 -10.60
C ILE A 252 49.22 -36.74 -9.21
N GLU A 253 47.95 -37.15 -9.10
CA GLU A 253 47.25 -37.24 -7.83
C GLU A 253 48.04 -38.04 -6.81
N ARG A 254 48.33 -39.29 -7.15
CA ARG A 254 49.05 -40.20 -6.27
C ARG A 254 50.46 -39.70 -5.96
N ALA A 255 51.17 -39.22 -6.98
CA ALA A 255 52.53 -38.68 -6.81
C ALA A 255 52.55 -37.50 -5.84
N ALA A 256 51.56 -36.61 -5.97
CA ALA A 256 51.40 -35.47 -5.07
C ALA A 256 51.15 -35.92 -3.64
N ALA A 257 50.32 -36.94 -3.49
CA ALA A 257 49.97 -37.48 -2.18
C ALA A 257 51.17 -38.10 -1.47
N HIS A 258 52.00 -38.83 -2.21
CA HIS A 258 53.20 -39.47 -1.64
C HIS A 258 54.36 -38.51 -1.48
N SER A 259 54.39 -37.48 -2.33
CA SER A 259 55.47 -36.51 -2.31
C SER A 259 55.41 -35.60 -1.09
N ALA A 260 54.20 -35.29 -0.62
CA ALA A 260 53.99 -34.28 0.42
C ALA A 260 54.48 -34.66 1.82
N ASP A 261 55.01 -33.67 2.54
CA ASP A 261 55.37 -33.83 3.95
C ASP A 261 54.17 -34.23 4.80
N VAL A 262 53.02 -33.59 4.55
CA VAL A 262 51.76 -33.96 5.18
C VAL A 262 50.67 -34.19 4.14
N PHE A 263 50.13 -35.40 4.11
CA PHE A 263 49.01 -35.73 3.27
C PHE A 263 47.75 -35.65 4.13
N THR A 264 46.69 -35.03 3.59
CA THR A 264 45.42 -34.85 4.30
C THR A 264 44.21 -34.90 3.36
N THR A 265 43.08 -35.38 3.89
CA THR A 265 41.79 -35.24 3.22
C THR A 265 40.85 -34.35 4.05
N VAL A 266 39.57 -34.28 3.66
CA VAL A 266 38.61 -33.39 4.30
C VAL A 266 37.61 -34.07 5.22
N SER A 267 37.60 -35.40 5.24
CA SER A 267 36.70 -36.15 6.10
C SER A 267 37.25 -37.54 6.34
N GLN A 268 36.70 -38.21 7.35
CA GLN A 268 37.07 -39.60 7.62
C GLN A 268 36.82 -40.53 6.44
N ILE A 269 35.66 -40.37 5.80
CA ILE A 269 35.29 -41.27 4.73
C ILE A 269 36.29 -41.23 3.58
N THR A 270 36.88 -40.06 3.36
CA THR A 270 37.85 -39.92 2.30
C THR A 270 39.24 -40.33 2.80
N ALA A 271 39.41 -40.39 4.12
CA ALA A 271 40.67 -40.85 4.68
C ALA A 271 40.81 -42.33 4.42
N PHE A 272 39.73 -43.06 4.70
CA PHE A 272 39.66 -44.49 4.45
C PHE A 272 39.88 -44.83 2.98
N GLU A 273 39.38 -43.98 2.09
CA GLU A 273 39.44 -44.22 0.67
C GLU A 273 40.79 -43.88 0.05
N ALA A 274 41.41 -42.79 0.51
CA ALA A 274 42.70 -42.33 -0.03
C ALA A 274 43.80 -43.32 0.32
N GLU A 275 43.59 -44.06 1.40
CA GLU A 275 44.55 -45.06 1.87
C GLU A 275 44.67 -46.20 0.88
N HIS A 276 43.57 -46.56 0.24
CA HIS A 276 43.55 -47.71 -0.65
C HIS A 276 43.67 -47.33 -2.11
N LEU A 277 43.31 -46.10 -2.45
CA LEU A 277 43.33 -45.70 -3.84
C LEU A 277 44.54 -44.84 -4.21
N LEU A 278 45.14 -44.18 -3.22
CA LEU A 278 46.37 -43.42 -3.46
C LEU A 278 47.54 -43.99 -2.68
N LYS A 279 47.27 -45.11 -2.00
CA LYS A 279 48.28 -45.94 -1.31
C LYS A 279 49.03 -45.22 -0.17
N ARG A 280 48.34 -44.30 0.50
CA ARG A 280 48.91 -43.61 1.67
C ARG A 280 47.83 -43.22 2.65
N LYS A 281 48.06 -43.55 3.91
CA LYS A 281 47.16 -43.16 4.98
C LYS A 281 47.48 -41.70 5.34
N PRO A 282 46.45 -40.84 5.35
CA PRO A 282 46.62 -39.42 5.62
C PRO A 282 46.90 -39.15 7.10
N ASP A 283 47.73 -38.14 7.36
CA ASP A 283 48.13 -37.75 8.71
C ASP A 283 47.01 -37.18 9.55
N GLY A 284 45.88 -36.87 8.91
CA GLY A 284 44.70 -36.32 9.60
C GLY A 284 43.70 -35.75 8.60
N ILE A 285 42.63 -35.18 9.12
CA ILE A 285 41.66 -34.51 8.26
C ILE A 285 41.55 -32.99 8.51
N LEU A 286 41.34 -32.26 7.42
CA LEU A 286 41.01 -30.85 7.52
C LEU A 286 39.59 -30.71 6.99
N PRO A 287 38.58 -30.92 7.85
CA PRO A 287 37.20 -30.76 7.37
C PRO A 287 36.92 -29.33 6.91
N ASN A 288 35.72 -29.10 6.37
CA ASN A 288 35.37 -27.79 5.81
C ASN A 288 34.51 -26.92 6.73
N GLY A 289 35.05 -25.77 7.10
CA GLY A 289 34.31 -24.80 7.88
C GLY A 289 33.57 -23.76 7.03
N LEU A 290 32.81 -22.92 7.72
CA LEU A 290 32.07 -21.85 7.09
C LEU A 290 32.26 -20.50 7.80
N ASN A 291 31.85 -19.43 7.14
CA ASN A 291 31.70 -18.13 7.77
C ASN A 291 30.28 -17.91 8.26
N VAL A 292 29.92 -18.62 9.33
CA VAL A 292 28.57 -18.56 9.87
C VAL A 292 28.18 -17.11 10.09
N ILE A 293 27.33 -16.59 9.20
CA ILE A 293 26.77 -15.25 9.30
C ILE A 293 25.79 -15.24 10.47
N LYS A 294 26.13 -14.51 11.54
CA LYS A 294 25.31 -14.52 12.77
C LYS A 294 24.36 -13.33 12.90
N PHE A 295 23.40 -13.45 13.83
CA PHE A 295 22.37 -12.42 14.00
C PHE A 295 22.34 -11.90 15.44
N GLN A 296 21.82 -10.68 15.60
CA GLN A 296 21.88 -10.05 16.91
C GLN A 296 20.86 -10.70 17.83
N ALA A 297 19.64 -10.88 17.34
CA ALA A 297 18.68 -11.77 17.98
C ALA A 297 18.89 -13.20 17.50
N PHE A 298 19.03 -14.13 18.44
CA PHE A 298 19.12 -15.56 18.10
C PHE A 298 17.93 -16.08 17.27
N HIS A 299 16.73 -15.58 17.56
CA HIS A 299 15.55 -16.03 16.85
C HIS A 299 15.34 -15.43 15.45
N GLU A 300 16.22 -14.54 15.01
CA GLU A 300 16.01 -13.84 13.73
C GLU A 300 15.83 -14.81 12.57
N PHE A 301 16.70 -15.83 12.49
CA PHE A 301 16.57 -16.91 11.48
C PHE A 301 15.14 -17.50 11.39
N GLN A 302 14.49 -17.70 12.53
CA GLN A 302 13.11 -18.17 12.57
C GLN A 302 12.17 -17.29 11.76
N ASN A 303 12.24 -15.97 11.98
CA ASN A 303 11.46 -14.99 11.20
C ASN A 303 11.85 -15.05 9.73
N LEU A 304 13.12 -15.25 9.48
CA LEU A 304 13.57 -15.32 8.10
C LEU A 304 12.97 -16.50 7.36
N HIS A 305 12.76 -17.59 8.10
CA HIS A 305 12.09 -18.77 7.58
C HIS A 305 10.64 -18.48 7.13
N ALA A 306 9.81 -18.01 8.05
CA ALA A 306 8.45 -17.60 7.69
C ALA A 306 8.45 -16.73 6.44
N LEU A 307 9.31 -15.71 6.45
CA LEU A 307 9.36 -14.67 5.43
C LEU A 307 9.76 -15.23 4.08
N LYS A 308 10.86 -16.00 4.07
CA LYS A 308 11.29 -16.69 2.85
C LYS A 308 10.30 -17.75 2.36
N LYS A 309 9.79 -18.57 3.29
CA LYS A 309 8.73 -19.56 3.02
C LYS A 309 7.59 -19.02 2.20
N GLU A 310 7.01 -17.92 2.68
CA GLU A 310 5.90 -17.30 1.97
C GLU A 310 6.19 -17.13 0.48
N LYS A 311 7.44 -16.83 0.13
CA LYS A 311 7.80 -16.61 -1.28
C LYS A 311 7.77 -17.89 -2.11
N ILE A 312 8.07 -19.02 -1.45
CA ILE A 312 7.85 -20.36 -2.01
C ILE A 312 6.35 -20.57 -2.24
N ASN A 313 5.53 -20.37 -1.20
CA ASN A 313 4.08 -20.47 -1.36
C ASN A 313 3.63 -19.72 -2.62
N ASP A 314 3.82 -18.41 -2.63
CA ASP A 314 3.43 -17.65 -3.80
C ASP A 314 3.73 -18.37 -5.12
N PHE A 315 4.89 -19.04 -5.17
CA PHE A 315 5.27 -19.78 -6.38
C PHE A 315 4.44 -21.02 -6.55
N VAL A 316 4.39 -21.84 -5.50
CA VAL A 316 3.61 -23.09 -5.45
C VAL A 316 2.22 -22.89 -6.04
N ARG A 317 1.49 -21.91 -5.51
CA ARG A 317 0.16 -21.60 -6.02
C ARG A 317 0.16 -21.29 -7.53
N GLY A 318 1.19 -20.61 -8.01
CA GLY A 318 1.30 -20.34 -9.45
C GLY A 318 1.48 -21.62 -10.25
N HIS A 319 2.19 -22.57 -9.63
CA HIS A 319 2.52 -23.83 -10.26
C HIS A 319 1.30 -24.71 -10.36
N PHE A 320 0.51 -24.72 -9.28
CA PHE A 320 -0.69 -25.54 -9.18
C PHE A 320 -1.95 -24.76 -9.56
N HIS A 321 -1.83 -23.91 -10.58
CA HIS A 321 -2.88 -22.95 -10.90
C HIS A 321 -4.09 -23.66 -11.47
N GLY A 322 -5.12 -23.82 -10.66
CA GLY A 322 -6.34 -24.49 -11.09
C GLY A 322 -6.39 -25.95 -10.69
N CYS A 323 -5.32 -26.44 -10.07
CA CYS A 323 -5.26 -27.82 -9.60
C CYS A 323 -4.77 -27.82 -8.15
N PHE A 324 -5.19 -26.81 -7.42
CA PHE A 324 -4.72 -26.55 -6.05
C PHE A 324 -5.78 -27.04 -5.07
N ASP A 325 -5.45 -28.09 -4.33
CA ASP A 325 -6.42 -28.79 -3.50
C ASP A 325 -5.95 -29.09 -2.08
N PHE A 326 -4.78 -28.55 -1.72
CA PHE A 326 -4.22 -28.77 -0.37
C PHE A 326 -4.02 -27.48 0.43
N ASP A 327 -3.64 -27.64 1.70
CA ASP A 327 -3.51 -26.53 2.65
C ASP A 327 -2.04 -26.21 2.96
N LEU A 328 -1.54 -25.08 2.42
CA LEU A 328 -0.13 -24.73 2.56
C LEU A 328 0.37 -24.63 4.00
N ASP A 329 -0.56 -24.43 4.93
CA ASP A 329 -0.27 -24.37 6.35
C ASP A 329 0.05 -25.77 6.88
N ASN A 330 -0.11 -26.75 6.00
CA ASN A 330 0.04 -28.17 6.34
C ASN A 330 0.97 -28.87 5.36
N THR A 331 1.49 -28.10 4.41
CA THR A 331 2.48 -28.58 3.47
C THR A 331 3.89 -28.44 4.05
N LEU A 332 4.81 -29.30 3.59
CA LEU A 332 6.22 -29.22 3.97
C LEU A 332 7.08 -29.16 2.72
N TYR A 333 8.24 -28.52 2.82
CA TYR A 333 9.13 -28.41 1.67
C TYR A 333 10.43 -29.16 1.88
N PHE A 334 10.71 -30.06 0.95
CA PHE A 334 11.88 -30.92 0.96
C PHE A 334 12.64 -30.54 -0.29
N PHE A 335 13.96 -30.64 -0.24
CA PHE A 335 14.75 -30.32 -1.43
C PHE A 335 16.03 -31.15 -1.55
N ILE A 336 16.48 -31.34 -2.78
CA ILE A 336 17.83 -31.77 -3.06
C ILE A 336 18.36 -30.76 -4.06
N ALA A 337 19.61 -30.36 -3.89
CA ALA A 337 20.22 -29.36 -4.76
C ALA A 337 21.72 -29.58 -4.82
N GLY A 338 22.32 -29.24 -5.95
CA GLY A 338 23.75 -29.39 -6.14
C GLY A 338 24.11 -29.49 -7.60
N ARG A 339 25.20 -30.20 -7.89
CA ARG A 339 25.59 -30.45 -9.26
C ARG A 339 24.74 -31.59 -9.78
N TYR A 340 24.57 -31.65 -11.11
CA TYR A 340 23.81 -32.74 -11.72
C TYR A 340 24.66 -34.02 -11.71
N GLU A 341 24.55 -34.76 -10.62
CA GLU A 341 25.31 -35.97 -10.40
C GLU A 341 24.30 -37.02 -9.96
N TYR A 342 23.62 -37.62 -10.93
CA TYR A 342 22.44 -38.45 -10.66
C TYR A 342 22.68 -39.48 -9.56
N LYS A 343 23.69 -40.32 -9.75
CA LYS A 343 23.96 -41.43 -8.84
C LYS A 343 24.60 -40.97 -7.53
N ASN A 344 25.72 -40.25 -7.66
CA ASN A 344 26.52 -39.76 -6.52
C ASN A 344 25.74 -38.91 -5.52
N LYS A 345 24.97 -37.94 -6.01
CA LYS A 345 24.22 -37.00 -5.16
C LYS A 345 23.07 -37.66 -4.40
N GLY A 346 22.58 -38.77 -4.94
CA GLY A 346 21.51 -39.54 -4.29
C GLY A 346 20.12 -39.25 -4.83
N ALA A 347 20.06 -38.76 -6.07
CA ALA A 347 18.79 -38.38 -6.66
C ALA A 347 17.89 -39.60 -6.76
N ASP A 348 18.42 -40.67 -7.34
CA ASP A 348 17.71 -41.95 -7.45
C ASP A 348 17.03 -42.31 -6.13
N MET A 349 17.82 -42.51 -5.06
CA MET A 349 17.26 -42.80 -3.74
C MET A 349 16.16 -41.82 -3.38
N PHE A 350 16.46 -40.53 -3.52
CA PHE A 350 15.57 -39.44 -3.09
C PHE A 350 14.22 -39.47 -3.82
N ILE A 351 14.26 -39.64 -5.14
CA ILE A 351 13.05 -39.74 -5.93
C ILE A 351 12.25 -40.98 -5.54
N GLU A 352 12.95 -42.13 -5.46
CA GLU A 352 12.35 -43.39 -5.04
C GLU A 352 11.77 -43.29 -3.63
N ALA A 353 12.60 -42.87 -2.67
CA ALA A 353 12.17 -42.77 -1.27
C ALA A 353 10.88 -41.97 -1.10
N LEU A 354 10.66 -41.02 -2.00
CA LEU A 354 9.47 -40.18 -1.94
C LEU A 354 8.26 -40.97 -2.37
N ALA A 355 8.38 -41.64 -3.52
CA ALA A 355 7.33 -42.51 -4.05
C ALA A 355 6.82 -43.47 -2.98
N ARG A 356 7.77 -44.06 -2.24
CA ARG A 356 7.44 -44.88 -1.10
C ARG A 356 6.73 -44.11 0.00
N LEU A 357 7.26 -42.93 0.34
CA LEU A 357 6.63 -42.09 1.35
C LEU A 357 5.23 -41.70 0.92
N ASN A 358 5.09 -41.37 -0.37
CA ASN A 358 3.79 -41.04 -0.95
C ASN A 358 2.78 -42.16 -0.66
N TYR A 359 3.17 -43.38 -1.03
CA TYR A 359 2.45 -44.59 -0.69
C TYR A 359 2.11 -44.61 0.81
N ARG A 360 3.13 -44.50 1.66
CA ARG A 360 2.94 -44.57 3.10
C ARG A 360 1.94 -43.56 3.67
N LEU A 361 1.85 -42.39 3.04
CA LEU A 361 0.99 -41.30 3.54
C LEU A 361 -0.48 -41.51 3.19
N LYS A 362 -0.71 -42.04 1.99
CA LYS A 362 -2.05 -42.45 1.57
C LYS A 362 -2.59 -43.53 2.52
N VAL A 363 -1.77 -44.55 2.78
CA VAL A 363 -2.10 -45.64 3.70
C VAL A 363 -2.50 -45.13 5.07
N SER A 364 -1.58 -44.42 5.73
CA SER A 364 -1.80 -43.89 7.08
C SER A 364 -2.93 -42.86 7.12
N GLY A 365 -3.36 -42.41 5.95
CA GLY A 365 -4.43 -41.43 5.81
C GLY A 365 -4.06 -40.09 6.40
N SER A 366 -2.85 -39.64 6.07
CA SER A 366 -2.31 -38.39 6.57
C SER A 366 -2.82 -37.21 5.74
N LYS A 367 -3.10 -36.09 6.42
CA LYS A 367 -3.63 -34.90 5.77
C LYS A 367 -2.53 -33.93 5.32
N LYS A 368 -1.30 -34.25 5.68
CA LYS A 368 -0.14 -33.46 5.27
C LYS A 368 0.06 -33.53 3.76
N THR A 369 0.86 -32.61 3.24
CA THR A 369 1.33 -32.71 1.87
C THR A 369 2.82 -32.47 1.90
N VAL A 370 3.50 -32.82 0.80
CA VAL A 370 4.93 -32.59 0.67
C VAL A 370 5.22 -32.13 -0.74
N VAL A 371 5.52 -30.84 -0.90
CA VAL A 371 6.19 -30.41 -2.12
C VAL A 371 7.68 -30.72 -1.93
N ALA A 372 8.32 -31.16 -3.00
CA ALA A 372 9.68 -31.64 -2.94
C ALA A 372 10.39 -31.15 -4.17
N PHE A 373 11.48 -30.43 -3.92
CA PHE A 373 12.13 -29.64 -4.95
C PHE A 373 13.42 -30.28 -5.37
N ILE A 374 13.72 -30.18 -6.66
CA ILE A 374 14.99 -30.63 -7.19
C ILE A 374 15.68 -29.50 -7.94
N VAL A 375 16.81 -29.06 -7.40
CA VAL A 375 17.55 -27.93 -7.96
C VAL A 375 18.89 -28.41 -8.51
N MET A 376 18.90 -28.70 -9.81
CA MET A 376 20.08 -29.26 -10.47
C MET A 376 20.16 -28.74 -11.90
N PRO A 377 21.34 -28.25 -12.32
CA PRO A 377 21.48 -27.66 -13.66
C PRO A 377 21.46 -28.71 -14.77
N ALA A 378 20.65 -28.46 -15.79
CA ALA A 378 20.51 -29.35 -16.93
C ALA A 378 20.29 -28.48 -18.16
N LYS A 379 20.79 -28.93 -19.31
CA LYS A 379 20.66 -28.15 -20.54
C LYS A 379 19.17 -27.88 -20.80
N ASN A 380 18.84 -26.63 -21.09
CA ASN A 380 17.45 -26.23 -21.21
C ASN A 380 17.29 -25.03 -22.12
N ASN A 381 16.05 -24.73 -22.51
CA ASN A 381 15.72 -23.49 -23.21
C ASN A 381 14.80 -22.61 -22.33
N SER A 382 15.28 -22.28 -21.14
CA SER A 382 14.58 -21.38 -20.21
C SER A 382 13.25 -21.98 -19.72
N PHE A 383 12.40 -21.13 -19.14
CA PHE A 383 11.18 -21.56 -18.46
C PHE A 383 10.06 -21.97 -19.42
N THR A 384 9.15 -22.85 -18.98
CA THR A 384 7.98 -23.17 -19.79
C THR A 384 6.98 -22.03 -19.74
N VAL A 385 6.34 -21.76 -20.88
CA VAL A 385 5.30 -20.72 -20.98
C VAL A 385 4.15 -21.02 -19.99
N GLU A 386 4.10 -22.25 -19.50
CA GLU A 386 3.06 -22.66 -18.56
C GLU A 386 3.33 -22.14 -17.14
N ALA A 387 4.56 -22.27 -16.66
CA ALA A 387 4.92 -21.80 -15.31
C ALA A 387 4.94 -20.28 -15.24
N LEU A 388 5.37 -19.62 -16.32
CA LEU A 388 5.32 -18.16 -16.42
C LEU A 388 3.88 -17.62 -16.45
N LYS A 389 3.08 -18.07 -17.42
CA LYS A 389 1.65 -17.74 -17.52
C LYS A 389 0.89 -18.06 -16.21
N GLY A 390 1.29 -19.13 -15.55
CA GLY A 390 0.62 -19.58 -14.34
C GLY A 390 0.75 -18.54 -13.27
N GLN A 391 2.00 -18.23 -12.93
CA GLN A 391 2.33 -17.20 -11.94
C GLN A 391 1.66 -15.85 -12.26
N ALA A 392 1.79 -15.39 -13.50
CA ALA A 392 1.14 -14.14 -13.94
C ALA A 392 -0.36 -14.11 -13.65
N GLU A 393 -1.02 -15.26 -13.78
CA GLU A 393 -2.47 -15.37 -13.62
C GLU A 393 -2.86 -15.38 -12.15
N VAL A 394 -1.98 -15.87 -11.31
CA VAL A 394 -2.18 -15.84 -9.86
C VAL A 394 -1.99 -14.40 -9.35
N ARG A 395 -1.07 -13.66 -10.00
CA ARG A 395 -0.83 -12.26 -9.71
C ARG A 395 -2.12 -11.47 -9.95
N ALA A 396 -2.59 -11.52 -11.19
CA ALA A 396 -3.81 -10.81 -11.59
C ALA A 396 -4.94 -11.01 -10.60
N LEU A 397 -5.01 -12.20 -10.01
CA LEU A 397 -6.05 -12.49 -9.02
C LEU A 397 -5.85 -11.68 -7.73
N GLU A 398 -4.65 -11.74 -7.14
CA GLU A 398 -4.29 -10.91 -5.99
C GLU A 398 -4.61 -9.42 -6.21
N ASN A 399 -4.12 -8.84 -7.31
CA ASN A 399 -4.43 -7.45 -7.66
C ASN A 399 -5.92 -7.20 -7.61
N THR A 400 -6.69 -8.08 -8.25
CA THR A 400 -8.15 -7.98 -8.27
C THR A 400 -8.70 -8.11 -6.86
N VAL A 401 -8.19 -9.05 -6.06
CA VAL A 401 -8.69 -9.17 -4.69
C VAL A 401 -8.44 -7.89 -3.89
N HIS A 402 -7.33 -7.21 -4.17
CA HIS A 402 -7.03 -5.92 -3.56
C HIS A 402 -8.08 -4.85 -3.92
N GLU A 403 -8.37 -4.65 -5.21
CA GLU A 403 -9.45 -3.75 -5.61
C GLU A 403 -10.76 -4.05 -4.86
N VAL A 404 -11.11 -5.33 -4.80
CA VAL A 404 -12.40 -5.76 -4.26
C VAL A 404 -12.49 -5.57 -2.75
N THR A 405 -11.38 -5.79 -2.04
CA THR A 405 -11.31 -5.50 -0.62
C THR A 405 -11.28 -3.98 -0.31
N THR A 406 -10.78 -3.17 -1.25
CA THR A 406 -10.84 -1.72 -1.11
C THR A 406 -12.30 -1.26 -1.18
N SER A 407 -13.06 -1.82 -2.14
CA SER A 407 -14.50 -1.53 -2.28
C SER A 407 -15.26 -1.94 -1.03
N ILE A 408 -14.92 -3.11 -0.50
CA ILE A 408 -15.50 -3.60 0.74
C ILE A 408 -15.26 -2.56 1.84
N GLY A 409 -14.01 -2.13 1.95
CA GLY A 409 -13.59 -1.18 2.99
C GLY A 409 -14.41 0.09 3.03
N LYS A 410 -14.63 0.67 1.86
CA LYS A 410 -15.47 1.85 1.77
C LYS A 410 -16.81 1.56 2.43
N ARG A 411 -17.47 0.51 1.94
CA ARG A 411 -18.79 0.08 2.44
C ARG A 411 -18.79 -0.32 3.92
N ILE A 412 -17.78 -1.10 4.36
CA ILE A 412 -17.73 -1.43 5.78
C ILE A 412 -17.71 -0.15 6.56
N PHE A 413 -16.76 0.72 6.15
CA PHE A 413 -16.45 1.98 6.82
C PHE A 413 -17.68 2.85 6.85
N ASP A 414 -18.34 3.01 5.70
CA ASP A 414 -19.54 3.83 5.70
C ASP A 414 -20.58 3.37 6.71
N HIS A 415 -20.90 2.07 6.69
CA HIS A 415 -21.86 1.50 7.63
C HIS A 415 -21.44 1.85 9.04
N ALA A 416 -20.15 1.65 9.33
CA ALA A 416 -19.59 1.89 10.66
C ALA A 416 -19.78 3.34 11.15
N ILE A 417 -19.65 4.31 10.23
CA ILE A 417 -19.72 5.72 10.59
C ILE A 417 -21.18 6.18 10.80
N ARG A 418 -22.06 5.75 9.90
CA ARG A 418 -23.47 6.14 9.85
C ARG A 418 -24.33 5.53 10.98
N TYR A 419 -23.93 4.37 11.49
CA TYR A 419 -24.66 3.69 12.54
C TYR A 419 -24.87 4.61 13.74
N PRO A 420 -26.07 4.63 14.36
CA PRO A 420 -27.39 3.97 14.21
C PRO A 420 -28.30 4.67 13.21
N HIS A 421 -27.82 5.72 12.59
CA HIS A 421 -28.69 6.58 11.84
C HIS A 421 -29.13 5.93 10.52
N ASN A 422 -30.15 6.51 9.90
CA ASN A 422 -30.70 6.01 8.63
C ASN A 422 -31.13 4.54 8.74
N GLY A 423 -31.79 4.23 9.86
CA GLY A 423 -32.26 2.87 10.16
C GLY A 423 -31.28 1.72 9.92
N LEU A 424 -30.04 1.87 10.36
CA LEU A 424 -29.13 0.75 10.44
C LEU A 424 -29.35 0.20 11.83
N THR A 425 -29.49 -1.11 11.95
CA THR A 425 -29.88 -1.71 13.23
C THR A 425 -28.72 -2.46 13.87
N THR A 426 -27.73 -2.77 13.06
CA THR A 426 -26.56 -3.46 13.54
C THR A 426 -25.31 -2.57 13.37
N GLU A 427 -24.39 -2.66 14.32
CA GLU A 427 -23.12 -1.93 14.24
C GLU A 427 -22.35 -2.29 12.98
N LEU A 428 -22.52 -3.52 12.52
CA LEU A 428 -21.76 -4.00 11.38
C LEU A 428 -22.67 -4.50 10.25
N PRO A 429 -22.15 -4.54 9.02
CA PRO A 429 -22.92 -5.22 7.98
C PRO A 429 -23.09 -6.67 8.39
N THR A 430 -24.23 -7.27 8.06
CA THR A 430 -24.50 -8.66 8.43
C THR A 430 -24.64 -9.56 7.19
N ASP A 431 -25.06 -8.96 6.07
CA ASP A 431 -25.26 -9.71 4.84
C ASP A 431 -24.26 -9.29 3.76
N LEU A 432 -23.45 -10.25 3.33
CA LEU A 432 -22.37 -10.07 2.33
C LEU A 432 -22.77 -9.34 1.04
N GLY A 433 -24.06 -9.15 0.83
CA GLY A 433 -24.54 -8.49 -0.37
C GLY A 433 -24.39 -6.98 -0.26
N GLU A 434 -24.28 -6.49 0.98
CA GLU A 434 -24.00 -5.08 1.26
C GLU A 434 -22.55 -4.70 0.88
N LEU A 435 -21.66 -5.67 0.97
CA LEU A 435 -20.23 -5.43 0.78
C LEU A 435 -19.72 -5.83 -0.62
N LEU A 436 -20.24 -6.96 -1.12
CA LEU A 436 -19.83 -7.53 -2.40
C LEU A 436 -20.92 -7.32 -3.47
N LYS A 437 -20.52 -6.95 -4.68
CA LYS A 437 -21.50 -6.51 -5.68
C LYS A 437 -21.39 -7.20 -7.04
N SER A 438 -22.16 -6.69 -7.99
CA SER A 438 -22.17 -7.20 -9.34
C SER A 438 -20.78 -7.19 -9.95
N SER A 439 -20.32 -6.02 -10.39
CA SER A 439 -19.05 -5.90 -11.12
C SER A 439 -17.87 -6.47 -10.35
N ASP A 440 -17.99 -6.55 -9.03
CA ASP A 440 -17.00 -7.20 -8.18
C ASP A 440 -16.93 -8.69 -8.50
N LYS A 441 -18.04 -9.40 -8.31
CA LYS A 441 -18.14 -10.84 -8.63
C LYS A 441 -17.80 -11.15 -10.08
N VAL A 442 -18.28 -10.31 -11.01
CA VAL A 442 -17.97 -10.47 -12.44
C VAL A 442 -16.47 -10.60 -12.70
N MET A 443 -15.70 -9.59 -12.30
CA MET A 443 -14.26 -9.58 -12.55
C MET A 443 -13.54 -10.67 -11.76
N LEU A 444 -13.95 -10.89 -10.51
CA LEU A 444 -13.36 -11.94 -9.67
C LEU A 444 -13.47 -13.34 -10.28
N LYS A 445 -14.61 -13.65 -10.88
CA LYS A 445 -14.82 -14.95 -11.54
C LYS A 445 -13.92 -15.11 -12.74
N ARG A 446 -13.81 -14.04 -13.54
CA ARG A 446 -12.90 -14.01 -14.71
C ARG A 446 -11.50 -14.44 -14.31
N ARG A 447 -11.12 -14.13 -13.08
CA ARG A 447 -9.80 -14.43 -12.60
C ARG A 447 -9.69 -15.90 -12.26
N ILE A 448 -10.75 -16.44 -11.66
CA ILE A 448 -10.82 -17.88 -11.35
C ILE A 448 -10.89 -18.73 -12.63
N LEU A 449 -11.61 -18.23 -13.62
CA LEU A 449 -11.70 -18.87 -14.91
C LEU A 449 -10.31 -19.03 -15.55
N ALA A 450 -9.59 -17.92 -15.72
CA ALA A 450 -8.29 -17.97 -16.38
C ALA A 450 -7.27 -18.77 -15.58
N LEU A 451 -7.64 -19.16 -14.36
CA LEU A 451 -6.78 -19.98 -13.52
C LEU A 451 -6.91 -21.47 -13.77
N ARG A 452 -8.16 -21.92 -13.95
CA ARG A 452 -8.49 -23.33 -14.19
C ARG A 452 -7.76 -23.87 -15.40
N ARG A 453 -7.22 -25.07 -15.27
CA ARG A 453 -6.41 -25.69 -16.33
C ARG A 453 -7.19 -26.78 -17.11
N PRO A 454 -6.81 -27.00 -18.40
CA PRO A 454 -7.46 -27.97 -19.28
C PRO A 454 -7.91 -29.25 -18.60
N GLU A 455 -8.90 -29.90 -19.20
CA GLU A 455 -9.47 -31.13 -18.65
C GLU A 455 -8.39 -32.19 -18.41
N GLY A 456 -8.25 -32.61 -17.17
CA GLY A 456 -7.30 -33.67 -16.80
C GLY A 456 -5.82 -33.37 -17.01
N GLN A 457 -5.50 -32.13 -17.42
CA GLN A 457 -4.12 -31.62 -17.48
C GLN A 457 -3.59 -31.49 -16.06
N LEU A 458 -2.36 -31.91 -15.83
CA LEU A 458 -1.82 -31.97 -14.47
C LEU A 458 -0.58 -31.11 -14.25
N PRO A 459 -0.43 -30.57 -13.01
CA PRO A 459 0.61 -29.58 -12.66
C PRO A 459 2.00 -30.12 -12.87
N PRO A 460 2.71 -29.63 -13.91
CA PRO A 460 3.97 -30.16 -14.40
C PRO A 460 4.96 -30.69 -13.36
N ILE A 461 6.04 -31.29 -13.83
CA ILE A 461 7.12 -31.69 -12.95
C ILE A 461 8.41 -31.01 -13.39
N VAL A 462 8.33 -30.26 -14.50
CA VAL A 462 9.37 -29.31 -14.87
C VAL A 462 8.89 -27.87 -14.95
N THR A 463 9.80 -26.97 -14.58
CA THR A 463 9.61 -25.54 -14.71
C THR A 463 10.18 -25.07 -16.06
N HIS A 464 11.10 -25.85 -16.61
CA HIS A 464 11.80 -25.47 -17.83
C HIS A 464 11.58 -26.38 -19.02
N ASN A 465 11.77 -25.81 -20.20
CA ASN A 465 11.87 -26.56 -21.45
C ASN A 465 13.25 -27.19 -21.57
N MET A 466 13.32 -28.47 -21.21
CA MET A 466 14.52 -29.30 -21.34
C MET A 466 15.02 -29.38 -22.79
N VAL A 467 16.30 -29.69 -22.96
CA VAL A 467 16.85 -29.92 -24.30
C VAL A 467 16.62 -31.39 -24.68
N ASP A 468 16.92 -32.30 -23.77
CA ASP A 468 16.77 -33.72 -24.05
C ASP A 468 15.93 -34.35 -22.95
N ASP A 469 14.66 -33.93 -22.91
CA ASP A 469 13.73 -34.40 -21.88
C ASP A 469 13.54 -35.91 -21.90
N ALA A 470 13.66 -36.49 -23.10
CA ALA A 470 13.48 -37.92 -23.33
C ALA A 470 14.46 -38.77 -22.53
N ASN A 471 15.75 -38.46 -22.67
CA ASN A 471 16.82 -39.23 -22.02
C ASN A 471 17.28 -38.65 -20.69
N ASP A 472 16.47 -37.78 -20.06
CA ASP A 472 16.86 -37.18 -18.78
C ASP A 472 16.63 -38.10 -17.58
N LEU A 473 17.70 -38.37 -16.83
CA LEU A 473 17.66 -39.39 -15.77
C LEU A 473 16.66 -39.08 -14.66
N ILE A 474 16.62 -37.81 -14.23
CA ILE A 474 15.76 -37.38 -13.14
C ILE A 474 14.31 -37.57 -13.56
N LEU A 475 13.95 -36.95 -14.67
CA LEU A 475 12.61 -37.03 -15.21
C LEU A 475 12.21 -38.49 -15.46
N ASN A 476 13.05 -39.21 -16.22
CA ASN A 476 12.82 -40.63 -16.51
C ASN A 476 12.59 -41.45 -15.25
N LYS A 477 13.24 -41.08 -14.17
CA LYS A 477 13.06 -41.76 -12.90
C LYS A 477 11.72 -41.40 -12.26
N ILE A 478 11.30 -40.16 -12.42
CA ILE A 478 10.07 -39.71 -11.77
C ILE A 478 8.89 -40.42 -12.43
N ARG A 479 8.86 -40.39 -13.77
CA ARG A 479 7.82 -41.07 -14.55
C ARG A 479 7.77 -42.57 -14.25
N GLN A 480 8.95 -43.17 -14.08
CA GLN A 480 9.08 -44.57 -13.74
C GLN A 480 8.46 -44.87 -12.38
N VAL A 481 8.50 -43.88 -11.49
CA VAL A 481 7.94 -44.00 -10.15
C VAL A 481 6.48 -43.52 -10.17
N GLN A 482 6.14 -42.86 -11.27
CA GLN A 482 4.83 -42.25 -11.46
C GLN A 482 4.38 -41.37 -10.29
N LEU A 483 5.09 -40.26 -10.13
CA LEU A 483 4.66 -39.14 -9.31
C LEU A 483 4.38 -38.01 -10.29
N PHE A 484 3.14 -37.94 -10.75
CA PHE A 484 2.76 -36.98 -11.79
C PHE A 484 1.95 -35.81 -11.23
N ASN A 485 1.98 -35.67 -9.91
CA ASN A 485 1.29 -34.61 -9.20
C ASN A 485 -0.21 -34.71 -9.44
N SER A 486 -0.85 -35.63 -8.73
CA SER A 486 -2.30 -35.83 -8.86
C SER A 486 -2.98 -35.61 -7.51
N PRO A 487 -4.19 -35.03 -7.51
CA PRO A 487 -4.86 -34.65 -6.26
C PRO A 487 -4.76 -35.68 -5.15
N SER A 488 -4.54 -36.93 -5.53
CA SER A 488 -4.44 -38.05 -4.60
C SER A 488 -3.03 -38.30 -4.07
N ASP A 489 -2.02 -37.83 -4.82
CA ASP A 489 -0.62 -37.87 -4.40
C ASP A 489 -0.36 -36.96 -3.20
N ARG A 490 0.17 -37.55 -2.14
CA ARG A 490 0.52 -36.82 -0.94
C ARG A 490 1.96 -36.29 -1.00
N VAL A 491 2.62 -36.50 -2.14
CA VAL A 491 3.99 -36.07 -2.34
C VAL A 491 4.08 -35.52 -3.76
N LYS A 492 4.47 -34.25 -3.85
CA LYS A 492 4.52 -33.56 -5.13
C LYS A 492 5.97 -33.38 -5.56
N MET A 493 6.17 -33.20 -6.86
CA MET A 493 7.51 -33.15 -7.41
C MET A 493 7.68 -31.97 -8.32
N ILE A 494 8.66 -31.13 -8.01
CA ILE A 494 8.98 -30.00 -8.87
C ILE A 494 10.47 -29.99 -9.11
N PHE A 495 10.84 -30.21 -10.36
CA PHE A 495 12.26 -30.25 -10.74
C PHE A 495 12.60 -28.93 -11.42
N HIS A 496 13.44 -28.15 -10.74
CA HIS A 496 13.97 -26.88 -11.25
C HIS A 496 15.41 -27.06 -11.79
N PRO A 497 15.55 -27.23 -13.12
CA PRO A 497 16.84 -27.55 -13.76
C PRO A 497 17.75 -26.34 -13.95
N GLU A 498 17.96 -25.56 -12.89
CA GLU A 498 18.66 -24.30 -12.99
C GLU A 498 19.04 -23.93 -11.59
N PHE A 499 20.18 -23.28 -11.42
CA PHE A 499 20.55 -22.78 -10.11
C PHE A 499 19.67 -21.58 -9.76
N LEU A 500 19.21 -21.55 -8.51
CA LEU A 500 18.29 -20.50 -8.02
C LEU A 500 18.95 -19.14 -7.88
N ASN A 501 18.31 -18.13 -8.45
CA ASN A 501 18.83 -16.76 -8.45
C ASN A 501 17.63 -15.84 -8.31
N ALA A 502 17.73 -14.83 -7.45
CA ALA A 502 16.56 -13.99 -7.15
C ALA A 502 16.04 -13.11 -8.29
N ASN A 503 16.65 -13.22 -9.47
CA ASN A 503 16.14 -12.56 -10.68
C ASN A 503 15.24 -13.46 -11.50
N ASN A 504 15.26 -14.76 -11.24
CA ASN A 504 14.43 -15.68 -12.01
C ASN A 504 12.95 -15.37 -11.78
N PRO A 505 12.22 -15.10 -12.88
CA PRO A 505 10.86 -14.56 -12.93
C PRO A 505 9.74 -15.39 -12.29
N ILE A 506 9.94 -16.69 -12.06
CA ILE A 506 8.87 -17.49 -11.43
C ILE A 506 9.11 -17.71 -9.96
N LEU A 507 10.39 -17.67 -9.59
CA LEU A 507 10.78 -17.92 -8.21
C LEU A 507 11.99 -17.05 -7.90
N GLY A 508 11.71 -15.85 -7.39
CA GLY A 508 12.73 -14.84 -7.14
C GLY A 508 13.34 -15.04 -5.76
N LEU A 509 14.20 -16.04 -5.65
CA LEU A 509 14.97 -16.25 -4.45
C LEU A 509 16.39 -16.61 -4.88
N ASP A 510 17.34 -16.18 -4.09
CA ASP A 510 18.69 -16.64 -4.23
C ASP A 510 18.66 -17.96 -3.52
N TYR A 511 19.50 -18.88 -3.98
CA TYR A 511 19.52 -20.23 -3.43
C TYR A 511 19.39 -20.22 -1.93
N ASP A 512 20.30 -19.51 -1.27
CA ASP A 512 20.37 -19.56 0.18
C ASP A 512 19.08 -19.10 0.84
N GLU A 513 18.38 -18.17 0.21
CA GLU A 513 17.13 -17.61 0.74
C GLU A 513 16.08 -18.70 0.77
N PHE A 514 15.94 -19.35 -0.39
CA PHE A 514 15.14 -20.56 -0.57
C PHE A 514 15.45 -21.57 0.52
N VAL A 515 16.69 -22.03 0.61
CA VAL A 515 17.09 -22.92 1.69
C VAL A 515 16.46 -22.56 3.05
N ARG A 516 16.51 -21.27 3.40
CA ARG A 516 15.96 -20.80 4.70
C ARG A 516 14.48 -21.13 4.74
N GLY A 517 13.83 -20.96 3.59
CA GLY A 517 12.39 -21.20 3.44
C GLY A 517 11.94 -22.65 3.55
N CYS A 518 12.78 -23.60 3.12
CA CYS A 518 12.39 -25.03 3.15
C CYS A 518 12.36 -25.62 4.56
N HIS A 519 11.74 -26.80 4.68
CA HIS A 519 11.53 -27.43 6.00
C HIS A 519 12.56 -28.48 6.33
N LEU A 520 13.10 -29.13 5.28
CA LEU A 520 14.08 -30.22 5.44
C LEU A 520 14.89 -30.43 4.15
N GLY A 521 16.18 -30.71 4.30
CA GLY A 521 17.06 -30.93 3.16
C GLY A 521 17.51 -32.37 3.03
N VAL A 522 17.15 -33.01 1.93
CA VAL A 522 17.39 -34.44 1.75
C VAL A 522 18.46 -34.64 0.70
N PHE A 523 19.68 -34.96 1.16
CA PHE A 523 20.86 -35.12 0.29
C PHE A 523 21.52 -36.48 0.55
N PRO A 524 20.89 -37.55 0.02
CA PRO A 524 21.23 -38.92 0.35
C PRO A 524 22.34 -39.42 -0.56
N SER A 525 23.55 -38.99 -0.27
CA SER A 525 24.64 -39.13 -1.21
C SER A 525 25.26 -40.52 -1.17
N TYR A 526 26.05 -40.82 -2.21
CA TYR A 526 26.85 -42.04 -2.28
C TYR A 526 28.34 -41.66 -2.26
N TYR A 527 28.74 -40.77 -3.16
CA TYR A 527 30.07 -40.19 -3.15
C TYR A 527 29.97 -38.69 -2.95
N GLU A 528 30.52 -38.21 -1.83
CA GLU A 528 30.47 -36.80 -1.46
C GLU A 528 31.53 -36.55 -0.40
N PRO A 529 32.76 -36.17 -0.83
CA PRO A 529 33.90 -36.13 0.09
C PRO A 529 33.68 -35.16 1.24
N TRP A 530 33.03 -34.03 0.97
CA TRP A 530 32.52 -33.16 2.05
C TRP A 530 31.03 -32.84 1.86
N GLY A 531 30.71 -32.03 0.86
CA GLY A 531 29.34 -31.57 0.62
C GLY A 531 28.97 -30.34 1.44
N TYR A 532 29.21 -29.17 0.86
CA TYR A 532 28.82 -27.91 1.48
C TYR A 532 27.31 -27.78 1.66
N THR A 533 26.57 -28.42 0.75
CA THR A 533 25.10 -28.34 0.71
C THR A 533 24.40 -28.67 2.04
N PRO A 534 24.59 -29.89 2.57
CA PRO A 534 23.96 -30.15 3.87
C PRO A 534 24.52 -29.27 4.99
N ALA A 535 25.77 -28.84 4.83
CA ALA A 535 26.47 -28.04 5.84
C ALA A 535 25.92 -26.62 5.89
N GLU A 536 25.81 -26.00 4.70
CA GLU A 536 25.20 -24.67 4.55
C GLU A 536 23.83 -24.68 5.16
N CYS A 537 23.05 -25.70 4.77
CA CYS A 537 21.72 -25.97 5.27
C CYS A 537 21.74 -25.94 6.79
N THR A 538 22.69 -26.63 7.40
CA THR A 538 22.73 -26.70 8.86
C THR A 538 22.96 -25.34 9.52
N VAL A 539 23.74 -24.49 8.83
CA VAL A 539 24.08 -23.13 9.29
C VAL A 539 22.88 -22.18 9.22
N MET A 540 22.09 -22.25 8.15
CA MET A 540 20.82 -21.51 8.10
C MET A 540 19.76 -22.10 9.05
N GLY A 541 20.15 -23.07 9.89
CA GLY A 541 19.21 -23.72 10.82
C GLY A 541 18.10 -24.54 10.17
N VAL A 542 18.42 -25.23 9.06
CA VAL A 542 17.51 -26.18 8.43
C VAL A 542 17.97 -27.64 8.68
N PRO A 543 17.06 -28.49 9.19
CA PRO A 543 17.38 -29.88 9.48
C PRO A 543 17.63 -30.66 8.18
N SER A 544 18.64 -31.53 8.17
CA SER A 544 18.96 -32.30 6.96
C SER A 544 19.08 -33.84 7.12
N ILE A 545 18.77 -34.53 6.03
CA ILE A 545 19.04 -35.95 5.89
C ILE A 545 20.26 -36.10 4.98
N THR A 546 21.31 -36.69 5.55
CA THR A 546 22.57 -36.92 4.86
C THR A 546 23.02 -38.38 5.08
N THR A 547 23.93 -38.86 4.25
CA THR A 547 24.42 -40.22 4.37
C THR A 547 25.81 -40.31 5.03
N ASN A 548 26.03 -41.43 5.72
CA ASN A 548 27.30 -41.68 6.39
C ASN A 548 28.45 -41.96 5.42
N VAL A 549 28.17 -41.92 4.12
CA VAL A 549 29.24 -42.00 3.13
C VAL A 549 29.61 -40.62 2.57
N SER A 550 28.81 -39.60 2.90
CA SER A 550 29.15 -38.22 2.58
C SER A 550 30.08 -37.69 3.67
N GLY A 551 31.12 -36.98 3.24
CA GLY A 551 32.13 -36.45 4.15
C GLY A 551 31.56 -35.68 5.32
N PHE A 552 30.69 -34.71 5.02
CA PHE A 552 29.98 -33.96 6.04
C PHE A 552 29.27 -34.92 6.99
N GLY A 553 28.36 -35.73 6.44
CA GLY A 553 27.61 -36.75 7.17
C GLY A 553 28.49 -37.58 8.08
N SER A 554 29.60 -38.07 7.53
CA SER A 554 30.64 -38.77 8.28
C SER A 554 31.09 -38.02 9.55
N TYR A 555 31.55 -36.79 9.34
CA TYR A 555 32.03 -35.88 10.39
C TYR A 555 30.99 -35.62 11.48
N MET A 556 29.73 -35.49 11.07
CA MET A 556 28.63 -35.20 12.00
C MET A 556 28.19 -36.44 12.77
N GLU A 557 28.23 -37.59 12.10
CA GLU A 557 27.92 -38.89 12.68
C GLU A 557 28.80 -39.16 13.91
N ASP A 558 30.08 -38.81 13.79
CA ASP A 558 31.06 -38.96 14.85
C ASP A 558 30.76 -38.06 16.07
N LEU A 559 30.71 -36.76 15.81
CA LEU A 559 30.66 -35.69 16.83
C LEU A 559 29.50 -35.74 17.83
N ILE A 560 28.38 -36.33 17.41
CA ILE A 560 27.24 -36.54 18.30
C ILE A 560 26.81 -38.00 18.20
N GLU A 561 26.29 -38.54 19.30
CA GLU A 561 25.65 -39.87 19.28
C GLU A 561 24.46 -39.84 18.30
N THR A 562 24.31 -40.90 17.50
CA THR A 562 23.40 -40.90 16.33
C THR A 562 21.90 -40.63 16.60
N ASN A 563 21.35 -41.26 17.64
CA ASN A 563 19.93 -41.04 18.02
C ASN A 563 19.67 -39.63 18.54
N GLN A 564 20.68 -39.04 19.18
CA GLN A 564 20.65 -37.64 19.60
C GLN A 564 20.56 -36.70 18.40
N ALA A 565 21.43 -36.92 17.42
CA ALA A 565 21.53 -36.08 16.22
C ALA A 565 20.22 -35.89 15.45
N LYS A 566 19.22 -36.69 15.78
CA LYS A 566 17.89 -36.55 15.17
C LYS A 566 17.10 -35.40 15.80
N ASP A 567 17.41 -35.10 17.07
CA ASP A 567 16.83 -33.96 17.76
C ASP A 567 17.54 -32.67 17.39
N TYR A 568 18.69 -32.83 16.72
CA TYR A 568 19.47 -31.73 16.20
C TYR A 568 19.32 -31.64 14.69
N GLY A 569 18.24 -32.22 14.17
CA GLY A 569 17.97 -32.20 12.73
C GLY A 569 19.00 -32.85 11.82
N ILE A 570 19.94 -33.61 12.38
CA ILE A 570 20.98 -34.29 11.60
C ILE A 570 20.65 -35.77 11.44
N TYR A 571 20.06 -36.12 10.30
CA TYR A 571 19.60 -37.47 10.04
C TYR A 571 20.58 -38.22 9.15
N ILE A 572 21.33 -39.15 9.74
CA ILE A 572 22.32 -39.90 8.96
C ILE A 572 21.79 -41.27 8.52
N VAL A 573 21.70 -41.46 7.21
CA VAL A 573 21.25 -42.73 6.65
C VAL A 573 22.48 -43.61 6.47
N ASP A 574 22.34 -44.91 6.79
CA ASP A 574 23.41 -45.88 6.56
C ASP A 574 23.39 -46.39 5.10
N ARG A 575 24.39 -45.96 4.35
CA ARG A 575 24.57 -46.28 2.93
C ARG A 575 25.81 -47.16 2.72
N ARG A 576 26.27 -47.79 3.80
CA ARG A 576 27.56 -48.46 3.81
C ARG A 576 27.43 -49.89 4.34
N PHE A 577 26.94 -50.04 5.57
CA PHE A 577 26.76 -51.35 6.17
C PHE A 577 25.29 -51.80 6.04
N LYS A 578 24.68 -51.50 4.90
CA LYS A 578 23.28 -51.80 4.64
C LYS A 578 23.01 -51.86 3.15
N ALA A 579 22.05 -52.71 2.77
CA ALA A 579 21.71 -52.93 1.35
C ALA A 579 21.07 -51.69 0.72
N PRO A 580 21.31 -51.45 -0.58
CA PRO A 580 20.65 -50.37 -1.31
C PRO A 580 19.11 -50.43 -1.32
N ASP A 581 18.52 -51.31 -0.52
CA ASP A 581 17.07 -51.31 -0.31
C ASP A 581 16.70 -51.25 1.18
N GLU A 582 17.70 -51.39 2.03
CA GLU A 582 17.55 -51.11 3.47
C GLU A 582 17.77 -49.63 3.74
N SER A 583 18.67 -49.03 2.96
CA SER A 583 18.93 -47.60 2.96
C SER A 583 17.66 -46.84 2.63
N VAL A 584 17.14 -47.07 1.43
CA VAL A 584 15.93 -46.41 0.96
C VAL A 584 14.79 -46.49 1.98
N GLU A 585 14.70 -47.60 2.71
CA GLU A 585 13.67 -47.74 3.76
C GLU A 585 13.97 -46.88 4.97
N GLN A 586 15.24 -46.82 5.37
CA GLN A 586 15.69 -45.98 6.51
C GLN A 586 15.40 -44.51 6.25
N LEU A 587 15.61 -44.11 5.00
CA LEU A 587 15.37 -42.75 4.52
C LEU A 587 13.88 -42.40 4.61
N VAL A 588 13.01 -43.34 4.24
CA VAL A 588 11.57 -43.14 4.38
C VAL A 588 11.17 -43.19 5.86
N ASP A 589 11.89 -43.97 6.66
CA ASP A 589 11.62 -43.97 8.11
C ASP A 589 11.88 -42.59 8.69
N TYR A 590 12.96 -41.95 8.22
CA TYR A 590 13.28 -40.55 8.56
C TYR A 590 12.23 -39.59 8.02
N MET A 591 12.15 -39.46 6.71
CA MET A 591 11.17 -38.61 6.06
C MET A 591 9.81 -38.63 6.75
N GLU A 592 9.28 -39.84 7.00
CA GLU A 592 7.96 -40.02 7.59
C GLU A 592 7.91 -39.62 9.06
N GLU A 593 9.05 -39.73 9.73
CA GLU A 593 9.12 -39.33 11.13
C GLU A 593 8.98 -37.82 11.20
N PHE A 594 9.64 -37.14 10.27
CA PHE A 594 9.61 -35.68 10.16
C PHE A 594 8.19 -35.18 9.88
N VAL A 595 7.55 -35.79 8.89
CA VAL A 595 6.17 -35.44 8.51
C VAL A 595 5.16 -35.61 9.64
N LYS A 596 5.56 -36.28 10.71
CA LYS A 596 4.71 -36.47 11.87
C LYS A 596 4.79 -35.30 12.85
N LYS A 597 5.98 -34.71 12.95
CA LYS A 597 6.23 -33.57 13.83
C LYS A 597 5.25 -32.40 13.67
N THR A 598 4.86 -31.82 14.80
CA THR A 598 4.05 -30.60 14.84
C THR A 598 4.89 -29.36 14.55
N ARG A 599 4.22 -28.21 14.42
CA ARG A 599 4.90 -26.94 14.30
C ARG A 599 5.83 -26.69 15.50
N ARG A 600 5.29 -26.71 16.71
CA ARG A 600 6.09 -26.58 17.93
C ARG A 600 7.36 -27.40 17.81
N GLN A 601 7.23 -28.65 17.39
CA GLN A 601 8.34 -29.59 17.32
C GLN A 601 9.32 -29.25 16.20
N ARG A 602 8.79 -28.90 15.03
CA ARG A 602 9.61 -28.48 13.88
C ARG A 602 10.55 -27.30 14.22
N ILE A 603 9.98 -26.30 14.88
CA ILE A 603 10.67 -25.09 15.33
C ILE A 603 11.79 -25.44 16.33
N ASN A 604 11.44 -26.00 17.47
CA ASN A 604 12.43 -26.34 18.50
C ASN A 604 13.60 -27.10 17.91
N GLN A 605 13.30 -27.97 16.94
CA GLN A 605 14.33 -28.72 16.24
C GLN A 605 15.21 -27.77 15.46
N ARG A 606 14.60 -26.86 14.70
CA ARG A 606 15.33 -25.82 13.96
C ARG A 606 16.24 -24.97 14.87
N ASN A 607 15.76 -24.62 16.06
CA ASN A 607 16.59 -23.94 17.06
C ASN A 607 17.82 -24.77 17.43
N ALA A 608 17.61 -26.08 17.57
CA ALA A 608 18.69 -27.01 17.91
C ALA A 608 19.62 -27.22 16.72
N THR A 609 19.08 -27.44 15.52
CA THR A 609 19.95 -27.52 14.36
C THR A 609 20.70 -26.21 14.08
N GLU A 610 20.21 -25.11 14.65
CA GLU A 610 20.86 -23.81 14.52
C GLU A 610 21.99 -23.66 15.54
N ALA A 611 21.72 -24.05 16.78
CA ALA A 611 22.75 -24.00 17.82
C ALA A 611 23.98 -24.82 17.42
N LEU A 612 23.76 -25.79 16.54
CA LEU A 612 24.80 -26.65 16.00
C LEU A 612 25.76 -25.93 15.07
N SER A 613 25.30 -24.82 14.49
CA SER A 613 26.04 -24.08 13.47
C SER A 613 27.42 -23.64 13.92
N ASP A 614 27.53 -23.36 15.22
CA ASP A 614 28.76 -22.85 15.81
C ASP A 614 29.98 -23.76 15.60
N LEU A 615 29.75 -25.06 15.67
CA LEU A 615 30.79 -26.06 15.49
C LEU A 615 31.33 -26.05 14.07
N LEU A 616 30.51 -25.59 13.13
CA LEU A 616 30.85 -25.60 11.70
C LEU A 616 31.54 -24.30 11.23
N ASP A 617 31.86 -23.44 12.18
CA ASP A 617 32.52 -22.18 11.88
C ASP A 617 34.05 -22.32 11.86
N TRP A 618 34.70 -21.62 10.90
CA TRP A 618 36.17 -21.65 10.72
C TRP A 618 37.02 -21.29 11.96
N LYS A 619 36.44 -20.60 12.93
CA LYS A 619 37.14 -20.34 14.20
C LYS A 619 37.47 -21.64 14.92
N ARG A 620 36.73 -22.70 14.57
CA ARG A 620 36.92 -24.02 15.16
C ARG A 620 37.52 -25.00 14.15
N MET A 621 37.02 -24.99 12.92
CA MET A 621 37.53 -25.89 11.88
C MET A 621 38.94 -25.53 11.46
N GLY A 622 39.38 -24.35 11.87
CA GLY A 622 40.65 -23.80 11.41
C GLY A 622 41.83 -24.27 12.23
N LEU A 623 41.55 -24.79 13.42
CA LEU A 623 42.62 -25.33 14.25
C LEU A 623 43.29 -26.48 13.51
N GLU A 624 42.50 -27.18 12.72
CA GLU A 624 42.98 -28.32 11.94
C GLU A 624 44.08 -27.92 10.97
N TYR A 625 43.86 -26.83 10.21
CA TYR A 625 44.92 -26.31 9.31
C TYR A 625 46.22 -26.00 10.05
N VAL A 626 46.08 -25.48 11.28
CA VAL A 626 47.23 -25.31 12.17
C VAL A 626 47.92 -26.63 12.46
N LYS A 627 47.21 -27.56 13.13
CA LYS A 627 47.72 -28.90 13.43
C LYS A 627 48.47 -29.49 12.25
N ALA A 628 47.93 -29.28 11.05
CA ALA A 628 48.52 -29.77 9.80
C ALA A 628 49.80 -29.04 9.43
N ARG A 629 49.84 -27.73 9.65
CA ARG A 629 51.06 -26.98 9.35
C ARG A 629 52.16 -27.26 10.37
N GLN A 630 51.82 -27.21 11.65
CA GLN A 630 52.79 -27.50 12.69
C GLN A 630 53.54 -28.80 12.41
N LEU A 631 52.80 -29.87 12.14
CA LEU A 631 53.38 -31.19 11.89
C LEU A 631 54.36 -31.17 10.73
N ALA A 632 53.97 -30.51 9.63
CA ALA A 632 54.84 -30.31 8.46
C ALA A 632 56.14 -29.56 8.82
N LEU A 633 56.07 -28.70 9.82
CA LEU A 633 57.25 -28.02 10.34
C LEU A 633 58.08 -28.97 11.19
N ARG A 634 57.39 -29.78 12.00
CA ARG A 634 58.02 -30.84 12.80
C ARG A 634 58.74 -31.83 11.89
N ARG A 635 58.03 -32.34 10.90
CA ARG A 635 58.64 -33.26 9.94
C ARG A 635 59.74 -32.59 9.13
N GLY A 636 59.51 -31.32 8.80
CA GLY A 636 60.47 -30.50 8.04
C GLY A 636 61.78 -30.24 8.74
N TYR A 637 61.73 -29.63 9.92
CA TYR A 637 62.94 -29.25 10.65
C TYR A 637 62.98 -29.87 12.05
N PRO A 638 63.27 -31.18 12.11
CA PRO A 638 63.19 -31.96 13.36
C PRO A 638 63.99 -31.32 14.48
N ASP A 639 65.22 -30.94 14.19
CA ASP A 639 66.14 -30.45 15.21
C ASP A 639 65.84 -29.04 15.72
N GLN A 640 65.47 -28.12 14.82
CA GLN A 640 65.00 -26.79 15.26
C GLN A 640 63.78 -26.95 16.16
N PHE A 641 62.85 -27.81 15.73
CA PHE A 641 61.62 -28.09 16.48
C PHE A 641 61.96 -28.67 17.85
N ARG A 642 62.87 -29.64 17.85
CA ARG A 642 63.28 -30.31 19.07
C ARG A 642 63.74 -29.35 20.15
N GLU A 643 64.58 -28.40 19.72
CA GLU A 643 65.22 -27.44 20.62
C GLU A 643 64.29 -26.29 20.98
N LEU A 644 63.37 -25.98 20.07
CA LEU A 644 62.34 -24.99 20.30
C LEU A 644 61.30 -25.44 21.34
N VAL A 645 61.02 -26.74 21.36
CA VAL A 645 60.00 -27.31 22.25
C VAL A 645 60.60 -27.90 23.53
N GLY A 646 61.65 -28.71 23.39
CA GLY A 646 62.28 -29.34 24.54
C GLY A 646 62.25 -30.87 24.52
N GLU A 647 61.55 -31.44 23.54
CA GLU A 647 61.56 -32.88 23.33
C GLU A 647 61.24 -33.24 21.89
N GLU A 648 61.48 -34.51 21.56
CA GLU A 648 61.08 -35.06 20.28
C GLU A 648 59.59 -35.40 20.34
N LEU A 649 58.78 -34.48 19.82
CA LEU A 649 57.33 -34.62 19.79
C LEU A 649 56.84 -35.69 18.80
N ASN A 650 55.67 -36.26 19.09
CA ASN A 650 55.15 -37.33 18.30
C ASN A 650 54.75 -36.84 16.93
N ASP A 651 55.32 -37.42 15.88
CA ASP A 651 55.08 -36.93 14.52
C ASP A 651 54.40 -37.91 13.58
N SER A 652 53.70 -38.90 14.11
CA SER A 652 53.02 -39.86 13.25
C SER A 652 51.67 -39.33 12.75
N ASN A 653 51.12 -38.35 13.47
CA ASN A 653 49.80 -37.77 13.15
C ASN A 653 49.81 -36.26 13.31
N MET A 654 48.75 -35.63 12.84
CA MET A 654 48.43 -34.28 13.24
C MET A 654 48.01 -34.30 14.72
N ASP A 655 47.21 -35.31 15.08
CA ASP A 655 46.66 -35.44 16.42
C ASP A 655 47.69 -35.80 17.46
N ALA A 656 48.57 -36.74 17.11
CA ALA A 656 49.64 -37.20 17.99
C ALA A 656 50.49 -36.03 18.44
N LEU A 657 50.79 -35.15 17.50
CA LEU A 657 51.60 -33.96 17.74
C LEU A 657 50.97 -32.94 18.71
N ALA A 658 49.70 -32.60 18.52
CA ALA A 658 49.01 -31.64 19.40
C ALA A 658 48.83 -32.14 20.84
N SER B 21 8.95 68.67 -28.15
CA SER B 21 8.84 67.38 -28.90
C SER B 21 9.16 66.18 -28.03
N ARG B 22 8.10 65.50 -27.58
CA ARG B 22 8.22 64.27 -26.79
C ARG B 22 7.42 63.14 -27.46
N ASP B 23 7.86 61.90 -27.24
CA ASP B 23 7.22 60.76 -27.88
C ASP B 23 6.02 60.22 -27.10
N LEU B 24 4.87 60.18 -27.78
CA LEU B 24 3.65 59.61 -27.20
C LEU B 24 3.59 58.09 -27.38
N GLN B 25 4.33 57.58 -28.34
CA GLN B 25 4.47 56.14 -28.53
C GLN B 25 5.42 55.62 -27.47
N ASN B 26 6.72 55.76 -27.70
CA ASN B 26 7.73 55.34 -26.72
C ASN B 26 7.76 56.31 -25.54
N HIS B 27 6.94 56.00 -24.54
CA HIS B 27 6.85 56.79 -23.31
C HIS B 27 7.26 55.99 -22.08
N LEU B 28 7.66 56.68 -21.03
CA LEU B 28 8.04 56.02 -19.78
C LEU B 28 6.87 55.91 -18.80
N LEU B 29 6.85 54.82 -18.05
CA LEU B 29 5.80 54.62 -17.05
C LEU B 29 6.41 54.60 -15.66
N PHE B 30 5.77 55.33 -14.75
CA PHE B 30 6.16 55.32 -13.35
C PHE B 30 4.94 55.12 -12.44
N GLU B 31 4.84 53.92 -11.88
CA GLU B 31 3.76 53.56 -10.95
C GLU B 31 4.25 53.71 -9.52
N THR B 32 3.48 54.43 -8.72
CA THR B 32 3.88 54.71 -7.35
C THR B 32 2.79 54.20 -6.40
N ALA B 33 3.21 53.57 -5.31
CA ALA B 33 2.31 53.10 -4.25
C ALA B 33 3.06 52.78 -2.96
N THR B 34 2.36 52.76 -1.83
CA THR B 34 2.97 52.44 -0.54
C THR B 34 3.41 50.98 -0.50
N GLU B 35 2.80 50.18 -1.36
CA GLU B 35 2.86 48.74 -1.20
C GLU B 35 3.62 48.11 -2.34
N VAL B 36 4.84 48.60 -2.57
CA VAL B 36 5.67 48.08 -3.65
C VAL B 36 6.31 46.76 -3.27
N ALA B 37 7.57 46.77 -2.88
CA ALA B 37 8.21 45.54 -2.42
C ALA B 37 7.81 45.25 -0.98
N ASN B 38 6.62 45.72 -0.63
CA ASN B 38 6.13 45.82 0.73
C ASN B 38 4.62 45.54 0.80
N ARG B 39 4.20 44.54 1.58
CA ARG B 39 2.76 44.18 1.69
C ARG B 39 2.05 44.74 2.92
N VAL B 40 1.05 45.59 2.68
CA VAL B 40 0.16 46.06 3.74
C VAL B 40 -1.28 45.61 3.43
N GLY B 41 -1.85 46.20 2.39
CA GLY B 41 -3.24 45.92 2.02
C GLY B 41 -3.32 45.16 0.71
N GLY B 42 -4.50 45.19 0.08
CA GLY B 42 -4.74 44.43 -1.14
C GLY B 42 -4.05 44.98 -2.37
N ILE B 43 -3.41 46.14 -2.23
CA ILE B 43 -2.75 46.83 -3.35
C ILE B 43 -1.50 46.07 -3.79
N TYR B 44 -0.77 45.51 -2.82
CA TYR B 44 0.42 44.69 -3.10
C TYR B 44 0.04 43.58 -4.07
N SER B 45 -1.02 42.86 -3.70
CA SER B 45 -1.62 41.83 -4.54
C SER B 45 -1.87 42.35 -5.98
N VAL B 46 -2.59 43.47 -6.10
CA VAL B 46 -2.92 44.05 -7.41
C VAL B 46 -1.70 44.35 -8.27
N LEU B 47 -0.72 45.03 -7.68
CA LEU B 47 0.48 45.44 -8.40
C LEU B 47 1.37 44.28 -8.79
N LYS B 48 1.61 43.37 -7.83
CA LYS B 48 2.35 42.14 -8.07
C LYS B 48 1.74 41.34 -9.23
N SER B 49 0.44 41.05 -9.14
CA SER B 49 -0.21 40.24 -10.17
C SER B 49 -0.24 40.94 -11.53
N LYS B 50 -0.19 42.27 -11.53
CA LYS B 50 -0.30 43.09 -12.77
C LYS B 50 1.02 43.26 -13.52
N ALA B 51 2.12 43.29 -12.76
CA ALA B 51 3.48 43.36 -13.30
C ALA B 51 3.75 42.54 -14.59
N PRO B 52 3.58 41.19 -14.56
CA PRO B 52 3.85 40.41 -15.77
C PRO B 52 3.41 41.09 -17.07
N ILE B 53 2.17 41.57 -17.12
CA ILE B 53 1.64 42.08 -18.38
C ILE B 53 1.82 43.60 -18.54
N THR B 54 2.37 44.24 -17.51
CA THR B 54 2.92 45.59 -17.66
C THR B 54 4.31 45.48 -18.31
N VAL B 55 5.18 44.68 -17.69
CA VAL B 55 6.55 44.45 -18.15
C VAL B 55 6.62 43.91 -19.59
N ALA B 56 5.56 43.25 -20.04
CA ALA B 56 5.49 42.76 -21.41
C ALA B 56 5.43 43.90 -22.42
N GLN B 57 5.28 45.12 -21.92
CA GLN B 57 5.00 46.27 -22.77
C GLN B 57 6.07 47.36 -22.64
N TYR B 58 6.55 47.56 -21.42
CA TYR B 58 7.50 48.62 -21.17
C TYR B 58 8.91 48.08 -20.94
N LYS B 59 8.97 46.80 -20.53
CA LYS B 59 10.22 46.04 -20.37
C LYS B 59 11.22 46.71 -19.41
N ASP B 60 11.81 47.82 -19.84
CA ASP B 60 12.69 48.62 -18.98
C ASP B 60 12.25 50.09 -18.88
N HIS B 61 11.19 50.44 -19.61
CA HIS B 61 10.54 51.76 -19.50
C HIS B 61 9.70 51.90 -18.22
N TYR B 62 9.15 50.78 -17.77
CA TYR B 62 8.29 50.71 -16.59
C TYR B 62 9.10 50.62 -15.31
N HIS B 63 8.79 51.50 -14.36
CA HIS B 63 9.48 51.53 -13.08
C HIS B 63 8.49 51.70 -11.94
N LEU B 64 8.57 50.82 -10.96
CA LEU B 64 7.74 50.95 -9.77
C LEU B 64 8.46 51.78 -8.75
N ILE B 65 7.75 52.73 -8.16
CA ILE B 65 8.31 53.60 -7.12
C ILE B 65 7.51 53.41 -5.83
N GLY B 66 8.21 53.29 -4.72
CA GLY B 66 7.58 53.30 -3.42
C GLY B 66 8.58 53.39 -2.27
N PRO B 67 8.08 53.57 -1.03
CA PRO B 67 9.02 53.75 0.08
C PRO B 67 9.79 52.47 0.33
N LEU B 68 10.95 52.60 0.95
CA LEU B 68 11.76 51.45 1.29
C LEU B 68 11.38 50.94 2.69
N ASN B 69 11.00 49.67 2.76
CA ASN B 69 10.84 49.00 4.03
C ASN B 69 12.14 48.34 4.44
N LYS B 70 12.81 48.92 5.42
CA LYS B 70 14.11 48.44 5.85
C LYS B 70 14.07 47.02 6.38
N ALA B 71 13.01 46.68 7.12
CA ALA B 71 12.85 45.35 7.69
C ALA B 71 12.80 44.24 6.61
N THR B 72 11.93 44.39 5.61
CA THR B 72 11.57 43.26 4.75
C THR B 72 11.93 43.33 3.27
N TYR B 73 12.58 44.41 2.82
CA TYR B 73 12.92 44.52 1.39
C TYR B 73 13.97 43.48 0.96
N GLN B 74 14.72 43.00 1.94
CA GLN B 74 15.77 42.00 1.72
C GLN B 74 15.26 40.75 1.02
N ASN B 75 14.11 40.24 1.46
CA ASN B 75 13.48 39.04 0.90
C ASN B 75 12.97 39.22 -0.51
N GLU B 76 12.52 40.44 -0.81
CA GLU B 76 11.72 40.67 -2.01
C GLU B 76 12.46 41.33 -3.16
N VAL B 77 13.53 42.06 -2.83
CA VAL B 77 14.26 42.82 -3.84
C VAL B 77 15.62 42.24 -4.14
N ASP B 78 15.85 41.96 -5.42
CA ASP B 78 17.15 41.61 -5.94
C ASP B 78 17.95 42.91 -6.09
N ILE B 79 18.83 43.19 -5.13
CA ILE B 79 19.58 44.45 -5.09
C ILE B 79 20.48 44.61 -6.32
N LEU B 80 20.41 45.79 -6.95
CA LEU B 80 21.20 46.07 -8.15
C LEU B 80 22.16 47.26 -7.97
N ASP B 81 23.21 47.26 -8.79
CA ASP B 81 24.07 48.43 -8.94
C ASP B 81 23.59 49.22 -10.16
N TRP B 82 23.16 50.46 -9.91
CA TRP B 82 22.60 51.31 -10.96
C TRP B 82 23.66 52.23 -11.59
N LYS B 83 24.90 52.11 -11.15
CA LYS B 83 26.02 52.94 -11.63
C LYS B 83 26.65 52.40 -12.91
N LYS B 84 26.68 51.07 -13.03
CA LYS B 84 27.13 50.38 -14.25
C LYS B 84 26.69 51.05 -15.56
N PRO B 85 27.56 51.05 -16.58
CA PRO B 85 27.13 51.42 -17.93
C PRO B 85 26.08 50.44 -18.48
N GLU B 86 26.20 49.15 -18.10
CA GLU B 86 25.25 48.10 -18.48
C GLU B 86 23.86 48.22 -17.83
N ALA B 87 23.81 48.80 -16.63
CA ALA B 87 22.60 48.89 -15.80
C ALA B 87 21.42 49.60 -16.46
N PHE B 88 21.66 50.32 -17.55
CA PHE B 88 20.61 51.00 -18.31
C PHE B 88 20.91 50.98 -19.81
N SER B 89 19.90 51.25 -20.62
CA SER B 89 20.11 51.46 -22.06
C SER B 89 20.48 52.92 -22.30
N ASP B 90 20.80 53.26 -23.55
CA ASP B 90 21.21 54.62 -23.90
C ASP B 90 20.09 55.65 -23.76
N GLU B 91 18.85 55.26 -24.09
CA GLU B 91 17.71 56.16 -24.00
C GLU B 91 17.13 56.23 -22.58
N MET B 92 17.52 55.27 -21.75
CA MET B 92 17.09 55.23 -20.36
C MET B 92 18.14 55.87 -19.46
N ARG B 93 19.12 56.53 -20.07
CA ARG B 93 20.18 57.23 -19.34
C ARG B 93 19.68 58.36 -18.44
N PRO B 94 18.68 59.15 -18.90
CA PRO B 94 18.11 60.23 -18.09
C PRO B 94 17.76 59.79 -16.67
N VAL B 95 17.19 58.59 -16.56
CA VAL B 95 16.85 57.99 -15.27
C VAL B 95 18.12 57.76 -14.45
N GLN B 96 19.18 57.25 -15.09
CA GLN B 96 20.44 56.99 -14.40
C GLN B 96 21.03 58.28 -13.83
N HIS B 97 20.96 59.36 -14.62
CA HIS B 97 21.44 60.68 -14.18
C HIS B 97 20.53 61.25 -13.09
N ALA B 98 19.23 61.03 -13.23
CA ALA B 98 18.23 61.47 -12.24
C ALA B 98 18.42 60.83 -10.86
N LEU B 99 18.92 59.59 -10.85
CA LEU B 99 19.23 58.87 -9.63
C LEU B 99 20.54 59.40 -9.03
N GLN B 100 21.43 59.83 -9.91
CA GLN B 100 22.67 60.49 -9.52
C GLN B 100 22.32 61.84 -8.88
N THR B 101 21.46 62.60 -9.56
CA THR B 101 20.96 63.91 -9.10
C THR B 101 20.40 63.82 -7.67
N MET B 102 19.80 62.67 -7.35
CA MET B 102 19.25 62.44 -6.02
C MET B 102 20.36 62.05 -5.05
N GLU B 103 21.32 61.26 -5.54
CA GLU B 103 22.51 60.93 -4.76
C GLU B 103 23.39 62.18 -4.59
N SER B 104 23.23 63.15 -5.48
CA SER B 104 23.88 64.48 -5.41
C SER B 104 23.50 65.25 -4.15
N ARG B 105 22.34 64.93 -3.58
CA ARG B 105 21.85 65.61 -2.39
C ARG B 105 21.96 64.73 -1.14
N GLY B 106 22.32 63.46 -1.33
CA GLY B 106 22.46 62.52 -0.21
C GLY B 106 21.20 61.71 0.06
N VAL B 107 20.39 61.53 -0.99
CA VAL B 107 19.17 60.74 -0.90
C VAL B 107 19.52 59.27 -1.12
N HIS B 108 19.21 58.43 -0.13
CA HIS B 108 19.55 57.02 -0.20
C HIS B 108 18.38 56.15 -0.65
N PHE B 109 18.62 55.31 -1.65
CA PHE B 109 17.57 54.54 -2.31
C PHE B 109 18.09 53.24 -2.91
N VAL B 110 17.29 52.18 -2.78
CA VAL B 110 17.63 50.88 -3.38
C VAL B 110 16.94 50.73 -4.74
N TYR B 111 17.76 50.46 -5.76
CA TYR B 111 17.28 50.17 -7.10
C TYR B 111 17.54 48.70 -7.37
N GLY B 112 16.55 48.01 -7.91
CA GLY B 112 16.66 46.57 -8.19
C GLY B 112 15.48 45.91 -8.89
N ARG B 113 15.49 44.57 -8.86
CA ARG B 113 14.41 43.75 -9.41
C ARG B 113 13.50 43.25 -8.30
N TRP B 114 12.20 43.40 -8.52
CA TRP B 114 11.22 42.84 -7.61
C TRP B 114 11.09 41.36 -7.90
N LEU B 115 11.43 40.54 -6.92
CA LEU B 115 11.49 39.10 -7.08
C LEU B 115 10.11 38.47 -7.16
N ILE B 116 9.47 38.66 -8.30
CA ILE B 116 8.13 38.14 -8.60
C ILE B 116 8.05 37.99 -10.11
N GLU B 117 7.02 37.27 -10.57
CA GLU B 117 6.88 36.97 -11.99
C GLU B 117 6.82 38.28 -12.77
N GLY B 118 7.70 38.42 -13.75
CA GLY B 118 7.77 39.62 -14.57
C GLY B 118 9.05 40.40 -14.38
N ALA B 119 9.59 40.33 -13.16
CA ALA B 119 10.85 40.99 -12.79
C ALA B 119 10.89 42.47 -13.15
N PRO B 120 10.00 43.29 -12.54
CA PRO B 120 9.96 44.71 -12.84
C PRO B 120 11.01 45.50 -12.02
N LYS B 121 11.36 46.68 -12.51
CA LYS B 121 12.38 47.50 -11.86
C LYS B 121 11.76 48.37 -10.77
N VAL B 122 12.37 48.36 -9.58
CA VAL B 122 11.86 49.15 -8.45
C VAL B 122 12.83 50.25 -7.98
N ILE B 123 12.25 51.34 -7.50
CA ILE B 123 13.00 52.47 -6.94
C ILE B 123 12.45 52.74 -5.55
N LEU B 124 13.22 52.45 -4.51
CA LEU B 124 12.67 52.48 -3.16
C LEU B 124 13.33 53.51 -2.26
N PHE B 125 12.72 54.68 -2.18
CA PHE B 125 13.30 55.79 -1.44
C PHE B 125 13.29 55.59 0.07
N ASP B 126 14.47 55.67 0.68
CA ASP B 126 14.60 55.59 2.14
C ASP B 126 14.14 56.90 2.78
N LEU B 127 12.99 56.84 3.44
CA LEU B 127 12.35 58.03 4.01
C LEU B 127 13.13 58.64 5.18
N ASP B 128 14.08 57.90 5.74
CA ASP B 128 14.96 58.43 6.79
C ASP B 128 15.86 59.53 6.24
N SER B 129 16.49 59.27 5.09
CA SER B 129 17.35 60.24 4.43
C SER B 129 16.53 61.33 3.72
N VAL B 130 15.58 61.91 4.45
CA VAL B 130 14.83 63.12 4.06
C VAL B 130 13.99 63.63 5.24
N ARG B 131 13.90 62.81 6.29
CA ARG B 131 13.16 63.12 7.52
C ARG B 131 13.46 64.51 8.09
N GLY B 132 14.66 65.02 7.81
CA GLY B 132 15.05 66.35 8.23
C GLY B 132 14.23 67.43 7.56
N TYR B 133 14.03 67.27 6.25
CA TYR B 133 13.29 68.25 5.43
C TYR B 133 11.79 68.25 5.75
N SER B 134 11.42 67.48 6.77
CA SER B 134 10.03 67.28 7.19
C SER B 134 9.25 68.57 7.44
N ASN B 135 9.58 69.26 8.54
CA ASN B 135 8.83 70.44 8.99
C ASN B 135 8.81 71.58 7.96
N GLU B 136 9.85 71.60 7.13
CA GLU B 136 9.98 72.53 6.01
C GLU B 136 9.00 72.18 4.88
N TRP B 137 8.78 70.89 4.69
CA TRP B 137 7.86 70.37 3.66
C TRP B 137 6.40 70.38 4.12
N LYS B 138 6.18 69.99 5.37
CA LYS B 138 4.86 70.06 6.00
C LYS B 138 4.27 71.47 5.89
N GLY B 139 5.11 72.47 6.17
CA GLY B 139 4.77 73.87 5.99
C GLY B 139 4.53 74.24 4.53
N ASP B 140 5.38 73.75 3.64
CA ASP B 140 5.25 74.04 2.21
C ASP B 140 3.90 73.55 1.69
N LEU B 141 3.55 72.34 2.10
CA LEU B 141 2.28 71.70 1.79
C LEU B 141 1.08 72.45 2.40
N TRP B 142 1.19 72.84 3.66
CA TRP B 142 0.14 73.60 4.31
C TRP B 142 -0.22 74.90 3.57
N SER B 143 0.79 75.56 3.00
CA SER B 143 0.56 76.83 2.30
C SER B 143 0.17 76.64 0.83
N LEU B 144 0.74 75.63 0.17
CA LEU B 144 0.44 75.38 -1.25
C LEU B 144 -0.98 74.84 -1.53
N VAL B 145 -1.47 73.96 -0.66
CA VAL B 145 -2.76 73.28 -0.85
C VAL B 145 -3.69 73.31 0.36
N GLY B 146 -3.13 73.60 1.53
CA GLY B 146 -3.94 73.78 2.75
C GLY B 146 -4.13 72.52 3.57
N ILE B 147 -3.08 71.70 3.65
CA ILE B 147 -3.17 70.41 4.28
C ILE B 147 -2.44 70.40 5.63
N PRO B 148 -3.20 70.38 6.74
CA PRO B 148 -2.65 70.25 8.10
C PRO B 148 -2.07 68.86 8.29
N SER B 149 -1.17 68.70 9.24
CA SER B 149 -0.52 67.41 9.44
C SER B 149 0.00 67.25 10.85
N PRO B 150 -0.80 66.60 11.72
CA PRO B 150 -0.36 66.31 13.08
C PRO B 150 0.92 65.47 13.06
N GLU B 151 1.73 65.61 14.12
CA GLU B 151 3.03 64.95 14.18
C GLU B 151 2.91 63.50 14.61
N ASN B 152 1.94 63.22 15.48
CA ASN B 152 1.74 61.88 16.04
C ASN B 152 1.25 60.86 15.02
N ASP B 153 0.67 61.36 13.92
CA ASP B 153 0.27 60.51 12.79
C ASP B 153 1.49 60.14 11.95
N PHE B 154 2.12 59.03 12.29
CA PHE B 154 3.36 58.61 11.63
C PHE B 154 3.15 58.20 10.17
N GLU B 155 1.89 58.08 9.75
CA GLU B 155 1.56 57.58 8.41
C GLU B 155 1.51 58.67 7.34
N THR B 156 0.86 59.79 7.65
CA THR B 156 0.84 60.90 6.69
C THR B 156 2.22 61.55 6.60
N ASN B 157 2.93 61.64 7.73
CA ASN B 157 4.30 62.13 7.73
C ASN B 157 5.14 61.40 6.68
N ASP B 158 5.01 60.07 6.63
CA ASP B 158 5.64 59.24 5.63
C ASP B 158 5.01 59.44 4.25
N ALA B 159 3.74 59.79 4.22
CA ALA B 159 3.02 59.94 2.98
C ALA B 159 3.49 61.20 2.26
N ILE B 160 3.83 62.20 3.08
CA ILE B 160 4.37 63.50 2.64
C ILE B 160 5.80 63.32 2.13
N LEU B 161 6.68 62.86 3.03
CA LEU B 161 8.08 62.61 2.68
C LEU B 161 8.21 61.97 1.30
N LEU B 162 7.41 60.92 1.08
CA LEU B 162 7.38 60.24 -0.21
C LEU B 162 6.95 61.15 -1.34
N GLY B 163 5.87 61.90 -1.11
CA GLY B 163 5.33 62.80 -2.15
C GLY B 163 6.38 63.76 -2.69
N TYR B 164 7.07 64.43 -1.77
CA TYR B 164 8.13 65.37 -2.13
C TYR B 164 9.32 64.66 -2.79
N THR B 165 9.79 63.58 -2.17
CA THR B 165 10.89 62.77 -2.71
C THR B 165 10.59 62.30 -4.13
N VAL B 166 9.33 62.02 -4.42
CA VAL B 166 8.94 61.49 -5.72
C VAL B 166 8.77 62.63 -6.74
N ALA B 167 8.17 63.74 -6.29
CA ALA B 167 8.01 64.93 -7.15
C ALA B 167 9.37 65.48 -7.58
N TRP B 168 10.30 65.51 -6.61
CA TRP B 168 11.71 65.76 -6.85
C TRP B 168 12.18 64.92 -8.02
N PHE B 169 12.16 63.60 -7.83
CA PHE B 169 12.61 62.62 -8.80
C PHE B 169 11.97 62.78 -10.18
N LEU B 170 10.72 63.24 -10.22
CA LEU B 170 10.00 63.38 -11.48
C LEU B 170 10.27 64.72 -12.18
N GLY B 171 10.49 65.78 -11.40
CA GLY B 171 10.93 67.06 -11.94
C GLY B 171 12.31 66.93 -12.55
N GLU B 172 13.17 66.15 -11.88
CA GLU B 172 14.56 65.90 -12.30
C GLU B 172 14.71 64.73 -13.29
N VAL B 173 13.59 64.26 -13.86
CA VAL B 173 13.61 63.31 -14.97
C VAL B 173 13.09 64.08 -16.17
N ALA B 174 12.06 64.90 -15.92
CA ALA B 174 11.41 65.72 -16.95
C ALA B 174 12.41 66.66 -17.64
N HIS B 175 13.36 67.17 -16.85
CA HIS B 175 14.49 67.98 -17.33
C HIS B 175 15.38 67.22 -18.31
N LEU B 176 15.61 65.93 -18.02
CA LEU B 176 16.62 65.13 -18.72
C LEU B 176 16.08 64.28 -19.88
N ASP B 177 14.97 63.58 -19.67
CA ASP B 177 14.38 62.75 -20.73
C ASP B 177 13.44 63.56 -21.63
N SER B 178 14.03 64.35 -22.52
CA SER B 178 13.25 65.19 -23.44
C SER B 178 12.80 64.42 -24.70
N GLN B 179 12.99 63.10 -24.67
CA GLN B 179 12.56 62.24 -25.78
C GLN B 179 11.19 61.61 -25.55
N HIS B 180 11.06 60.90 -24.43
CA HIS B 180 9.85 60.17 -24.09
C HIS B 180 8.87 61.06 -23.33
N ALA B 181 7.57 60.81 -23.50
CA ALA B 181 6.53 61.43 -22.66
C ALA B 181 6.40 60.64 -21.35
N ILE B 182 6.53 61.32 -20.22
CA ILE B 182 6.50 60.64 -18.92
C ILE B 182 5.09 60.48 -18.36
N VAL B 183 4.73 59.22 -18.04
CA VAL B 183 3.47 58.87 -17.39
C VAL B 183 3.69 58.46 -15.92
N ALA B 184 2.99 59.13 -15.00
CA ALA B 184 3.10 58.82 -13.59
C ALA B 184 1.76 58.38 -13.03
N HIS B 185 1.73 57.16 -12.48
CA HIS B 185 0.51 56.56 -11.93
C HIS B 185 0.61 56.42 -10.41
N PHE B 186 -0.48 56.76 -9.72
CA PHE B 186 -0.47 56.80 -8.26
C PHE B 186 -1.64 56.04 -7.64
N HIS B 187 -1.30 55.15 -6.71
CA HIS B 187 -2.27 54.26 -6.07
C HIS B 187 -2.48 54.58 -4.59
N GLU B 188 -3.71 55.01 -4.29
CA GLU B 188 -4.18 55.24 -2.93
C GLU B 188 -3.60 56.51 -2.30
N TRP B 189 -4.40 57.18 -1.48
CA TRP B 189 -4.04 58.49 -0.95
C TRP B 189 -2.62 58.57 -0.40
N LEU B 190 -2.23 57.55 0.37
CA LEU B 190 -0.91 57.48 0.99
C LEU B 190 0.23 57.79 0.04
N ALA B 191 0.07 57.43 -1.24
CA ALA B 191 1.07 57.75 -2.24
C ALA B 191 0.47 58.69 -3.27
N GLY B 192 -0.09 59.80 -2.79
CA GLY B 192 -0.77 60.76 -3.66
C GLY B 192 -0.44 62.20 -3.32
N VAL B 193 0.49 62.38 -2.38
CA VAL B 193 0.99 63.72 -2.01
C VAL B 193 1.72 64.40 -3.18
N ALA B 194 2.49 63.62 -3.93
CA ALA B 194 3.19 64.10 -5.11
C ALA B 194 2.27 64.76 -6.14
N LEU B 195 0.98 64.45 -6.09
CA LEU B 195 0.04 64.88 -7.13
C LEU B 195 -0.25 66.40 -7.20
N PRO B 196 -0.57 67.04 -6.05
CA PRO B 196 -0.73 68.49 -6.15
C PRO B 196 0.58 69.21 -6.45
N LEU B 197 1.67 68.72 -5.87
CA LEU B 197 3.02 69.19 -6.22
C LEU B 197 3.22 69.24 -7.74
N CYS B 198 2.87 68.16 -8.43
CA CYS B 198 3.06 68.10 -9.88
C CYS B 198 2.19 69.06 -10.67
N ARG B 199 1.24 69.71 -10.01
CA ARG B 199 0.36 70.65 -10.71
C ARG B 199 0.86 72.08 -10.54
N LYS B 200 0.98 72.48 -9.28
CA LYS B 200 1.51 73.79 -8.91
C LYS B 200 2.88 73.99 -9.56
N ARG B 201 3.79 73.03 -9.36
CA ARG B 201 5.11 73.05 -10.01
C ARG B 201 5.08 72.80 -11.52
N ARG B 202 3.88 72.68 -12.09
CA ARG B 202 3.68 72.56 -13.54
C ARG B 202 4.67 71.63 -14.28
N ILE B 203 5.16 70.58 -13.59
CA ILE B 203 6.13 69.61 -14.14
C ILE B 203 5.59 68.89 -15.39
N ASP B 204 6.48 68.58 -16.34
CA ASP B 204 6.06 68.06 -17.65
C ASP B 204 5.88 66.53 -17.67
N VAL B 205 4.98 66.07 -16.80
CA VAL B 205 4.64 64.66 -16.68
C VAL B 205 3.11 64.60 -16.72
N VAL B 206 2.55 63.51 -17.24
CA VAL B 206 1.10 63.30 -17.16
C VAL B 206 0.72 62.32 -16.05
N THR B 207 -0.26 62.72 -15.24
CA THR B 207 -0.60 61.97 -14.03
C THR B 207 -1.92 61.18 -14.07
N ILE B 208 -1.92 60.04 -13.38
CA ILE B 208 -3.15 59.28 -13.09
C ILE B 208 -3.25 58.96 -11.59
N PHE B 209 -4.46 59.04 -11.05
CA PHE B 209 -4.79 58.54 -9.70
C PHE B 209 -5.75 57.35 -9.77
N THR B 210 -5.44 56.31 -9.00
CA THR B 210 -6.43 55.28 -8.71
C THR B 210 -6.67 55.23 -7.22
N THR B 211 -7.84 55.67 -6.78
CA THR B 211 -8.26 55.37 -5.43
C THR B 211 -9.01 54.00 -5.34
N HIS B 212 -8.54 53.16 -4.42
CA HIS B 212 -9.04 51.80 -4.26
C HIS B 212 -10.25 51.65 -3.30
N ALA B 213 -10.34 52.52 -2.31
CA ALA B 213 -11.59 52.74 -1.59
C ALA B 213 -11.71 54.26 -1.46
N THR B 214 -12.40 54.75 -0.44
CA THR B 214 -12.30 56.15 -0.05
C THR B 214 -12.26 56.21 1.46
N LEU B 215 -11.45 57.10 2.02
CA LEU B 215 -11.38 57.26 3.48
C LEU B 215 -12.77 57.44 4.06
N LEU B 216 -13.52 58.37 3.50
CA LEU B 216 -14.81 58.72 4.07
C LEU B 216 -15.83 57.58 3.99
N GLY B 217 -15.75 56.80 2.91
CA GLY B 217 -16.59 55.61 2.73
C GLY B 217 -16.38 54.59 3.84
N ARG B 218 -15.16 54.09 3.95
CA ARG B 218 -14.79 53.17 5.01
C ARG B 218 -15.26 53.62 6.40
N TYR B 219 -15.05 54.88 6.74
CA TYR B 219 -15.37 55.38 8.09
C TYR B 219 -16.86 55.52 8.36
N LEU B 220 -17.63 55.92 7.34
CA LEU B 220 -19.08 56.06 7.49
C LEU B 220 -19.79 54.71 7.69
N CYS B 221 -19.26 53.68 7.03
CA CYS B 221 -19.72 52.30 7.15
C CYS B 221 -19.20 51.55 8.39
N ALA B 222 -18.35 52.19 9.18
CA ALA B 222 -17.75 51.54 10.34
C ALA B 222 -18.80 51.16 11.37
N SER B 223 -19.69 52.10 11.70
CA SER B 223 -20.78 51.85 12.64
C SER B 223 -21.66 50.72 12.13
N GLY B 224 -21.81 50.65 10.81
CA GLY B 224 -22.66 49.65 10.16
C GLY B 224 -24.13 50.02 10.21
N SER B 225 -24.44 51.12 10.89
CA SER B 225 -25.82 51.57 11.10
C SER B 225 -26.24 52.71 10.18
N PHE B 226 -25.28 53.55 9.80
CA PHE B 226 -25.51 54.66 8.88
C PHE B 226 -25.86 54.14 7.48
N ASP B 227 -26.91 54.68 6.89
CA ASP B 227 -27.42 54.18 5.60
C ASP B 227 -26.60 54.59 4.36
N PHE B 228 -25.39 54.05 4.23
CA PHE B 228 -24.43 54.55 3.25
C PHE B 228 -24.95 54.93 1.87
N TYR B 229 -25.58 53.99 1.16
CA TYR B 229 -25.78 54.16 -0.30
C TYR B 229 -26.86 55.15 -0.75
N ASN B 230 -27.61 55.68 0.22
CA ASN B 230 -28.65 56.68 -0.07
C ASN B 230 -28.23 58.07 0.42
N CYS B 231 -28.10 58.19 1.74
CA CYS B 231 -27.67 59.41 2.42
C CYS B 231 -26.35 60.04 1.95
N LEU B 232 -25.49 59.30 1.26
CA LEU B 232 -24.17 59.81 0.92
C LEU B 232 -24.21 61.03 -0.01
N GLU B 233 -25.31 61.18 -0.75
CA GLU B 233 -25.49 62.34 -1.61
C GLU B 233 -25.91 63.59 -0.83
N SER B 234 -25.82 63.51 0.50
CA SER B 234 -26.17 64.64 1.36
C SER B 234 -25.25 64.79 2.59
N VAL B 235 -23.98 64.40 2.46
CA VAL B 235 -23.03 64.55 3.56
C VAL B 235 -22.08 65.75 3.40
N ASP B 236 -21.91 66.48 4.50
CA ASP B 236 -20.97 67.57 4.55
C ASP B 236 -19.59 66.93 4.71
N VAL B 237 -18.90 66.75 3.58
CA VAL B 237 -17.59 66.08 3.59
C VAL B 237 -16.63 66.64 4.63
N ASP B 238 -16.39 67.95 4.57
CA ASP B 238 -15.46 68.64 5.51
C ASP B 238 -15.84 68.41 6.98
N HIS B 239 -17.14 68.25 7.24
CA HIS B 239 -17.68 67.95 8.55
C HIS B 239 -17.36 66.53 9.02
N GLU B 240 -17.66 65.55 8.17
CA GLU B 240 -17.48 64.14 8.55
C GLU B 240 -16.01 63.85 8.76
N ALA B 241 -15.21 64.35 7.83
CA ALA B 241 -13.76 64.17 7.86
C ALA B 241 -13.23 64.78 9.15
N GLY B 242 -13.90 65.83 9.60
CA GLY B 242 -13.58 66.46 10.86
C GLY B 242 -13.98 65.61 12.04
N ARG B 243 -15.20 65.07 11.97
CA ARG B 243 -15.76 64.18 13.01
C ARG B 243 -14.92 62.93 13.29
N PHE B 244 -14.37 62.29 12.26
CA PHE B 244 -13.58 61.08 12.50
C PHE B 244 -12.12 61.30 12.85
N GLY B 245 -11.69 62.56 12.89
CA GLY B 245 -10.29 62.92 13.09
C GLY B 245 -9.39 62.57 11.91
N ILE B 246 -9.96 62.51 10.72
CA ILE B 246 -9.20 62.18 9.52
C ILE B 246 -9.21 63.32 8.52
N TYR B 247 -9.29 64.55 9.03
CA TYR B 247 -9.29 65.73 8.14
C TYR B 247 -7.99 65.83 7.32
N HIS B 248 -6.85 65.70 7.99
CA HIS B 248 -5.59 65.77 7.26
C HIS B 248 -5.56 64.79 6.11
N ARG B 249 -5.92 63.54 6.41
CA ARG B 249 -5.92 62.43 5.47
C ARG B 249 -6.86 62.66 4.31
N TYR B 250 -8.05 63.16 4.62
CA TYR B 250 -9.07 63.39 3.61
C TYR B 250 -8.61 64.41 2.59
N CYS B 251 -8.04 65.52 3.09
CA CYS B 251 -7.41 66.58 2.28
C CYS B 251 -6.41 66.07 1.24
N ILE B 252 -5.45 65.26 1.71
CA ILE B 252 -4.55 64.52 0.81
C ILE B 252 -5.29 63.66 -0.24
N GLU B 253 -6.32 62.92 0.17
CA GLU B 253 -7.07 62.07 -0.75
C GLU B 253 -7.75 62.98 -1.77
N ARG B 254 -8.45 64.00 -1.27
CA ARG B 254 -9.15 64.97 -2.12
C ARG B 254 -8.22 65.72 -3.08
N ALA B 255 -7.07 66.17 -2.57
CA ALA B 255 -6.03 66.81 -3.37
C ALA B 255 -5.65 65.95 -4.56
N ALA B 256 -5.04 64.79 -4.28
CA ALA B 256 -4.70 63.78 -5.28
C ALA B 256 -5.79 63.50 -6.33
N ALA B 257 -7.05 63.48 -5.89
CA ALA B 257 -8.17 63.25 -6.79
C ALA B 257 -8.33 64.36 -7.84
N HIS B 258 -8.26 65.62 -7.38
CA HIS B 258 -8.39 66.81 -8.24
C HIS B 258 -7.13 67.11 -9.03
N SER B 259 -5.97 67.03 -8.38
CA SER B 259 -4.67 67.34 -8.98
C SER B 259 -4.20 66.41 -10.10
N ALA B 260 -5.04 65.45 -10.49
CA ALA B 260 -4.61 64.41 -11.41
C ALA B 260 -5.25 64.55 -12.78
N ASP B 261 -4.52 64.21 -13.83
CA ASP B 261 -5.05 64.35 -15.19
C ASP B 261 -6.15 63.33 -15.43
N VAL B 262 -5.90 62.10 -14.96
CA VAL B 262 -6.92 61.04 -14.92
C VAL B 262 -7.22 60.66 -13.48
N PHE B 263 -8.52 60.52 -13.20
CA PHE B 263 -8.99 60.03 -11.91
C PHE B 263 -9.74 58.74 -12.17
N THR B 264 -9.33 57.69 -11.47
CA THR B 264 -9.99 56.40 -11.58
C THR B 264 -10.23 55.77 -10.22
N THR B 265 -11.29 54.98 -10.14
CA THR B 265 -11.51 54.03 -9.05
C THR B 265 -11.40 52.62 -9.63
N VAL B 266 -11.65 51.62 -8.79
CA VAL B 266 -11.57 50.21 -9.18
C VAL B 266 -12.90 49.59 -9.54
N SER B 267 -13.99 50.32 -9.35
CA SER B 267 -15.32 49.81 -9.68
C SER B 267 -16.40 50.88 -9.74
N GLN B 268 -17.45 50.57 -10.49
CA GLN B 268 -18.58 51.48 -10.66
C GLN B 268 -19.17 52.00 -9.36
N ILE B 269 -19.32 51.10 -8.39
CA ILE B 269 -19.96 51.44 -7.13
C ILE B 269 -19.10 52.42 -6.33
N THR B 270 -17.78 52.28 -6.43
CA THR B 270 -16.87 53.21 -5.77
C THR B 270 -16.77 54.53 -6.56
N ALA B 271 -16.85 54.43 -7.88
CA ALA B 271 -16.88 55.61 -8.74
C ALA B 271 -17.94 56.58 -8.28
N PHE B 272 -19.16 56.08 -8.11
CA PHE B 272 -20.30 56.88 -7.66
C PHE B 272 -20.07 57.46 -6.27
N GLU B 273 -19.36 56.70 -5.43
CA GLU B 273 -19.07 57.09 -4.06
C GLU B 273 -17.97 58.17 -4.04
N ALA B 274 -16.97 58.00 -4.91
CA ALA B 274 -15.90 58.99 -5.07
C ALA B 274 -16.38 60.35 -5.58
N GLU B 275 -17.34 60.33 -6.50
CA GLU B 275 -17.89 61.55 -7.07
C GLU B 275 -18.47 62.46 -5.99
N HIS B 276 -19.19 61.89 -5.05
CA HIS B 276 -19.89 62.68 -4.04
C HIS B 276 -19.07 62.87 -2.77
N LEU B 277 -17.91 62.23 -2.69
CA LEU B 277 -17.15 62.24 -1.43
C LEU B 277 -15.75 62.79 -1.58
N LEU B 278 -15.26 62.79 -2.81
CA LEU B 278 -14.03 63.47 -3.19
C LEU B 278 -14.37 64.56 -4.22
N LYS B 279 -15.67 64.71 -4.46
CA LYS B 279 -16.26 65.74 -5.33
C LYS B 279 -15.68 65.80 -6.74
N ARG B 280 -15.34 64.66 -7.32
CA ARG B 280 -14.97 64.60 -8.73
C ARG B 280 -15.42 63.29 -9.37
N LYS B 281 -16.26 63.38 -10.39
CA LYS B 281 -16.63 62.19 -11.15
C LYS B 281 -15.38 61.54 -11.73
N PRO B 282 -15.17 60.23 -11.46
CA PRO B 282 -13.99 59.55 -11.98
C PRO B 282 -14.09 59.33 -13.48
N ASP B 283 -12.94 59.40 -14.15
CA ASP B 283 -12.85 59.29 -15.61
C ASP B 283 -13.06 57.87 -16.09
N GLY B 284 -12.95 56.91 -15.17
CA GLY B 284 -13.22 55.52 -15.50
C GLY B 284 -12.85 54.47 -14.47
N ILE B 285 -12.97 53.21 -14.90
CA ILE B 285 -12.84 52.08 -14.02
C ILE B 285 -11.57 51.29 -14.38
N LEU B 286 -10.76 51.00 -13.37
CA LEU B 286 -9.64 50.06 -13.51
C LEU B 286 -9.88 48.85 -12.61
N PRO B 287 -10.69 47.88 -13.10
CA PRO B 287 -11.03 46.76 -12.26
C PRO B 287 -9.81 45.86 -12.13
N ASN B 288 -9.73 45.14 -11.00
CA ASN B 288 -8.54 44.34 -10.66
C ASN B 288 -8.55 42.95 -11.26
N GLY B 289 -7.72 42.76 -12.27
CA GLY B 289 -7.50 41.47 -12.86
C GLY B 289 -6.63 40.64 -11.95
N LEU B 290 -6.40 39.41 -12.39
CA LEU B 290 -5.68 38.43 -11.63
C LEU B 290 -4.76 37.75 -12.62
N ASN B 291 -3.71 37.12 -12.11
CA ASN B 291 -2.86 36.33 -12.95
C ASN B 291 -3.39 34.89 -13.01
N VAL B 292 -4.42 34.70 -13.84
CA VAL B 292 -5.13 33.42 -13.93
C VAL B 292 -4.20 32.33 -14.44
N ILE B 293 -3.98 31.31 -13.62
CA ILE B 293 -3.06 30.24 -13.98
C ILE B 293 -3.76 29.04 -14.62
N LYS B 294 -3.49 28.84 -15.91
CA LYS B 294 -4.18 27.85 -16.75
C LYS B 294 -3.74 26.42 -16.50
N PHE B 295 -4.60 25.47 -16.87
CA PHE B 295 -4.22 24.05 -16.90
C PHE B 295 -4.18 23.58 -18.34
N GLN B 296 -3.31 22.61 -18.60
CA GLN B 296 -3.16 22.06 -19.94
C GLN B 296 -4.49 21.49 -20.43
N ALA B 297 -5.16 20.72 -19.57
CA ALA B 297 -6.45 20.10 -19.89
C ALA B 297 -7.53 20.96 -19.30
N PHE B 298 -8.60 21.21 -20.06
CA PHE B 298 -9.68 22.10 -19.59
C PHE B 298 -10.44 21.56 -18.39
N HIS B 299 -10.66 20.25 -18.36
CA HIS B 299 -11.47 19.61 -17.31
C HIS B 299 -10.70 19.36 -16.01
N GLU B 300 -9.41 19.67 -16.02
CA GLU B 300 -8.55 19.43 -14.86
C GLU B 300 -9.10 20.07 -13.61
N PHE B 301 -9.72 21.24 -13.74
CA PHE B 301 -10.22 21.93 -12.57
C PHE B 301 -11.35 21.16 -11.90
N GLN B 302 -12.14 20.47 -12.72
CA GLN B 302 -13.22 19.59 -12.22
C GLN B 302 -12.62 18.45 -11.46
N ASN B 303 -11.56 17.84 -12.00
CA ASN B 303 -10.87 16.76 -11.28
C ASN B 303 -10.43 17.23 -9.91
N LEU B 304 -9.70 18.35 -9.87
CA LEU B 304 -9.22 18.93 -8.61
C LEU B 304 -10.33 19.13 -7.62
N HIS B 305 -11.50 19.55 -8.11
CA HIS B 305 -12.69 19.69 -7.28
C HIS B 305 -13.00 18.40 -6.47
N ALA B 306 -13.32 17.34 -7.17
CA ALA B 306 -13.51 16.04 -6.58
C ALA B 306 -12.37 15.72 -5.61
N LEU B 307 -11.13 16.00 -6.00
CA LEU B 307 -9.98 15.69 -5.15
C LEU B 307 -9.91 16.49 -3.85
N LYS B 308 -10.14 17.79 -3.95
CA LYS B 308 -10.04 18.65 -2.80
C LYS B 308 -11.28 18.46 -1.97
N LYS B 309 -12.44 18.39 -2.63
CA LYS B 309 -13.68 18.08 -1.91
C LYS B 309 -13.62 16.74 -1.15
N GLU B 310 -12.78 15.81 -1.58
CA GLU B 310 -12.58 14.63 -0.77
C GLU B 310 -12.12 14.93 0.66
N LYS B 311 -11.10 15.75 0.78
CA LYS B 311 -10.61 16.23 2.08
C LYS B 311 -11.72 16.94 2.89
N ILE B 312 -12.59 17.70 2.23
CA ILE B 312 -13.57 18.42 3.03
C ILE B 312 -14.40 17.37 3.72
N ASN B 313 -15.03 16.50 2.91
CA ASN B 313 -15.75 15.25 3.31
C ASN B 313 -15.09 14.52 4.47
N ASP B 314 -13.84 14.15 4.28
CA ASP B 314 -13.09 13.65 5.40
C ASP B 314 -13.23 14.56 6.68
N PHE B 315 -13.00 15.85 6.54
CA PHE B 315 -13.03 16.72 7.72
C PHE B 315 -14.43 16.71 8.43
N VAL B 316 -15.48 16.73 7.59
CA VAL B 316 -16.89 16.68 8.01
C VAL B 316 -17.27 15.36 8.72
N ARG B 317 -16.79 14.22 8.20
CA ARG B 317 -17.07 12.95 8.87
C ARG B 317 -16.67 13.02 10.34
N GLY B 318 -15.51 13.62 10.60
CA GLY B 318 -14.97 13.68 11.95
C GLY B 318 -15.73 14.67 12.82
N HIS B 319 -16.45 15.59 12.18
CA HIS B 319 -17.07 16.69 12.91
C HIS B 319 -18.45 16.27 13.32
N PHE B 320 -19.12 15.56 12.42
CA PHE B 320 -20.41 14.97 12.73
C PHE B 320 -20.27 13.54 13.24
N HIS B 321 -19.07 13.13 13.63
CA HIS B 321 -18.90 11.81 14.23
C HIS B 321 -19.99 11.56 15.29
N GLY B 322 -20.38 10.28 15.44
CA GLY B 322 -21.51 9.83 16.28
C GLY B 322 -22.84 10.54 16.10
N CYS B 323 -23.10 11.00 14.87
CA CYS B 323 -24.18 11.95 14.59
C CYS B 323 -24.25 12.22 13.09
N PHE B 324 -23.67 11.31 12.32
CA PHE B 324 -23.59 11.39 10.88
C PHE B 324 -24.76 10.64 10.24
N ASP B 325 -25.80 11.37 9.85
CA ASP B 325 -27.02 10.76 9.30
C ASP B 325 -27.43 11.22 7.88
N PHE B 326 -26.50 11.73 7.09
CA PHE B 326 -26.84 12.33 5.80
C PHE B 326 -25.86 11.82 4.79
N ASP B 327 -26.10 12.07 3.52
CA ASP B 327 -25.28 11.49 2.48
C ASP B 327 -24.34 12.54 1.87
N LEU B 328 -23.03 12.41 2.13
CA LEU B 328 -22.06 13.34 1.57
C LEU B 328 -22.15 13.43 0.06
N ASP B 329 -22.53 12.34 -0.58
CA ASP B 329 -22.66 12.40 -2.02
C ASP B 329 -23.82 13.28 -2.45
N ASN B 330 -24.55 13.76 -1.46
CA ASN B 330 -25.73 14.58 -1.67
C ASN B 330 -25.62 15.92 -0.94
N THR B 331 -24.47 16.14 -0.29
CA THR B 331 -24.17 17.36 0.46
C THR B 331 -23.54 18.49 -0.39
N LEU B 332 -23.87 19.73 -0.06
CA LEU B 332 -23.25 20.88 -0.72
C LEU B 332 -22.46 21.75 0.26
N TYR B 333 -21.29 22.22 -0.17
CA TYR B 333 -20.54 23.19 0.65
C TYR B 333 -20.74 24.64 0.20
N PHE B 334 -21.26 25.42 1.14
CA PHE B 334 -21.32 26.85 1.01
C PHE B 334 -20.27 27.37 1.97
N PHE B 335 -19.58 28.46 1.61
CA PHE B 335 -18.76 29.19 2.61
C PHE B 335 -18.75 30.69 2.39
N ILE B 336 -18.57 31.42 3.48
CA ILE B 336 -18.20 32.82 3.43
C ILE B 336 -16.76 32.85 3.89
N ALA B 337 -15.94 33.75 3.31
CA ALA B 337 -14.55 33.89 3.79
C ALA B 337 -13.98 35.29 3.65
N GLY B 338 -12.97 35.60 4.48
CA GLY B 338 -12.26 36.87 4.42
C GLY B 338 -12.10 37.56 5.75
N ARG B 339 -11.96 38.88 5.71
CA ARG B 339 -11.82 39.71 6.90
C ARG B 339 -13.07 39.51 7.78
N TYR B 340 -12.90 39.53 9.11
CA TYR B 340 -14.02 39.52 10.02
C TYR B 340 -14.66 40.88 10.08
N GLU B 341 -15.43 41.24 9.06
CA GLU B 341 -16.24 42.44 9.16
C GLU B 341 -17.71 42.07 9.11
N TYR B 342 -18.23 41.73 10.28
CA TYR B 342 -19.56 41.17 10.43
C TYR B 342 -20.63 41.86 9.60
N LYS B 343 -20.62 43.19 9.51
CA LYS B 343 -21.58 43.89 8.63
C LYS B 343 -21.15 44.17 7.21
N ASN B 344 -19.96 44.74 7.03
CA ASN B 344 -19.54 45.13 5.67
C ASN B 344 -19.34 43.93 4.77
N LYS B 345 -18.94 42.81 5.37
CA LYS B 345 -18.60 41.62 4.63
C LYS B 345 -19.85 40.77 4.50
N GLY B 346 -20.90 41.19 5.22
CA GLY B 346 -22.23 40.61 5.12
C GLY B 346 -22.39 39.24 5.75
N ALA B 347 -21.78 39.01 6.91
CA ALA B 347 -21.93 37.72 7.62
C ALA B 347 -23.34 37.55 8.15
N ASP B 348 -23.88 38.62 8.72
CA ASP B 348 -25.24 38.63 9.24
C ASP B 348 -26.26 38.18 8.20
N MET B 349 -26.17 38.67 6.96
CA MET B 349 -27.14 38.22 5.95
C MET B 349 -26.96 36.73 5.69
N PHE B 350 -25.70 36.34 5.51
CA PHE B 350 -25.35 34.97 5.28
C PHE B 350 -26.00 34.07 6.31
N ILE B 351 -25.88 34.41 7.59
CA ILE B 351 -26.35 33.52 8.65
C ILE B 351 -27.87 33.49 8.69
N GLU B 352 -28.47 34.67 8.71
CA GLU B 352 -29.92 34.82 8.61
C GLU B 352 -30.49 33.98 7.48
N ALA B 353 -29.96 34.13 6.27
CA ALA B 353 -30.51 33.47 5.11
C ALA B 353 -30.35 31.97 5.20
N LEU B 354 -29.22 31.51 5.72
CA LEU B 354 -29.05 30.08 5.92
C LEU B 354 -30.18 29.56 6.80
N ALA B 355 -30.41 30.20 7.93
CA ALA B 355 -31.54 29.90 8.81
C ALA B 355 -32.86 29.75 8.04
N ARG B 356 -33.19 30.75 7.24
CA ARG B 356 -34.39 30.70 6.41
C ARG B 356 -34.31 29.56 5.40
N LEU B 357 -33.16 29.42 4.75
CA LEU B 357 -33.01 28.39 3.74
C LEU B 357 -33.26 27.04 4.37
N ASN B 358 -33.09 26.97 5.67
CA ASN B 358 -33.24 25.70 6.37
C ASN B 358 -34.70 25.31 6.43
N TYR B 359 -35.51 26.27 6.86
CA TYR B 359 -36.94 26.13 6.85
C TYR B 359 -37.41 25.73 5.45
N ARG B 360 -37.18 26.57 4.45
CA ARG B 360 -37.57 26.22 3.08
C ARG B 360 -37.27 24.75 2.77
N LEU B 361 -36.06 24.31 3.10
CA LEU B 361 -35.61 22.97 2.73
C LEU B 361 -36.35 21.87 3.48
N LYS B 362 -36.40 21.97 4.80
CA LYS B 362 -37.15 21.04 5.64
C LYS B 362 -38.60 20.86 5.16
N VAL B 363 -39.26 21.98 4.92
CA VAL B 363 -40.63 22.02 4.37
C VAL B 363 -40.82 21.27 3.04
N SER B 364 -40.08 21.63 2.00
CA SER B 364 -40.14 20.88 0.73
C SER B 364 -39.72 19.40 0.89
N GLY B 365 -39.53 18.97 2.12
CA GLY B 365 -39.00 17.64 2.40
C GLY B 365 -37.87 17.20 1.48
N SER B 366 -36.90 18.09 1.30
CA SER B 366 -35.71 17.77 0.54
C SER B 366 -34.82 16.84 1.37
N LYS B 367 -34.05 15.99 0.68
CA LYS B 367 -33.13 15.06 1.34
C LYS B 367 -31.71 15.60 1.24
N LYS B 368 -31.56 16.76 0.60
CA LYS B 368 -30.24 17.39 0.41
C LYS B 368 -29.68 17.96 1.72
N THR B 369 -28.39 18.22 1.74
CA THR B 369 -27.84 18.92 2.90
C THR B 369 -26.81 19.98 2.54
N VAL B 370 -26.89 21.09 3.25
CA VAL B 370 -25.91 22.12 3.11
C VAL B 370 -25.09 22.20 4.37
N VAL B 371 -23.80 21.95 4.23
CA VAL B 371 -22.85 22.32 5.27
C VAL B 371 -22.21 23.69 4.95
N ALA B 372 -22.28 24.63 5.89
CA ALA B 372 -21.90 26.02 5.58
C ALA B 372 -20.73 26.60 6.38
N PHE B 373 -19.58 26.75 5.73
CA PHE B 373 -18.38 27.23 6.43
C PHE B 373 -18.31 28.75 6.62
N ILE B 374 -17.79 29.17 7.75
CA ILE B 374 -17.41 30.57 7.91
C ILE B 374 -15.94 30.74 8.25
N VAL B 375 -15.13 31.00 7.23
CA VAL B 375 -13.69 31.17 7.44
C VAL B 375 -13.28 32.65 7.61
N MET B 376 -13.28 33.12 8.85
CA MET B 376 -13.02 34.51 9.24
C MET B 376 -12.23 34.52 10.54
N PRO B 377 -11.09 35.25 10.59
CA PRO B 377 -10.18 35.15 11.74
C PRO B 377 -10.80 35.85 12.90
N ALA B 378 -10.60 35.32 14.10
CA ALA B 378 -11.02 35.97 15.32
C ALA B 378 -10.18 35.47 16.49
N LYS B 379 -10.21 36.19 17.60
CA LYS B 379 -9.28 35.93 18.68
C LYS B 379 -9.61 34.58 19.29
N ASN B 380 -8.69 33.64 19.09
CA ASN B 380 -8.93 32.30 19.53
C ASN B 380 -7.81 31.63 20.34
N ASN B 381 -8.07 30.42 20.84
CA ASN B 381 -7.12 29.68 21.68
C ASN B 381 -6.79 28.35 21.06
N SER B 382 -6.60 28.36 19.75
CA SER B 382 -6.47 27.14 18.98
C SER B 382 -7.70 26.23 19.03
N PHE B 383 -7.58 25.10 18.36
CA PHE B 383 -8.62 24.07 18.24
C PHE B 383 -9.08 23.53 19.58
N THR B 384 -10.35 23.13 19.61
CA THR B 384 -10.91 22.42 20.77
C THR B 384 -10.47 20.98 20.74
N VAL B 385 -10.26 20.44 21.94
CA VAL B 385 -9.95 19.03 22.15
C VAL B 385 -10.94 18.14 21.43
N GLU B 386 -12.22 18.54 21.45
CA GLU B 386 -13.23 17.98 20.58
C GLU B 386 -12.71 17.84 19.17
N ALA B 387 -13.06 18.76 18.28
CA ALA B 387 -12.56 18.74 16.89
C ALA B 387 -11.35 17.81 16.66
N LEU B 388 -10.42 17.85 17.61
CA LEU B 388 -9.14 17.19 17.41
C LEU B 388 -9.25 15.74 17.64
N LYS B 389 -9.85 15.36 18.78
CA LYS B 389 -10.33 13.98 19.07
C LYS B 389 -11.16 13.52 17.93
N GLY B 390 -12.27 14.20 17.70
CA GLY B 390 -13.00 14.01 16.45
C GLY B 390 -12.17 13.26 15.40
N GLN B 391 -11.23 13.97 14.76
CA GLN B 391 -10.53 13.55 13.53
CA GLN B 391 -10.69 13.43 13.51
C GLN B 391 -9.68 12.31 13.77
N ALA B 392 -9.27 12.12 15.02
CA ALA B 392 -8.38 11.03 15.42
C ALA B 392 -9.13 9.69 15.53
N GLU B 393 -10.27 9.73 16.25
CA GLU B 393 -11.19 8.61 16.35
C GLU B 393 -11.66 8.15 14.98
N VAL B 394 -11.97 9.08 14.07
CA VAL B 394 -12.35 8.64 12.72
C VAL B 394 -11.20 7.99 11.98
N ARG B 395 -9.98 8.25 12.42
CA ARG B 395 -8.85 7.68 11.75
C ARG B 395 -8.65 6.26 12.25
N ALA B 396 -8.85 6.05 13.55
CA ALA B 396 -8.67 4.73 14.16
C ALA B 396 -9.67 3.75 13.51
N LEU B 397 -10.85 4.27 13.18
CA LEU B 397 -11.75 3.51 12.38
C LEU B 397 -11.14 3.23 11.01
N GLU B 398 -11.00 4.26 10.16
CA GLU B 398 -10.29 4.15 8.86
C GLU B 398 -9.19 3.09 8.87
N ASN B 399 -8.27 3.19 9.83
CA ASN B 399 -7.16 2.25 9.90
C ASN B 399 -7.60 0.83 10.16
N THR B 400 -8.34 0.60 11.25
CA THR B 400 -8.90 -0.73 11.54
C THR B 400 -9.65 -1.39 10.35
N VAL B 401 -10.53 -0.63 9.71
CA VAL B 401 -11.24 -1.10 8.53
C VAL B 401 -10.29 -1.55 7.45
N HIS B 402 -9.03 -1.14 7.54
CA HIS B 402 -8.07 -1.54 6.54
C HIS B 402 -7.37 -2.84 6.94
N GLU B 403 -7.11 -2.97 8.24
CA GLU B 403 -6.63 -4.23 8.82
C GLU B 403 -7.59 -5.35 8.46
N VAL B 404 -8.89 -5.06 8.66
CA VAL B 404 -9.93 -6.02 8.38
C VAL B 404 -9.96 -6.38 6.90
N THR B 405 -10.36 -5.46 6.03
CA THR B 405 -10.35 -5.74 4.58
C THR B 405 -9.16 -6.62 4.15
N THR B 406 -8.04 -6.51 4.86
CA THR B 406 -6.84 -7.24 4.51
C THR B 406 -6.97 -8.73 4.81
N SER B 407 -7.49 -9.06 6.01
CA SER B 407 -7.87 -10.44 6.37
C SER B 407 -8.84 -10.98 5.34
N ILE B 408 -9.98 -10.30 5.21
CA ILE B 408 -10.95 -10.61 4.18
C ILE B 408 -10.26 -10.90 2.84
N GLY B 409 -9.27 -10.08 2.48
CA GLY B 409 -8.54 -10.24 1.24
C GLY B 409 -7.92 -11.61 1.11
N LYS B 410 -7.16 -11.99 2.12
CA LYS B 410 -6.65 -13.36 2.27
C LYS B 410 -7.75 -14.41 2.01
N ARG B 411 -8.80 -14.36 2.83
CA ARG B 411 -9.93 -15.29 2.74
C ARG B 411 -10.61 -15.36 1.36
N ILE B 412 -10.87 -14.22 0.73
CA ILE B 412 -11.39 -14.24 -0.63
C ILE B 412 -10.39 -14.94 -1.54
N PHE B 413 -9.15 -14.48 -1.50
CA PHE B 413 -8.09 -15.07 -2.33
C PHE B 413 -7.99 -16.58 -2.23
N ASP B 414 -8.03 -17.10 -1.00
CA ASP B 414 -7.89 -18.55 -0.77
C ASP B 414 -9.06 -19.33 -1.37
N HIS B 415 -10.29 -18.91 -1.05
CA HIS B 415 -11.47 -19.51 -1.67
C HIS B 415 -11.32 -19.45 -3.19
N ALA B 416 -11.04 -18.28 -3.73
CA ALA B 416 -10.93 -18.11 -5.17
C ALA B 416 -9.85 -18.97 -5.81
N ILE B 417 -8.81 -19.27 -5.04
CA ILE B 417 -7.67 -20.02 -5.58
C ILE B 417 -7.97 -21.51 -5.71
N ARG B 418 -8.63 -22.08 -4.70
CA ARG B 418 -8.77 -23.54 -4.60
C ARG B 418 -10.02 -24.14 -5.26
N TYR B 419 -11.16 -23.45 -5.19
CA TYR B 419 -12.34 -23.83 -5.99
C TYR B 419 -11.91 -24.40 -7.36
N PRO B 420 -12.52 -25.52 -7.77
CA PRO B 420 -13.68 -26.21 -7.16
C PRO B 420 -13.37 -27.17 -6.02
N HIS B 421 -12.09 -27.34 -5.71
CA HIS B 421 -11.63 -28.39 -4.79
C HIS B 421 -12.07 -28.18 -3.33
N ASN B 422 -11.77 -29.17 -2.49
CA ASN B 422 -12.09 -29.13 -1.05
C ASN B 422 -13.58 -28.89 -0.75
N GLY B 423 -14.39 -28.99 -1.79
CA GLY B 423 -15.83 -28.92 -1.65
C GLY B 423 -16.41 -27.52 -1.63
N LEU B 424 -15.83 -26.63 -2.41
CA LEU B 424 -16.39 -25.30 -2.56
C LEU B 424 -17.28 -25.31 -3.80
N THR B 425 -18.59 -25.25 -3.58
CA THR B 425 -19.57 -25.35 -4.67
C THR B 425 -19.78 -24.01 -5.40
N THR B 426 -19.69 -22.89 -4.67
CA THR B 426 -19.71 -21.57 -5.28
C THR B 426 -18.29 -21.11 -5.60
N GLU B 427 -18.16 -20.34 -6.68
CA GLU B 427 -16.88 -19.75 -7.09
C GLU B 427 -16.33 -18.78 -6.02
N LEU B 428 -17.22 -17.95 -5.49
CA LEU B 428 -16.86 -16.95 -4.47
C LEU B 428 -17.54 -17.29 -3.14
N PRO B 429 -17.05 -16.71 -2.02
CA PRO B 429 -17.72 -16.98 -0.74
C PRO B 429 -19.15 -16.43 -0.80
N THR B 430 -20.03 -16.96 0.04
CA THR B 430 -21.43 -16.57 -0.01
C THR B 430 -21.92 -16.08 1.34
N ASP B 431 -21.47 -16.73 2.40
CA ASP B 431 -21.79 -16.28 3.74
C ASP B 431 -20.75 -15.24 4.16
N LEU B 432 -21.20 -14.03 4.53
CA LEU B 432 -20.30 -13.05 5.12
C LEU B 432 -19.41 -13.66 6.20
N GLY B 433 -19.96 -14.61 6.94
CA GLY B 433 -19.25 -15.29 8.03
C GLY B 433 -17.94 -15.94 7.65
N GLU B 434 -17.84 -16.39 6.40
CA GLU B 434 -16.61 -16.98 5.88
C GLU B 434 -15.47 -15.94 5.83
N LEU B 435 -15.84 -14.67 5.72
CA LEU B 435 -14.87 -13.57 5.56
C LEU B 435 -14.59 -12.75 6.83
N LEU B 436 -15.51 -12.77 7.80
CA LEU B 436 -15.43 -11.86 8.95
C LEU B 436 -15.42 -12.58 10.30
N LYS B 437 -14.24 -12.75 10.88
CA LYS B 437 -14.08 -13.40 12.18
C LYS B 437 -14.44 -12.46 13.31
N SER B 438 -14.72 -13.00 14.49
CA SER B 438 -15.21 -12.14 15.57
C SER B 438 -14.11 -11.22 16.12
N SER B 439 -12.86 -11.62 16.03
CA SER B 439 -11.76 -10.72 16.38
C SER B 439 -11.81 -9.46 15.48
N ASP B 440 -12.24 -9.65 14.23
CA ASP B 440 -12.52 -8.53 13.34
C ASP B 440 -13.64 -7.71 13.96
N LYS B 441 -14.84 -8.30 14.03
CA LYS B 441 -16.04 -7.65 14.58
C LYS B 441 -15.76 -6.86 15.85
N VAL B 442 -15.07 -7.51 16.80
CA VAL B 442 -14.84 -6.92 18.10
C VAL B 442 -14.09 -5.58 18.01
N MET B 443 -13.12 -5.51 17.08
CA MET B 443 -12.35 -4.29 16.83
C MET B 443 -13.27 -3.21 16.31
N LEU B 444 -13.71 -3.39 15.07
CA LEU B 444 -14.67 -2.50 14.46
C LEU B 444 -15.78 -2.07 15.44
N LYS B 445 -16.16 -2.94 16.37
CA LYS B 445 -17.20 -2.55 17.32
C LYS B 445 -16.68 -1.53 18.35
N ARG B 446 -15.43 -1.71 18.77
CA ARG B 446 -14.74 -0.77 19.66
C ARG B 446 -14.54 0.60 18.99
N ARG B 447 -14.07 0.59 17.75
CA ARG B 447 -13.97 1.79 16.94
C ARG B 447 -15.24 2.61 16.95
N ILE B 448 -16.38 1.93 16.83
CA ILE B 448 -17.68 2.55 16.65
C ILE B 448 -18.17 3.14 17.98
N LEU B 449 -17.63 2.64 19.07
CA LEU B 449 -18.05 3.06 20.40
C LEU B 449 -17.31 4.33 20.76
N ALA B 450 -16.05 4.37 20.33
CA ALA B 450 -15.19 5.53 20.47
C ALA B 450 -15.78 6.74 19.75
N LEU B 451 -16.68 6.49 18.80
CA LEU B 451 -17.19 7.57 17.96
C LEU B 451 -18.45 8.20 18.52
N ARG B 452 -19.06 7.51 19.48
CA ARG B 452 -20.38 7.85 19.99
C ARG B 452 -20.36 9.08 20.88
N ARG B 453 -21.13 10.11 20.48
CA ARG B 453 -21.24 11.35 21.26
C ARG B 453 -22.06 11.12 22.51
N PRO B 454 -21.76 11.85 23.58
CA PRO B 454 -22.57 11.85 24.80
C PRO B 454 -24.05 12.10 24.56
N GLU B 455 -24.88 11.70 25.53
CA GLU B 455 -26.32 11.86 25.40
C GLU B 455 -26.71 13.32 25.17
N GLY B 456 -27.32 13.58 24.01
CA GLY B 456 -27.86 14.91 23.65
C GLY B 456 -26.89 15.99 23.19
N GLN B 457 -25.62 15.64 23.05
CA GLN B 457 -24.62 16.57 22.57
C GLN B 457 -24.65 16.58 21.05
N LEU B 458 -25.19 17.63 20.47
CA LEU B 458 -25.10 17.87 19.01
C LEU B 458 -23.68 18.33 18.58
N PRO B 459 -23.30 18.11 17.31
CA PRO B 459 -22.00 18.62 16.81
C PRO B 459 -21.87 20.17 16.84
N PRO B 460 -20.66 20.71 17.14
CA PRO B 460 -20.40 22.13 17.46
C PRO B 460 -20.52 23.09 16.28
N ILE B 461 -20.91 24.31 16.58
CA ILE B 461 -20.93 25.35 15.55
C ILE B 461 -19.55 26.00 15.28
N VAL B 462 -18.54 25.60 16.05
CA VAL B 462 -17.27 26.23 16.01
C VAL B 462 -16.18 25.20 16.26
N THR B 463 -15.03 25.37 15.62
CA THR B 463 -13.89 24.48 15.78
C THR B 463 -12.81 24.98 16.73
N HIS B 464 -13.07 26.07 17.47
CA HIS B 464 -12.04 26.68 18.35
CA HIS B 464 -12.04 26.68 18.35
C HIS B 464 -12.57 27.17 19.69
N ASN B 465 -11.65 27.24 20.65
CA ASN B 465 -11.90 27.96 21.87
C ASN B 465 -11.71 29.43 21.53
N MET B 466 -12.82 30.17 21.55
CA MET B 466 -12.84 31.58 21.26
C MET B 466 -12.35 32.30 22.50
N VAL B 467 -11.81 33.51 22.33
CA VAL B 467 -11.35 34.29 23.47
C VAL B 467 -12.53 34.95 24.16
N ASP B 468 -13.36 35.64 23.40
CA ASP B 468 -14.52 36.30 23.94
C ASP B 468 -15.76 35.64 23.34
N ASP B 469 -15.98 34.37 23.70
CA ASP B 469 -17.06 33.57 23.11
C ASP B 469 -18.38 34.27 23.27
N ALA B 470 -18.74 34.67 24.50
CA ALA B 470 -20.06 35.26 24.78
C ALA B 470 -20.37 36.59 24.08
N ASN B 471 -19.37 37.23 23.48
CA ASN B 471 -19.61 38.48 22.75
C ASN B 471 -19.39 38.39 21.25
N ASP B 472 -19.08 37.19 20.76
CA ASP B 472 -18.70 37.07 19.37
C ASP B 472 -19.88 37.38 18.47
N LEU B 473 -19.68 38.24 17.48
CA LEU B 473 -20.80 38.70 16.68
C LEU B 473 -21.41 37.55 15.94
N ILE B 474 -20.56 36.79 15.27
CA ILE B 474 -20.96 35.66 14.48
C ILE B 474 -21.66 34.57 15.30
N LEU B 475 -21.05 34.17 16.41
CA LEU B 475 -21.63 33.11 17.22
C LEU B 475 -23.00 33.55 17.73
N ASN B 476 -23.04 34.53 18.62
CA ASN B 476 -24.31 35.14 19.00
C ASN B 476 -25.38 35.22 17.89
N LYS B 477 -24.96 35.17 16.62
CA LYS B 477 -25.88 35.35 15.51
C LYS B 477 -26.41 34.00 15.08
N ILE B 478 -25.49 33.04 14.93
CA ILE B 478 -25.83 31.62 14.76
C ILE B 478 -26.73 31.16 15.90
N ARG B 479 -26.33 31.50 17.12
CA ARG B 479 -27.07 31.16 18.33
C ARG B 479 -28.46 31.75 18.31
N GLN B 480 -28.59 32.96 17.78
CA GLN B 480 -29.90 33.60 17.78
C GLN B 480 -30.88 32.92 16.82
N VAL B 481 -30.41 32.55 15.63
CA VAL B 481 -31.26 31.89 14.66
C VAL B 481 -31.37 30.37 14.90
N GLN B 482 -30.87 29.93 16.05
CA GLN B 482 -30.90 28.54 16.44
C GLN B 482 -30.47 27.50 15.39
N LEU B 483 -29.34 27.73 14.69
CA LEU B 483 -28.73 26.69 13.85
C LEU B 483 -27.70 25.90 14.64
N PHE B 484 -28.14 24.82 15.31
CA PHE B 484 -27.25 24.08 16.21
C PHE B 484 -26.81 22.72 15.71
N ASN B 485 -26.92 22.49 14.40
CA ASN B 485 -26.43 21.25 13.78
C ASN B 485 -27.16 20.00 14.29
N SER B 486 -28.37 20.21 14.81
CA SER B 486 -29.29 19.13 15.11
C SER B 486 -29.63 18.37 13.82
N PRO B 487 -30.04 17.09 13.95
CA PRO B 487 -30.12 16.21 12.77
C PRO B 487 -31.32 16.54 11.90
N SER B 488 -32.36 17.10 12.51
CA SER B 488 -33.51 17.56 11.75
C SER B 488 -33.10 18.63 10.75
N ASP B 489 -32.12 19.46 11.15
CA ASP B 489 -31.60 20.65 10.46
C ASP B 489 -30.88 20.29 9.18
N ARG B 490 -31.38 20.83 8.08
CA ARG B 490 -30.86 20.47 6.78
C ARG B 490 -29.72 21.36 6.35
N VAL B 491 -29.63 22.55 6.96
CA VAL B 491 -28.45 23.39 6.88
C VAL B 491 -27.62 23.14 8.13
N LYS B 492 -26.33 22.85 7.96
CA LYS B 492 -25.38 22.87 9.09
C LYS B 492 -24.46 24.14 9.16
N MET B 493 -24.00 24.46 10.37
CA MET B 493 -23.09 25.59 10.56
C MET B 493 -21.76 25.23 11.21
N ILE B 494 -20.67 25.50 10.50
CA ILE B 494 -19.33 25.45 11.08
C ILE B 494 -18.56 26.76 10.92
N PHE B 495 -18.18 27.34 12.05
CA PHE B 495 -17.38 28.55 12.11
C PHE B 495 -15.96 28.20 12.48
N HIS B 496 -15.05 28.34 11.54
CA HIS B 496 -13.64 28.04 11.75
C HIS B 496 -12.82 29.37 11.75
N PRO B 497 -12.67 30.05 12.92
CA PRO B 497 -12.26 31.45 13.05
C PRO B 497 -10.76 31.75 12.86
N GLU B 498 -10.23 31.42 11.68
CA GLU B 498 -8.80 31.42 11.42
C GLU B 498 -8.57 31.01 9.97
N PHE B 499 -7.68 31.71 9.27
CA PHE B 499 -7.48 31.50 7.85
C PHE B 499 -7.00 30.09 7.65
N LEU B 500 -7.65 29.41 6.71
CA LEU B 500 -7.34 28.04 6.41
C LEU B 500 -5.91 27.97 6.00
N ASN B 501 -5.31 26.82 6.25
CA ASN B 501 -3.95 26.58 5.85
C ASN B 501 -3.65 25.07 5.88
N ALA B 502 -3.18 24.55 4.74
CA ALA B 502 -2.76 23.18 4.59
C ALA B 502 -1.89 22.63 5.68
N ASN B 503 -1.90 23.21 6.86
CA ASN B 503 -1.03 22.77 7.95
C ASN B 503 -1.88 22.57 9.18
N ASN B 504 -3.09 23.11 9.08
CA ASN B 504 -4.19 22.89 10.02
CA ASN B 504 -4.10 22.90 10.09
C ASN B 504 -4.35 21.39 10.28
N PRO B 505 -4.34 20.94 11.55
CA PRO B 505 -4.46 19.52 11.81
C PRO B 505 -5.83 18.88 11.54
N ILE B 506 -6.93 19.67 11.60
CA ILE B 506 -8.26 19.07 11.35
C ILE B 506 -8.74 19.13 9.91
N LEU B 507 -8.23 20.11 9.15
CA LEU B 507 -8.82 20.50 7.86
C LEU B 507 -7.71 21.05 6.97
N GLY B 508 -6.69 20.23 6.74
CA GLY B 508 -5.40 20.72 6.25
C GLY B 508 -5.36 21.00 4.77
N LEU B 509 -6.24 21.89 4.31
CA LEU B 509 -6.14 22.44 2.97
C LEU B 509 -5.60 23.90 3.04
N ASP B 510 -4.73 24.29 2.10
CA ASP B 510 -4.61 25.72 1.88
C ASP B 510 -6.01 26.21 1.43
N TYR B 511 -6.28 27.51 1.56
CA TYR B 511 -7.56 28.10 1.20
C TYR B 511 -7.79 27.93 -0.26
N ASP B 512 -6.74 28.08 -1.06
CA ASP B 512 -6.95 28.16 -2.49
C ASP B 512 -7.61 26.88 -2.88
N GLU B 513 -7.08 25.80 -2.31
CA GLU B 513 -7.60 24.44 -2.41
C GLU B 513 -9.04 24.41 -1.93
N PHE B 514 -9.26 24.61 -0.63
CA PHE B 514 -10.58 24.58 -0.01
C PHE B 514 -11.71 25.12 -0.92
N VAL B 515 -11.48 26.31 -1.48
CA VAL B 515 -12.42 26.94 -2.38
C VAL B 515 -12.81 25.99 -3.50
N ARG B 516 -11.82 25.31 -4.11
CA ARG B 516 -12.10 24.40 -5.23
C ARG B 516 -13.01 23.25 -4.76
N GLY B 517 -12.75 22.79 -3.55
CA GLY B 517 -13.58 21.80 -2.90
C GLY B 517 -15.05 22.13 -2.78
N CYS B 518 -15.41 23.40 -2.61
CA CYS B 518 -16.80 23.78 -2.28
C CYS B 518 -17.68 23.87 -3.51
N HIS B 519 -18.92 24.35 -3.36
CA HIS B 519 -19.80 24.46 -4.52
C HIS B 519 -20.24 25.90 -4.71
N LEU B 520 -20.40 26.62 -3.60
CA LEU B 520 -20.90 27.97 -3.68
C LEU B 520 -20.30 28.85 -2.63
N GLY B 521 -19.44 29.77 -3.11
CA GLY B 521 -18.99 30.94 -2.31
C GLY B 521 -20.14 31.93 -2.18
N VAL B 522 -20.36 32.45 -0.98
CA VAL B 522 -21.57 33.25 -0.70
C VAL B 522 -21.14 34.47 0.09
N PHE B 523 -21.30 35.63 -0.52
CA PHE B 523 -20.51 36.77 -0.13
C PHE B 523 -21.33 38.03 -0.28
N PRO B 524 -22.27 38.27 0.65
CA PRO B 524 -23.27 39.27 0.42
C PRO B 524 -22.88 40.65 0.99
N SER B 525 -21.78 41.18 0.46
CA SER B 525 -21.09 42.34 1.03
C SER B 525 -21.87 43.65 0.92
N TYR B 526 -21.74 44.47 1.96
CA TYR B 526 -22.32 45.82 1.98
C TYR B 526 -21.30 46.88 1.55
N TYR B 527 -20.06 46.79 2.05
CA TYR B 527 -18.99 47.71 1.66
C TYR B 527 -17.74 47.00 1.23
N GLU B 528 -17.56 46.94 -0.08
CA GLU B 528 -16.50 46.14 -0.69
C GLU B 528 -16.20 46.78 -2.05
N PRO B 529 -15.23 47.74 -2.09
CA PRO B 529 -14.82 48.39 -3.33
C PRO B 529 -14.38 47.42 -4.42
N TRP B 530 -13.74 46.32 -4.07
CA TRP B 530 -13.55 45.24 -5.07
C TRP B 530 -13.98 43.83 -4.64
N GLY B 531 -13.26 43.23 -3.71
CA GLY B 531 -13.57 41.85 -3.33
C GLY B 531 -13.00 40.85 -4.30
N TYR B 532 -11.78 40.42 -3.98
CA TYR B 532 -11.09 39.43 -4.76
C TYR B 532 -11.66 38.09 -4.39
N THR B 533 -12.44 38.04 -3.31
CA THR B 533 -13.00 36.80 -2.82
C THR B 533 -13.92 36.13 -3.87
N PRO B 534 -15.03 36.76 -4.27
CA PRO B 534 -15.76 36.24 -5.40
C PRO B 534 -14.94 36.00 -6.64
N ALA B 535 -13.85 36.73 -6.78
CA ALA B 535 -13.22 36.78 -8.08
C ALA B 535 -12.27 35.62 -8.13
N GLU B 536 -11.61 35.38 -7.00
CA GLU B 536 -10.68 34.28 -6.90
C GLU B 536 -11.50 33.05 -7.16
N CYS B 537 -12.60 32.95 -6.40
CA CYS B 537 -13.65 31.99 -6.59
C CYS B 537 -13.97 31.80 -8.07
N THR B 538 -14.49 32.84 -8.71
CA THR B 538 -14.91 32.68 -10.11
C THR B 538 -13.86 32.04 -11.00
N VAL B 539 -12.65 32.58 -10.94
CA VAL B 539 -11.48 32.03 -11.61
C VAL B 539 -11.34 30.51 -11.44
N MET B 540 -11.73 29.98 -10.29
CA MET B 540 -11.59 28.56 -10.00
C MET B 540 -12.85 27.76 -10.30
N GLY B 541 -13.76 28.37 -11.03
CA GLY B 541 -15.03 27.72 -11.36
C GLY B 541 -16.02 27.51 -10.22
N VAL B 542 -15.86 28.22 -9.10
CA VAL B 542 -16.87 28.15 -8.04
C VAL B 542 -17.89 29.29 -8.11
N PRO B 543 -19.19 28.93 -8.18
CA PRO B 543 -20.24 29.91 -8.30
C PRO B 543 -20.37 30.71 -7.02
N SER B 544 -20.94 31.90 -7.14
CA SER B 544 -20.81 32.86 -6.04
C SER B 544 -21.98 33.77 -6.03
N ILE B 545 -22.36 34.17 -4.83
CA ILE B 545 -23.36 35.19 -4.67
C ILE B 545 -22.61 36.44 -4.22
N THR B 546 -22.79 37.52 -4.96
CA THR B 546 -22.24 38.78 -4.52
C THR B 546 -23.39 39.79 -4.42
N THR B 547 -23.05 41.09 -4.36
CA THR B 547 -24.08 42.11 -4.28
C THR B 547 -23.79 43.22 -5.27
N ASN B 548 -24.83 43.95 -5.66
CA ASN B 548 -24.67 45.09 -6.56
C ASN B 548 -23.93 46.27 -5.91
N VAL B 549 -23.71 46.21 -4.60
CA VAL B 549 -22.92 47.24 -3.92
C VAL B 549 -21.47 46.77 -3.72
N SER B 550 -21.17 45.57 -4.18
CA SER B 550 -19.80 45.13 -4.18
C SER B 550 -19.16 45.61 -5.47
N GLY B 551 -17.85 45.80 -5.44
CA GLY B 551 -17.14 46.23 -6.63
C GLY B 551 -17.17 45.22 -7.76
N PHE B 552 -17.03 43.95 -7.39
CA PHE B 552 -17.02 42.85 -8.34
C PHE B 552 -18.45 42.60 -8.84
N GLY B 553 -19.41 42.72 -7.94
CA GLY B 553 -20.79 42.58 -8.33
C GLY B 553 -21.11 43.53 -9.44
N SER B 554 -20.85 44.82 -9.19
CA SER B 554 -21.13 45.92 -10.12
C SER B 554 -20.43 45.78 -11.48
N TYR B 555 -19.18 45.33 -11.46
CA TYR B 555 -18.47 45.00 -12.68
C TYR B 555 -19.18 43.90 -13.46
N MET B 556 -19.42 42.75 -12.79
CA MET B 556 -20.09 41.60 -13.42
C MET B 556 -21.53 41.89 -13.82
N GLU B 557 -22.24 42.64 -12.97
CA GLU B 557 -23.60 43.09 -13.21
C GLU B 557 -23.75 43.78 -14.55
N ASP B 558 -22.82 44.69 -14.82
CA ASP B 558 -22.75 45.47 -16.04
C ASP B 558 -22.31 44.61 -17.23
N LEU B 559 -21.37 43.69 -17.01
CA LEU B 559 -20.81 42.89 -18.11
C LEU B 559 -21.69 41.72 -18.59
N ILE B 560 -22.70 41.32 -17.82
CA ILE B 560 -23.61 40.27 -18.27
C ILE B 560 -25.06 40.68 -18.03
N GLU B 561 -25.94 40.19 -18.88
CA GLU B 561 -27.38 40.26 -18.66
C GLU B 561 -27.69 39.48 -17.38
N THR B 562 -28.48 40.07 -16.48
CA THR B 562 -28.67 39.52 -15.12
C THR B 562 -29.25 38.11 -15.07
N ASN B 563 -30.20 37.82 -15.95
CA ASN B 563 -30.80 36.49 -16.01
C ASN B 563 -29.79 35.45 -16.54
N GLN B 564 -29.02 35.87 -17.54
CA GLN B 564 -27.94 35.04 -18.13
C GLN B 564 -26.80 34.77 -17.15
N ALA B 565 -26.64 35.65 -16.17
CA ALA B 565 -25.49 35.63 -15.29
C ALA B 565 -25.53 34.48 -14.29
N LYS B 566 -26.73 34.05 -13.93
CA LYS B 566 -26.92 32.90 -13.04
C LYS B 566 -26.41 31.63 -13.69
N ASP B 567 -26.67 31.50 -14.99
CA ASP B 567 -26.19 30.37 -15.75
C ASP B 567 -24.66 30.30 -15.73
N TYR B 568 -24.02 31.44 -15.54
CA TYR B 568 -22.57 31.46 -15.41
C TYR B 568 -22.11 31.40 -13.94
N GLY B 569 -23.00 31.00 -13.04
CA GLY B 569 -22.67 30.89 -11.61
C GLY B 569 -22.54 32.21 -10.86
N ILE B 570 -22.81 33.33 -11.53
CA ILE B 570 -22.71 34.65 -10.91
C ILE B 570 -24.08 35.16 -10.46
N TYR B 571 -24.38 34.98 -9.17
CA TYR B 571 -25.64 35.42 -8.60
C TYR B 571 -25.39 36.75 -7.90
N ILE B 572 -26.15 37.78 -8.27
CA ILE B 572 -25.92 39.12 -7.75
C ILE B 572 -27.13 39.56 -6.94
N VAL B 573 -26.96 39.76 -5.62
CA VAL B 573 -28.04 40.27 -4.75
C VAL B 573 -28.15 41.79 -4.82
N ASP B 574 -29.37 42.28 -4.91
CA ASP B 574 -29.64 43.70 -4.87
C ASP B 574 -29.62 44.19 -3.42
N ARG B 575 -28.78 45.19 -3.14
CA ARG B 575 -28.68 45.76 -1.80
C ARG B 575 -28.90 47.24 -1.87
N ARG B 576 -28.75 47.77 -3.08
CA ARG B 576 -28.84 49.21 -3.33
C ARG B 576 -30.30 49.67 -3.42
N PHE B 577 -31.08 49.07 -4.31
CA PHE B 577 -32.47 49.47 -4.53
C PHE B 577 -33.46 48.47 -3.96
N LYS B 578 -33.18 47.96 -2.76
CA LYS B 578 -34.10 47.03 -2.11
C LYS B 578 -34.01 47.13 -0.61
N ALA B 579 -35.14 46.94 0.06
CA ALA B 579 -35.17 46.89 1.52
C ALA B 579 -34.31 45.73 2.02
N PRO B 580 -33.71 45.88 3.22
CA PRO B 580 -32.80 44.86 3.74
C PRO B 580 -33.42 43.47 3.85
N ASP B 581 -34.69 43.40 4.21
CA ASP B 581 -35.37 42.11 4.34
C ASP B 581 -35.66 41.45 2.99
N GLU B 582 -35.91 42.26 1.96
CA GLU B 582 -36.04 41.74 0.60
C GLU B 582 -34.69 41.31 0.01
N SER B 583 -33.60 41.83 0.55
CA SER B 583 -32.30 41.44 0.06
C SER B 583 -32.02 40.04 0.57
N VAL B 584 -32.20 39.86 1.89
CA VAL B 584 -32.12 38.54 2.53
C VAL B 584 -33.02 37.53 1.82
N GLU B 585 -34.26 37.92 1.54
CA GLU B 585 -35.14 37.10 0.74
C GLU B 585 -34.55 36.62 -0.57
N GLN B 586 -34.22 37.55 -1.47
CA GLN B 586 -33.59 37.24 -2.75
C GLN B 586 -32.39 36.35 -2.54
N LEU B 587 -31.66 36.61 -1.48
CA LEU B 587 -30.47 35.79 -1.19
C LEU B 587 -30.87 34.36 -0.84
N VAL B 588 -31.95 34.17 -0.07
CA VAL B 588 -32.48 32.80 0.09
C VAL B 588 -32.93 32.15 -1.21
N ASP B 589 -33.72 32.84 -2.03
CA ASP B 589 -34.07 32.33 -3.37
C ASP B 589 -32.83 31.73 -4.10
N TYR B 590 -31.81 32.56 -4.34
CA TYR B 590 -30.63 32.14 -5.07
C TYR B 590 -29.96 30.91 -4.47
N MET B 591 -29.86 30.88 -3.16
CA MET B 591 -29.31 29.71 -2.48
C MET B 591 -30.13 28.48 -2.82
N GLU B 592 -31.44 28.59 -2.62
CA GLU B 592 -32.37 27.51 -2.88
C GLU B 592 -32.34 27.03 -4.33
N GLU B 593 -32.43 27.98 -5.27
CA GLU B 593 -32.24 27.68 -6.68
C GLU B 593 -31.04 26.74 -6.85
N PHE B 594 -29.91 27.12 -6.27
CA PHE B 594 -28.67 26.35 -6.42
C PHE B 594 -28.77 24.91 -5.84
N VAL B 595 -29.35 24.76 -4.64
CA VAL B 595 -29.47 23.44 -3.99
C VAL B 595 -30.24 22.44 -4.85
N LYS B 596 -31.26 22.94 -5.52
CA LYS B 596 -32.14 22.14 -6.35
C LYS B 596 -31.50 21.64 -7.64
N LYS B 597 -30.30 22.10 -7.96
CA LYS B 597 -29.66 21.64 -9.18
C LYS B 597 -29.19 20.21 -8.97
N THR B 598 -29.26 19.42 -10.04
CA THR B 598 -28.67 18.10 -10.09
C THR B 598 -27.17 18.23 -10.38
N ARG B 599 -26.40 17.23 -9.99
CA ARG B 599 -24.97 17.17 -10.24
C ARG B 599 -24.66 17.50 -11.68
N ARG B 600 -25.47 16.95 -12.59
CA ARG B 600 -25.26 17.22 -14.02
C ARG B 600 -25.29 18.72 -14.27
N GLN B 601 -26.25 19.40 -13.64
CA GLN B 601 -26.41 20.83 -13.80
C GLN B 601 -25.28 21.61 -13.12
N ARG B 602 -24.86 21.16 -11.95
CA ARG B 602 -23.79 21.81 -11.21
C ARG B 602 -22.46 21.77 -11.95
N ILE B 603 -22.13 20.60 -12.48
CA ILE B 603 -20.92 20.38 -13.28
C ILE B 603 -20.86 21.29 -14.51
N ASN B 604 -22.00 21.57 -15.12
CA ASN B 604 -22.02 22.43 -16.31
C ASN B 604 -21.89 23.89 -15.96
N GLN B 605 -22.50 24.28 -14.85
CA GLN B 605 -22.38 25.63 -14.33
C GLN B 605 -20.91 25.94 -14.09
N ARG B 606 -20.23 25.02 -13.41
CA ARG B 606 -18.84 25.23 -13.09
C ARG B 606 -18.01 25.39 -14.37
N ASN B 607 -18.32 24.60 -15.39
CA ASN B 607 -17.69 24.73 -16.67
C ASN B 607 -17.88 26.12 -17.27
N ALA B 608 -19.04 26.71 -16.98
CA ALA B 608 -19.38 28.01 -17.52
C ALA B 608 -18.74 29.09 -16.67
N THR B 609 -18.87 28.93 -15.36
CA THR B 609 -18.26 29.82 -14.38
C THR B 609 -16.76 29.90 -14.61
N GLU B 610 -16.19 28.82 -15.13
CA GLU B 610 -14.78 28.74 -15.45
C GLU B 610 -14.47 29.59 -16.68
N ALA B 611 -15.14 29.28 -17.78
CA ALA B 611 -15.03 30.02 -19.06
C ALA B 611 -14.99 31.53 -18.85
N LEU B 612 -15.58 31.95 -17.73
CA LEU B 612 -15.74 33.34 -17.39
C LEU B 612 -14.45 33.95 -16.88
N SER B 613 -13.47 33.10 -16.59
CA SER B 613 -12.24 33.57 -15.96
C SER B 613 -11.47 34.55 -16.83
N ASP B 614 -11.45 34.32 -18.13
CA ASP B 614 -10.69 35.19 -19.03
C ASP B 614 -10.99 36.67 -18.79
N LEU B 615 -12.27 36.96 -18.49
CA LEU B 615 -12.71 38.34 -18.25
C LEU B 615 -12.16 38.93 -16.96
N LEU B 616 -11.45 38.14 -16.18
CA LEU B 616 -10.91 38.60 -14.92
C LEU B 616 -9.40 38.50 -14.97
N ASP B 617 -8.90 38.19 -16.16
CA ASP B 617 -7.48 38.03 -16.38
C ASP B 617 -6.85 39.38 -16.72
N TRP B 618 -5.66 39.62 -16.19
CA TRP B 618 -4.90 40.82 -16.53
C TRP B 618 -4.78 41.04 -18.04
N LYS B 619 -4.70 39.94 -18.80
CA LYS B 619 -4.71 39.99 -20.26
C LYS B 619 -5.92 40.72 -20.83
N ARG B 620 -6.87 41.07 -19.98
CA ARG B 620 -8.09 41.72 -20.45
C ARG B 620 -8.46 42.93 -19.60
N MET B 621 -8.13 42.86 -18.32
CA MET B 621 -8.36 43.96 -17.38
C MET B 621 -7.23 44.96 -17.46
N GLY B 622 -6.16 44.56 -18.17
CA GLY B 622 -4.98 45.40 -18.35
C GLY B 622 -5.16 46.45 -19.42
N LEU B 623 -6.16 46.25 -20.28
CA LEU B 623 -6.53 47.21 -21.30
C LEU B 623 -7.03 48.48 -20.66
N GLU B 624 -7.79 48.34 -19.59
CA GLU B 624 -8.31 49.48 -18.85
C GLU B 624 -7.19 50.36 -18.32
N TYR B 625 -6.09 49.74 -17.91
CA TYR B 625 -4.92 50.49 -17.47
C TYR B 625 -4.31 51.24 -18.65
N VAL B 626 -4.26 50.58 -19.81
CA VAL B 626 -3.81 51.17 -21.08
C VAL B 626 -4.70 52.34 -21.52
N LYS B 627 -6.02 52.14 -21.49
CA LYS B 627 -6.99 53.21 -21.77
C LYS B 627 -6.75 54.43 -20.88
N ALA B 628 -6.38 54.18 -19.62
CA ALA B 628 -6.17 55.23 -18.63
C ALA B 628 -4.87 55.99 -18.86
N ARG B 629 -3.86 55.29 -19.37
CA ARG B 629 -2.57 55.90 -19.63
C ARG B 629 -2.60 56.71 -20.92
N GLN B 630 -3.45 56.29 -21.86
CA GLN B 630 -3.61 57.02 -23.11
C GLN B 630 -4.33 58.35 -22.88
N LEU B 631 -5.40 58.31 -22.11
CA LEU B 631 -6.14 59.52 -21.75
C LEU B 631 -5.25 60.52 -21.01
N ALA B 632 -4.37 60.02 -20.16
CA ALA B 632 -3.39 60.88 -19.48
C ALA B 632 -2.52 61.61 -20.50
N LEU B 633 -2.12 60.88 -21.55
CA LEU B 633 -1.31 61.43 -22.63
C LEU B 633 -2.13 62.35 -23.54
N ARG B 634 -3.32 61.91 -23.91
CA ARG B 634 -4.25 62.71 -24.72
C ARG B 634 -4.56 64.07 -24.08
N ARG B 635 -4.61 64.11 -22.76
CA ARG B 635 -5.00 65.31 -22.04
C ARG B 635 -3.83 66.24 -21.78
N GLY B 636 -2.65 65.66 -21.58
CA GLY B 636 -1.45 66.43 -21.30
C GLY B 636 -0.94 67.12 -22.55
N TYR B 637 -0.86 66.34 -23.63
CA TYR B 637 -0.34 66.81 -24.91
C TYR B 637 -1.37 66.58 -26.04
N PRO B 638 -2.48 67.35 -26.07
CA PRO B 638 -3.54 67.18 -27.09
C PRO B 638 -3.09 67.49 -28.52
N ASP B 639 -2.18 68.46 -28.66
CA ASP B 639 -1.56 68.81 -29.94
C ASP B 639 -0.97 67.58 -30.62
N GLN B 640 0.08 67.03 -30.01
CA GLN B 640 0.79 65.86 -30.54
C GLN B 640 -0.12 64.65 -30.72
N PHE B 641 -1.11 64.51 -29.83
CA PHE B 641 -2.06 63.40 -29.90
C PHE B 641 -2.98 63.53 -31.10
N ARG B 642 -3.61 64.69 -31.23
CA ARG B 642 -4.45 65.02 -32.37
C ARG B 642 -3.75 64.69 -33.69
N GLU B 643 -2.46 65.03 -33.77
CA GLU B 643 -1.69 64.87 -35.01
C GLU B 643 -1.08 63.48 -35.18
N LEU B 644 -0.95 62.73 -34.09
CA LEU B 644 -0.45 61.35 -34.16
C LEU B 644 -1.56 60.31 -34.29
N VAL B 645 -2.80 60.76 -34.52
CA VAL B 645 -3.95 59.86 -34.68
C VAL B 645 -4.71 60.10 -35.99
N GLY B 646 -4.83 61.35 -36.39
CA GLY B 646 -5.60 61.72 -37.57
C GLY B 646 -6.62 62.80 -37.26
N GLU B 647 -6.95 62.91 -35.97
CA GLU B 647 -7.83 63.97 -35.45
C GLU B 647 -7.77 63.94 -33.92
N GLU B 648 -8.43 64.91 -33.29
CA GLU B 648 -8.64 64.84 -31.85
C GLU B 648 -9.91 64.03 -31.57
N LEU B 649 -9.76 63.00 -30.75
CA LEU B 649 -10.89 62.15 -30.37
C LEU B 649 -11.46 62.60 -29.03
N ASN B 650 -12.76 62.37 -28.85
CA ASN B 650 -13.47 62.70 -27.61
C ASN B 650 -12.68 62.23 -26.38
N ASP B 651 -12.42 63.16 -25.46
CA ASP B 651 -11.55 62.87 -24.31
C ASP B 651 -12.17 63.20 -22.94
N SER B 652 -13.50 63.18 -22.86
CA SER B 652 -14.18 63.35 -21.57
C SER B 652 -14.21 62.05 -20.76
N ASN B 653 -14.02 60.91 -21.44
CA ASN B 653 -14.03 59.58 -20.81
C ASN B 653 -12.82 58.72 -21.17
N MET B 654 -12.70 57.55 -20.51
CA MET B 654 -11.78 56.50 -20.94
C MET B 654 -12.41 55.70 -22.07
N ASP B 655 -13.75 55.71 -22.08
CA ASP B 655 -14.54 55.01 -23.10
C ASP B 655 -14.58 55.81 -24.40
N ALA B 656 -14.63 57.13 -24.26
CA ALA B 656 -14.69 58.04 -25.40
C ALA B 656 -13.41 58.04 -26.24
N LEU B 657 -12.27 57.80 -25.61
CA LEU B 657 -10.98 57.83 -26.30
C LEU B 657 -10.72 56.59 -27.16
N ALA B 658 -11.26 55.44 -26.75
CA ALA B 658 -11.07 54.19 -27.49
C ALA B 658 -12.38 53.47 -27.74
N SER C 21 -58.21 -10.16 -40.38
CA SER C 21 -58.26 -9.46 -39.06
C SER C 21 -57.06 -9.78 -38.17
N ARG C 22 -55.87 -9.45 -38.65
CA ARG C 22 -54.66 -9.51 -37.86
C ARG C 22 -54.27 -8.10 -37.42
N ASP C 23 -53.67 -8.00 -36.23
CA ASP C 23 -53.26 -6.71 -35.68
C ASP C 23 -51.84 -6.35 -36.11
N LEU C 24 -51.71 -5.17 -36.75
CA LEU C 24 -50.43 -4.69 -37.25
C LEU C 24 -49.63 -3.93 -36.20
N GLN C 25 -50.33 -3.12 -35.40
CA GLN C 25 -49.72 -2.38 -34.29
C GLN C 25 -49.10 -3.34 -33.27
N ASN C 26 -49.92 -3.84 -32.33
CA ASN C 26 -49.51 -4.94 -31.46
C ASN C 26 -49.19 -6.21 -32.29
N HIS C 27 -47.90 -6.46 -32.46
CA HIS C 27 -47.41 -7.59 -33.26
C HIS C 27 -46.24 -8.31 -32.57
N LEU C 28 -45.47 -9.09 -33.32
CA LEU C 28 -44.39 -9.90 -32.73
C LEU C 28 -43.20 -9.89 -33.67
N LEU C 29 -42.00 -9.81 -33.10
CA LEU C 29 -40.78 -9.87 -33.91
C LEU C 29 -39.98 -11.14 -33.64
N PHE C 30 -39.44 -11.71 -34.72
CA PHE C 30 -38.65 -12.94 -34.67
C PHE C 30 -37.36 -12.78 -35.46
N GLU C 31 -36.32 -12.33 -34.78
CA GLU C 31 -35.05 -12.09 -35.44
C GLU C 31 -34.25 -13.39 -35.49
N THR C 32 -33.63 -13.67 -36.64
CA THR C 32 -32.91 -14.93 -36.84
C THR C 32 -31.57 -14.69 -37.53
N ALA C 33 -30.51 -15.24 -36.94
CA ALA C 33 -29.15 -15.13 -37.48
C ALA C 33 -28.31 -16.32 -37.06
N THR C 34 -27.17 -16.49 -37.73
CA THR C 34 -26.22 -17.54 -37.39
C THR C 34 -25.51 -17.21 -36.08
N GLU C 35 -25.28 -15.92 -35.85
CA GLU C 35 -24.47 -15.44 -34.73
C GLU C 35 -25.30 -15.00 -33.52
N VAL C 36 -26.19 -15.87 -33.05
CA VAL C 36 -27.02 -15.58 -31.87
C VAL C 36 -26.21 -15.76 -30.58
N ALA C 37 -26.46 -16.86 -29.86
CA ALA C 37 -25.75 -17.16 -28.60
C ALA C 37 -24.24 -17.11 -28.79
N ASN C 38 -23.78 -17.54 -29.97
CA ASN C 38 -22.36 -17.62 -30.29
C ASN C 38 -21.85 -16.51 -31.21
N ARG C 39 -20.57 -16.16 -31.07
CA ARG C 39 -19.92 -15.23 -31.97
C ARG C 39 -19.31 -16.01 -33.13
N VAL C 40 -19.60 -15.57 -34.36
CA VAL C 40 -18.91 -16.07 -35.57
C VAL C 40 -18.42 -14.88 -36.42
N GLY C 41 -19.29 -13.91 -36.65
CA GLY C 41 -18.97 -12.72 -37.43
C GLY C 41 -19.36 -11.42 -36.75
N GLY C 42 -19.26 -10.31 -37.47
CA GLY C 42 -19.64 -8.99 -36.96
C GLY C 42 -21.14 -8.86 -36.76
N ILE C 43 -21.86 -9.86 -37.24
CA ILE C 43 -23.32 -9.98 -37.11
C ILE C 43 -23.76 -10.25 -35.66
N TYR C 44 -22.82 -10.72 -34.84
CA TYR C 44 -23.07 -11.03 -33.43
C TYR C 44 -23.22 -9.75 -32.60
N SER C 45 -22.25 -8.85 -32.76
CA SER C 45 -22.22 -7.58 -32.04
C SER C 45 -23.48 -6.75 -32.28
N VAL C 46 -23.86 -6.59 -33.56
CA VAL C 46 -25.04 -5.83 -33.94
C VAL C 46 -26.28 -6.28 -33.16
N LEU C 47 -26.53 -7.59 -33.17
CA LEU C 47 -27.65 -8.18 -32.45
C LEU C 47 -27.65 -7.93 -30.94
N LYS C 48 -26.45 -7.83 -30.39
CA LYS C 48 -26.24 -7.64 -28.94
C LYS C 48 -26.53 -6.19 -28.53
N SER C 49 -25.73 -5.27 -29.06
CA SER C 49 -25.87 -3.85 -28.75
C SER C 49 -27.29 -3.37 -29.04
N LYS C 50 -27.92 -3.99 -30.05
CA LYS C 50 -29.27 -3.64 -30.48
C LYS C 50 -30.38 -4.19 -29.57
N ALA C 51 -30.03 -5.06 -28.63
CA ALA C 51 -31.03 -5.76 -27.81
C ALA C 51 -31.84 -4.86 -26.84
N PRO C 52 -31.18 -3.95 -26.11
CA PRO C 52 -31.87 -3.05 -25.17
C PRO C 52 -33.07 -2.32 -25.77
N ILE C 53 -32.85 -1.63 -26.89
CA ILE C 53 -33.90 -0.84 -27.58
C ILE C 53 -34.98 -1.70 -28.26
N THR C 54 -34.59 -2.89 -28.72
CA THR C 54 -35.54 -3.83 -29.32
C THR C 54 -36.45 -4.41 -28.24
N VAL C 55 -35.85 -4.81 -27.12
CA VAL C 55 -36.56 -5.30 -25.95
C VAL C 55 -37.50 -4.23 -25.40
N ALA C 56 -37.00 -2.99 -25.35
CA ALA C 56 -37.76 -1.86 -24.82
C ALA C 56 -39.03 -1.57 -25.63
N GLN C 57 -39.12 -2.09 -26.84
CA GLN C 57 -40.23 -1.79 -27.73
C GLN C 57 -41.32 -2.86 -27.70
N TYR C 58 -40.91 -4.13 -27.83
CA TYR C 58 -41.87 -5.23 -27.89
C TYR C 58 -41.99 -6.00 -26.58
N LYS C 59 -40.88 -6.03 -25.82
CA LYS C 59 -40.78 -6.70 -24.50
C LYS C 59 -40.69 -8.23 -24.63
N ASP C 60 -41.82 -8.90 -24.45
CA ASP C 60 -41.90 -10.36 -24.52
C ASP C 60 -42.42 -10.84 -25.88
N HIS C 61 -42.91 -9.90 -26.68
CA HIS C 61 -43.36 -10.18 -28.05
C HIS C 61 -42.18 -10.43 -28.98
N TYR C 62 -40.98 -10.07 -28.52
CA TYR C 62 -39.76 -10.17 -29.30
C TYR C 62 -39.04 -11.46 -29.00
N HIS C 63 -38.69 -12.20 -30.05
CA HIS C 63 -37.85 -13.40 -29.90
C HIS C 63 -36.70 -13.49 -30.91
N LEU C 64 -35.53 -13.85 -30.39
CA LEU C 64 -34.42 -14.27 -31.25
C LEU C 64 -34.51 -15.77 -31.58
N ILE C 65 -33.88 -16.17 -32.68
CA ILE C 65 -33.84 -17.56 -33.10
C ILE C 65 -32.46 -17.80 -33.73
N GLY C 66 -31.87 -18.96 -33.46
CA GLY C 66 -30.56 -19.26 -34.02
C GLY C 66 -30.08 -20.68 -33.89
N PRO C 67 -28.88 -20.98 -34.42
CA PRO C 67 -28.30 -22.31 -34.31
C PRO C 67 -27.66 -22.54 -32.95
N LEU C 68 -28.12 -23.58 -32.26
CA LEU C 68 -27.59 -23.95 -30.95
C LEU C 68 -26.12 -24.39 -31.05
N ASN C 69 -25.22 -23.47 -30.73
CA ASN C 69 -23.80 -23.80 -30.61
C ASN C 69 -23.55 -24.56 -29.32
N LYS C 70 -23.24 -25.84 -29.45
CA LYS C 70 -23.11 -26.74 -28.29
C LYS C 70 -21.79 -26.61 -27.53
N ALA C 71 -20.79 -25.99 -28.17
CA ALA C 71 -19.46 -25.82 -27.57
C ALA C 71 -19.40 -24.70 -26.52
N THR C 72 -20.17 -23.63 -26.73
CA THR C 72 -20.05 -22.42 -25.89
C THR C 72 -21.37 -21.86 -25.30
N TYR C 73 -22.52 -22.45 -25.65
CA TYR C 73 -23.84 -21.90 -25.31
C TYR C 73 -24.18 -21.95 -23.83
N GLN C 74 -23.48 -22.80 -23.11
CA GLN C 74 -23.79 -23.06 -21.69
C GLN C 74 -23.79 -21.79 -20.85
N ASN C 75 -22.73 -20.99 -20.97
CA ASN C 75 -22.56 -19.77 -20.20
C ASN C 75 -23.45 -18.61 -20.67
N GLU C 76 -23.39 -18.30 -21.97
CA GLU C 76 -24.11 -17.18 -22.58
C GLU C 76 -25.62 -17.19 -22.36
N VAL C 77 -26.18 -18.40 -22.26
CA VAL C 77 -27.63 -18.57 -22.24
C VAL C 77 -28.17 -18.96 -20.86
N ASP C 78 -29.10 -18.16 -20.36
CA ASP C 78 -29.96 -18.57 -19.25
C ASP C 78 -30.98 -19.56 -19.81
N ILE C 79 -31.15 -20.68 -19.10
CA ILE C 79 -32.02 -21.76 -19.55
C ILE C 79 -33.35 -21.74 -18.76
N LEU C 80 -34.46 -21.62 -19.49
CA LEU C 80 -35.79 -21.50 -18.89
C LEU C 80 -36.70 -22.71 -19.17
N ASP C 81 -37.83 -22.75 -18.47
CA ASP C 81 -38.83 -23.79 -18.63
C ASP C 81 -40.03 -23.27 -19.43
N TRP C 82 -40.28 -23.86 -20.60
CA TRP C 82 -41.29 -23.36 -21.55
C TRP C 82 -42.66 -24.04 -21.46
N LYS C 83 -42.77 -25.09 -20.64
CA LYS C 83 -44.03 -25.82 -20.49
C LYS C 83 -44.93 -25.28 -19.40
N LYS C 84 -44.35 -24.65 -18.37
CA LYS C 84 -45.14 -24.09 -17.27
C LYS C 84 -46.11 -23.02 -17.78
N PRO C 85 -47.37 -23.05 -17.30
CA PRO C 85 -48.43 -22.14 -17.76
C PRO C 85 -48.19 -20.64 -17.45
N GLU C 86 -47.10 -20.34 -16.75
CA GLU C 86 -46.76 -18.97 -16.34
C GLU C 86 -45.77 -18.27 -17.29
N ALA C 87 -44.90 -19.06 -17.92
CA ALA C 87 -43.81 -18.52 -18.77
C ALA C 87 -44.26 -17.74 -20.01
N PHE C 88 -45.56 -17.74 -20.29
CA PHE C 88 -46.15 -17.00 -21.42
C PHE C 88 -47.54 -16.50 -21.05
N SER C 89 -47.82 -15.23 -21.34
CA SER C 89 -49.15 -14.66 -21.11
C SER C 89 -50.19 -15.25 -22.05
N ASP C 90 -51.47 -14.91 -21.82
CA ASP C 90 -52.58 -15.49 -22.59
C ASP C 90 -52.61 -15.05 -24.05
N GLU C 91 -52.32 -13.77 -24.30
CA GLU C 91 -52.22 -13.25 -25.67
C GLU C 91 -50.94 -13.75 -26.35
N MET C 92 -49.93 -14.06 -25.54
CA MET C 92 -48.64 -14.54 -26.03
C MET C 92 -48.50 -16.06 -25.92
N ARG C 93 -49.63 -16.72 -25.70
CA ARG C 93 -49.66 -18.18 -25.55
C ARG C 93 -49.40 -18.97 -26.84
N PRO C 94 -49.95 -18.53 -28.00
CA PRO C 94 -49.69 -19.19 -29.27
C PRO C 94 -48.25 -19.70 -29.51
N VAL C 95 -47.29 -19.15 -28.78
CA VAL C 95 -45.89 -19.57 -28.86
C VAL C 95 -45.67 -20.87 -28.08
N GLN C 96 -46.42 -21.03 -26.98
CA GLN C 96 -46.36 -22.21 -26.13
C GLN C 96 -46.83 -23.48 -26.85
N HIS C 97 -47.86 -23.33 -27.70
CA HIS C 97 -48.40 -24.45 -28.48
C HIS C 97 -47.43 -24.90 -29.57
N ALA C 98 -46.90 -23.95 -30.33
CA ALA C 98 -46.01 -24.23 -31.48
C ALA C 98 -44.66 -24.85 -31.09
N LEU C 99 -44.33 -24.80 -29.80
CA LEU C 99 -43.09 -25.39 -29.30
C LEU C 99 -43.27 -26.86 -28.90
N GLN C 100 -44.50 -27.27 -28.60
CA GLN C 100 -44.80 -28.66 -28.30
C GLN C 100 -45.02 -29.51 -29.55
N THR C 101 -45.48 -28.87 -30.63
CA THR C 101 -45.61 -29.51 -31.94
C THR C 101 -44.23 -29.81 -32.54
N MET C 102 -43.24 -29.03 -32.12
CA MET C 102 -41.85 -29.19 -32.58
C MET C 102 -41.04 -30.07 -31.61
N GLU C 103 -41.71 -30.60 -30.59
CA GLU C 103 -41.13 -31.61 -29.72
C GLU C 103 -41.77 -32.98 -29.97
N SER C 104 -43.06 -32.96 -30.30
CA SER C 104 -43.81 -34.16 -30.67
C SER C 104 -43.55 -34.57 -32.13
N ARG C 105 -42.43 -34.10 -32.66
CA ARG C 105 -41.95 -34.51 -33.99
C ARG C 105 -40.45 -34.86 -33.91
N GLY C 106 -39.85 -34.64 -32.74
CA GLY C 106 -38.50 -35.09 -32.43
C GLY C 106 -37.38 -34.06 -32.43
N VAL C 107 -37.74 -32.78 -32.39
CA VAL C 107 -36.75 -31.70 -32.50
C VAL C 107 -36.41 -31.09 -31.14
N HIS C 108 -35.11 -30.95 -30.88
CA HIS C 108 -34.58 -30.42 -29.61
C HIS C 108 -34.10 -28.98 -29.76
N PHE C 109 -34.50 -28.13 -28.81
CA PHE C 109 -34.25 -26.68 -28.89
C PHE C 109 -34.07 -26.06 -27.51
N VAL C 110 -33.14 -25.12 -27.39
CA VAL C 110 -32.89 -24.42 -26.12
C VAL C 110 -33.62 -23.06 -26.08
N TYR C 111 -34.51 -22.91 -25.10
CA TYR C 111 -35.23 -21.65 -24.86
C TYR C 111 -34.87 -21.05 -23.51
N GLY C 112 -34.73 -19.73 -23.45
CA GLY C 112 -34.42 -19.03 -22.20
C GLY C 112 -34.25 -17.53 -22.30
N ARG C 113 -33.10 -17.05 -21.83
CA ARG C 113 -32.74 -15.62 -21.85
C ARG C 113 -31.28 -15.39 -22.19
N TRP C 114 -31.03 -14.69 -23.29
CA TRP C 114 -29.69 -14.26 -23.64
C TRP C 114 -29.26 -13.29 -22.54
N LEU C 115 -28.23 -13.67 -21.79
CA LEU C 115 -27.78 -12.86 -20.66
C LEU C 115 -26.89 -11.70 -21.15
N ILE C 116 -27.54 -10.78 -21.86
CA ILE C 116 -26.94 -9.51 -22.27
C ILE C 116 -27.84 -8.35 -21.81
N GLU C 117 -27.24 -7.16 -21.75
CA GLU C 117 -27.94 -5.96 -21.30
C GLU C 117 -29.28 -5.81 -22.05
N GLY C 118 -30.38 -5.91 -21.30
CA GLY C 118 -31.71 -5.92 -21.88
C GLY C 118 -32.44 -7.22 -21.65
N ALA C 119 -31.72 -8.34 -21.81
CA ALA C 119 -32.24 -9.73 -21.64
C ALA C 119 -33.39 -10.10 -22.59
N PRO C 120 -33.05 -10.52 -23.82
CA PRO C 120 -34.04 -10.98 -24.79
C PRO C 120 -34.24 -12.51 -24.78
N LYS C 121 -35.43 -12.96 -25.16
CA LYS C 121 -35.79 -14.39 -25.16
C LYS C 121 -35.33 -15.10 -26.42
N VAL C 122 -34.40 -16.04 -26.26
CA VAL C 122 -33.80 -16.80 -27.38
C VAL C 122 -34.42 -18.20 -27.57
N ILE C 123 -34.42 -18.67 -28.81
CA ILE C 123 -34.80 -20.04 -29.16
C ILE C 123 -33.74 -20.59 -30.10
N LEU C 124 -32.87 -21.46 -29.57
CA LEU C 124 -31.76 -22.01 -30.34
C LEU C 124 -32.01 -23.46 -30.75
N PHE C 125 -32.36 -23.65 -32.03
CA PHE C 125 -32.70 -24.98 -32.54
C PHE C 125 -31.47 -25.87 -32.73
N ASP C 126 -31.58 -27.12 -32.29
CA ASP C 126 -30.50 -28.10 -32.42
C ASP C 126 -30.54 -28.76 -33.80
N LEU C 127 -29.47 -28.61 -34.55
CA LEU C 127 -29.37 -29.09 -35.94
C LEU C 127 -29.02 -30.58 -36.06
N ASP C 128 -28.75 -31.21 -34.92
CA ASP C 128 -28.47 -32.64 -34.90
C ASP C 128 -29.77 -33.45 -35.00
N SER C 129 -30.82 -32.96 -34.33
CA SER C 129 -32.11 -33.66 -34.29
C SER C 129 -32.97 -33.47 -35.55
N VAL C 130 -32.34 -33.09 -36.66
CA VAL C 130 -33.02 -32.95 -37.97
C VAL C 130 -32.18 -33.49 -39.13
N ARG C 131 -30.95 -33.96 -38.83
CA ARG C 131 -29.99 -34.38 -39.86
C ARG C 131 -30.49 -35.55 -40.71
N GLY C 132 -31.39 -36.36 -40.14
CA GLY C 132 -31.99 -37.48 -40.85
C GLY C 132 -32.99 -37.06 -41.93
N TYR C 133 -33.00 -35.77 -42.25
CA TYR C 133 -33.81 -35.20 -43.30
C TYR C 133 -32.93 -34.57 -44.37
N SER C 134 -31.71 -34.18 -43.98
CA SER C 134 -30.75 -33.45 -44.83
C SER C 134 -30.93 -33.62 -46.34
N ASN C 135 -30.90 -34.87 -46.81
CA ASN C 135 -30.89 -35.19 -48.24
C ASN C 135 -32.24 -35.06 -48.96
N GLU C 136 -33.34 -35.30 -48.25
CA GLU C 136 -34.67 -35.13 -48.83
C GLU C 136 -34.96 -33.64 -49.07
N TRP C 137 -34.41 -32.81 -48.19
CA TRP C 137 -34.55 -31.36 -48.28
C TRP C 137 -33.52 -30.76 -49.25
N LYS C 138 -32.33 -31.34 -49.31
CA LYS C 138 -31.26 -30.87 -50.21
C LYS C 138 -31.64 -30.95 -51.69
N GLY C 139 -32.48 -31.93 -52.02
CA GLY C 139 -33.05 -32.06 -53.36
C GLY C 139 -34.30 -31.21 -53.51
N ASP C 140 -35.00 -31.00 -52.40
CA ASP C 140 -36.17 -30.11 -52.35
C ASP C 140 -35.76 -28.65 -52.57
N LEU C 141 -34.53 -28.32 -52.18
CA LEU C 141 -33.93 -27.03 -52.46
C LEU C 141 -33.66 -26.89 -53.96
N TRP C 142 -33.06 -27.93 -54.54
CA TRP C 142 -32.79 -27.99 -55.97
C TRP C 142 -34.08 -28.10 -56.80
N SER C 143 -35.18 -28.49 -56.17
CA SER C 143 -36.48 -28.63 -56.83
C SER C 143 -37.30 -27.34 -56.87
N LEU C 144 -37.24 -26.56 -55.80
CA LEU C 144 -38.00 -25.31 -55.70
C LEU C 144 -37.21 -24.06 -56.14
N VAL C 145 -35.90 -24.07 -55.91
CA VAL C 145 -35.06 -22.91 -56.21
C VAL C 145 -34.10 -23.18 -57.39
N GLY C 146 -33.28 -24.22 -57.24
CA GLY C 146 -32.25 -24.53 -58.22
C GLY C 146 -30.87 -24.36 -57.64
N ILE C 147 -30.71 -24.68 -56.35
CA ILE C 147 -29.45 -24.52 -55.64
C ILE C 147 -28.75 -25.87 -55.43
N PRO C 148 -27.52 -26.01 -55.98
CA PRO C 148 -26.70 -27.20 -55.72
C PRO C 148 -26.33 -27.27 -54.24
N SER C 149 -26.30 -28.48 -53.70
CA SER C 149 -26.05 -28.65 -52.27
C SER C 149 -24.90 -29.64 -52.01
N PRO C 150 -23.64 -29.17 -52.13
CA PRO C 150 -22.48 -30.02 -51.85
C PRO C 150 -22.44 -30.46 -50.38
N GLU C 151 -21.94 -31.68 -50.15
CA GLU C 151 -21.88 -32.25 -48.80
C GLU C 151 -20.52 -31.99 -48.13
N ASN C 152 -19.52 -31.62 -48.94
CA ASN C 152 -18.18 -31.31 -48.44
C ASN C 152 -18.10 -29.99 -47.65
N ASP C 153 -18.87 -28.99 -48.08
CA ASP C 153 -18.97 -27.71 -47.37
C ASP C 153 -19.99 -27.84 -46.24
N PHE C 154 -19.49 -27.96 -45.00
CA PHE C 154 -20.33 -28.18 -43.83
C PHE C 154 -21.22 -27.00 -43.48
N GLU C 155 -20.78 -25.79 -43.85
CA GLU C 155 -21.55 -24.56 -43.59
C GLU C 155 -22.87 -24.53 -44.35
N THR C 156 -22.81 -24.82 -45.65
CA THR C 156 -24.02 -24.89 -46.48
C THR C 156 -24.92 -26.05 -46.04
N ASN C 157 -24.33 -27.09 -45.45
CA ASN C 157 -25.07 -28.20 -44.84
C ASN C 157 -25.95 -27.72 -43.69
N ASP C 158 -25.36 -26.91 -42.82
CA ASP C 158 -26.01 -26.43 -41.61
C ASP C 158 -27.06 -25.38 -41.91
N ALA C 159 -26.79 -24.55 -42.91
CA ALA C 159 -27.70 -23.49 -43.34
C ALA C 159 -29.06 -24.05 -43.77
N ILE C 160 -29.04 -25.14 -44.53
CA ILE C 160 -30.26 -25.78 -45.08
C ILE C 160 -31.14 -26.42 -43.99
N LEU C 161 -30.50 -26.96 -42.95
CA LEU C 161 -31.22 -27.49 -41.81
C LEU C 161 -31.93 -26.37 -41.06
N LEU C 162 -31.18 -25.31 -40.80
CA LEU C 162 -31.67 -24.12 -40.09
C LEU C 162 -32.91 -23.54 -40.75
N GLY C 163 -32.83 -23.25 -42.04
CA GLY C 163 -33.94 -22.66 -42.80
C GLY C 163 -35.23 -23.48 -42.82
N TYR C 164 -35.09 -24.80 -42.96
CA TYR C 164 -36.25 -25.70 -43.00
C TYR C 164 -36.86 -25.97 -41.63
N THR C 165 -36.03 -25.86 -40.58
CA THR C 165 -36.48 -26.04 -39.21
C THR C 165 -37.28 -24.81 -38.74
N VAL C 166 -36.76 -23.63 -39.05
CA VAL C 166 -37.39 -22.37 -38.66
C VAL C 166 -38.67 -22.15 -39.48
N ALA C 167 -38.57 -22.35 -40.79
CA ALA C 167 -39.74 -22.26 -41.67
C ALA C 167 -40.85 -23.20 -41.20
N TRP C 168 -40.44 -24.37 -40.73
CA TRP C 168 -41.35 -25.38 -40.15
C TRP C 168 -41.97 -24.85 -38.85
N PHE C 169 -41.14 -24.20 -38.03
CA PHE C 169 -41.60 -23.64 -36.76
C PHE C 169 -42.58 -22.50 -37.00
N LEU C 170 -42.13 -21.50 -37.76
CA LEU C 170 -42.92 -20.30 -38.03
C LEU C 170 -44.27 -20.63 -38.67
N GLY C 171 -44.26 -21.56 -39.62
CA GLY C 171 -45.48 -22.04 -40.26
C GLY C 171 -46.51 -22.52 -39.26
N GLU C 172 -46.04 -23.13 -38.17
CA GLU C 172 -46.89 -23.62 -37.10
C GLU C 172 -47.49 -22.50 -36.25
N VAL C 173 -46.75 -21.41 -36.10
CA VAL C 173 -47.20 -20.28 -35.29
C VAL C 173 -48.26 -19.46 -36.03
N ALA C 174 -48.15 -19.40 -37.36
CA ALA C 174 -49.09 -18.66 -38.20
C ALA C 174 -50.47 -19.31 -38.23
N HIS C 175 -50.49 -20.64 -38.08
CA HIS C 175 -51.72 -21.40 -37.94
C HIS C 175 -52.44 -21.09 -36.63
N LEU C 176 -51.67 -20.97 -35.54
CA LEU C 176 -52.20 -20.86 -34.17
C LEU C 176 -52.72 -19.47 -33.78
N ASP C 177 -52.11 -18.42 -34.32
CA ASP C 177 -52.45 -17.05 -33.97
C ASP C 177 -52.77 -16.22 -35.21
N SER C 178 -54.03 -15.79 -35.32
CA SER C 178 -54.44 -14.84 -36.35
C SER C 178 -54.93 -13.52 -35.74
N GLN C 179 -54.45 -13.24 -34.53
CA GLN C 179 -54.66 -11.95 -33.84
C GLN C 179 -53.47 -11.01 -34.12
N HIS C 180 -52.26 -11.50 -33.87
CA HIS C 180 -51.03 -10.74 -34.12
C HIS C 180 -50.54 -10.93 -35.54
N ALA C 181 -49.90 -9.90 -36.08
CA ALA C 181 -49.07 -10.05 -37.26
C ALA C 181 -47.69 -10.50 -36.78
N ILE C 182 -46.95 -11.18 -37.64
CA ILE C 182 -45.64 -11.73 -37.26
C ILE C 182 -44.55 -11.17 -38.16
N VAL C 183 -43.43 -10.78 -37.56
CA VAL C 183 -42.31 -10.26 -38.32
C VAL C 183 -41.09 -11.14 -38.16
N ALA C 184 -40.57 -11.61 -39.28
CA ALA C 184 -39.36 -12.44 -39.29
C ALA C 184 -38.20 -11.74 -39.99
N HIS C 185 -37.32 -11.15 -39.19
CA HIS C 185 -36.13 -10.49 -39.69
C HIS C 185 -35.02 -11.52 -39.83
N PHE C 186 -34.25 -11.44 -40.93
CA PHE C 186 -33.17 -12.39 -41.19
C PHE C 186 -31.84 -11.72 -41.49
N HIS C 187 -30.76 -12.33 -40.99
CA HIS C 187 -29.41 -11.79 -41.15
C HIS C 187 -28.43 -12.77 -41.79
N GLU C 188 -27.75 -12.29 -42.84
CA GLU C 188 -26.75 -13.04 -43.62
C GLU C 188 -27.28 -14.30 -44.33
N TRP C 189 -26.71 -14.59 -45.51
CA TRP C 189 -27.14 -15.72 -46.35
C TRP C 189 -27.20 -17.06 -45.61
N LEU C 190 -26.37 -17.19 -44.57
CA LEU C 190 -26.31 -18.40 -43.75
C LEU C 190 -27.64 -18.72 -43.05
N ALA C 191 -28.35 -17.68 -42.62
CA ALA C 191 -29.63 -17.85 -41.97
C ALA C 191 -30.76 -17.57 -42.93
N GLY C 192 -30.41 -17.14 -44.13
CA GLY C 192 -31.39 -16.77 -45.15
C GLY C 192 -31.89 -17.92 -46.00
N VAL C 193 -32.04 -19.08 -45.37
CA VAL C 193 -32.49 -20.26 -46.07
C VAL C 193 -33.99 -20.46 -45.90
N ALA C 194 -34.52 -19.96 -44.78
CA ALA C 194 -35.97 -19.99 -44.55
C ALA C 194 -36.73 -19.00 -45.44
N LEU C 195 -36.00 -18.07 -46.08
CA LEU C 195 -36.61 -17.02 -46.89
C LEU C 195 -37.35 -17.55 -48.12
N PRO C 196 -36.67 -18.36 -48.97
CA PRO C 196 -37.38 -18.98 -50.08
C PRO C 196 -38.55 -19.88 -49.64
N LEU C 197 -38.50 -20.37 -48.41
CA LEU C 197 -39.53 -21.27 -47.88
C LEU C 197 -40.70 -20.51 -47.25
N CYS C 198 -40.86 -19.25 -47.63
CA CYS C 198 -41.96 -18.43 -47.12
C CYS C 198 -42.71 -17.76 -48.27
N ARG C 199 -41.98 -17.39 -49.32
CA ARG C 199 -42.57 -16.89 -50.55
C ARG C 199 -43.24 -18.04 -51.30
N LYS C 200 -42.57 -19.20 -51.33
CA LYS C 200 -43.10 -20.40 -52.00
C LYS C 200 -44.20 -21.08 -51.18
N ARG C 201 -43.96 -21.26 -49.88
CA ARG C 201 -44.93 -21.88 -48.98
C ARG C 201 -46.14 -21.01 -48.65
N ARG C 202 -46.15 -19.78 -49.16
CA ARG C 202 -47.21 -18.78 -48.89
C ARG C 202 -47.74 -18.76 -47.44
N ILE C 203 -46.81 -18.65 -46.48
CA ILE C 203 -47.14 -18.59 -45.05
C ILE C 203 -47.73 -17.22 -44.68
N ASP C 204 -48.15 -17.05 -43.42
CA ASP C 204 -48.72 -15.77 -42.97
C ASP C 204 -47.77 -14.95 -42.07
N VAL C 205 -46.59 -14.67 -42.61
CA VAL C 205 -45.59 -13.80 -42.00
C VAL C 205 -45.03 -12.82 -43.02
N VAL C 206 -44.40 -11.76 -42.54
CA VAL C 206 -43.72 -10.83 -43.42
C VAL C 206 -42.22 -10.90 -43.18
N THR C 207 -41.48 -11.16 -44.25
CA THR C 207 -40.04 -11.40 -44.16
C THR C 207 -39.20 -10.17 -44.45
N ILE C 208 -38.16 -10.00 -43.64
CA ILE C 208 -37.13 -9.03 -43.89
C ILE C 208 -35.81 -9.78 -43.98
N PHE C 209 -34.94 -9.33 -44.87
CA PHE C 209 -33.59 -9.85 -44.97
C PHE C 209 -32.60 -8.69 -44.90
N THR C 210 -31.64 -8.80 -43.99
CA THR C 210 -30.50 -7.91 -44.00
C THR C 210 -29.27 -8.72 -44.41
N THR C 211 -28.46 -8.14 -45.30
CA THR C 211 -27.16 -8.72 -45.61
C THR C 211 -26.04 -7.73 -45.32
N HIS C 212 -25.09 -8.18 -44.51
CA HIS C 212 -24.00 -7.34 -44.04
C HIS C 212 -22.83 -7.40 -44.99
N ALA C 213 -22.85 -8.35 -45.92
CA ALA C 213 -21.85 -8.44 -46.99
C ALA C 213 -22.30 -9.32 -48.15
N THR C 214 -22.03 -8.88 -49.36
CA THR C 214 -22.26 -9.71 -50.53
C THR C 214 -21.06 -10.65 -50.71
N LEU C 215 -21.35 -11.91 -51.03
CA LEU C 215 -20.32 -12.95 -51.20
C LEU C 215 -19.29 -12.59 -52.25
N LEU C 216 -19.77 -12.06 -53.37
CA LEU C 216 -18.89 -11.65 -54.47
C LEU C 216 -18.07 -10.40 -54.16
N GLY C 217 -18.60 -9.52 -53.30
CA GLY C 217 -17.87 -8.34 -52.87
C GLY C 217 -16.61 -8.70 -52.10
N ARG C 218 -16.72 -9.71 -51.23
CA ARG C 218 -15.58 -10.23 -50.47
C ARG C 218 -14.46 -10.71 -51.40
N TYR C 219 -14.76 -11.80 -52.12
CA TYR C 219 -13.76 -12.53 -52.92
C TYR C 219 -13.17 -11.73 -54.08
N LEU C 220 -13.89 -10.70 -54.54
CA LEU C 220 -13.38 -9.81 -55.58
C LEU C 220 -12.37 -8.81 -55.02
N CYS C 221 -12.50 -8.51 -53.72
CA CYS C 221 -11.53 -7.67 -53.04
C CYS C 221 -10.51 -8.50 -52.26
N ALA C 222 -10.76 -9.80 -52.13
CA ALA C 222 -9.81 -10.73 -51.53
C ALA C 222 -8.50 -10.77 -52.30
N SER C 223 -8.59 -10.80 -53.63
CA SER C 223 -7.41 -10.58 -54.47
C SER C 223 -6.98 -9.12 -54.34
N GLY C 224 -7.95 -8.21 -54.43
CA GLY C 224 -7.69 -6.77 -54.42
C GLY C 224 -7.00 -6.34 -55.70
N SER C 225 -6.99 -7.24 -56.67
CA SER C 225 -6.26 -7.06 -57.92
C SER C 225 -6.95 -6.04 -58.83
N PHE C 226 -8.24 -6.21 -59.05
CA PHE C 226 -8.99 -5.35 -59.95
C PHE C 226 -9.72 -4.21 -59.21
N ASP C 227 -9.95 -3.11 -59.94
CA ASP C 227 -10.72 -1.98 -59.43
C ASP C 227 -12.18 -2.41 -59.24
N PHE C 228 -12.61 -2.47 -57.99
CA PHE C 228 -13.91 -3.02 -57.61
C PHE C 228 -15.05 -2.01 -57.71
N TYR C 229 -14.78 -0.75 -57.35
CA TYR C 229 -15.85 0.22 -57.14
C TYR C 229 -16.23 1.04 -58.36
N ASN C 230 -15.43 0.96 -59.42
CA ASN C 230 -15.72 1.67 -60.67
C ASN C 230 -16.14 0.70 -61.78
N CYS C 231 -15.55 -0.48 -61.75
CA CYS C 231 -15.86 -1.53 -62.70
C CYS C 231 -16.66 -2.62 -61.99
N LEU C 232 -17.83 -2.23 -61.50
CA LEU C 232 -18.74 -3.13 -60.80
C LEU C 232 -19.96 -3.50 -61.66
N GLU C 233 -20.35 -2.57 -62.53
CA GLU C 233 -21.40 -2.82 -63.52
C GLU C 233 -20.99 -3.93 -64.47
N SER C 234 -19.73 -3.87 -64.91
CA SER C 234 -19.19 -4.76 -65.93
C SER C 234 -18.67 -6.09 -65.36
N VAL C 235 -19.27 -6.56 -64.28
CA VAL C 235 -18.93 -7.89 -63.78
C VAL C 235 -20.03 -8.86 -64.14
N ASP C 236 -19.63 -10.01 -64.66
CA ASP C 236 -20.57 -11.08 -65.00
C ASP C 236 -20.83 -11.92 -63.76
N VAL C 237 -21.92 -11.61 -63.08
CA VAL C 237 -22.22 -12.19 -61.76
C VAL C 237 -22.19 -13.72 -61.70
N ASP C 238 -22.23 -14.40 -62.84
CA ASP C 238 -22.27 -15.87 -62.85
C ASP C 238 -20.95 -16.51 -63.27
N HIS C 239 -20.27 -15.86 -64.22
CA HIS C 239 -18.87 -16.15 -64.56
C HIS C 239 -18.02 -16.09 -63.29
N GLU C 240 -18.15 -14.97 -62.58
CA GLU C 240 -17.34 -14.67 -61.40
C GLU C 240 -17.72 -15.52 -60.19
N ALA C 241 -19.02 -15.72 -60.00
CA ALA C 241 -19.53 -16.59 -58.95
C ALA C 241 -19.10 -18.03 -59.18
N GLY C 242 -19.02 -18.43 -60.44
CA GLY C 242 -18.55 -19.75 -60.82
C GLY C 242 -17.07 -19.96 -60.58
N ARG C 243 -16.27 -18.93 -60.88
CA ARG C 243 -14.79 -19.03 -60.86
C ARG C 243 -14.13 -18.93 -59.48
N PHE C 244 -14.93 -18.82 -58.43
CA PHE C 244 -14.42 -18.94 -57.07
C PHE C 244 -14.99 -20.21 -56.44
N GLY C 245 -15.64 -21.03 -57.27
CA GLY C 245 -16.32 -22.23 -56.81
C GLY C 245 -17.43 -21.93 -55.81
N ILE C 246 -17.76 -20.64 -55.70
CA ILE C 246 -18.75 -20.14 -54.76
C ILE C 246 -20.03 -19.80 -55.53
N TYR C 247 -20.71 -20.83 -55.99
CA TYR C 247 -21.95 -20.65 -56.74
C TYR C 247 -23.12 -21.29 -55.99
N HIS C 248 -22.82 -22.31 -55.19
CA HIS C 248 -23.81 -22.96 -54.33
C HIS C 248 -24.21 -22.06 -53.15
N ARG C 249 -23.34 -21.11 -52.84
CA ARG C 249 -23.57 -20.11 -51.78
C ARG C 249 -24.27 -18.89 -52.34
N TYR C 250 -23.67 -18.30 -53.38
CA TYR C 250 -24.19 -17.10 -54.06
C TYR C 250 -25.63 -17.27 -54.50
N CYS C 251 -26.10 -18.52 -54.55
CA CYS C 251 -27.47 -18.80 -54.89
C CYS C 251 -28.42 -18.62 -53.71
N ILE C 252 -27.98 -18.99 -52.51
CA ILE C 252 -28.80 -18.79 -51.30
C ILE C 252 -28.85 -17.29 -50.92
N GLU C 253 -27.74 -16.58 -51.14
CA GLU C 253 -27.68 -15.14 -50.93
C GLU C 253 -28.58 -14.38 -51.92
N ARG C 254 -28.59 -14.83 -53.16
CA ARG C 254 -29.49 -14.31 -54.19
C ARG C 254 -30.93 -14.74 -53.88
N ALA C 255 -31.08 -15.96 -53.36
CA ALA C 255 -32.40 -16.49 -53.00
C ALA C 255 -32.96 -15.79 -51.78
N ALA C 256 -32.08 -15.43 -50.85
CA ALA C 256 -32.46 -14.72 -49.64
C ALA C 256 -33.00 -13.32 -49.98
N ALA C 257 -32.19 -12.56 -50.71
CA ALA C 257 -32.53 -11.23 -51.17
C ALA C 257 -33.83 -11.23 -51.95
N HIS C 258 -33.93 -12.13 -52.93
CA HIS C 258 -35.04 -12.12 -53.91
C HIS C 258 -36.32 -12.74 -53.37
N SER C 259 -36.29 -13.26 -52.15
CA SER C 259 -37.49 -13.87 -51.54
C SER C 259 -38.19 -13.00 -50.49
N ALA C 260 -37.45 -12.10 -49.85
CA ALA C 260 -37.97 -11.33 -48.72
C ALA C 260 -38.79 -10.10 -49.12
N ASP C 261 -39.77 -9.75 -48.29
CA ASP C 261 -40.62 -8.58 -48.52
C ASP C 261 -39.80 -7.30 -48.44
N VAL C 262 -38.88 -7.26 -47.48
CA VAL C 262 -37.95 -6.14 -47.35
C VAL C 262 -36.50 -6.67 -47.43
N PHE C 263 -35.71 -6.09 -48.31
CA PHE C 263 -34.31 -6.43 -48.46
C PHE C 263 -33.48 -5.21 -48.07
N THR C 264 -32.50 -5.42 -47.18
CA THR C 264 -31.70 -4.34 -46.62
C THR C 264 -30.21 -4.71 -46.50
N THR C 265 -29.34 -3.78 -46.85
CA THR C 265 -27.95 -3.90 -46.46
C THR C 265 -27.74 -2.94 -45.29
N VAL C 266 -26.48 -2.59 -45.02
CA VAL C 266 -26.13 -1.79 -43.85
C VAL C 266 -25.41 -0.49 -44.20
N SER C 267 -25.12 -0.27 -45.47
CA SER C 267 -24.61 1.03 -45.93
C SER C 267 -25.02 1.29 -47.37
N GLN C 268 -25.03 2.57 -47.75
CA GLN C 268 -25.23 2.99 -49.13
C GLN C 268 -24.27 2.29 -50.09
N ILE C 269 -23.10 1.91 -49.57
CA ILE C 269 -22.05 1.31 -50.36
C ILE C 269 -22.35 -0.16 -50.67
N THR C 270 -22.95 -0.85 -49.70
CA THR C 270 -23.39 -2.22 -49.90
C THR C 270 -24.73 -2.26 -50.66
N ALA C 271 -25.47 -1.17 -50.59
CA ALA C 271 -26.67 -0.99 -51.41
C ALA C 271 -26.29 -0.89 -52.89
N PHE C 272 -25.43 0.08 -53.22
CA PHE C 272 -24.85 0.27 -54.57
C PHE C 272 -24.04 -0.96 -55.01
N GLU C 273 -23.88 -1.92 -54.10
CA GLU C 273 -23.14 -3.15 -54.38
C GLU C 273 -24.06 -4.37 -54.52
N ALA C 274 -25.02 -4.52 -53.60
CA ALA C 274 -25.95 -5.65 -53.63
C ALA C 274 -26.97 -5.54 -54.76
N GLU C 275 -27.17 -4.32 -55.27
CA GLU C 275 -28.02 -4.10 -56.42
C GLU C 275 -27.46 -4.83 -57.65
N HIS C 276 -26.18 -4.60 -57.94
CA HIS C 276 -25.55 -5.17 -59.12
C HIS C 276 -25.11 -6.61 -58.94
N LEU C 277 -24.91 -7.02 -57.69
CA LEU C 277 -24.29 -8.32 -57.44
C LEU C 277 -25.26 -9.40 -56.99
N LEU C 278 -26.39 -8.99 -56.43
CA LEU C 278 -27.46 -9.93 -56.08
C LEU C 278 -28.74 -9.62 -56.85
N LYS C 279 -28.64 -8.60 -57.70
CA LYS C 279 -29.66 -8.25 -58.69
C LYS C 279 -30.95 -7.66 -58.14
N ARG C 280 -30.98 -7.42 -56.82
CA ARG C 280 -32.12 -6.69 -56.22
C ARG C 280 -31.73 -5.40 -55.49
N LYS C 281 -32.37 -4.29 -55.85
CA LYS C 281 -32.14 -3.03 -55.16
C LYS C 281 -32.73 -3.14 -53.76
N PRO C 282 -31.91 -2.84 -52.74
CA PRO C 282 -32.38 -2.92 -51.36
C PRO C 282 -33.38 -1.80 -51.05
N ASP C 283 -34.27 -2.07 -50.11
CA ASP C 283 -35.42 -1.19 -49.89
C ASP C 283 -35.09 -0.03 -48.97
N GLY C 284 -33.90 -0.05 -48.40
CA GLY C 284 -33.47 0.95 -47.46
C GLY C 284 -32.25 0.45 -46.72
N ILE C 285 -31.77 1.26 -45.79
CA ILE C 285 -30.53 0.91 -45.10
C ILE C 285 -30.79 0.79 -43.62
N LEU C 286 -30.02 -0.08 -42.97
CA LEU C 286 -30.05 -0.25 -41.53
C LEU C 286 -28.65 -0.07 -40.95
N PRO C 287 -28.21 1.20 -40.78
CA PRO C 287 -26.87 1.47 -40.30
C PRO C 287 -26.73 0.91 -38.90
N ASN C 288 -25.52 0.48 -38.56
CA ASN C 288 -25.27 -0.12 -37.25
C ASN C 288 -25.15 0.91 -36.14
N GLY C 289 -25.88 0.65 -35.07
CA GLY C 289 -25.82 1.50 -33.90
C GLY C 289 -24.99 0.82 -32.84
N LEU C 290 -24.72 1.57 -31.78
CA LEU C 290 -23.99 1.07 -30.63
C LEU C 290 -24.79 1.33 -29.38
N ASN C 291 -24.60 0.48 -28.39
CA ASN C 291 -25.18 0.69 -27.07
C ASN C 291 -24.32 1.67 -26.28
N VAL C 292 -24.22 2.90 -26.78
CA VAL C 292 -23.29 3.91 -26.24
C VAL C 292 -23.44 4.07 -24.73
N ILE C 293 -22.38 3.70 -24.02
CA ILE C 293 -22.31 3.79 -22.56
C ILE C 293 -21.98 5.22 -22.08
N LYS C 294 -22.97 5.88 -21.47
CA LYS C 294 -22.84 7.29 -21.06
C LYS C 294 -22.32 7.46 -19.62
N PHE C 295 -21.64 8.58 -19.37
CA PHE C 295 -21.09 8.89 -18.02
C PHE C 295 -21.76 10.13 -17.44
N GLN C 296 -21.70 10.29 -16.12
CA GLN C 296 -22.32 11.45 -15.50
C GLN C 296 -21.54 12.75 -15.75
N ALA C 297 -20.21 12.68 -15.78
CA ALA C 297 -19.37 13.82 -16.12
C ALA C 297 -18.98 13.74 -17.59
N PHE C 298 -19.35 14.75 -18.38
CA PHE C 298 -19.04 14.70 -19.80
C PHE C 298 -17.55 14.43 -20.06
N HIS C 299 -16.71 14.74 -19.06
CA HIS C 299 -15.26 14.66 -19.23
C HIS C 299 -14.63 13.40 -18.64
N GLU C 300 -15.46 12.53 -18.08
CA GLU C 300 -14.99 11.27 -17.49
C GLU C 300 -14.19 10.43 -18.47
N PHE C 301 -14.66 10.39 -19.71
CA PHE C 301 -13.98 9.59 -20.73
C PHE C 301 -12.49 9.89 -20.82
N GLN C 302 -12.11 11.16 -20.67
CA GLN C 302 -10.70 11.60 -20.65
C GLN C 302 -9.89 10.88 -19.57
N ASN C 303 -10.38 10.95 -18.33
CA ASN C 303 -9.68 10.34 -17.21
C ASN C 303 -9.40 8.88 -17.52
N LEU C 304 -10.37 8.22 -18.16
CA LEU C 304 -10.23 6.84 -18.57
C LEU C 304 -9.15 6.62 -19.63
N HIS C 305 -9.10 7.51 -20.64
CA HIS C 305 -7.99 7.53 -21.60
C HIS C 305 -6.66 7.48 -20.87
N ALA C 306 -6.49 8.37 -19.89
CA ALA C 306 -5.23 8.51 -19.17
C ALA C 306 -4.93 7.32 -18.29
N LEU C 307 -5.98 6.71 -17.76
CA LEU C 307 -5.88 5.56 -16.87
C LEU C 307 -5.51 4.32 -17.65
N LYS C 308 -6.24 4.09 -18.74
CA LYS C 308 -5.97 2.98 -19.64
C LYS C 308 -4.61 3.08 -20.29
N LYS C 309 -4.25 4.29 -20.74
CA LYS C 309 -2.96 4.56 -21.41
C LYS C 309 -1.79 4.18 -20.54
N GLU C 310 -1.92 4.39 -19.23
CA GLU C 310 -0.89 3.99 -18.29
C GLU C 310 -0.70 2.47 -18.29
N LYS C 311 -1.80 1.72 -18.40
CA LYS C 311 -1.77 0.26 -18.54
C LYS C 311 -1.03 -0.15 -19.82
N ILE C 312 -1.23 0.61 -20.88
CA ILE C 312 -0.46 0.44 -22.11
C ILE C 312 1.01 0.74 -21.83
N ASN C 313 1.30 1.93 -21.30
CA ASN C 313 2.68 2.31 -20.93
C ASN C 313 3.37 1.17 -20.18
N ASP C 314 2.70 0.61 -19.18
CA ASP C 314 3.31 -0.46 -18.40
C ASP C 314 3.76 -1.63 -19.30
N PHE C 315 2.93 -2.02 -20.27
CA PHE C 315 3.29 -3.10 -21.18
C PHE C 315 4.49 -2.72 -22.02
N VAL C 316 4.37 -1.60 -22.74
CA VAL C 316 5.44 -1.08 -23.62
C VAL C 316 6.81 -1.15 -22.96
N ARG C 317 6.90 -0.69 -21.72
CA ARG C 317 8.14 -0.78 -20.99
C ARG C 317 8.65 -2.20 -20.88
N GLY C 318 7.76 -3.15 -20.56
CA GLY C 318 8.12 -4.56 -20.55
C GLY C 318 8.57 -5.06 -21.92
N HIS C 319 8.05 -4.44 -22.97
CA HIS C 319 8.38 -4.85 -24.33
C HIS C 319 9.73 -4.32 -24.80
N PHE C 320 10.06 -3.09 -24.40
CA PHE C 320 11.32 -2.47 -24.80
C PHE C 320 12.43 -2.52 -23.73
N HIS C 321 12.27 -3.46 -22.80
CA HIS C 321 13.24 -3.65 -21.72
C HIS C 321 14.60 -3.84 -22.36
N GLY C 322 15.62 -3.20 -21.81
CA GLY C 322 16.89 -3.09 -22.49
C GLY C 322 16.90 -1.91 -23.47
N CYS C 323 16.02 -1.94 -24.47
CA CYS C 323 16.06 -0.92 -25.54
C CYS C 323 15.11 0.27 -25.37
N PHE C 324 14.99 0.77 -24.14
CA PHE C 324 14.07 1.88 -23.86
C PHE C 324 14.75 3.25 -23.95
N ASP C 325 14.46 3.97 -25.02
CA ASP C 325 15.16 5.23 -25.30
C ASP C 325 14.24 6.36 -25.73
N PHE C 326 12.94 6.20 -25.53
CA PHE C 326 11.96 7.24 -25.87
C PHE C 326 11.08 7.67 -24.67
N ASP C 327 10.37 8.78 -24.84
CA ASP C 327 9.59 9.35 -23.75
C ASP C 327 8.12 9.02 -23.93
N LEU C 328 7.57 8.18 -23.06
CA LEU C 328 6.16 7.77 -23.17
C LEU C 328 5.19 8.93 -23.00
N ASP C 329 5.70 10.05 -22.49
CA ASP C 329 4.92 11.26 -22.36
C ASP C 329 4.87 11.99 -23.70
N ASN C 330 5.59 11.45 -24.67
CA ASN C 330 5.75 12.07 -25.97
C ASN C 330 5.59 11.05 -27.09
N THR C 331 5.27 9.81 -26.71
CA THR C 331 4.90 8.78 -27.67
C THR C 331 3.38 8.69 -27.81
N LEU C 332 2.94 8.35 -29.01
CA LEU C 332 1.54 8.21 -29.33
C LEU C 332 1.29 6.78 -29.75
N TYR C 333 0.09 6.28 -29.46
CA TYR C 333 -0.28 4.93 -29.86
C TYR C 333 -1.28 4.91 -30.99
N PHE C 334 -0.90 4.28 -32.10
CA PHE C 334 -1.81 4.00 -33.19
C PHE C 334 -2.07 2.52 -33.15
N PHE C 335 -3.26 2.12 -33.56
CA PHE C 335 -3.60 0.70 -33.66
C PHE C 335 -4.57 0.36 -34.79
N ILE C 336 -4.46 -0.88 -35.27
CA ILE C 336 -5.46 -1.46 -36.15
C ILE C 336 -5.97 -2.76 -35.53
N ALA C 337 -7.27 -3.00 -35.61
CA ALA C 337 -7.84 -4.26 -35.11
C ALA C 337 -8.99 -4.78 -35.96
N GLY C 338 -9.46 -5.98 -35.62
CA GLY C 338 -10.44 -6.72 -36.41
C GLY C 338 -9.90 -8.13 -36.67
N ARG C 339 -10.55 -8.89 -37.53
CA ARG C 339 -10.00 -10.21 -37.89
C ARG C 339 -9.02 -10.05 -39.03
N TYR C 340 -8.13 -11.03 -39.14
CA TYR C 340 -7.03 -11.05 -40.10
C TYR C 340 -7.54 -11.13 -41.53
N GLU C 341 -7.64 -9.99 -42.19
CA GLU C 341 -7.83 -9.95 -43.62
C GLU C 341 -6.88 -8.93 -44.23
N TYR C 342 -5.61 -9.31 -44.21
CA TYR C 342 -4.47 -8.49 -44.64
C TYR C 342 -4.80 -7.46 -45.73
N LYS C 343 -5.55 -7.89 -46.76
CA LYS C 343 -5.94 -7.04 -47.89
C LYS C 343 -7.16 -6.18 -47.57
N ASN C 344 -8.19 -6.84 -47.03
CA ASN C 344 -9.48 -6.21 -46.80
C ASN C 344 -9.53 -5.15 -45.71
N LYS C 345 -8.83 -5.43 -44.61
CA LYS C 345 -8.90 -4.58 -43.41
C LYS C 345 -7.99 -3.35 -43.47
N GLY C 346 -7.02 -3.40 -44.38
CA GLY C 346 -6.15 -2.26 -44.67
C GLY C 346 -4.76 -2.49 -44.15
N ALA C 347 -4.52 -3.67 -43.60
CA ALA C 347 -3.29 -4.00 -42.88
C ALA C 347 -2.03 -3.66 -43.68
N ASP C 348 -2.00 -4.07 -44.94
CA ASP C 348 -0.89 -3.75 -45.83
C ASP C 348 -0.68 -2.25 -45.97
N MET C 349 -1.75 -1.51 -46.27
CA MET C 349 -1.67 -0.06 -46.47
C MET C 349 -1.31 0.69 -45.18
N PHE C 350 -1.71 0.12 -44.06
CA PHE C 350 -1.33 0.59 -42.74
C PHE C 350 0.19 0.45 -42.57
N ILE C 351 0.68 -0.78 -42.66
CA ILE C 351 2.11 -1.07 -42.47
C ILE C 351 2.99 -0.28 -43.41
N GLU C 352 2.51 -0.02 -44.62
CA GLU C 352 3.24 0.79 -45.58
C GLU C 352 3.33 2.25 -45.15
N ALA C 353 2.17 2.83 -44.82
CA ALA C 353 2.11 4.25 -44.48
C ALA C 353 3.00 4.57 -43.27
N LEU C 354 2.95 3.70 -42.27
CA LEU C 354 3.82 3.83 -41.09
C LEU C 354 5.28 3.94 -41.51
N ALA C 355 5.67 3.12 -42.49
CA ALA C 355 7.04 3.04 -42.96
C ALA C 355 7.52 4.37 -43.53
N ARG C 356 6.71 4.96 -44.41
CA ARG C 356 7.03 6.26 -44.97
C ARG C 356 6.92 7.37 -43.92
N LEU C 357 6.01 7.19 -42.97
CA LEU C 357 5.88 8.09 -41.83
C LEU C 357 7.17 8.11 -41.03
N ASN C 358 7.70 6.92 -40.77
CA ASN C 358 8.99 6.76 -40.12
C ASN C 358 10.03 7.66 -40.80
N TYR C 359 10.17 7.50 -42.11
CA TYR C 359 11.08 8.29 -42.91
C TYR C 359 10.78 9.78 -42.72
N ARG C 360 9.54 10.19 -43.00
CA ARG C 360 9.12 11.57 -42.86
C ARG C 360 9.52 12.15 -41.51
N LEU C 361 9.34 11.35 -40.45
CA LEU C 361 9.56 11.78 -39.09
C LEU C 361 11.05 11.88 -38.77
N LYS C 362 11.83 10.96 -39.31
CA LYS C 362 13.29 11.06 -39.19
C LYS C 362 13.74 12.34 -39.89
N VAL C 363 13.38 12.47 -41.16
CA VAL C 363 13.73 13.63 -41.96
C VAL C 363 13.41 14.93 -41.23
N SER C 364 12.16 15.08 -40.79
CA SER C 364 11.70 16.34 -40.19
C SER C 364 12.31 16.61 -38.81
N GLY C 365 13.04 15.63 -38.28
CA GLY C 365 13.67 15.74 -36.96
C GLY C 365 12.66 15.83 -35.83
N SER C 366 11.52 15.15 -36.01
CA SER C 366 10.46 15.13 -35.03
C SER C 366 10.85 14.30 -33.80
N LYS C 367 10.58 14.89 -32.63
CA LYS C 367 11.00 14.32 -31.36
C LYS C 367 9.98 13.31 -30.84
N LYS C 368 8.84 13.22 -31.52
CA LYS C 368 7.80 12.26 -31.17
C LYS C 368 8.19 10.81 -31.47
N THR C 369 7.48 9.88 -30.86
CA THR C 369 7.60 8.47 -31.17
C THR C 369 6.23 7.86 -31.37
N VAL C 370 6.10 6.95 -32.31
CA VAL C 370 4.82 6.26 -32.49
C VAL C 370 4.94 4.77 -32.24
N VAL C 371 4.01 4.25 -31.45
CA VAL C 371 3.95 2.82 -31.23
C VAL C 371 2.70 2.28 -31.90
N ALA C 372 2.90 1.61 -33.04
CA ALA C 372 1.79 1.01 -33.77
C ALA C 372 1.50 -0.43 -33.33
N PHE C 373 0.26 -0.67 -32.93
CA PHE C 373 -0.20 -2.02 -32.56
C PHE C 373 -1.03 -2.64 -33.67
N ILE C 374 -0.88 -3.95 -33.86
CA ILE C 374 -1.76 -4.70 -34.74
C ILE C 374 -2.42 -5.81 -33.92
N VAL C 375 -3.75 -5.74 -33.80
CA VAL C 375 -4.51 -6.76 -33.11
C VAL C 375 -5.40 -7.49 -34.09
N MET C 376 -4.91 -8.65 -34.57
CA MET C 376 -5.62 -9.51 -35.54
C MET C 376 -5.25 -10.95 -35.25
N PRO C 377 -6.24 -11.82 -34.98
CA PRO C 377 -5.92 -13.19 -34.55
C PRO C 377 -5.31 -14.05 -35.67
N ALA C 378 -4.31 -14.84 -35.31
CA ALA C 378 -3.61 -15.72 -36.24
C ALA C 378 -3.26 -17.03 -35.51
N LYS C 379 -3.05 -18.10 -36.27
CA LYS C 379 -2.72 -19.39 -35.66
C LYS C 379 -1.45 -19.21 -34.85
N ASN C 380 -1.56 -19.41 -33.54
CA ASN C 380 -0.40 -19.19 -32.68
C ASN C 380 -0.21 -20.20 -31.55
N ASN C 381 1.03 -20.27 -31.06
CA ASN C 381 1.37 -21.14 -29.95
C ASN C 381 1.51 -20.38 -28.64
N SER C 382 0.67 -19.36 -28.47
CA SER C 382 0.68 -18.48 -27.30
C SER C 382 1.91 -17.56 -27.27
N PHE C 383 2.02 -16.78 -26.19
CA PHE C 383 3.03 -15.73 -26.05
C PHE C 383 4.44 -16.31 -26.06
N THR C 384 5.38 -15.54 -26.59
CA THR C 384 6.79 -15.92 -26.51
C THR C 384 7.21 -16.08 -25.05
N VAL C 385 8.38 -16.67 -24.82
CA VAL C 385 8.95 -16.67 -23.48
C VAL C 385 9.51 -15.27 -23.17
N GLU C 386 9.98 -14.58 -24.21
CA GLU C 386 10.47 -13.23 -24.06
C GLU C 386 9.39 -12.32 -23.50
N ALA C 387 8.33 -12.10 -24.26
CA ALA C 387 7.29 -11.14 -23.88
C ALA C 387 6.77 -11.35 -22.47
N LEU C 388 6.65 -12.60 -22.07
CA LEU C 388 6.19 -12.95 -20.73
C LEU C 388 7.22 -12.62 -19.65
N LYS C 389 8.49 -12.90 -19.96
CA LYS C 389 9.62 -12.69 -19.05
C LYS C 389 9.86 -11.18 -18.85
N GLY C 390 9.84 -10.45 -19.96
CA GLY C 390 10.01 -9.00 -19.96
C GLY C 390 9.08 -8.23 -19.02
N GLN C 391 7.90 -8.79 -18.78
N GLN C 391 7.89 -8.76 -18.79
CA GLN C 391 6.90 -8.15 -17.94
CA GLN C 391 6.94 -8.10 -17.90
C GLN C 391 7.07 -8.58 -16.48
C GLN C 391 7.19 -8.51 -16.47
N ALA C 392 7.69 -9.73 -16.28
CA ALA C 392 8.00 -10.23 -14.95
C ALA C 392 9.29 -9.56 -14.44
N GLU C 393 10.16 -9.24 -15.38
CA GLU C 393 11.41 -8.53 -15.08
C GLU C 393 11.14 -7.09 -14.65
N VAL C 394 10.23 -6.40 -15.33
CA VAL C 394 9.87 -5.04 -14.95
C VAL C 394 9.15 -5.00 -13.60
N ARG C 395 8.20 -5.90 -13.40
CA ARG C 395 7.48 -6.01 -12.12
C ARG C 395 8.41 -6.12 -10.90
N ALA C 396 9.47 -6.91 -11.01
CA ALA C 396 10.38 -7.12 -9.89
C ALA C 396 11.27 -5.89 -9.66
N LEU C 397 11.54 -5.14 -10.73
CA LEU C 397 12.12 -3.82 -10.58
C LEU C 397 11.15 -2.97 -9.76
N GLU C 398 9.94 -2.77 -10.28
CA GLU C 398 8.93 -2.00 -9.55
C GLU C 398 8.83 -2.32 -8.06
N ASN C 399 9.03 -3.57 -7.67
CA ASN C 399 8.93 -3.89 -6.24
C ASN C 399 10.19 -3.47 -5.51
N THR C 400 11.34 -3.69 -6.13
CA THR C 400 12.60 -3.19 -5.57
C THR C 400 12.54 -1.65 -5.41
N VAL C 401 12.11 -0.92 -6.44
CA VAL C 401 11.95 0.52 -6.33
C VAL C 401 11.06 0.89 -5.15
N HIS C 402 9.96 0.18 -5.02
CA HIS C 402 9.05 0.38 -3.90
C HIS C 402 9.77 0.05 -2.60
N GLU C 403 10.44 -1.11 -2.56
CA GLU C 403 11.16 -1.48 -1.36
C GLU C 403 12.12 -0.39 -0.93
N VAL C 404 13.00 0.02 -1.86
CA VAL C 404 13.94 1.14 -1.66
C VAL C 404 13.27 2.43 -1.20
N THR C 405 12.33 2.96 -1.99
CA THR C 405 11.64 4.19 -1.56
C THR C 405 11.03 4.10 -0.16
N THR C 406 10.76 2.90 0.33
CA THR C 406 10.15 2.79 1.65
C THR C 406 11.13 3.09 2.74
N SER C 407 12.36 2.60 2.61
CA SER C 407 13.39 2.97 3.56
C SER C 407 13.85 4.42 3.32
N ILE C 408 13.93 4.84 2.05
CA ILE C 408 14.26 6.22 1.75
C ILE C 408 13.35 7.10 2.59
N GLY C 409 12.07 6.73 2.64
CA GLY C 409 11.08 7.50 3.38
C GLY C 409 11.38 7.56 4.85
N LYS C 410 11.86 6.47 5.42
CA LYS C 410 12.14 6.42 6.84
C LYS C 410 13.21 7.45 7.14
N ARG C 411 14.21 7.50 6.25
CA ARG C 411 15.36 8.38 6.38
C ARG C 411 15.00 9.86 6.23
N ILE C 412 14.21 10.19 5.22
CA ILE C 412 13.70 11.55 5.12
C ILE C 412 12.89 11.96 6.34
N PHE C 413 12.16 11.00 6.90
CA PHE C 413 11.23 11.31 7.97
C PHE C 413 12.07 11.54 9.22
N ASP C 414 13.09 10.73 9.40
CA ASP C 414 13.93 10.87 10.59
C ASP C 414 14.65 12.20 10.59
N HIS C 415 15.18 12.61 9.44
CA HIS C 415 15.77 13.91 9.31
C HIS C 415 14.74 14.94 9.71
N ALA C 416 13.65 15.01 8.95
CA ALA C 416 12.62 16.00 9.20
C ALA C 416 12.16 16.10 10.64
N ILE C 417 11.96 14.98 11.32
CA ILE C 417 11.38 14.99 12.65
C ILE C 417 12.40 15.52 13.68
N ARG C 418 13.68 15.22 13.43
CA ARG C 418 14.78 15.44 14.37
C ARG C 418 15.40 16.85 14.22
N TYR C 419 15.40 17.36 12.99
CA TYR C 419 15.89 18.67 12.68
C TYR C 419 15.30 19.68 13.66
N PRO C 420 16.11 20.67 14.12
CA PRO C 420 17.51 21.00 13.81
C PRO C 420 18.54 20.42 14.78
N HIS C 421 18.11 19.43 15.57
CA HIS C 421 18.97 18.82 16.58
C HIS C 421 20.01 17.91 15.96
N ASN C 422 20.99 17.51 16.75
CA ASN C 422 22.03 16.58 16.31
C ASN C 422 22.87 17.09 15.14
N GLY C 423 23.02 18.40 15.05
CA GLY C 423 23.79 19.00 13.96
C GLY C 423 23.21 18.65 12.61
N LEU C 424 21.90 18.74 12.49
CA LEU C 424 21.23 18.58 11.21
C LEU C 424 20.93 20.01 10.79
N THR C 425 21.91 20.63 10.14
CA THR C 425 21.92 22.08 9.95
C THR C 425 20.96 22.57 8.86
N THR C 426 20.89 21.85 7.74
CA THR C 426 19.82 22.02 6.73
C THR C 426 18.57 21.21 7.13
N GLU C 427 17.38 21.71 6.79
CA GLU C 427 16.13 21.07 7.21
C GLU C 427 15.76 19.81 6.41
N LEU C 428 16.32 19.69 5.23
CA LEU C 428 16.18 18.47 4.44
C LEU C 428 17.54 17.82 4.19
N PRO C 429 17.55 16.52 3.84
CA PRO C 429 18.80 15.96 3.38
C PRO C 429 19.27 16.72 2.15
N THR C 430 20.59 16.77 1.91
CA THR C 430 21.10 17.42 0.71
C THR C 430 21.92 16.48 -0.17
N ASP C 431 22.58 15.51 0.44
CA ASP C 431 23.32 14.49 -0.31
C ASP C 431 22.55 13.16 -0.45
N LEU C 432 22.51 12.62 -1.67
CA LEU C 432 21.81 11.37 -1.95
C LEU C 432 22.18 10.23 -1.01
N GLY C 433 23.47 10.06 -0.75
CA GLY C 433 23.98 8.97 0.08
C GLY C 433 23.39 8.88 1.48
N GLU C 434 22.86 10.01 1.98
CA GLU C 434 22.18 10.03 3.27
C GLU C 434 20.86 9.26 3.19
N LEU C 435 20.34 9.12 1.98
CA LEU C 435 19.07 8.44 1.74
C LEU C 435 19.24 7.02 1.19
N LEU C 436 20.07 6.90 0.15
CA LEU C 436 20.22 5.68 -0.61
C LEU C 436 21.49 4.96 -0.23
N LYS C 437 21.37 3.90 0.57
CA LYS C 437 22.55 3.14 1.03
C LYS C 437 22.97 2.05 0.05
N SER C 438 24.03 1.33 0.37
CA SER C 438 24.66 0.43 -0.60
C SER C 438 23.79 -0.79 -0.85
N SER C 439 23.21 -1.34 0.22
CA SER C 439 22.30 -2.48 0.12
C SER C 439 21.20 -2.25 -0.93
N ASP C 440 20.64 -1.03 -0.93
CA ASP C 440 19.64 -0.61 -1.91
C ASP C 440 20.22 -0.56 -3.32
N LYS C 441 21.41 0.01 -3.46
CA LYS C 441 22.08 0.15 -4.76
C LYS C 441 22.32 -1.20 -5.44
N VAL C 442 22.56 -2.22 -4.64
CA VAL C 442 22.88 -3.57 -5.14
C VAL C 442 21.70 -4.26 -5.82
N MET C 443 20.57 -4.36 -5.12
CA MET C 443 19.40 -5.03 -5.69
C MET C 443 18.85 -4.27 -6.88
N LEU C 444 18.81 -2.95 -6.77
CA LEU C 444 18.47 -2.10 -7.91
C LEU C 444 19.34 -2.39 -9.14
N LYS C 445 20.62 -2.66 -8.89
CA LYS C 445 21.55 -2.93 -9.98
C LYS C 445 21.36 -4.34 -10.52
N ARG C 446 21.05 -5.27 -9.62
CA ARG C 446 20.67 -6.64 -10.04
C ARG C 446 19.45 -6.58 -10.94
N ARG C 447 18.46 -5.78 -10.57
CA ARG C 447 17.26 -5.57 -11.38
C ARG C 447 17.53 -5.00 -12.77
N ILE C 448 18.47 -4.07 -12.87
CA ILE C 448 18.76 -3.41 -14.15
C ILE C 448 19.54 -4.36 -15.06
N LEU C 449 20.35 -5.23 -14.46
CA LEU C 449 21.07 -6.26 -15.22
C LEU C 449 20.10 -7.30 -15.75
N ALA C 450 19.08 -7.63 -14.95
CA ALA C 450 18.04 -8.55 -15.36
C ALA C 450 17.31 -8.12 -16.63
N LEU C 451 17.07 -6.82 -16.80
CA LEU C 451 16.38 -6.31 -17.99
C LEU C 451 17.25 -6.33 -19.23
N ARG C 452 18.54 -6.00 -19.06
CA ARG C 452 19.53 -5.99 -20.14
C ARG C 452 19.29 -7.11 -21.17
N ARG C 453 19.29 -6.77 -22.47
CA ARG C 453 19.13 -7.79 -23.51
C ARG C 453 20.40 -7.94 -24.36
N PRO C 454 20.79 -9.19 -24.69
CA PRO C 454 22.10 -9.46 -25.28
C PRO C 454 22.40 -8.57 -26.49
N GLU C 455 23.66 -8.19 -26.64
CA GLU C 455 24.11 -7.25 -27.69
C GLU C 455 23.46 -7.43 -29.05
N GLY C 456 22.99 -6.32 -29.62
CA GLY C 456 22.41 -6.33 -30.96
C GLY C 456 20.95 -6.75 -31.07
N GLN C 457 20.53 -7.69 -30.22
CA GLN C 457 19.15 -8.17 -30.21
C GLN C 457 18.17 -7.02 -30.02
N LEU C 458 17.15 -6.98 -30.88
CA LEU C 458 16.21 -5.86 -30.96
C LEU C 458 14.83 -6.24 -30.43
N PRO C 459 14.04 -5.26 -29.92
CA PRO C 459 12.73 -5.60 -29.37
C PRO C 459 11.78 -6.15 -30.44
N PRO C 460 11.13 -7.31 -30.17
CA PRO C 460 10.42 -8.10 -31.16
C PRO C 460 9.27 -7.38 -31.85
N ILE C 461 9.01 -7.78 -33.09
CA ILE C 461 7.91 -7.26 -33.88
C ILE C 461 6.62 -8.03 -33.60
N VAL C 462 6.63 -8.88 -32.57
CA VAL C 462 5.54 -9.82 -32.35
C VAL C 462 5.65 -10.39 -30.96
N THR C 463 4.50 -10.68 -30.35
CA THR C 463 4.43 -11.09 -28.95
C THR C 463 4.13 -12.56 -28.80
N HIS C 464 4.12 -13.28 -29.90
CA HIS C 464 3.66 -14.67 -29.89
C HIS C 464 4.51 -15.56 -30.75
N ASN C 465 4.41 -16.86 -30.48
CA ASN C 465 4.97 -17.88 -31.33
C ASN C 465 3.99 -18.18 -32.45
N MET C 466 4.47 -17.95 -33.67
CA MET C 466 3.65 -18.08 -34.87
C MET C 466 3.77 -19.46 -35.52
N VAL C 467 2.63 -20.11 -35.75
CA VAL C 467 2.61 -21.33 -36.56
C VAL C 467 2.67 -20.89 -38.02
N ASP C 468 3.73 -21.27 -38.72
CA ASP C 468 4.05 -20.73 -40.06
C ASP C 468 4.37 -19.24 -39.99
N ASP C 469 5.40 -18.94 -39.22
CA ASP C 469 5.91 -17.59 -39.04
C ASP C 469 6.45 -16.96 -40.33
N ALA C 470 7.08 -17.79 -41.16
CA ALA C 470 7.68 -17.34 -42.40
C ALA C 470 6.64 -16.87 -43.43
N ASN C 471 5.49 -17.54 -43.45
CA ASN C 471 4.44 -17.20 -44.43
C ASN C 471 3.31 -16.37 -43.86
N ASP C 472 3.58 -15.68 -42.76
CA ASP C 472 2.64 -14.67 -42.27
C ASP C 472 2.82 -13.38 -43.05
N LEU C 473 1.71 -12.85 -43.54
CA LEU C 473 1.69 -11.69 -44.42
C LEU C 473 2.17 -10.43 -43.71
N ILE C 474 1.56 -10.14 -42.56
CA ILE C 474 1.89 -8.99 -41.74
C ILE C 474 3.40 -8.97 -41.53
N LEU C 475 3.89 -10.01 -40.88
CA LEU C 475 5.30 -10.09 -40.56
C LEU C 475 6.12 -9.83 -41.83
N ASN C 476 5.82 -10.55 -42.91
CA ASN C 476 6.57 -10.39 -44.15
C ASN C 476 6.58 -8.96 -44.67
N LYS C 477 5.45 -8.25 -44.46
CA LYS C 477 5.35 -6.86 -44.90
C LYS C 477 6.16 -5.96 -43.99
N ILE C 478 6.19 -6.31 -42.70
CA ILE C 478 6.97 -5.58 -41.72
C ILE C 478 8.46 -5.72 -42.08
N ARG C 479 8.86 -6.96 -42.38
CA ARG C 479 10.22 -7.28 -42.78
C ARG C 479 10.57 -6.58 -44.08
N GLN C 480 9.67 -6.65 -45.06
CA GLN C 480 9.84 -5.98 -46.35
C GLN C 480 10.06 -4.48 -46.17
N VAL C 481 9.30 -3.89 -45.26
CA VAL C 481 9.38 -2.46 -44.95
C VAL C 481 10.66 -2.16 -44.15
N GLN C 482 11.08 -3.15 -43.36
CA GLN C 482 12.22 -3.02 -42.44
C GLN C 482 11.94 -2.12 -41.23
N LEU C 483 10.80 -2.35 -40.58
CA LEU C 483 10.50 -1.70 -39.30
C LEU C 483 10.81 -2.69 -38.19
N PHE C 484 12.08 -2.68 -37.76
CA PHE C 484 12.58 -3.68 -36.81
C PHE C 484 12.81 -3.14 -35.39
N ASN C 485 12.05 -2.10 -35.02
CA ASN C 485 12.09 -1.50 -33.69
C ASN C 485 13.50 -1.08 -33.29
N SER C 486 14.20 -0.48 -34.24
CA SER C 486 15.55 0.03 -34.04
C SER C 486 15.49 1.34 -33.29
N PRO C 487 16.54 1.64 -32.50
CA PRO C 487 16.57 2.86 -31.70
C PRO C 487 16.43 4.16 -32.51
N SER C 488 16.88 4.14 -33.76
CA SER C 488 16.71 5.30 -34.63
C SER C 488 15.31 5.39 -35.27
N ASP C 489 14.56 4.28 -35.23
CA ASP C 489 13.17 4.22 -35.73
C ASP C 489 12.22 5.07 -34.89
N ARG C 490 11.58 6.03 -35.56
CA ARG C 490 10.63 6.91 -34.90
C ARG C 490 9.25 6.23 -34.85
N VAL C 491 9.05 5.23 -35.70
CA VAL C 491 7.86 4.39 -35.65
C VAL C 491 8.28 2.99 -35.21
N LYS C 492 7.65 2.51 -34.15
CA LYS C 492 7.87 1.14 -33.69
C LYS C 492 6.65 0.32 -34.03
N MET C 493 6.75 -0.99 -33.94
CA MET C 493 5.67 -1.87 -34.37
C MET C 493 5.53 -3.09 -33.47
N ILE C 494 4.33 -3.34 -32.98
CA ILE C 494 4.07 -4.55 -32.19
C ILE C 494 2.84 -5.29 -32.67
N PHE C 495 3.07 -6.50 -33.18
CA PHE C 495 2.03 -7.38 -33.69
C PHE C 495 1.58 -8.29 -32.58
N HIS C 496 0.28 -8.29 -32.35
CA HIS C 496 -0.32 -9.07 -31.27
C HIS C 496 -1.43 -10.01 -31.79
N PRO C 497 -1.04 -11.21 -32.24
CA PRO C 497 -1.91 -12.13 -32.99
C PRO C 497 -2.88 -12.94 -32.10
N GLU C 498 -3.65 -12.24 -31.29
CA GLU C 498 -4.68 -12.82 -30.44
C GLU C 498 -5.62 -11.67 -30.13
N PHE C 499 -6.86 -11.97 -29.76
CA PHE C 499 -7.81 -10.92 -29.45
C PHE C 499 -7.62 -10.48 -28.00
N LEU C 500 -7.62 -9.16 -27.79
CA LEU C 500 -7.38 -8.61 -26.46
C LEU C 500 -8.44 -9.02 -25.46
N ASN C 501 -8.02 -9.17 -24.23
CA ASN C 501 -8.86 -9.61 -23.14
C ASN C 501 -8.11 -9.26 -21.85
N ALA C 502 -8.81 -8.77 -20.84
CA ALA C 502 -8.15 -8.36 -19.60
C ALA C 502 -7.58 -9.47 -18.70
N ASN C 503 -7.22 -10.61 -19.28
CA ASN C 503 -6.53 -11.70 -18.56
C ASN C 503 -5.25 -12.03 -19.30
N ASN C 504 -4.96 -11.19 -20.29
CA ASN C 504 -3.76 -11.27 -21.11
C ASN C 504 -2.54 -10.95 -20.25
N PRO C 505 -1.74 -11.99 -19.93
CA PRO C 505 -0.58 -11.88 -19.06
C PRO C 505 0.32 -10.67 -19.31
N ILE C 506 0.40 -10.20 -20.55
CA ILE C 506 1.30 -9.06 -20.83
C ILE C 506 0.57 -7.73 -21.01
N LEU C 507 -0.71 -7.80 -21.30
CA LEU C 507 -1.51 -6.61 -21.56
C LEU C 507 -2.95 -6.81 -21.09
N GLY C 508 -3.11 -6.87 -19.77
CA GLY C 508 -4.39 -7.17 -19.13
C GLY C 508 -5.46 -6.10 -19.31
N LEU C 509 -5.81 -5.84 -20.57
CA LEU C 509 -6.87 -4.90 -20.93
C LEU C 509 -7.90 -5.57 -21.81
N ASP C 510 -9.18 -5.28 -21.59
CA ASP C 510 -10.20 -5.64 -22.55
C ASP C 510 -10.16 -4.67 -23.72
N TYR C 511 -10.54 -5.13 -24.90
CA TYR C 511 -10.36 -4.35 -26.10
C TYR C 511 -10.83 -2.90 -25.88
N ASP C 512 -12.08 -2.73 -25.47
CA ASP C 512 -12.64 -1.38 -25.32
C ASP C 512 -11.70 -0.45 -24.55
N GLU C 513 -11.07 -0.99 -23.50
CA GLU C 513 -10.12 -0.23 -22.67
C GLU C 513 -8.88 0.14 -23.45
N PHE C 514 -8.14 -0.87 -23.89
CA PHE C 514 -7.03 -0.65 -24.78
C PHE C 514 -7.36 0.47 -25.78
N VAL C 515 -8.58 0.49 -26.30
CA VAL C 515 -8.94 1.50 -27.27
C VAL C 515 -8.86 2.89 -26.66
N ARG C 516 -9.42 3.03 -25.44
CA ARG C 516 -9.40 4.31 -24.72
C ARG C 516 -7.96 4.77 -24.51
N GLY C 517 -7.09 3.80 -24.29
CA GLY C 517 -5.67 4.05 -24.15
C GLY C 517 -5.05 4.70 -25.37
N CYS C 518 -5.31 4.15 -26.56
CA CYS C 518 -4.61 4.66 -27.74
C CYS C 518 -5.06 6.06 -28.07
N HIS C 519 -4.40 6.66 -29.06
CA HIS C 519 -4.63 8.05 -29.42
C HIS C 519 -5.37 8.16 -30.72
N LEU C 520 -5.11 7.20 -31.61
CA LEU C 520 -5.60 7.24 -32.98
C LEU C 520 -5.74 5.84 -33.57
N GLY C 521 -6.95 5.48 -33.98
CA GLY C 521 -7.20 4.22 -34.65
C GLY C 521 -7.10 4.36 -36.15
N VAL C 522 -6.39 3.43 -36.79
CA VAL C 522 -6.16 3.48 -38.24
C VAL C 522 -6.62 2.18 -38.90
N PHE C 523 -7.67 2.25 -39.71
CA PHE C 523 -8.30 1.07 -40.31
C PHE C 523 -8.61 1.36 -41.79
N PRO C 524 -7.56 1.27 -42.65
CA PRO C 524 -7.68 1.73 -44.03
C PRO C 524 -8.29 0.68 -44.94
N SER C 525 -9.51 0.26 -44.61
CA SER C 525 -10.18 -0.84 -45.28
C SER C 525 -10.46 -0.59 -46.75
N TYR C 526 -10.39 -1.66 -47.53
CA TYR C 526 -10.80 -1.65 -48.92
C TYR C 526 -12.23 -2.18 -48.96
N TYR C 527 -12.45 -3.29 -48.25
CA TYR C 527 -13.79 -3.83 -48.14
C TYR C 527 -14.31 -3.87 -46.71
N GLU C 528 -15.16 -2.91 -46.39
CA GLU C 528 -15.85 -2.83 -45.10
C GLU C 528 -17.26 -2.29 -45.29
N PRO C 529 -18.26 -3.20 -45.34
CA PRO C 529 -19.68 -2.89 -45.43
C PRO C 529 -20.11 -1.81 -44.45
N TRP C 530 -19.75 -1.98 -43.17
CA TRP C 530 -19.92 -0.92 -42.18
C TRP C 530 -18.59 -0.67 -41.45
N GLY C 531 -18.29 -1.53 -40.47
CA GLY C 531 -17.02 -1.46 -39.73
C GLY C 531 -17.18 -0.95 -38.32
N TYR C 532 -17.36 -1.87 -37.38
CA TYR C 532 -17.55 -1.50 -35.97
C TYR C 532 -16.29 -0.90 -35.36
N THR C 533 -15.14 -1.34 -35.87
CA THR C 533 -13.84 -0.93 -35.38
C THR C 533 -13.71 0.59 -35.16
N PRO C 534 -13.92 1.42 -36.21
CA PRO C 534 -13.77 2.86 -35.99
C PRO C 534 -15.03 3.50 -35.42
N ALA C 535 -16.09 2.72 -35.27
CA ALA C 535 -17.33 3.26 -34.73
C ALA C 535 -17.17 3.38 -33.24
N GLU C 536 -16.87 2.25 -32.60
CA GLU C 536 -16.56 2.19 -31.17
C GLU C 536 -15.51 3.24 -30.83
N CYS C 537 -14.45 3.25 -31.63
CA CYS C 537 -13.41 4.25 -31.53
C CYS C 537 -13.98 5.66 -31.35
N THR C 538 -14.90 6.04 -32.24
CA THR C 538 -15.54 7.37 -32.23
C THR C 538 -16.50 7.58 -31.05
N VAL C 539 -17.18 6.50 -30.65
CA VAL C 539 -18.06 6.48 -29.48
C VAL C 539 -17.27 6.69 -28.20
N MET C 540 -15.96 6.44 -28.26
CA MET C 540 -15.11 6.54 -27.09
C MET C 540 -14.05 7.60 -27.22
N GLY C 541 -14.36 8.70 -27.91
CA GLY C 541 -13.44 9.82 -28.06
C GLY C 541 -12.11 9.60 -28.77
N VAL C 542 -11.87 8.40 -29.30
CA VAL C 542 -10.63 8.14 -30.04
C VAL C 542 -10.80 8.48 -31.53
N PRO C 543 -10.00 9.43 -32.03
CA PRO C 543 -10.04 9.77 -33.45
C PRO C 543 -9.69 8.56 -34.29
N SER C 544 -10.33 8.42 -35.44
CA SER C 544 -10.14 7.25 -36.31
C SER C 544 -9.89 7.65 -37.76
N ILE C 545 -9.02 6.89 -38.42
CA ILE C 545 -8.79 7.05 -39.87
C ILE C 545 -9.53 5.93 -40.61
N THR C 546 -10.39 6.32 -41.54
CA THR C 546 -11.12 5.36 -42.37
C THR C 546 -11.20 5.86 -43.84
N THR C 547 -11.74 5.02 -44.73
CA THR C 547 -11.72 5.28 -46.17
C THR C 547 -13.12 5.46 -46.71
N ASN C 548 -13.25 6.17 -47.83
CA ASN C 548 -14.55 6.40 -48.47
C ASN C 548 -15.29 5.11 -48.92
N VAL C 549 -14.54 4.07 -49.25
CA VAL C 549 -15.13 2.77 -49.63
C VAL C 549 -15.62 1.95 -48.42
N SER C 550 -15.47 2.53 -47.23
CA SER C 550 -15.93 1.91 -46.00
C SER C 550 -17.37 2.31 -45.76
N GLY C 551 -18.17 1.40 -45.19
CA GLY C 551 -19.56 1.69 -44.87
C GLY C 551 -19.65 2.90 -43.96
N PHE C 552 -19.18 2.70 -42.73
CA PHE C 552 -19.02 3.78 -41.74
C PHE C 552 -18.33 5.00 -42.34
N GLY C 553 -17.17 4.80 -42.96
CA GLY C 553 -16.41 5.91 -43.54
C GLY C 553 -17.30 6.84 -44.35
N SER C 554 -18.07 6.23 -45.26
CA SER C 554 -18.95 6.96 -46.18
C SER C 554 -20.13 7.59 -45.45
N TYR C 555 -20.58 6.91 -44.40
CA TYR C 555 -21.69 7.37 -43.58
C TYR C 555 -21.42 8.71 -42.90
N MET C 556 -20.19 8.92 -42.44
CA MET C 556 -19.79 10.19 -41.84
C MET C 556 -19.33 11.24 -42.88
N GLU C 557 -18.57 10.78 -43.88
CA GLU C 557 -18.10 11.62 -44.99
C GLU C 557 -19.27 12.44 -45.51
N ASP C 558 -20.45 11.83 -45.43
CA ASP C 558 -21.72 12.36 -45.90
C ASP C 558 -22.33 13.36 -44.89
N LEU C 559 -22.30 13.01 -43.61
CA LEU C 559 -22.90 13.83 -42.54
C LEU C 559 -22.18 15.14 -42.24
N ILE C 560 -20.84 15.11 -42.31
CA ILE C 560 -20.02 16.30 -42.14
C ILE C 560 -19.43 16.69 -43.49
N GLU C 561 -19.04 17.96 -43.62
CA GLU C 561 -18.17 18.36 -44.71
C GLU C 561 -16.79 17.75 -44.41
N THR C 562 -16.07 17.32 -45.46
CA THR C 562 -14.85 16.51 -45.29
C THR C 562 -13.65 17.20 -44.61
N ASN C 563 -13.47 18.49 -44.86
CA ASN C 563 -12.45 19.27 -44.15
C ASN C 563 -12.85 19.51 -42.69
N GLN C 564 -14.15 19.67 -42.47
CA GLN C 564 -14.73 19.76 -41.12
C GLN C 564 -14.58 18.46 -40.33
N ALA C 565 -14.71 17.32 -41.02
CA ALA C 565 -14.61 15.99 -40.41
C ALA C 565 -13.24 15.62 -39.83
N LYS C 566 -12.20 16.34 -40.26
CA LYS C 566 -10.86 16.23 -39.69
C LYS C 566 -10.84 16.76 -38.26
N ASP C 567 -11.46 17.92 -38.06
CA ASP C 567 -11.50 18.60 -36.77
C ASP C 567 -12.35 17.85 -35.74
N TYR C 568 -13.27 17.01 -36.22
CA TYR C 568 -14.11 16.18 -35.34
C TYR C 568 -13.49 14.80 -35.15
N GLY C 569 -12.25 14.65 -35.62
CA GLY C 569 -11.50 13.43 -35.41
C GLY C 569 -11.96 12.25 -36.25
N ILE C 570 -12.56 12.52 -37.41
CA ILE C 570 -12.83 11.45 -38.38
C ILE C 570 -12.11 11.72 -39.68
N TYR C 571 -11.00 11.02 -39.85
CA TYR C 571 -10.14 11.12 -41.02
C TYR C 571 -10.59 10.14 -42.10
N ILE C 572 -10.81 10.63 -43.31
CA ILE C 572 -11.26 9.77 -44.40
C ILE C 572 -10.29 9.83 -45.57
N VAL C 573 -9.78 8.67 -45.95
CA VAL C 573 -8.80 8.54 -47.04
C VAL C 573 -9.48 8.13 -48.34
N ASP C 574 -9.07 8.74 -49.43
CA ASP C 574 -9.67 8.53 -50.76
C ASP C 574 -9.18 7.24 -51.43
N ARG C 575 -10.00 6.19 -51.33
CA ARG C 575 -9.68 4.89 -51.93
C ARG C 575 -10.64 4.58 -53.07
N ARG C 576 -10.90 5.58 -53.90
CA ARG C 576 -11.80 5.45 -55.04
C ARG C 576 -11.33 6.34 -56.19
N PHE C 577 -10.98 7.59 -55.87
CA PHE C 577 -10.63 8.58 -56.89
C PHE C 577 -9.13 8.97 -56.83
N LYS C 578 -8.34 8.10 -56.21
CA LYS C 578 -6.89 8.23 -56.16
C LYS C 578 -6.26 6.85 -56.29
N ALA C 579 -5.12 6.77 -56.97
CA ALA C 579 -4.40 5.50 -57.12
C ALA C 579 -3.92 5.00 -55.74
N PRO C 580 -3.90 3.65 -55.54
CA PRO C 580 -3.38 3.07 -54.29
C PRO C 580 -1.94 3.47 -53.93
N ASP C 581 -1.47 4.60 -54.47
CA ASP C 581 -0.24 5.24 -54.01
C ASP C 581 -0.50 6.69 -53.58
N GLU C 582 -1.41 7.39 -54.26
CA GLU C 582 -1.88 8.68 -53.78
C GLU C 582 -2.75 8.45 -52.54
N SER C 583 -3.33 7.26 -52.47
CA SER C 583 -4.09 6.78 -51.32
C SER C 583 -3.20 6.64 -50.10
N VAL C 584 -2.15 5.84 -50.24
CA VAL C 584 -1.18 5.64 -49.18
C VAL C 584 -0.50 6.96 -48.80
N GLU C 585 -0.18 7.78 -49.80
CA GLU C 585 0.32 9.13 -49.55
C GLU C 585 -0.62 9.98 -48.71
N GLN C 586 -1.93 9.88 -48.98
CA GLN C 586 -2.94 10.59 -48.19
C GLN C 586 -2.90 10.16 -46.73
N LEU C 587 -3.02 8.86 -46.50
CA LEU C 587 -2.96 8.26 -45.17
C LEU C 587 -1.78 8.80 -44.37
N VAL C 588 -0.59 8.76 -44.96
CA VAL C 588 0.63 9.32 -44.32
C VAL C 588 0.47 10.81 -44.01
N ASP C 589 -0.06 11.59 -44.95
CA ASP C 589 -0.30 13.02 -44.73
C ASP C 589 -1.10 13.25 -43.45
N TYR C 590 -2.16 12.47 -43.28
CA TYR C 590 -3.00 12.50 -42.08
C TYR C 590 -2.19 12.25 -40.82
N MET C 591 -1.57 11.09 -40.76
CA MET C 591 -0.72 10.71 -39.63
C MET C 591 0.28 11.79 -39.25
N GLU C 592 1.05 12.28 -40.23
CA GLU C 592 2.03 13.36 -39.98
C GLU C 592 1.38 14.59 -39.37
N GLU C 593 0.22 14.97 -39.91
CA GLU C 593 -0.57 16.04 -39.35
C GLU C 593 -0.94 15.75 -37.88
N PHE C 594 -1.49 14.57 -37.62
CA PHE C 594 -1.94 14.18 -36.27
C PHE C 594 -0.84 14.19 -35.24
N VAL C 595 0.34 13.73 -35.66
CA VAL C 595 1.49 13.70 -34.77
C VAL C 595 1.89 15.12 -34.37
N LYS C 596 1.89 16.04 -35.34
CA LYS C 596 2.23 17.45 -35.11
C LYS C 596 1.40 18.11 -34.01
N LYS C 597 0.29 17.47 -33.67
CA LYS C 597 -0.63 17.96 -32.64
C LYS C 597 0.00 17.98 -31.26
N THR C 598 -0.25 19.05 -30.53
CA THR C 598 0.12 19.14 -29.13
C THR C 598 -0.94 18.40 -28.29
N ARG C 599 -0.65 18.19 -27.02
CA ARG C 599 -1.59 17.60 -26.09
C ARG C 599 -2.93 18.36 -26.10
N ARG C 600 -2.88 19.65 -25.75
CA ARG C 600 -4.10 20.46 -25.73
C ARG C 600 -4.96 20.13 -26.94
N GLN C 601 -4.34 20.10 -28.12
CA GLN C 601 -5.03 19.86 -29.39
C GLN C 601 -5.57 18.45 -29.52
N ARG C 602 -4.87 17.47 -28.96
CA ARG C 602 -5.37 16.09 -28.93
C ARG C 602 -6.58 15.99 -28.02
N ILE C 603 -6.51 16.65 -26.86
CA ILE C 603 -7.59 16.63 -25.87
C ILE C 603 -8.85 17.28 -26.41
N ASN C 604 -8.71 18.40 -27.13
CA ASN C 604 -9.84 19.08 -27.75
C ASN C 604 -10.49 18.24 -28.85
N GLN C 605 -9.66 17.71 -29.75
CA GLN C 605 -10.13 16.83 -30.82
C GLN C 605 -10.90 15.64 -30.23
N ARG C 606 -10.33 15.02 -29.20
CA ARG C 606 -10.98 13.88 -28.57
C ARG C 606 -12.38 14.22 -28.06
N ASN C 607 -12.52 15.44 -27.53
CA ASN C 607 -13.81 15.93 -27.07
C ASN C 607 -14.82 16.03 -28.22
N ALA C 608 -14.33 16.47 -29.37
CA ALA C 608 -15.19 16.63 -30.55
C ALA C 608 -15.62 15.27 -31.06
N THR C 609 -14.66 14.35 -31.21
CA THR C 609 -14.95 12.95 -31.57
C THR C 609 -16.03 12.39 -30.66
N GLU C 610 -15.86 12.60 -29.36
CA GLU C 610 -16.85 12.16 -28.38
C GLU C 610 -18.22 12.80 -28.59
N ALA C 611 -18.25 14.04 -29.08
CA ALA C 611 -19.53 14.71 -29.33
C ALA C 611 -20.43 13.90 -30.29
N LEU C 612 -19.79 13.27 -31.28
CA LEU C 612 -20.51 12.54 -32.32
C LEU C 612 -21.15 11.27 -31.77
N SER C 613 -21.00 11.02 -30.48
CA SER C 613 -21.47 9.77 -29.89
C SER C 613 -22.94 9.45 -30.10
N ASP C 614 -23.80 10.46 -30.11
CA ASP C 614 -25.25 10.23 -30.21
C ASP C 614 -25.71 9.89 -31.64
N LEU C 615 -24.88 10.22 -32.62
CA LEU C 615 -25.16 9.91 -34.03
C LEU C 615 -24.98 8.43 -34.36
N LEU C 616 -24.26 7.71 -33.50
CA LEU C 616 -24.02 6.27 -33.69
C LEU C 616 -24.83 5.44 -32.70
N ASP C 617 -25.80 6.07 -32.05
CA ASP C 617 -26.54 5.49 -30.94
C ASP C 617 -27.78 4.70 -31.42
N TRP C 618 -28.02 3.51 -30.85
CA TRP C 618 -29.22 2.71 -31.17
C TRP C 618 -30.53 3.45 -30.92
N LYS C 619 -30.48 4.46 -30.04
CA LYS C 619 -31.64 5.35 -29.79
C LYS C 619 -32.00 6.17 -31.03
N ARG C 620 -31.09 6.19 -32.00
CA ARG C 620 -31.27 6.97 -33.21
C ARG C 620 -31.16 6.10 -34.48
N MET C 621 -30.33 5.05 -34.41
CA MET C 621 -30.16 4.10 -35.52
C MET C 621 -31.26 3.04 -35.56
N GLY C 622 -31.95 2.85 -34.44
CA GLY C 622 -32.96 1.79 -34.33
C GLY C 622 -34.29 2.18 -34.89
N LEU C 623 -34.40 3.44 -35.33
CA LEU C 623 -35.61 3.96 -35.98
C LEU C 623 -35.73 3.44 -37.41
N GLU C 624 -34.59 3.12 -38.02
CA GLU C 624 -34.56 2.48 -39.33
C GLU C 624 -35.15 1.08 -39.25
N TYR C 625 -34.78 0.34 -38.23
CA TYR C 625 -35.35 -1.00 -38.02
C TYR C 625 -36.86 -0.93 -37.93
N VAL C 626 -37.37 0.07 -37.22
CA VAL C 626 -38.81 0.31 -37.17
C VAL C 626 -39.37 0.52 -38.59
N LYS C 627 -38.73 1.40 -39.35
CA LYS C 627 -39.14 1.69 -40.73
C LYS C 627 -39.19 0.43 -41.61
N ALA C 628 -38.21 -0.46 -41.43
CA ALA C 628 -38.12 -1.68 -42.22
C ALA C 628 -39.12 -2.71 -41.74
N ARG C 629 -39.43 -2.70 -40.46
CA ARG C 629 -40.46 -3.60 -39.99
C ARG C 629 -41.82 -3.13 -40.50
N GLN C 630 -42.03 -1.82 -40.47
CA GLN C 630 -43.28 -1.23 -40.93
C GLN C 630 -43.50 -1.44 -42.43
N LEU C 631 -42.42 -1.45 -43.21
CA LEU C 631 -42.55 -1.63 -44.66
C LEU C 631 -43.00 -3.04 -44.98
N ALA C 632 -42.45 -4.01 -44.25
CA ALA C 632 -42.86 -5.41 -44.34
C ALA C 632 -44.36 -5.58 -44.08
N LEU C 633 -44.88 -4.85 -43.09
CA LEU C 633 -46.29 -4.91 -42.77
C LEU C 633 -47.18 -4.29 -43.84
N ARG C 634 -46.72 -3.19 -44.43
CA ARG C 634 -47.46 -2.49 -45.51
C ARG C 634 -47.40 -3.29 -46.80
N ARG C 635 -46.32 -4.06 -46.96
CA ARG C 635 -46.18 -4.90 -48.13
C ARG C 635 -47.01 -6.17 -48.03
N GLY C 636 -47.05 -6.74 -46.84
CA GLY C 636 -47.80 -7.96 -46.57
C GLY C 636 -49.30 -7.82 -46.29
N TYR C 637 -49.77 -6.61 -45.98
CA TYR C 637 -51.18 -6.43 -45.64
C TYR C 637 -51.81 -5.12 -46.17
N PRO C 638 -51.66 -4.85 -47.49
CA PRO C 638 -52.03 -3.54 -48.07
C PRO C 638 -53.43 -3.07 -47.69
N ASP C 639 -54.33 -4.02 -47.44
CA ASP C 639 -55.74 -3.74 -47.13
C ASP C 639 -55.94 -3.16 -45.74
N GLN C 640 -55.34 -3.81 -44.76
CA GLN C 640 -55.50 -3.42 -43.35
C GLN C 640 -54.73 -2.15 -43.07
N PHE C 641 -53.51 -2.08 -43.60
CA PHE C 641 -52.66 -0.92 -43.50
C PHE C 641 -53.36 0.28 -44.15
N ARG C 642 -53.94 0.05 -45.32
CA ARG C 642 -54.70 1.08 -46.04
C ARG C 642 -55.83 1.66 -45.20
N GLU C 643 -56.53 0.79 -44.47
CA GLU C 643 -57.65 1.22 -43.64
C GLU C 643 -57.22 1.64 -42.24
N LEU C 644 -55.92 1.59 -41.98
CA LEU C 644 -55.37 2.01 -40.68
C LEU C 644 -54.90 3.46 -40.71
N VAL C 645 -54.35 3.87 -41.86
CA VAL C 645 -53.83 5.23 -42.02
C VAL C 645 -54.83 6.09 -42.83
N GLY C 646 -55.77 5.42 -43.50
CA GLY C 646 -56.80 6.11 -44.30
C GLY C 646 -56.34 6.37 -45.71
N GLU C 647 -55.10 5.98 -46.01
CA GLU C 647 -54.48 6.21 -47.32
C GLU C 647 -53.76 4.98 -47.85
N GLU C 648 -53.47 4.99 -49.14
CA GLU C 648 -52.64 3.97 -49.79
C GLU C 648 -51.20 4.46 -49.94
N LEU C 649 -50.34 4.15 -48.95
CA LEU C 649 -48.99 4.74 -48.85
C LEU C 649 -47.90 4.13 -49.75
N ASN C 650 -47.11 5.02 -50.36
CA ASN C 650 -46.02 4.66 -51.27
C ASN C 650 -45.10 3.66 -50.62
N ASP C 651 -45.00 2.47 -51.20
CA ASP C 651 -44.23 1.43 -50.55
C ASP C 651 -43.09 0.89 -51.40
N SER C 652 -42.62 1.71 -52.34
CA SER C 652 -41.45 1.36 -53.15
C SER C 652 -40.19 1.09 -52.32
N ASN C 653 -40.04 1.78 -51.19
CA ASN C 653 -38.91 1.57 -50.26
C ASN C 653 -39.26 2.06 -48.84
N MET C 654 -38.30 1.96 -47.91
CA MET C 654 -38.55 2.35 -46.51
C MET C 654 -38.79 3.86 -46.31
N ASP C 655 -37.96 4.70 -46.93
CA ASP C 655 -38.09 6.16 -46.87
C ASP C 655 -39.43 6.62 -47.43
N ALA C 656 -39.85 6.01 -48.54
CA ALA C 656 -41.08 6.36 -49.23
C ALA C 656 -42.32 6.20 -48.36
N LEU C 657 -42.38 5.13 -47.58
CA LEU C 657 -43.51 4.87 -46.68
C LEU C 657 -43.59 5.80 -45.45
N ALA C 658 -42.44 6.13 -44.85
CA ALA C 658 -42.39 7.08 -43.71
C ALA C 658 -41.79 8.44 -44.08
N SER D 21 -17.17 -43.49 55.52
CA SER D 21 -18.56 -43.09 55.16
C SER D 21 -18.59 -42.23 53.90
N ARG D 22 -17.70 -41.25 53.84
CA ARG D 22 -17.65 -40.28 52.73
C ARG D 22 -16.37 -40.44 51.92
N ASP D 23 -16.51 -40.44 50.59
CA ASP D 23 -15.37 -40.62 49.68
C ASP D 23 -14.59 -39.33 49.47
N LEU D 24 -13.27 -39.41 49.69
CA LEU D 24 -12.39 -38.26 49.55
C LEU D 24 -11.86 -38.11 48.12
N GLN D 25 -11.86 -39.22 47.37
CA GLN D 25 -11.52 -39.22 45.94
C GLN D 25 -12.53 -38.37 45.14
N ASN D 26 -13.70 -38.94 44.87
CA ASN D 26 -14.78 -38.18 44.27
C ASN D 26 -15.42 -37.30 45.33
N HIS D 27 -14.89 -36.08 45.47
CA HIS D 27 -15.36 -35.11 46.44
C HIS D 27 -15.81 -33.81 45.77
N LEU D 28 -16.71 -33.08 46.42
CA LEU D 28 -17.22 -31.82 45.88
C LEU D 28 -16.39 -30.63 46.35
N LEU D 29 -16.55 -29.50 45.65
CA LEU D 29 -15.82 -28.27 45.97
C LEU D 29 -16.71 -27.04 45.83
N PHE D 30 -16.72 -26.21 46.88
CA PHE D 30 -17.57 -25.03 46.94
C PHE D 30 -16.80 -23.76 47.29
N GLU D 31 -16.54 -22.94 46.28
CA GLU D 31 -15.73 -21.73 46.42
C GLU D 31 -16.61 -20.50 46.61
N THR D 32 -16.30 -19.69 47.62
CA THR D 32 -17.14 -18.55 47.99
C THR D 32 -16.34 -17.27 48.23
N ALA D 33 -16.73 -16.21 47.52
CA ALA D 33 -16.24 -14.86 47.77
C ALA D 33 -17.35 -13.87 47.40
N THR D 34 -17.09 -12.58 47.58
CA THR D 34 -18.02 -11.55 47.14
C THR D 34 -17.91 -11.37 45.63
N GLU D 35 -16.68 -11.15 45.17
CA GLU D 35 -16.40 -10.89 43.76
C GLU D 35 -16.65 -12.10 42.86
N VAL D 36 -17.90 -12.34 42.51
CA VAL D 36 -18.23 -13.44 41.60
C VAL D 36 -18.74 -12.89 40.26
N ALA D 37 -20.05 -12.67 40.15
CA ALA D 37 -20.62 -12.11 38.93
C ALA D 37 -20.41 -10.60 38.85
N ASN D 38 -19.66 -10.06 39.81
CA ASN D 38 -19.37 -8.64 39.86
C ASN D 38 -17.94 -8.31 40.30
N ARG D 39 -17.28 -7.50 39.49
CA ARG D 39 -15.92 -7.06 39.75
C ARG D 39 -15.91 -5.96 40.83
N VAL D 40 -15.46 -6.32 42.03
CA VAL D 40 -15.36 -5.35 43.12
C VAL D 40 -13.91 -5.16 43.59
N GLY D 41 -12.99 -5.97 43.06
CA GLY D 41 -11.58 -5.88 43.44
C GLY D 41 -10.67 -6.89 42.77
N GLY D 42 -9.48 -7.06 43.36
CA GLY D 42 -8.46 -7.96 42.82
C GLY D 42 -8.84 -9.42 42.89
N ILE D 43 -9.77 -9.75 43.79
CA ILE D 43 -10.26 -11.11 43.97
C ILE D 43 -10.94 -11.63 42.70
N TYR D 44 -11.74 -10.77 42.07
CA TYR D 44 -12.52 -11.12 40.87
C TYR D 44 -11.69 -11.88 39.85
N SER D 45 -10.55 -11.30 39.49
CA SER D 45 -9.72 -11.82 38.41
C SER D 45 -8.96 -13.11 38.78
N VAL D 46 -8.77 -13.34 40.09
CA VAL D 46 -8.11 -14.58 40.56
C VAL D 46 -8.99 -15.79 40.29
N LEU D 47 -10.24 -15.70 40.73
CA LEU D 47 -11.22 -16.76 40.54
C LEU D 47 -11.50 -16.98 39.05
N LYS D 48 -11.67 -15.88 38.33
CA LYS D 48 -11.96 -15.87 36.90
C LYS D 48 -10.95 -16.71 36.12
N SER D 49 -9.66 -16.43 36.35
CA SER D 49 -8.60 -17.12 35.61
C SER D 49 -8.40 -18.54 36.11
N LYS D 50 -8.84 -18.79 37.34
CA LYS D 50 -8.67 -20.11 37.99
C LYS D 50 -9.69 -21.13 37.52
N ALA D 51 -10.93 -20.71 37.33
CA ALA D 51 -11.97 -21.59 36.79
C ALA D 51 -11.46 -22.59 35.75
N PRO D 52 -10.81 -22.11 34.65
CA PRO D 52 -10.25 -23.07 33.68
C PRO D 52 -9.55 -24.27 34.31
N ILE D 53 -8.59 -24.00 35.20
CA ILE D 53 -7.78 -25.05 35.84
C ILE D 53 -8.57 -25.93 36.83
N THR D 54 -9.55 -25.36 37.53
CA THR D 54 -10.33 -26.15 38.50
C THR D 54 -11.45 -26.96 37.83
N VAL D 55 -12.21 -26.33 36.93
CA VAL D 55 -13.28 -27.01 36.19
C VAL D 55 -12.76 -28.22 35.39
N ALA D 56 -11.51 -28.14 34.93
CA ALA D 56 -10.86 -29.24 34.21
C ALA D 56 -10.67 -30.48 35.09
N GLN D 57 -10.73 -30.28 36.40
CA GLN D 57 -10.58 -31.35 37.37
C GLN D 57 -11.93 -31.87 37.90
N TYR D 58 -12.82 -30.94 38.25
CA TYR D 58 -14.08 -31.28 38.91
C TYR D 58 -15.27 -31.37 37.96
N LYS D 59 -15.19 -30.62 36.86
CA LYS D 59 -16.17 -30.65 35.76
C LYS D 59 -17.52 -30.06 36.17
N ASP D 60 -18.23 -30.78 37.05
CA ASP D 60 -19.51 -30.33 37.59
C ASP D 60 -19.57 -30.56 39.10
N HIS D 61 -18.50 -31.13 39.64
CA HIS D 61 -18.30 -31.25 41.10
C HIS D 61 -17.88 -29.91 41.70
N TYR D 62 -17.52 -28.96 40.83
CA TYR D 62 -17.12 -27.61 41.22
C TYR D 62 -18.28 -26.63 41.13
N HIS D 63 -18.54 -25.94 42.25
CA HIS D 63 -19.56 -24.90 42.29
C HIS D 63 -19.06 -23.66 43.03
N LEU D 64 -19.32 -22.49 42.46
CA LEU D 64 -18.97 -21.21 43.07
C LEU D 64 -20.18 -20.57 43.74
N ILE D 65 -19.94 -19.80 44.80
CA ILE D 65 -21.01 -19.15 45.55
C ILE D 65 -20.71 -17.67 45.78
N GLY D 66 -21.71 -16.82 45.54
CA GLY D 66 -21.58 -15.39 45.77
C GLY D 66 -22.91 -14.66 45.81
N PRO D 67 -22.91 -13.39 46.29
CA PRO D 67 -24.11 -12.54 46.29
C PRO D 67 -24.55 -12.15 44.89
N LEU D 68 -25.86 -12.12 44.66
CA LEU D 68 -26.41 -11.77 43.36
C LEU D 68 -26.31 -10.28 43.11
N ASN D 69 -25.51 -9.90 42.12
CA ASN D 69 -25.41 -8.52 41.74
C ASN D 69 -26.58 -8.15 40.83
N LYS D 70 -27.68 -7.74 41.46
CA LYS D 70 -28.91 -7.31 40.78
C LYS D 70 -28.68 -6.53 39.49
N ALA D 71 -27.76 -5.57 39.53
CA ALA D 71 -27.47 -4.71 38.39
C ALA D 71 -26.78 -5.43 37.23
N THR D 72 -25.56 -5.94 37.46
CA THR D 72 -24.68 -6.35 36.36
C THR D 72 -24.63 -7.85 36.05
N TYR D 73 -25.33 -8.66 36.85
CA TYR D 73 -25.31 -10.11 36.65
C TYR D 73 -25.95 -10.55 35.33
N GLN D 74 -26.93 -9.77 34.86
CA GLN D 74 -27.67 -10.05 33.63
C GLN D 74 -26.73 -10.22 32.42
N ASN D 75 -25.56 -9.59 32.49
CA ASN D 75 -24.53 -9.71 31.45
C ASN D 75 -23.61 -10.91 31.70
N GLU D 76 -23.11 -11.00 32.93
CA GLU D 76 -22.08 -11.97 33.31
C GLU D 76 -22.57 -13.41 33.31
N VAL D 77 -23.78 -13.61 33.81
CA VAL D 77 -24.27 -14.95 34.09
C VAL D 77 -25.10 -15.53 32.96
N ASP D 78 -24.71 -16.74 32.53
CA ASP D 78 -25.49 -17.55 31.61
C ASP D 78 -26.62 -18.23 32.42
N ILE D 79 -27.75 -17.53 32.54
CA ILE D 79 -28.89 -17.96 33.35
C ILE D 79 -29.45 -19.30 32.84
N LEU D 80 -29.52 -20.30 33.72
CA LEU D 80 -29.98 -21.64 33.34
C LEU D 80 -31.14 -22.16 34.18
N ASP D 81 -31.94 -23.05 33.58
CA ASP D 81 -33.01 -23.73 34.30
C ASP D 81 -32.45 -24.86 35.17
N TRP D 82 -32.55 -24.65 36.47
CA TRP D 82 -32.05 -25.58 37.48
C TRP D 82 -33.11 -26.61 37.88
N LYS D 83 -34.32 -26.43 37.35
CA LYS D 83 -35.47 -27.27 37.67
C LYS D 83 -35.50 -28.58 36.87
N LYS D 84 -34.92 -28.56 35.68
CA LYS D 84 -34.79 -29.74 34.81
C LYS D 84 -34.22 -30.96 35.54
N PRO D 85 -34.67 -32.17 35.16
CA PRO D 85 -34.01 -33.39 35.64
C PRO D 85 -32.70 -33.62 34.90
N GLU D 86 -32.56 -32.99 33.72
CA GLU D 86 -31.34 -33.01 32.93
C GLU D 86 -30.30 -32.04 33.49
N ALA D 87 -30.76 -31.02 34.21
CA ALA D 87 -29.91 -29.97 34.78
C ALA D 87 -28.79 -30.50 35.68
N PHE D 88 -28.90 -31.78 36.07
CA PHE D 88 -27.83 -32.48 36.78
C PHE D 88 -27.77 -33.93 36.29
N SER D 89 -26.89 -34.72 36.91
CA SER D 89 -26.83 -36.16 36.64
C SER D 89 -27.47 -36.93 37.79
N ASP D 90 -26.89 -38.08 38.13
CA ASP D 90 -27.42 -38.93 39.21
C ASP D 90 -26.76 -38.65 40.57
N GLU D 91 -25.43 -38.71 40.60
CA GLU D 91 -24.67 -38.47 41.82
C GLU D 91 -24.65 -36.99 42.22
N MET D 92 -25.08 -36.13 41.30
CA MET D 92 -25.18 -34.69 41.56
C MET D 92 -26.63 -34.26 41.76
N ARG D 93 -27.42 -35.16 42.35
CA ARG D 93 -28.80 -34.89 42.74
C ARG D 93 -28.95 -34.14 44.08
N PRO D 94 -28.04 -34.37 45.05
CA PRO D 94 -28.15 -33.71 46.35
C PRO D 94 -28.26 -32.19 46.25
N VAL D 95 -27.65 -31.62 45.22
CA VAL D 95 -27.73 -30.18 44.95
C VAL D 95 -29.16 -29.82 44.52
N GLN D 96 -29.69 -30.55 43.54
CA GLN D 96 -31.05 -30.38 43.03
C GLN D 96 -32.10 -30.27 44.15
N HIS D 97 -32.00 -31.15 45.15
CA HIS D 97 -32.93 -31.15 46.29
C HIS D 97 -32.67 -29.99 47.24
N ALA D 98 -31.40 -29.69 47.50
CA ALA D 98 -31.00 -28.62 48.41
C ALA D 98 -31.27 -27.22 47.85
N LEU D 99 -31.34 -27.10 46.52
CA LEU D 99 -31.69 -25.85 45.86
C LEU D 99 -33.19 -25.55 46.01
N GLN D 100 -34.01 -26.59 45.83
CA GLN D 100 -35.45 -26.46 46.01
C GLN D 100 -35.83 -26.30 47.48
N THR D 101 -34.96 -26.81 48.38
CA THR D 101 -35.08 -26.60 49.83
C THR D 101 -34.97 -25.12 50.18
N MET D 102 -34.21 -24.38 49.40
CA MET D 102 -34.09 -22.93 49.59
C MET D 102 -35.26 -22.22 48.93
N GLU D 103 -35.78 -22.77 47.83
CA GLU D 103 -36.98 -22.25 47.19
C GLU D 103 -38.23 -22.60 48.01
N SER D 104 -38.12 -23.65 48.81
CA SER D 104 -39.17 -24.05 49.76
C SER D 104 -39.13 -23.17 51.01
N ARG D 105 -38.33 -22.11 50.98
CA ARG D 105 -38.27 -21.12 52.07
C ARG D 105 -38.49 -19.70 51.55
N GLY D 106 -38.53 -19.54 50.22
CA GLY D 106 -38.74 -18.24 49.57
C GLY D 106 -37.46 -17.52 49.21
N VAL D 107 -36.33 -18.24 49.28
CA VAL D 107 -35.00 -17.69 48.99
C VAL D 107 -34.74 -17.69 47.48
N HIS D 108 -34.73 -16.51 46.88
CA HIS D 108 -34.42 -16.36 45.45
C HIS D 108 -32.91 -16.40 45.22
N PHE D 109 -32.49 -17.05 44.13
CA PHE D 109 -31.08 -17.16 43.76
C PHE D 109 -30.93 -17.52 42.27
N VAL D 110 -29.92 -16.97 41.62
CA VAL D 110 -29.69 -17.22 40.19
C VAL D 110 -28.62 -18.29 39.96
N TYR D 111 -28.98 -19.32 39.19
CA TYR D 111 -28.09 -20.42 38.85
C TYR D 111 -27.79 -20.40 37.35
N GLY D 112 -26.67 -21.00 36.98
CA GLY D 112 -26.32 -21.21 35.58
C GLY D 112 -24.84 -21.35 35.32
N ARG D 113 -24.31 -20.46 34.50
CA ARG D 113 -22.90 -20.43 34.17
C ARG D 113 -22.33 -19.03 34.07
N TRP D 114 -21.03 -18.92 34.30
CA TRP D 114 -20.33 -17.66 34.15
C TRP D 114 -19.82 -17.60 32.72
N LEU D 115 -20.04 -16.47 32.05
CA LEU D 115 -19.58 -16.30 30.67
C LEU D 115 -18.08 -16.00 30.56
N ILE D 116 -17.27 -16.94 31.07
CA ILE D 116 -15.80 -16.89 31.00
C ILE D 116 -15.23 -18.26 30.67
N GLU D 117 -14.00 -18.28 30.15
CA GLU D 117 -13.32 -19.53 29.78
C GLU D 117 -13.36 -20.56 30.90
N GLY D 118 -13.62 -21.81 30.52
CA GLY D 118 -13.78 -22.89 31.49
C GLY D 118 -15.23 -23.03 31.95
N ALA D 119 -16.03 -22.01 31.68
CA ALA D 119 -17.47 -21.98 32.00
C ALA D 119 -17.82 -22.66 33.32
N PRO D 120 -17.52 -22.00 34.45
CA PRO D 120 -17.84 -22.56 35.76
C PRO D 120 -19.31 -22.34 36.14
N LYS D 121 -19.82 -23.19 37.03
CA LYS D 121 -21.24 -23.18 37.40
C LYS D 121 -21.48 -22.41 38.70
N VAL D 122 -22.45 -21.50 38.69
CA VAL D 122 -22.59 -20.50 39.75
C VAL D 122 -23.91 -20.57 40.52
N ILE D 123 -23.84 -20.23 41.81
CA ILE D 123 -25.02 -20.06 42.65
C ILE D 123 -24.94 -18.69 43.32
N LEU D 124 -25.79 -17.76 42.86
CA LEU D 124 -25.69 -16.36 43.24
C LEU D 124 -26.90 -15.90 44.05
N PHE D 125 -26.80 -15.98 45.37
CA PHE D 125 -27.92 -15.72 46.27
C PHE D 125 -28.35 -14.26 46.30
N ASP D 126 -29.64 -14.04 46.05
CA ASP D 126 -30.25 -12.73 46.20
C ASP D 126 -30.44 -12.44 47.69
N LEU D 127 -29.78 -11.40 48.17
CA LEU D 127 -29.81 -11.03 49.58
C LEU D 127 -31.03 -10.17 49.94
N ASP D 128 -31.78 -9.77 48.93
CA ASP D 128 -33.07 -9.10 49.12
C ASP D 128 -34.11 -10.08 49.66
N SER D 129 -34.06 -11.34 49.19
CA SER D 129 -34.97 -12.37 49.65
C SER D 129 -34.41 -13.09 50.88
N VAL D 130 -34.00 -12.30 51.88
CA VAL D 130 -33.47 -12.80 53.14
C VAL D 130 -33.23 -11.63 54.13
N ARG D 131 -33.51 -10.42 53.67
CA ARG D 131 -33.27 -9.17 54.40
C ARG D 131 -33.97 -9.08 55.77
N GLY D 132 -35.21 -9.57 55.85
CA GLY D 132 -35.99 -9.53 57.08
C GLY D 132 -35.39 -10.29 58.26
N TYR D 133 -34.51 -11.23 57.95
CA TYR D 133 -33.90 -12.10 58.96
C TYR D 133 -32.67 -11.48 59.59
N SER D 134 -32.37 -10.24 59.22
CA SER D 134 -31.17 -9.54 59.68
C SER D 134 -31.13 -9.36 61.19
N ASN D 135 -32.10 -8.64 61.74
CA ASN D 135 -32.15 -8.33 63.17
C ASN D 135 -32.06 -9.56 64.07
N GLU D 136 -32.55 -10.69 63.56
CA GLU D 136 -32.43 -11.98 64.24
C GLU D 136 -31.00 -12.51 64.18
N TRP D 137 -30.40 -12.43 62.99
CA TRP D 137 -29.04 -12.94 62.78
C TRP D 137 -27.97 -12.02 63.38
N LYS D 138 -28.17 -10.70 63.24
CA LYS D 138 -27.21 -9.70 63.74
C LYS D 138 -26.97 -9.84 65.24
N GLY D 139 -28.04 -10.11 65.97
CA GLY D 139 -27.94 -10.43 67.40
C GLY D 139 -27.36 -11.81 67.60
N ASP D 140 -27.74 -12.75 66.73
CA ASP D 140 -27.29 -14.14 66.84
C ASP D 140 -25.77 -14.24 66.78
N LEU D 141 -25.15 -13.39 65.97
CA LEU D 141 -23.69 -13.32 65.91
C LEU D 141 -23.10 -12.70 67.17
N TRP D 142 -23.79 -11.68 67.70
CA TRP D 142 -23.37 -11.00 68.94
C TRP D 142 -23.41 -11.94 70.14
N SER D 143 -24.27 -12.94 70.09
CA SER D 143 -24.36 -13.95 71.15
C SER D 143 -23.53 -15.21 70.86
N LEU D 144 -23.46 -15.61 69.59
CA LEU D 144 -22.76 -16.85 69.21
C LEU D 144 -21.24 -16.66 69.18
N VAL D 145 -20.77 -15.55 68.61
CA VAL D 145 -19.35 -15.24 68.51
C VAL D 145 -18.97 -14.00 69.32
N GLY D 146 -19.80 -12.97 69.24
CA GLY D 146 -19.58 -11.71 69.97
C GLY D 146 -19.20 -10.56 69.08
N ILE D 147 -19.86 -10.43 67.93
CA ILE D 147 -19.52 -9.44 66.92
C ILE D 147 -20.56 -8.32 66.85
N PRO D 148 -20.17 -7.09 67.28
CA PRO D 148 -21.06 -5.93 67.22
C PRO D 148 -21.37 -5.55 65.78
N SER D 149 -22.53 -4.96 65.54
CA SER D 149 -22.94 -4.64 64.18
C SER D 149 -23.75 -3.35 64.06
N PRO D 150 -23.06 -2.20 63.98
CA PRO D 150 -23.77 -0.98 63.60
C PRO D 150 -24.31 -1.14 62.17
N GLU D 151 -25.61 -0.88 62.00
CA GLU D 151 -26.27 -1.17 60.73
C GLU D 151 -26.24 0.00 59.73
N ASN D 152 -25.51 1.06 60.07
CA ASN D 152 -25.20 2.11 59.09
C ASN D 152 -24.23 1.57 58.04
N ASP D 153 -23.43 0.59 58.47
CA ASP D 153 -22.50 -0.14 57.62
C ASP D 153 -23.24 -1.07 56.66
N PHE D 154 -23.69 -0.50 55.53
CA PHE D 154 -24.33 -1.24 54.44
C PHE D 154 -23.64 -2.56 54.10
N GLU D 155 -22.34 -2.64 54.40
CA GLU D 155 -21.47 -3.73 53.94
C GLU D 155 -21.36 -4.94 54.88
N THR D 156 -21.22 -4.71 56.18
CA THR D 156 -21.18 -5.82 57.16
C THR D 156 -22.50 -6.59 57.23
N ASN D 157 -23.59 -5.86 57.05
CA ASN D 157 -24.93 -6.44 57.00
C ASN D 157 -25.06 -7.38 55.81
N ASP D 158 -24.56 -6.94 54.65
CA ASP D 158 -24.57 -7.74 53.42
C ASP D 158 -23.64 -8.96 53.49
N ALA D 159 -22.69 -8.92 54.42
CA ALA D 159 -21.77 -10.02 54.62
C ALA D 159 -22.41 -11.10 55.50
N ILE D 160 -23.05 -10.66 56.59
CA ILE D 160 -23.73 -11.56 57.52
C ILE D 160 -24.83 -12.34 56.80
N LEU D 161 -25.67 -11.61 56.07
CA LEU D 161 -26.73 -12.20 55.26
C LEU D 161 -26.20 -13.32 54.36
N LEU D 162 -25.02 -13.10 53.75
CA LEU D 162 -24.37 -14.10 52.93
C LEU D 162 -23.88 -15.28 53.76
N GLY D 163 -23.09 -14.99 54.80
CA GLY D 163 -22.57 -16.02 55.69
C GLY D 163 -23.62 -17.05 56.10
N TYR D 164 -24.77 -16.56 56.55
CA TYR D 164 -25.86 -17.41 57.03
C TYR D 164 -26.58 -18.19 55.94
N THR D 165 -26.93 -17.51 54.86
CA THR D 165 -27.57 -18.14 53.70
C THR D 165 -26.72 -19.29 53.17
N VAL D 166 -25.40 -19.08 53.14
CA VAL D 166 -24.43 -20.08 52.68
C VAL D 166 -24.35 -21.24 53.67
N ALA D 167 -24.33 -20.93 54.96
CA ALA D 167 -24.34 -21.96 56.00
C ALA D 167 -25.64 -22.77 55.97
N TRP D 168 -26.76 -22.07 55.75
CA TRP D 168 -28.08 -22.70 55.61
C TRP D 168 -28.13 -23.58 54.38
N PHE D 169 -27.26 -23.28 53.41
CA PHE D 169 -27.15 -24.05 52.18
C PHE D 169 -26.25 -25.28 52.38
N LEU D 170 -25.01 -25.04 52.79
CA LEU D 170 -24.01 -26.12 52.95
C LEU D 170 -24.36 -27.16 54.01
N GLY D 171 -25.12 -26.73 55.03
CA GLY D 171 -25.64 -27.64 56.03
C GLY D 171 -26.65 -28.61 55.44
N GLU D 172 -27.55 -28.08 54.61
CA GLU D 172 -28.61 -28.87 53.97
C GLU D 172 -28.10 -29.81 52.88
N VAL D 173 -26.87 -29.60 52.42
CA VAL D 173 -26.26 -30.47 51.41
C VAL D 173 -25.44 -31.59 52.05
N ALA D 174 -24.68 -31.26 53.10
CA ALA D 174 -23.88 -32.25 53.84
C ALA D 174 -24.77 -33.34 54.43
N HIS D 175 -26.03 -32.96 54.68
CA HIS D 175 -27.07 -33.85 55.16
C HIS D 175 -27.61 -34.72 54.02
N LEU D 176 -27.95 -34.09 52.89
CA LEU D 176 -28.52 -34.77 51.73
C LEU D 176 -27.51 -35.69 51.02
N ASP D 177 -26.33 -35.17 50.71
CA ASP D 177 -25.29 -35.95 50.07
C ASP D 177 -24.40 -36.60 51.12
N SER D 178 -24.24 -37.91 51.00
CA SER D 178 -23.45 -38.70 51.95
C SER D 178 -22.34 -39.52 51.29
N GLN D 179 -22.28 -39.48 49.96
CA GLN D 179 -21.23 -40.16 49.20
C GLN D 179 -19.96 -39.31 49.15
N HIS D 180 -20.06 -38.15 48.51
CA HIS D 180 -18.94 -37.23 48.35
C HIS D 180 -18.56 -36.60 49.70
N ALA D 181 -17.27 -36.33 49.89
CA ALA D 181 -16.81 -35.46 50.96
C ALA D 181 -16.89 -34.03 50.46
N ILE D 182 -17.38 -33.11 51.28
CA ILE D 182 -17.61 -31.75 50.82
C ILE D 182 -16.56 -30.75 51.34
N VAL D 183 -16.01 -29.97 50.41
CA VAL D 183 -14.99 -28.94 50.70
C VAL D 183 -15.52 -27.54 50.38
N ALA D 184 -15.31 -26.60 51.31
CA ALA D 184 -15.77 -25.21 51.15
C ALA D 184 -14.63 -24.19 51.29
N HIS D 185 -14.34 -23.49 50.20
CA HIS D 185 -13.26 -22.51 50.17
C HIS D 185 -13.81 -21.11 50.31
N PHE D 186 -13.26 -20.35 51.24
CA PHE D 186 -13.75 -19.01 51.50
C PHE D 186 -12.68 -17.96 51.31
N HIS D 187 -13.03 -16.92 50.56
CA HIS D 187 -12.10 -15.85 50.22
C HIS D 187 -12.51 -14.52 50.83
N GLU D 188 -11.59 -13.98 51.62
CA GLU D 188 -11.72 -12.66 52.26
C GLU D 188 -12.69 -12.67 53.43
N TRP D 189 -12.53 -11.69 54.32
CA TRP D 189 -13.37 -11.57 55.51
C TRP D 189 -14.85 -11.35 55.22
N LEU D 190 -15.16 -10.84 54.04
CA LEU D 190 -16.55 -10.61 53.63
C LEU D 190 -17.37 -11.90 53.42
N ALA D 191 -16.74 -12.91 52.81
CA ALA D 191 -17.41 -14.19 52.56
C ALA D 191 -17.10 -15.24 53.62
N GLY D 192 -16.31 -14.85 54.62
CA GLY D 192 -15.91 -15.74 55.70
C GLY D 192 -16.78 -15.67 56.94
N VAL D 193 -17.95 -15.06 56.80
CA VAL D 193 -18.93 -15.01 57.89
C VAL D 193 -19.37 -16.42 58.25
N ALA D 194 -19.60 -17.23 57.21
CA ALA D 194 -20.10 -18.61 57.34
C ALA D 194 -19.11 -19.60 57.98
N LEU D 195 -17.90 -19.16 58.26
CA LEU D 195 -16.84 -20.07 58.76
C LEU D 195 -16.91 -20.47 60.25
N PRO D 196 -17.20 -19.50 61.16
CA PRO D 196 -17.49 -19.91 62.54
C PRO D 196 -18.79 -20.71 62.68
N LEU D 197 -19.73 -20.49 61.75
CA LEU D 197 -20.97 -21.26 61.65
C LEU D 197 -20.74 -22.69 61.14
N CYS D 198 -19.58 -22.94 60.56
CA CYS D 198 -19.19 -24.30 60.18
C CYS D 198 -18.46 -24.99 61.32
N ARG D 199 -18.13 -24.22 62.35
CA ARG D 199 -17.43 -24.74 63.52
C ARG D 199 -18.41 -25.08 64.64
N LYS D 200 -19.21 -24.11 65.03
CA LYS D 200 -20.16 -24.27 66.15
C LYS D 200 -21.37 -25.12 65.76
N ARG D 201 -22.01 -24.82 64.63
CA ARG D 201 -23.06 -25.68 64.09
C ARG D 201 -22.53 -27.10 63.79
N ARG D 202 -21.20 -27.20 63.74
CA ARG D 202 -20.48 -28.45 63.44
C ARG D 202 -21.03 -29.25 62.24
N ILE D 203 -21.14 -28.60 61.09
CA ILE D 203 -21.52 -29.28 59.84
C ILE D 203 -20.39 -30.23 59.43
N ASP D 204 -20.72 -31.24 58.62
CA ASP D 204 -19.71 -32.21 58.18
C ASP D 204 -19.17 -31.92 56.78
N VAL D 205 -18.53 -30.75 56.68
CA VAL D 205 -17.77 -30.32 55.51
C VAL D 205 -16.37 -29.92 55.97
N VAL D 206 -15.45 -29.72 55.02
CA VAL D 206 -14.15 -29.16 55.37
C VAL D 206 -14.00 -27.76 54.79
N THR D 207 -13.51 -26.84 55.62
CA THR D 207 -13.42 -25.44 55.23
C THR D 207 -11.99 -24.94 55.12
N ILE D 208 -11.76 -24.13 54.09
CA ILE D 208 -10.50 -23.41 53.92
C ILE D 208 -10.82 -21.91 53.92
N PHE D 209 -9.97 -21.13 54.59
CA PHE D 209 -10.03 -19.68 54.47
C PHE D 209 -8.77 -19.12 53.81
N THR D 210 -8.99 -18.26 52.83
CA THR D 210 -7.90 -17.50 52.24
C THR D 210 -8.16 -16.01 52.41
N THR D 211 -7.26 -15.32 53.09
CA THR D 211 -7.32 -13.87 53.15
C THR D 211 -6.25 -13.29 52.22
N HIS D 212 -6.71 -12.41 51.32
CA HIS D 212 -5.87 -11.75 50.32
C HIS D 212 -5.16 -10.52 50.89
N ALA D 213 -5.67 -10.02 52.02
CA ALA D 213 -5.04 -8.95 52.79
C ALA D 213 -5.50 -9.00 54.25
N THR D 214 -4.97 -8.11 55.09
CA THR D 214 -5.49 -7.92 56.43
C THR D 214 -6.13 -6.55 56.55
N LEU D 215 -7.28 -6.49 57.21
CA LEU D 215 -8.00 -5.24 57.43
C LEU D 215 -7.13 -4.21 58.14
N LEU D 216 -6.34 -4.68 59.11
CA LEU D 216 -5.42 -3.82 59.84
C LEU D 216 -4.29 -3.33 58.93
N GLY D 217 -3.69 -4.27 58.18
CA GLY D 217 -2.60 -3.98 57.26
C GLY D 217 -2.86 -2.77 56.38
N ARG D 218 -4.05 -2.72 55.80
CA ARG D 218 -4.45 -1.61 54.94
C ARG D 218 -4.41 -0.28 55.71
N TYR D 219 -5.20 -0.21 56.79
CA TYR D 219 -5.40 1.04 57.53
C TYR D 219 -4.13 1.58 58.19
N LEU D 220 -3.27 0.67 58.66
CA LEU D 220 -2.01 1.07 59.29
C LEU D 220 -1.05 1.71 58.30
N CYS D 221 -1.06 1.20 57.06
CA CYS D 221 -0.21 1.72 55.99
C CYS D 221 -0.72 3.04 55.38
N ALA D 222 -1.95 3.42 55.73
CA ALA D 222 -2.56 4.64 55.20
C ALA D 222 -1.92 5.93 55.72
N SER D 223 -1.40 5.88 56.95
CA SER D 223 -0.80 7.08 57.57
C SER D 223 0.73 7.02 57.72
N GLY D 224 1.23 5.92 58.30
CA GLY D 224 2.65 5.77 58.61
C GLY D 224 3.56 5.66 57.39
N ASP D 227 5.87 3.29 60.32
CA ASP D 227 6.68 2.11 59.97
C ASP D 227 5.90 0.82 60.23
N PHE D 228 5.42 0.21 59.15
CA PHE D 228 4.62 -1.00 59.23
C PHE D 228 5.49 -2.22 59.54
N TYR D 229 6.34 -2.57 58.58
CA TYR D 229 7.00 -3.87 58.55
C TYR D 229 8.01 -4.17 59.68
N ASN D 230 8.41 -3.13 60.42
CA ASN D 230 9.38 -3.30 61.50
C ASN D 230 8.76 -3.48 62.88
N CYS D 231 7.60 -2.87 63.09
CA CYS D 231 6.90 -3.01 64.36
C CYS D 231 5.39 -3.19 64.18
N LEU D 232 5.01 -4.37 63.71
CA LEU D 232 3.63 -4.84 63.80
C LEU D 232 3.63 -6.09 64.70
N GLU D 233 4.82 -6.40 65.20
CA GLU D 233 5.02 -7.40 66.24
C GLU D 233 4.48 -6.82 67.55
N SER D 234 4.62 -5.51 67.68
CA SER D 234 4.27 -4.79 68.89
C SER D 234 3.14 -3.78 68.65
N VAL D 235 2.02 -4.27 68.11
CA VAL D 235 0.81 -3.47 68.01
C VAL D 235 -0.37 -4.23 68.61
N ASP D 236 -1.19 -3.51 69.37
CA ASP D 236 -2.35 -4.11 70.04
C ASP D 236 -3.46 -4.33 69.01
N VAL D 237 -3.70 -5.59 68.69
CA VAL D 237 -4.72 -5.98 67.70
C VAL D 237 -6.10 -5.40 67.99
N ASP D 238 -6.45 -5.33 69.27
CA ASP D 238 -7.77 -4.88 69.69
C ASP D 238 -7.88 -3.35 69.78
N HIS D 239 -6.78 -2.67 70.07
CA HIS D 239 -6.78 -1.21 70.20
C HIS D 239 -6.82 -0.49 68.87
N GLU D 240 -6.14 -1.06 67.86
CA GLU D 240 -6.04 -0.42 66.54
C GLU D 240 -7.33 -0.53 65.74
N ALA D 241 -8.02 -1.66 65.85
CA ALA D 241 -9.29 -1.89 65.16
C ALA D 241 -10.38 -0.93 65.65
N GLY D 242 -10.37 -0.65 66.96
CA GLY D 242 -11.27 0.31 67.55
C GLY D 242 -10.81 1.74 67.33
N ARG D 243 -9.52 1.90 67.04
CA ARG D 243 -8.92 3.20 66.73
C ARG D 243 -9.40 3.71 65.36
N PHE D 244 -9.49 2.81 64.38
CA PHE D 244 -9.94 3.15 63.03
C PHE D 244 -11.45 2.97 62.84
N GLY D 245 -12.11 2.44 63.87
CA GLY D 245 -13.56 2.17 63.83
C GLY D 245 -13.88 0.97 62.97
N ILE D 246 -12.92 0.06 62.87
CA ILE D 246 -13.01 -1.09 61.98
C ILE D 246 -12.98 -2.35 62.83
N TYR D 247 -13.53 -2.23 64.04
CA TYR D 247 -13.54 -3.36 64.96
C TYR D 247 -14.56 -4.41 64.55
N HIS D 248 -15.79 -3.98 64.29
CA HIS D 248 -16.88 -4.88 63.88
C HIS D 248 -16.53 -5.70 62.63
N ARG D 249 -15.72 -5.12 61.77
CA ARG D 249 -15.21 -5.81 60.58
C ARG D 249 -14.10 -6.79 60.95
N TYR D 250 -13.12 -6.29 61.70
CA TYR D 250 -11.97 -7.10 62.09
C TYR D 250 -12.35 -8.40 62.80
N CYS D 251 -13.48 -8.37 63.49
CA CYS D 251 -13.99 -9.52 64.24
C CYS D 251 -14.33 -10.70 63.33
N ILE D 252 -15.02 -10.40 62.23
CA ILE D 252 -15.36 -11.43 61.25
C ILE D 252 -14.11 -12.00 60.58
N GLU D 253 -13.06 -11.18 60.44
CA GLU D 253 -11.79 -11.64 59.87
C GLU D 253 -11.06 -12.56 60.86
N ARG D 254 -10.99 -12.12 62.11
CA ARG D 254 -10.33 -12.86 63.19
C ARG D 254 -10.95 -14.25 63.40
N ALA D 255 -12.27 -14.27 63.56
CA ALA D 255 -13.03 -15.51 63.67
C ALA D 255 -12.70 -16.42 62.51
N ALA D 256 -12.91 -15.91 61.29
CA ALA D 256 -12.73 -16.67 60.04
C ALA D 256 -11.37 -17.35 59.91
N ALA D 257 -10.33 -16.72 60.45
CA ALA D 257 -8.98 -17.26 60.38
C ALA D 257 -8.79 -18.51 61.23
N HIS D 258 -9.46 -18.55 62.39
CA HIS D 258 -9.33 -19.67 63.33
C HIS D 258 -10.37 -20.75 63.08
N SER D 259 -11.61 -20.33 62.83
CA SER D 259 -12.74 -21.25 62.63
C SER D 259 -12.51 -22.29 61.54
N ALA D 260 -11.55 -22.00 60.64
CA ALA D 260 -11.35 -22.83 59.45
C ALA D 260 -10.26 -23.89 59.65
N ASP D 261 -10.47 -25.04 59.02
CA ASP D 261 -9.50 -26.14 59.03
C ASP D 261 -8.15 -25.60 58.59
N VAL D 262 -8.08 -25.18 57.33
CA VAL D 262 -6.86 -24.60 56.76
C VAL D 262 -7.01 -23.09 56.65
N PHE D 263 -5.95 -22.38 57.05
CA PHE D 263 -5.88 -20.93 56.94
C PHE D 263 -4.69 -20.53 56.08
N THR D 264 -4.93 -19.63 55.13
CA THR D 264 -3.93 -19.27 54.11
C THR D 264 -3.99 -17.80 53.72
N THR D 265 -2.84 -17.25 53.35
CA THR D 265 -2.82 -15.97 52.65
C THR D 265 -2.34 -16.24 51.22
N VAL D 266 -2.07 -15.17 50.47
CA VAL D 266 -1.66 -15.31 49.09
C VAL D 266 -0.15 -15.28 48.90
N SER D 267 0.56 -14.65 49.84
CA SER D 267 2.01 -14.54 49.75
C SER D 267 2.70 -14.57 51.10
N GLN D 268 3.98 -14.95 51.09
CA GLN D 268 4.81 -15.02 52.29
C GLN D 268 4.71 -13.77 53.17
N ILE D 269 4.96 -12.60 52.57
CA ILE D 269 4.98 -11.33 53.29
C ILE D 269 3.63 -11.01 53.94
N THR D 270 2.56 -11.51 53.32
CA THR D 270 1.23 -11.38 53.87
C THR D 270 1.02 -12.46 54.95
N ALA D 271 1.48 -13.67 54.66
CA ALA D 271 1.39 -14.78 55.62
C ALA D 271 1.99 -14.41 56.97
N PHE D 272 3.08 -13.65 56.92
CA PHE D 272 3.77 -13.16 58.10
C PHE D 272 2.89 -12.16 58.87
N GLU D 273 2.27 -11.22 58.17
CA GLU D 273 1.49 -10.17 58.85
C GLU D 273 0.14 -10.66 59.39
N ALA D 274 -0.39 -11.71 58.77
CA ALA D 274 -1.64 -12.34 59.23
C ALA D 274 -1.44 -13.14 60.52
N GLU D 275 -0.20 -13.57 60.76
CA GLU D 275 0.12 -14.30 61.99
C GLU D 275 0.09 -13.38 63.21
N HIS D 276 0.38 -12.10 63.01
CA HIS D 276 0.44 -11.14 64.11
C HIS D 276 -0.81 -10.30 64.24
N LEU D 277 -1.50 -10.08 63.12
CA LEU D 277 -2.69 -9.24 63.12
C LEU D 277 -3.98 -10.05 63.15
N LEU D 278 -3.95 -11.25 62.57
CA LEU D 278 -5.06 -12.20 62.68
C LEU D 278 -4.73 -13.32 63.66
N LYS D 279 -3.56 -13.18 64.30
CA LYS D 279 -3.12 -14.03 65.41
C LYS D 279 -3.09 -15.54 65.18
N ARG D 280 -2.96 -15.97 63.93
CA ARG D 280 -2.77 -17.38 63.64
C ARG D 280 -1.78 -17.61 62.51
N LYS D 281 -0.91 -18.61 62.69
CA LYS D 281 0.02 -19.03 61.64
C LYS D 281 -0.74 -19.66 60.48
N PRO D 282 -0.37 -19.28 59.25
CA PRO D 282 -0.98 -19.91 58.09
C PRO D 282 -0.38 -21.29 57.87
N ASP D 283 -1.19 -22.21 57.35
CA ASP D 283 -0.71 -23.54 57.00
C ASP D 283 0.17 -23.49 55.75
N GLY D 284 -0.13 -22.56 54.86
CA GLY D 284 0.65 -22.35 53.64
C GLY D 284 0.30 -21.14 52.81
N ILE D 285 0.78 -21.17 51.57
CA ILE D 285 0.66 -20.05 50.64
C ILE D 285 -0.21 -20.48 49.46
N LEU D 286 -1.15 -19.62 49.06
CA LEU D 286 -1.91 -19.84 47.84
C LEU D 286 -1.68 -18.70 46.84
N PRO D 287 -0.51 -18.72 46.15
CA PRO D 287 -0.06 -17.61 45.32
C PRO D 287 -0.99 -17.37 44.16
N ASN D 288 -1.06 -16.12 43.70
CA ASN D 288 -2.03 -15.72 42.67
C ASN D 288 -1.56 -15.99 41.24
N GLY D 289 -2.04 -17.12 40.70
CA GLY D 289 -1.65 -17.56 39.38
C GLY D 289 -2.41 -16.84 38.29
N LEU D 290 -1.99 -17.06 37.05
CA LEU D 290 -2.54 -16.36 35.90
C LEU D 290 -2.93 -17.36 34.81
N ASN D 291 -3.95 -16.98 34.03
CA ASN D 291 -4.31 -17.76 32.86
C ASN D 291 -3.44 -17.37 31.64
N VAL D 292 -2.19 -17.84 31.70
CA VAL D 292 -1.17 -17.54 30.70
C VAL D 292 -1.55 -17.89 29.26
N ILE D 293 -1.55 -16.88 28.40
CA ILE D 293 -1.80 -17.09 26.98
C ILE D 293 -0.48 -17.49 26.33
N LYS D 294 -0.48 -18.64 25.65
CA LYS D 294 0.75 -19.16 25.04
C LYS D 294 0.74 -19.14 23.52
N PHE D 295 1.92 -19.24 22.92
CA PHE D 295 2.10 -19.08 21.47
C PHE D 295 2.71 -20.32 20.84
N GLN D 296 2.32 -20.60 19.61
CA GLN D 296 2.88 -21.72 18.89
C GLN D 296 4.40 -21.54 18.84
N ALA D 297 4.85 -20.40 18.32
CA ALA D 297 6.27 -20.01 18.37
C ALA D 297 6.60 -19.44 19.76
N PHE D 298 7.66 -19.94 20.40
CA PHE D 298 8.03 -19.45 21.73
C PHE D 298 8.44 -17.97 21.65
N HIS D 299 9.24 -17.66 20.63
CA HIS D 299 9.78 -16.34 20.40
C HIS D 299 8.81 -15.32 19.81
N GLU D 300 7.53 -15.63 19.72
CA GLU D 300 6.53 -14.68 19.21
C GLU D 300 6.48 -13.44 20.11
N PHE D 301 6.64 -13.65 21.42
CA PHE D 301 6.60 -12.56 22.38
C PHE D 301 7.65 -11.49 22.08
N GLN D 302 8.78 -11.94 21.52
CA GLN D 302 9.89 -11.10 21.10
C GLN D 302 9.50 -10.25 19.89
N ASN D 303 8.99 -10.90 18.85
CA ASN D 303 8.39 -10.20 17.73
C ASN D 303 7.29 -9.25 18.20
N LEU D 304 6.56 -9.61 19.24
CA LEU D 304 5.41 -8.81 19.63
C LEU D 304 5.89 -7.49 20.18
N HIS D 305 6.86 -7.56 21.08
CA HIS D 305 7.58 -6.41 21.60
C HIS D 305 7.96 -5.48 20.44
N ALA D 306 8.85 -5.93 19.56
CA ALA D 306 9.17 -5.22 18.34
C ALA D 306 8.02 -4.33 17.84
N LEU D 307 6.88 -4.95 17.59
CA LEU D 307 5.72 -4.33 16.97
C LEU D 307 5.08 -3.26 17.82
N LYS D 308 4.91 -3.58 19.10
CA LYS D 308 4.29 -2.67 20.06
C LYS D 308 5.21 -1.49 20.32
N LYS D 309 6.51 -1.75 20.46
CA LYS D 309 7.48 -0.68 20.68
C LYS D 309 7.40 0.36 19.55
N GLU D 310 7.12 -0.11 18.33
CA GLU D 310 6.96 0.79 17.21
C GLU D 310 5.84 1.79 17.42
N LYS D 311 4.85 1.42 18.20
CA LYS D 311 3.71 2.28 18.42
C LYS D 311 4.00 3.27 19.53
N ILE D 312 4.82 2.83 20.50
CA ILE D 312 5.18 3.72 21.59
C ILE D 312 6.06 4.82 21.03
N ASN D 313 7.04 4.42 20.21
CA ASN D 313 7.80 5.33 19.35
C ASN D 313 6.90 6.34 18.65
N ASP D 314 5.97 5.82 17.84
CA ASP D 314 5.02 6.65 17.16
C ASP D 314 4.50 7.72 18.12
N PHE D 315 4.24 7.34 19.37
CA PHE D 315 3.68 8.30 20.31
C PHE D 315 4.74 9.29 20.79
N VAL D 316 5.95 8.79 20.97
CA VAL D 316 7.03 9.55 21.60
C VAL D 316 7.52 10.66 20.67
N ARG D 317 7.61 10.34 19.39
CA ARG D 317 7.86 11.35 18.37
C ARG D 317 6.84 12.48 18.48
N GLY D 318 5.57 12.12 18.66
CA GLY D 318 4.54 13.14 18.71
C GLY D 318 4.68 14.04 19.91
N HIS D 319 5.21 13.49 20.99
CA HIS D 319 5.16 14.13 22.26
C HIS D 319 6.40 15.00 22.46
N PHE D 320 7.48 14.63 21.78
CA PHE D 320 8.71 15.43 21.73
C PHE D 320 8.87 16.08 20.36
N HIS D 321 7.79 16.61 19.81
CA HIS D 321 7.87 17.09 18.45
C HIS D 321 8.58 18.44 18.41
N GLY D 322 9.50 18.59 17.48
CA GLY D 322 10.35 19.77 17.48
C GLY D 322 11.26 19.89 18.70
N CYS D 323 11.28 18.86 19.55
CA CYS D 323 12.24 18.79 20.66
C CYS D 323 12.97 17.44 20.63
N PHE D 324 13.19 16.93 19.43
CA PHE D 324 13.66 15.56 19.24
C PHE D 324 15.17 15.46 19.08
N ASP D 325 15.89 15.37 20.20
CA ASP D 325 17.36 15.25 20.15
C ASP D 325 17.92 13.84 20.26
N PHE D 326 17.25 12.96 21.01
CA PHE D 326 17.72 11.57 21.18
C PHE D 326 17.35 10.61 20.06
N ASP D 327 18.05 9.47 19.99
CA ASP D 327 17.74 8.40 19.01
C ASP D 327 16.96 7.24 19.63
N LEU D 328 15.76 6.97 19.13
CA LEU D 328 14.89 5.89 19.65
C LEU D 328 15.53 4.52 19.65
N ASP D 329 16.24 4.17 18.58
CA ASP D 329 16.94 2.89 18.49
C ASP D 329 17.96 2.69 19.61
N ASN D 330 17.76 3.40 20.70
CA ASN D 330 18.72 3.55 21.80
C ASN D 330 18.01 4.31 22.93
N THR D 331 16.71 4.02 23.05
CA THR D 331 15.87 4.55 24.11
C THR D 331 15.18 3.37 24.80
N LEU D 332 14.96 3.53 26.10
CA LEU D 332 14.42 2.47 26.93
C LEU D 332 13.19 3.00 27.61
N TYR D 333 12.07 2.35 27.34
CA TYR D 333 10.83 2.68 28.01
C TYR D 333 10.88 1.99 29.33
N PHE D 334 10.22 2.60 30.29
CA PHE D 334 10.18 2.20 31.68
C PHE D 334 8.78 2.60 32.10
N PHE D 335 8.09 1.77 32.88
CA PHE D 335 6.78 2.19 33.33
C PHE D 335 6.51 1.87 34.76
N ILE D 336 5.52 2.56 35.31
CA ILE D 336 4.93 2.21 36.58
C ILE D 336 3.43 2.22 36.24
N ALA D 337 2.62 1.42 36.94
CA ALA D 337 1.18 1.36 36.56
C ALA D 337 0.30 0.61 37.53
N GLY D 338 -0.97 1.00 37.56
CA GLY D 338 -1.89 0.46 38.53
C GLY D 338 -2.76 1.53 39.14
N ARG D 339 -3.38 1.19 40.25
CA ARG D 339 -4.23 2.11 40.98
C ARG D 339 -3.38 3.25 41.53
N TYR D 340 -3.95 4.45 41.53
CA TYR D 340 -3.31 5.63 42.10
C TYR D 340 -3.26 5.46 43.61
N GLU D 341 -2.13 4.94 44.10
CA GLU D 341 -1.83 4.96 45.53
C GLU D 341 -0.39 5.39 45.69
N TYR D 342 -0.20 6.70 45.67
CA TYR D 342 1.12 7.33 45.64
C TYR D 342 2.15 6.63 46.51
N LYS D 343 1.82 6.48 47.81
CA LYS D 343 2.73 5.90 48.78
C LYS D 343 2.86 4.39 48.58
N ASN D 344 1.73 3.69 48.68
CA ASN D 344 1.66 2.23 48.63
C ASN D 344 2.24 1.62 47.40
N LYS D 345 1.93 2.20 46.25
CA LYS D 345 2.44 1.71 44.99
C LYS D 345 3.90 2.13 44.81
N GLY D 346 4.32 3.14 45.59
CA GLY D 346 5.68 3.68 45.51
C GLY D 346 6.03 4.47 44.26
N ALA D 347 5.14 5.41 43.88
CA ALA D 347 5.46 6.39 42.83
C ALA D 347 6.59 7.27 43.33
N ASP D 348 6.46 7.72 44.58
CA ASP D 348 7.47 8.56 45.24
C ASP D 348 8.89 8.05 45.04
N MET D 349 9.08 6.74 45.16
CA MET D 349 10.40 6.16 45.03
C MET D 349 10.75 6.02 43.58
N PHE D 350 9.73 5.88 42.74
CA PHE D 350 9.97 5.72 41.32
C PHE D 350 10.44 7.07 40.72
N ILE D 351 9.82 8.14 41.20
CA ILE D 351 10.11 9.45 40.66
C ILE D 351 11.41 9.96 41.26
N GLU D 352 11.61 9.67 42.55
CA GLU D 352 12.86 10.01 43.23
C GLU D 352 14.00 9.34 42.52
N ALA D 353 13.96 8.02 42.48
CA ALA D 353 15.00 7.23 41.86
C ALA D 353 15.28 7.71 40.46
N LEU D 354 14.24 8.04 39.70
CA LEU D 354 14.42 8.48 38.32
C LEU D 354 15.22 9.78 38.24
N ALA D 355 14.95 10.70 39.17
CA ALA D 355 15.67 11.97 39.23
C ALA D 355 17.14 11.73 39.52
N ARG D 356 17.40 10.83 40.48
CA ARG D 356 18.74 10.34 40.75
C ARG D 356 19.44 9.73 39.52
N LEU D 357 18.87 8.65 38.98
CA LEU D 357 19.38 8.00 37.77
C LEU D 357 19.73 9.01 36.66
N ASN D 358 18.96 10.08 36.56
CA ASN D 358 19.21 11.14 35.60
C ASN D 358 20.53 11.84 35.85
N TYR D 359 20.80 12.14 37.12
CA TYR D 359 22.08 12.71 37.50
C TYR D 359 23.19 11.73 37.09
N ARG D 360 23.11 10.49 37.57
CA ARG D 360 24.11 9.47 37.28
C ARG D 360 24.45 9.46 35.80
N LEU D 361 23.42 9.39 34.98
CA LEU D 361 23.56 9.23 33.55
C LEU D 361 24.23 10.43 32.92
N LYS D 362 23.89 11.62 33.44
CA LYS D 362 24.55 12.85 33.01
C LYS D 362 26.01 12.83 33.45
N VAL D 363 26.26 12.69 34.75
CA VAL D 363 27.61 12.49 35.26
C VAL D 363 28.40 11.49 34.41
N SER D 364 27.91 10.26 34.32
CA SER D 364 28.62 9.17 33.63
C SER D 364 28.70 9.39 32.12
N GLY D 365 28.17 10.50 31.65
CA GLY D 365 28.25 10.86 30.23
C GLY D 365 27.65 9.87 29.28
N SER D 366 26.66 9.12 29.76
CA SER D 366 25.99 8.07 28.97
C SER D 366 25.35 8.62 27.72
N LYS D 367 25.23 7.78 26.70
CA LYS D 367 24.65 8.18 25.41
C LYS D 367 23.19 7.73 25.26
N LYS D 368 22.60 7.17 26.33
CA LYS D 368 21.26 6.54 26.28
C LYS D 368 20.17 7.45 26.80
N THR D 369 18.92 7.19 26.41
CA THR D 369 17.78 7.85 27.06
C THR D 369 16.70 6.89 27.59
N VAL D 370 15.91 7.39 28.54
CA VAL D 370 14.91 6.66 29.27
C VAL D 370 13.63 7.48 29.39
N VAL D 371 12.70 7.29 28.46
CA VAL D 371 11.31 7.67 28.69
C VAL D 371 10.68 6.78 29.80
N ALA D 372 10.00 7.43 30.75
CA ALA D 372 9.48 6.75 31.90
C ALA D 372 8.07 7.17 31.96
N PHE D 373 7.16 6.21 31.66
CA PHE D 373 5.72 6.46 31.73
C PHE D 373 5.20 6.23 33.14
N ILE D 374 4.06 6.82 33.44
CA ILE D 374 3.37 6.62 34.70
C ILE D 374 1.88 6.59 34.39
N VAL D 375 1.28 5.40 34.46
CA VAL D 375 -0.11 5.19 34.07
C VAL D 375 -0.94 4.90 35.29
N MET D 376 -1.51 5.94 35.89
CA MET D 376 -2.32 5.80 37.08
C MET D 376 -3.54 6.70 36.95
N PRO D 377 -4.76 6.16 37.10
CA PRO D 377 -5.93 6.99 36.84
C PRO D 377 -6.06 8.16 37.82
N ALA D 378 -6.18 9.37 37.28
CA ALA D 378 -6.43 10.56 38.11
C ALA D 378 -7.59 11.38 37.55
N LYS D 379 -8.09 12.33 38.33
CA LYS D 379 -9.19 13.16 37.89
C LYS D 379 -8.77 14.16 36.81
N ASN D 380 -9.27 13.95 35.61
CA ASN D 380 -8.85 14.70 34.47
C ASN D 380 -9.99 15.08 33.54
N ASN D 381 -9.77 16.09 32.70
CA ASN D 381 -10.72 16.47 31.66
C ASN D 381 -10.20 16.12 30.29
N SER D 382 -9.56 14.94 30.19
CA SER D 382 -9.16 14.34 28.92
C SER D 382 -7.93 14.99 28.36
N PHE D 383 -7.42 14.43 27.27
CA PHE D 383 -6.20 14.93 26.62
C PHE D 383 -6.23 16.42 26.37
N THR D 384 -5.00 16.94 26.26
CA THR D 384 -4.68 18.36 26.05
C THR D 384 -4.66 18.61 24.56
N VAL D 385 -5.09 19.81 24.13
CA VAL D 385 -4.86 20.25 22.74
C VAL D 385 -3.42 20.05 22.24
N GLU D 386 -2.44 20.14 23.14
CA GLU D 386 -1.03 19.95 22.73
C GLU D 386 -0.78 18.59 22.15
N ALA D 387 -0.93 17.58 23.02
CA ALA D 387 -0.87 16.15 22.70
C ALA D 387 -1.46 15.82 21.34
N LEU D 388 -2.70 16.25 21.17
CA LEU D 388 -3.42 15.95 19.95
C LEU D 388 -2.69 16.49 18.72
N LYS D 389 -2.47 17.82 18.74
CA LYS D 389 -1.76 18.59 17.68
C LYS D 389 -0.39 17.98 17.34
N GLY D 390 0.37 17.77 18.39
CA GLY D 390 1.57 16.95 18.30
C GLY D 390 1.24 15.82 17.34
N GLN D 391 0.43 14.79 17.78
N GLN D 391 0.42 14.84 17.81
CA GLN D 391 0.26 13.56 16.96
CA GLN D 391 0.17 13.59 17.10
C GLN D 391 -0.45 13.83 15.65
C GLN D 391 -0.39 13.89 15.74
N ALA D 392 -1.42 14.71 15.68
CA ALA D 392 -1.90 15.21 14.40
C ALA D 392 -0.77 15.70 13.41
N GLU D 393 0.19 16.54 13.88
N GLU D 393 0.20 16.52 13.85
CA GLU D 393 1.20 17.04 12.96
CA GLU D 393 1.18 17.01 12.88
C GLU D 393 2.11 15.91 12.49
C GLU D 393 2.22 15.96 12.50
N VAL D 394 2.59 15.08 13.42
CA VAL D 394 3.44 13.93 12.99
C VAL D 394 2.78 13.03 11.94
N ARG D 395 1.45 12.98 11.97
CA ARG D 395 0.75 12.28 10.92
C ARG D 395 0.94 12.98 9.59
N ALA D 396 0.64 14.29 9.53
CA ALA D 396 0.78 15.08 8.28
C ALA D 396 2.18 14.97 7.70
N LEU D 397 3.19 14.88 8.56
CA LEU D 397 4.52 14.80 8.05
C LEU D 397 4.60 13.54 7.26
N GLU D 398 4.39 12.43 8.00
CA GLU D 398 4.34 11.03 7.53
C GLU D 398 3.62 10.90 6.19
N ASN D 399 2.44 11.49 6.08
CA ASN D 399 1.74 11.46 4.81
C ASN D 399 2.54 12.10 3.69
N THR D 400 2.93 13.37 3.88
CA THR D 400 3.75 14.14 2.91
C THR D 400 5.01 13.39 2.54
N VAL D 401 5.72 12.88 3.54
CA VAL D 401 6.88 12.05 3.23
C VAL D 401 6.51 10.97 2.23
N HIS D 402 5.45 10.21 2.54
CA HIS D 402 4.98 9.13 1.70
C HIS D 402 4.65 9.59 0.29
N GLU D 403 3.90 10.67 0.17
CA GLU D 403 3.71 11.31 -1.16
C GLU D 403 5.05 11.62 -1.85
N VAL D 404 6.02 12.17 -1.13
CA VAL D 404 7.27 12.53 -1.75
C VAL D 404 7.99 11.29 -2.28
N THR D 405 8.09 10.25 -1.46
CA THR D 405 8.82 9.04 -1.83
C THR D 405 8.29 8.29 -3.05
N THR D 406 6.98 8.39 -3.33
CA THR D 406 6.48 7.80 -4.59
C THR D 406 6.91 8.61 -5.83
N SER D 407 7.02 9.93 -5.71
CA SER D 407 7.63 10.76 -6.79
C SER D 407 9.07 10.37 -7.04
N ILE D 408 9.83 10.23 -5.95
CA ILE D 408 11.16 9.68 -6.03
C ILE D 408 11.11 8.32 -6.74
N GLY D 409 10.25 7.43 -6.25
CA GLY D 409 10.06 6.08 -6.82
C GLY D 409 9.84 6.09 -8.31
N LYS D 410 8.87 6.89 -8.77
CA LYS D 410 8.70 7.20 -10.19
C LYS D 410 10.03 7.54 -10.88
N ARG D 411 10.87 8.34 -10.22
CA ARG D 411 12.08 8.84 -10.86
C ARG D 411 13.27 7.87 -10.81
N ILE D 412 13.48 7.21 -9.68
CA ILE D 412 14.47 6.12 -9.62
C ILE D 412 14.15 5.11 -10.71
N PHE D 413 12.94 4.56 -10.63
CA PHE D 413 12.46 3.59 -11.60
C PHE D 413 12.71 3.96 -13.05
N ASP D 414 12.37 5.19 -13.43
CA ASP D 414 12.57 5.62 -14.81
C ASP D 414 14.03 5.63 -15.20
N HIS D 415 14.90 6.10 -14.29
CA HIS D 415 16.32 6.11 -14.56
C HIS D 415 16.79 4.69 -14.78
N ALA D 416 16.33 3.79 -13.90
CA ALA D 416 16.66 2.36 -13.96
C ALA D 416 16.38 1.76 -15.33
N ILE D 417 15.22 2.07 -15.87
CA ILE D 417 14.69 1.36 -17.04
C ILE D 417 15.17 1.96 -18.35
N ARG D 418 15.84 3.10 -18.26
CA ARG D 418 16.22 3.88 -19.44
C ARG D 418 17.69 3.66 -19.75
N TYR D 419 18.51 3.65 -18.71
CA TYR D 419 19.95 3.37 -18.80
C TYR D 419 20.23 2.21 -19.77
N PRO D 420 21.30 2.32 -20.58
CA PRO D 420 22.26 3.43 -20.67
C PRO D 420 21.87 4.47 -21.70
N HIS D 421 20.62 4.43 -22.14
CA HIS D 421 20.17 5.28 -23.22
C HIS D 421 19.87 6.69 -22.73
N ASN D 422 19.75 7.63 -23.68
CA ASN D 422 19.46 9.05 -23.39
C ASN D 422 20.53 9.77 -22.58
N GLY D 423 21.75 9.27 -22.64
CA GLY D 423 22.88 9.88 -21.96
C GLY D 423 22.82 9.76 -20.46
N LEU D 424 22.53 8.56 -19.98
CA LEU D 424 22.67 8.25 -18.56
C LEU D 424 23.93 7.44 -18.44
N THR D 425 24.94 8.06 -17.84
CA THR D 425 26.25 7.42 -17.71
C THR D 425 26.29 6.43 -16.55
N THR D 426 25.57 6.71 -15.46
CA THR D 426 25.51 5.80 -14.29
C THR D 426 24.23 4.98 -14.27
N GLU D 427 24.30 3.79 -13.67
CA GLU D 427 23.14 2.88 -13.58
C GLU D 427 22.02 3.50 -12.74
N LEU D 428 22.40 4.08 -11.60
CA LEU D 428 21.43 4.71 -10.70
C LEU D 428 21.59 6.23 -10.68
N PRO D 429 20.63 6.94 -10.05
CA PRO D 429 20.86 8.38 -9.85
C PRO D 429 22.02 8.62 -8.91
N THR D 430 22.72 9.72 -9.12
CA THR D 430 23.89 10.05 -8.30
C THR D 430 23.59 11.27 -7.46
N ASP D 431 22.82 12.17 -8.05
CA ASP D 431 22.55 13.47 -7.44
C ASP D 431 21.09 13.63 -7.00
N LEU D 432 20.89 13.84 -5.70
CA LEU D 432 19.56 14.03 -5.13
C LEU D 432 18.64 14.95 -5.92
N GLY D 433 19.19 15.93 -6.63
CA GLY D 433 18.39 16.93 -7.33
C GLY D 433 17.65 16.34 -8.50
N GLU D 434 18.13 15.18 -8.93
CA GLU D 434 17.44 14.33 -9.89
C GLU D 434 16.10 13.84 -9.33
N LEU D 435 16.06 13.52 -8.03
CA LEU D 435 14.90 12.94 -7.38
C LEU D 435 13.99 13.90 -6.58
N LEU D 436 14.58 14.88 -5.89
CA LEU D 436 13.79 15.87 -5.15
C LEU D 436 13.59 17.14 -5.93
N LYS D 437 12.33 17.51 -6.14
CA LYS D 437 12.03 18.72 -6.86
C LYS D 437 11.58 19.83 -5.91
N SER D 438 11.37 21.02 -6.45
CA SER D 438 11.03 22.17 -5.63
C SER D 438 9.78 21.89 -4.82
N SER D 439 8.73 21.48 -5.52
CA SER D 439 7.45 21.24 -4.85
C SER D 439 7.59 20.30 -3.65
N ASP D 440 8.32 19.21 -3.86
CA ASP D 440 8.62 18.23 -2.82
C ASP D 440 9.30 18.88 -1.62
N LYS D 441 10.31 19.73 -1.88
CA LYS D 441 11.04 20.41 -0.81
C LYS D 441 10.16 21.41 -0.04
N VAL D 442 9.30 22.11 -0.77
CA VAL D 442 8.49 23.13 -0.11
C VAL D 442 7.57 22.49 0.92
N MET D 443 6.70 21.55 0.49
CA MET D 443 5.73 20.94 1.42
C MET D 443 6.39 20.24 2.59
N LEU D 444 7.48 19.52 2.33
CA LEU D 444 8.25 18.98 3.44
C LEU D 444 8.67 20.05 4.47
N LYS D 445 9.22 21.18 3.99
CA LYS D 445 9.66 22.24 4.87
C LYS D 445 8.50 22.82 5.66
N ARG D 446 7.39 23.07 4.97
CA ARG D 446 6.16 23.51 5.66
C ARG D 446 5.76 22.53 6.76
N ARG D 447 5.86 21.23 6.45
CA ARG D 447 5.63 20.17 7.40
C ARG D 447 6.46 20.36 8.65
N ILE D 448 7.78 20.33 8.47
CA ILE D 448 8.69 20.52 9.62
C ILE D 448 8.40 21.77 10.46
N LEU D 449 7.93 22.85 9.83
CA LEU D 449 7.65 24.07 10.55
C LEU D 449 6.51 23.87 11.55
N ALA D 450 5.37 23.31 11.05
CA ALA D 450 4.25 22.74 11.93
C ALA D 450 4.71 21.97 13.16
N LEU D 451 5.71 21.12 13.00
CA LEU D 451 6.27 20.48 14.19
C LEU D 451 6.85 21.39 15.25
N ARG D 452 7.57 22.43 14.77
CA ARG D 452 8.51 23.24 15.58
C ARG D 452 7.79 24.02 16.66
N ARG D 453 8.31 23.97 17.89
CA ARG D 453 7.56 24.53 19.01
C ARG D 453 8.11 25.84 19.58
N PRO D 454 7.23 26.70 20.13
CA PRO D 454 7.54 28.03 20.65
C PRO D 454 8.85 28.07 21.42
N GLU D 455 9.57 29.19 21.32
CA GLU D 455 10.89 29.29 21.94
C GLU D 455 10.88 28.86 23.42
N GLY D 456 11.76 27.90 23.75
CA GLY D 456 11.94 27.45 25.13
C GLY D 456 10.76 26.78 25.84
N GLN D 457 9.75 26.38 25.07
CA GLN D 457 8.69 25.49 25.54
C GLN D 457 9.27 24.09 25.61
N LEU D 458 8.92 23.34 26.64
CA LEU D 458 9.40 21.96 26.82
C LEU D 458 8.31 20.86 26.69
N PRO D 459 8.67 19.66 26.18
CA PRO D 459 7.71 18.54 26.06
C PRO D 459 7.07 18.24 27.43
N PRO D 460 5.72 18.20 27.52
CA PRO D 460 5.12 18.23 28.85
C PRO D 460 5.37 16.97 29.64
N ILE D 461 5.14 17.06 30.95
CA ILE D 461 5.22 15.92 31.83
C ILE D 461 3.84 15.20 31.97
N VAL D 462 2.87 15.61 31.18
CA VAL D 462 1.52 15.15 31.32
C VAL D 462 0.79 15.31 30.00
N THR D 463 -0.20 14.44 29.77
CA THR D 463 -0.86 14.29 28.48
C THR D 463 -2.29 14.76 28.58
N HIS D 464 -2.73 15.07 29.80
CA HIS D 464 -4.14 15.36 30.08
C HIS D 464 -4.32 16.67 30.83
N ASN D 465 -5.47 17.30 30.63
CA ASN D 465 -5.91 18.34 31.51
C ASN D 465 -6.40 17.71 32.79
N MET D 466 -5.77 18.08 33.90
CA MET D 466 -6.10 17.56 35.22
C MET D 466 -7.11 18.43 35.93
N VAL D 467 -8.04 17.80 36.64
CA VAL D 467 -8.98 18.54 37.48
C VAL D 467 -8.24 19.40 38.51
N ASP D 468 -7.31 18.80 39.26
CA ASP D 468 -6.55 19.51 40.27
C ASP D 468 -5.03 19.34 40.09
N ASP D 469 -4.51 19.98 39.05
CA ASP D 469 -3.08 19.91 38.72
C ASP D 469 -2.14 20.45 39.82
N ALA D 470 -2.59 21.46 40.56
CA ALA D 470 -1.73 22.03 41.57
C ALA D 470 -1.52 20.99 42.63
N ASN D 471 -2.63 20.44 43.11
CA ASN D 471 -2.64 19.50 44.22
C ASN D 471 -2.31 18.05 43.87
N ASP D 472 -2.26 17.71 42.58
CA ASP D 472 -1.85 16.36 42.22
C ASP D 472 -0.53 15.96 42.89
N LEU D 473 -0.50 14.77 43.50
CA LEU D 473 0.69 14.31 44.21
C LEU D 473 1.81 13.98 43.25
N ILE D 474 1.46 13.25 42.20
CA ILE D 474 2.47 12.87 41.24
C ILE D 474 3.10 14.11 40.58
N LEU D 475 2.30 15.09 40.18
CA LEU D 475 2.83 16.30 39.55
C LEU D 475 3.69 17.13 40.51
N ASN D 476 3.25 17.27 41.76
CA ASN D 476 4.13 17.83 42.79
C ASN D 476 5.51 17.20 42.78
N LYS D 477 5.55 15.88 42.91
CA LYS D 477 6.82 15.21 43.06
C LYS D 477 7.71 15.44 41.84
N ILE D 478 7.12 15.36 40.65
CA ILE D 478 7.88 15.49 39.40
C ILE D 478 8.51 16.86 39.33
N ARG D 479 7.77 17.86 39.83
CA ARG D 479 8.23 19.27 39.87
C ARG D 479 9.34 19.47 40.87
N GLN D 480 9.04 19.07 42.09
CA GLN D 480 10.00 19.12 43.17
C GLN D 480 11.37 18.53 42.80
N VAL D 481 11.42 17.55 41.90
CA VAL D 481 12.71 16.91 41.50
C VAL D 481 13.18 17.51 40.19
N GLN D 482 12.36 18.37 39.62
CA GLN D 482 12.71 19.16 38.42
C GLN D 482 13.05 18.33 37.19
N LEU D 483 12.19 17.35 36.89
CA LEU D 483 12.26 16.64 35.62
C LEU D 483 11.25 17.25 34.65
N PHE D 484 11.76 17.95 33.62
CA PHE D 484 10.89 18.69 32.69
C PHE D 484 11.19 18.37 31.22
N ASN D 485 11.90 17.27 31.00
CA ASN D 485 12.11 16.76 29.66
C ASN D 485 12.88 17.80 28.84
N SER D 486 13.64 18.63 29.55
CA SER D 486 14.71 19.44 28.95
C SER D 486 15.61 18.53 28.15
N PRO D 487 16.13 19.05 27.02
CA PRO D 487 16.87 18.23 26.08
C PRO D 487 18.05 17.51 26.73
N SER D 488 18.64 18.15 27.75
CA SER D 488 19.79 17.61 28.47
C SER D 488 19.45 16.59 29.58
N ASP D 489 18.17 16.31 29.80
CA ASP D 489 17.82 15.23 30.74
C ASP D 489 17.87 13.87 30.07
N ARG D 490 18.60 12.92 30.65
CA ARG D 490 18.61 11.58 30.10
C ARG D 490 17.35 10.79 30.49
N VAL D 491 16.66 11.24 31.53
CA VAL D 491 15.41 10.65 31.90
C VAL D 491 14.27 11.64 31.65
N LYS D 492 13.47 11.35 30.64
CA LYS D 492 12.19 12.01 30.43
C LYS D 492 11.03 11.31 31.20
N MET D 493 9.96 12.07 31.47
CA MET D 493 8.78 11.62 32.20
C MET D 493 7.49 11.96 31.48
N ILE D 494 6.65 10.96 31.28
CA ILE D 494 5.29 11.16 30.80
C ILE D 494 4.33 10.54 31.82
N PHE D 495 3.32 11.30 32.22
CA PHE D 495 2.32 10.86 33.18
C PHE D 495 1.03 10.83 32.42
N HIS D 496 0.55 9.62 32.15
CA HIS D 496 -0.70 9.39 31.46
C HIS D 496 -1.69 9.07 32.54
N PRO D 497 -2.42 10.08 33.05
CA PRO D 497 -3.18 9.87 34.27
C PRO D 497 -4.50 9.06 34.03
N GLU D 498 -4.40 7.94 33.32
CA GLU D 498 -5.59 7.27 32.88
C GLU D 498 -5.19 5.93 32.28
N PHE D 499 -5.94 4.87 32.61
CA PHE D 499 -5.71 3.50 32.11
C PHE D 499 -5.64 3.46 30.60
N LEU D 500 -4.79 2.61 30.04
CA LEU D 500 -4.63 2.57 28.59
C LEU D 500 -5.83 1.95 27.90
N ASN D 501 -5.79 1.81 26.58
CA ASN D 501 -6.98 1.47 25.82
C ASN D 501 -6.83 1.79 24.37
N ALA D 502 -6.92 0.79 23.51
CA ALA D 502 -6.66 0.95 22.09
C ALA D 502 -7.50 2.04 21.41
N ASN D 503 -8.57 2.50 22.06
CA ASN D 503 -9.38 3.62 21.54
C ASN D 503 -8.78 5.02 21.75
N ASN D 504 -7.66 5.08 22.47
CA ASN D 504 -6.88 6.32 22.61
C ASN D 504 -6.48 7.04 21.25
N PRO D 505 -6.72 8.35 21.19
CA PRO D 505 -6.24 9.23 20.09
C PRO D 505 -4.72 9.32 19.96
N ILE D 506 -4.02 9.41 21.11
CA ILE D 506 -2.57 9.65 21.08
C ILE D 506 -1.63 8.42 21.20
N LEU D 507 -1.98 7.49 22.09
CA LEU D 507 -1.23 6.25 22.29
C LEU D 507 -2.25 5.13 22.29
N GLY D 508 -2.65 4.75 21.08
CA GLY D 508 -3.74 3.78 20.91
C GLY D 508 -3.29 2.37 21.13
N LEU D 509 -3.08 1.98 22.39
CA LEU D 509 -2.71 0.62 22.79
C LEU D 509 -3.56 0.06 23.94
N ASP D 510 -3.81 -1.25 23.97
CA ASP D 510 -4.37 -1.85 25.19
C ASP D 510 -3.23 -2.05 26.21
N TYR D 511 -3.55 -1.95 27.49
CA TYR D 511 -2.52 -2.03 28.51
C TYR D 511 -1.48 -3.13 28.24
N ASP D 512 -1.95 -4.35 28.01
CA ASP D 512 -1.03 -5.43 27.80
C ASP D 512 -0.12 -5.13 26.60
N GLU D 513 -0.68 -4.68 25.48
CA GLU D 513 0.13 -4.25 24.33
C GLU D 513 1.22 -3.19 24.67
N PHE D 514 0.88 -2.21 25.50
CA PHE D 514 1.86 -1.29 26.04
C PHE D 514 2.99 -2.09 26.69
N VAL D 515 2.68 -2.81 27.77
CA VAL D 515 3.67 -3.56 28.56
C VAL D 515 4.60 -4.44 27.73
N ARG D 516 4.08 -5.03 26.66
CA ARG D 516 4.92 -5.87 25.85
C ARG D 516 5.99 -4.97 25.28
N GLY D 517 5.53 -3.82 24.79
CA GLY D 517 6.32 -2.87 24.03
C GLY D 517 7.37 -2.17 24.87
N CYS D 518 7.16 -2.17 26.18
CA CYS D 518 8.11 -1.56 27.08
C CYS D 518 9.47 -2.29 27.20
N HIS D 519 10.23 -1.98 28.25
CA HIS D 519 11.54 -2.61 28.46
C HIS D 519 11.67 -3.02 29.90
N LEU D 520 11.18 -2.17 30.82
CA LEU D 520 11.32 -2.43 32.25
C LEU D 520 10.19 -1.84 33.05
N GLY D 521 9.30 -2.70 33.57
CA GLY D 521 8.27 -2.30 34.52
C GLY D 521 9.01 -2.08 35.82
N VAL D 522 8.50 -1.20 36.69
CA VAL D 522 9.23 -0.72 37.88
C VAL D 522 8.24 -0.41 38.99
N PHE D 523 7.88 -1.41 39.80
CA PHE D 523 6.77 -1.30 40.75
C PHE D 523 7.26 -1.44 42.18
N PRO D 524 7.91 -0.39 42.71
CA PRO D 524 8.54 -0.45 44.02
C PRO D 524 7.54 -0.31 45.16
N SER D 525 6.61 -1.26 45.24
CA SER D 525 5.49 -1.21 46.19
C SER D 525 5.92 -1.20 47.65
N TYR D 526 5.04 -0.75 48.54
CA TYR D 526 5.30 -0.75 49.98
C TYR D 526 4.21 -1.50 50.71
N TYR D 527 2.99 -1.42 50.21
CA TYR D 527 1.98 -2.35 50.64
C TYR D 527 1.31 -2.93 49.42
N GLU D 528 1.58 -4.19 49.19
CA GLU D 528 1.01 -4.90 48.09
C GLU D 528 0.99 -6.32 48.58
N PRO D 529 -0.21 -6.83 48.95
CA PRO D 529 -0.38 -8.22 49.34
C PRO D 529 0.05 -9.16 48.21
N TRP D 530 -0.23 -8.79 46.97
CA TRP D 530 0.24 -9.57 45.81
C TRP D 530 0.71 -8.79 44.54
N GLY D 531 -0.20 -8.09 43.88
CA GLY D 531 0.16 -7.33 42.70
C GLY D 531 0.43 -8.17 41.48
N TYR D 532 -0.53 -8.11 40.55
CA TYR D 532 -0.45 -8.89 39.35
C TYR D 532 0.32 -8.10 38.34
N THR D 533 0.53 -6.82 38.63
CA THR D 533 1.20 -5.88 37.72
C THR D 533 2.62 -6.32 37.36
N PRO D 534 3.47 -6.61 38.37
CA PRO D 534 4.72 -7.24 37.97
C PRO D 534 4.57 -8.70 37.53
N ALA D 535 3.51 -9.38 38.00
CA ALA D 535 3.28 -10.77 37.61
C ALA D 535 2.89 -10.88 36.15
N GLU D 536 1.90 -10.07 35.74
CA GLU D 536 1.55 -9.96 34.33
C GLU D 536 2.80 -9.63 33.53
N CYS D 537 3.57 -8.68 34.05
CA CYS D 537 4.77 -8.21 33.40
C CYS D 537 5.68 -9.35 33.00
N THR D 538 6.07 -10.16 33.97
CA THR D 538 6.95 -11.30 33.74
C THR D 538 6.33 -12.22 32.68
N VAL D 539 5.04 -12.56 32.86
CA VAL D 539 4.32 -13.45 31.92
C VAL D 539 4.45 -12.98 30.46
N MET D 540 4.36 -11.67 30.23
CA MET D 540 4.57 -11.07 28.90
C MET D 540 6.04 -11.07 28.50
N GLY D 541 6.92 -11.41 29.45
CA GLY D 541 8.35 -11.42 29.16
C GLY D 541 9.07 -10.10 29.34
N VAL D 542 8.54 -9.26 30.22
CA VAL D 542 9.18 -8.00 30.51
C VAL D 542 9.74 -8.04 31.93
N PRO D 543 11.02 -7.61 32.08
CA PRO D 543 11.74 -7.56 33.35
C PRO D 543 11.14 -6.49 34.26
N SER D 544 11.17 -6.76 35.57
CA SER D 544 10.52 -5.87 36.52
C SER D 544 11.36 -5.67 37.76
N ILE D 545 11.26 -4.47 38.35
CA ILE D 545 11.87 -4.20 39.64
C ILE D 545 10.71 -4.27 40.60
N THR D 546 10.93 -4.84 41.77
CA THR D 546 9.86 -4.94 42.76
C THR D 546 10.45 -5.01 44.17
N THR D 547 9.63 -5.27 45.18
CA THR D 547 10.14 -5.27 46.54
C THR D 547 9.95 -6.57 47.29
N ASN D 548 10.83 -6.80 48.27
CA ASN D 548 10.67 -7.90 49.20
C ASN D 548 9.45 -7.79 50.12
N VAL D 549 8.71 -6.69 50.02
CA VAL D 549 7.47 -6.48 50.80
C VAL D 549 6.24 -6.64 49.91
N SER D 550 6.49 -6.78 48.61
CA SER D 550 5.45 -7.09 47.64
C SER D 550 5.08 -8.55 47.80
N GLY D 551 3.80 -8.86 47.61
CA GLY D 551 3.35 -10.24 47.55
C GLY D 551 4.23 -11.02 46.60
N PHE D 552 4.02 -10.80 45.31
CA PHE D 552 4.82 -11.42 44.26
C PHE D 552 6.33 -11.28 44.50
N GLY D 553 6.77 -10.11 44.93
CA GLY D 553 8.18 -9.87 45.19
C GLY D 553 8.83 -10.83 46.18
N SER D 554 8.13 -11.06 47.31
CA SER D 554 8.60 -11.95 48.36
C SER D 554 8.60 -13.40 47.89
N TYR D 555 7.50 -13.80 47.24
CA TYR D 555 7.37 -15.11 46.62
C TYR D 555 8.50 -15.38 45.63
N MET D 556 8.98 -14.33 44.96
CA MET D 556 9.99 -14.51 43.93
C MET D 556 11.40 -14.62 44.48
N GLU D 557 11.68 -13.91 45.58
CA GLU D 557 13.00 -13.98 46.22
C GLU D 557 13.13 -15.31 46.93
N ASP D 558 12.00 -16.00 47.03
CA ASP D 558 11.90 -17.32 47.64
C ASP D 558 12.26 -18.43 46.64
N LEU D 559 11.72 -18.36 45.43
CA LEU D 559 11.99 -19.35 44.39
C LEU D 559 13.36 -19.24 43.73
N ILE D 560 14.03 -18.11 43.88
CA ILE D 560 15.35 -17.91 43.28
C ILE D 560 16.31 -17.27 44.26
N GLU D 561 17.58 -17.60 44.12
CA GLU D 561 18.64 -16.86 44.78
C GLU D 561 18.69 -15.47 44.12
N THR D 562 19.02 -14.42 44.90
CA THR D 562 18.85 -13.03 44.44
C THR D 562 19.72 -12.60 43.26
N ASN D 563 21.01 -12.91 43.30
CA ASN D 563 21.90 -12.62 42.17
C ASN D 563 21.60 -13.47 40.93
N GLN D 564 20.95 -14.61 41.16
CA GLN D 564 20.40 -15.43 40.08
C GLN D 564 19.20 -14.69 39.45
N ALA D 565 18.32 -14.17 40.31
CA ALA D 565 17.05 -13.56 39.88
C ALA D 565 17.20 -12.35 38.95
N LYS D 566 18.30 -11.61 39.09
CA LYS D 566 18.59 -10.49 38.21
C LYS D 566 18.76 -10.93 36.75
N ASP D 567 19.31 -12.13 36.55
CA ASP D 567 19.51 -12.68 35.21
C ASP D 567 18.20 -13.18 34.63
N TYR D 568 17.18 -13.31 35.47
CA TYR D 568 15.85 -13.68 35.00
C TYR D 568 14.93 -12.46 34.91
N GLY D 569 15.53 -11.28 34.88
CA GLY D 569 14.79 -10.02 34.81
C GLY D 569 13.94 -9.67 36.04
N ILE D 570 14.19 -10.33 37.16
CA ILE D 570 13.45 -10.04 38.39
C ILE D 570 14.38 -9.34 39.34
N TYR D 571 14.15 -8.05 39.55
CA TYR D 571 14.97 -7.28 40.46
C TYR D 571 14.16 -7.04 41.73
N ILE D 572 14.69 -7.41 42.89
CA ILE D 572 13.96 -7.17 44.14
C ILE D 572 14.65 -6.11 45.02
N VAL D 573 13.94 -5.02 45.29
CA VAL D 573 14.45 -3.96 46.15
C VAL D 573 14.04 -4.30 47.57
N ASP D 574 15.00 -4.31 48.47
CA ASP D 574 14.75 -4.46 49.90
C ASP D 574 14.17 -3.18 50.50
N ARG D 575 12.91 -3.25 50.89
CA ARG D 575 12.23 -2.15 51.52
C ARG D 575 11.95 -2.47 52.99
N ARG D 576 12.51 -3.60 53.44
CA ARG D 576 12.16 -4.19 54.73
C ARG D 576 13.28 -4.14 55.79
N PHE D 577 14.53 -4.32 55.36
CA PHE D 577 15.70 -4.26 56.25
C PHE D 577 16.66 -3.13 55.87
N LYS D 578 16.11 -2.06 55.31
CA LYS D 578 16.90 -0.95 54.81
C LYS D 578 16.20 0.38 55.06
N ALA D 579 16.99 1.44 55.25
CA ALA D 579 16.45 2.80 55.34
C ALA D 579 15.81 3.16 54.00
N PRO D 580 14.69 3.92 54.04
CA PRO D 580 14.03 4.31 52.79
C PRO D 580 15.01 4.91 51.80
N ASP D 581 15.97 5.69 52.27
CA ASP D 581 16.94 6.27 51.36
C ASP D 581 17.81 5.22 50.66
N GLU D 582 18.14 4.16 51.37
CA GLU D 582 18.96 3.09 50.78
C GLU D 582 18.17 2.23 49.81
N SER D 583 16.88 2.01 50.12
CA SER D 583 15.96 1.39 49.17
C SER D 583 15.98 2.16 47.86
N VAL D 584 15.87 3.48 47.97
CA VAL D 584 15.91 4.38 46.82
C VAL D 584 17.19 4.22 46.01
N GLU D 585 18.31 4.16 46.71
CA GLU D 585 19.61 4.03 46.08
C GLU D 585 19.77 2.70 45.36
N GLN D 586 19.28 1.63 45.99
CA GLN D 586 19.31 0.29 45.43
C GLN D 586 18.48 0.21 44.15
N LEU D 587 17.33 0.87 44.18
CA LEU D 587 16.48 0.97 42.98
C LEU D 587 17.18 1.75 41.88
N VAL D 588 17.79 2.89 42.19
CA VAL D 588 18.60 3.55 41.18
C VAL D 588 19.59 2.56 40.59
N ASP D 589 20.26 1.78 41.44
CA ASP D 589 21.28 0.82 40.98
C ASP D 589 20.74 -0.11 39.91
N TYR D 590 19.62 -0.76 40.20
CA TYR D 590 18.99 -1.69 39.26
C TYR D 590 18.68 -1.05 37.90
N MET D 591 18.02 0.11 37.94
CA MET D 591 17.83 0.92 36.74
C MET D 591 19.15 1.22 36.03
N GLU D 592 20.21 1.46 36.79
CA GLU D 592 21.46 1.82 36.13
C GLU D 592 22.05 0.59 35.47
N GLU D 593 22.00 -0.52 36.21
CA GLU D 593 22.46 -1.82 35.73
C GLU D 593 21.77 -2.17 34.41
N PHE D 594 20.46 -2.01 34.38
CA PHE D 594 19.67 -2.32 33.22
C PHE D 594 20.01 -1.42 32.02
N VAL D 595 19.96 -0.10 32.20
CA VAL D 595 20.30 0.85 31.11
C VAL D 595 21.56 0.42 30.36
N LYS D 596 22.63 0.13 31.10
CA LYS D 596 23.94 -0.24 30.54
C LYS D 596 23.97 -1.46 29.61
N LYS D 597 22.92 -2.29 29.68
CA LYS D 597 22.81 -3.48 28.85
C LYS D 597 22.85 -3.20 27.35
N THR D 598 23.38 -4.16 26.60
CA THR D 598 23.35 -4.15 25.14
C THR D 598 22.10 -4.87 24.68
N ARG D 599 21.76 -4.73 23.40
CA ARG D 599 20.53 -5.31 22.84
C ARG D 599 20.54 -6.85 22.93
N ARG D 600 21.67 -7.47 22.56
CA ARG D 600 21.84 -8.89 22.76
C ARG D 600 21.41 -9.21 24.18
N GLN D 601 22.01 -8.51 25.14
CA GLN D 601 21.80 -8.82 26.56
C GLN D 601 20.38 -8.61 26.98
N ARG D 602 19.75 -7.60 26.39
CA ARG D 602 18.38 -7.25 26.76
C ARG D 602 17.40 -8.33 26.28
N ILE D 603 17.62 -8.77 25.05
CA ILE D 603 16.91 -9.87 24.41
C ILE D 603 17.04 -11.18 25.21
N ASN D 604 18.28 -11.57 25.49
CA ASN D 604 18.52 -12.78 26.26
C ASN D 604 17.72 -12.75 27.53
N GLN D 605 17.88 -11.69 28.30
CA GLN D 605 17.24 -11.58 29.59
C GLN D 605 15.73 -11.58 29.45
N ARG D 606 15.24 -11.16 28.28
CA ARG D 606 13.79 -11.19 28.07
C ARG D 606 13.31 -12.61 27.82
N ASN D 607 14.07 -13.35 27.01
CA ASN D 607 13.85 -14.80 26.87
C ASN D 607 13.87 -15.48 28.25
N ALA D 608 14.83 -15.08 29.06
CA ALA D 608 15.01 -15.67 30.39
C ALA D 608 13.77 -15.46 31.24
N THR D 609 13.28 -14.22 31.26
CA THR D 609 12.18 -13.87 32.12
C THR D 609 10.88 -14.56 31.65
N GLU D 610 10.80 -14.86 30.35
CA GLU D 610 9.66 -15.56 29.79
C GLU D 610 9.63 -17.00 30.27
N ALA D 611 10.80 -17.63 30.30
CA ALA D 611 10.92 -18.96 30.85
C ALA D 611 10.21 -19.07 32.20
N LEU D 612 10.39 -18.06 33.05
CA LEU D 612 9.76 -18.04 34.37
C LEU D 612 8.24 -18.08 34.31
N SER D 613 7.71 -17.74 33.13
CA SER D 613 6.27 -17.65 32.88
C SER D 613 5.47 -18.81 33.46
N ASP D 614 5.91 -20.03 33.18
CA ASP D 614 5.18 -21.23 33.60
C ASP D 614 4.95 -21.33 35.10
N LEU D 615 5.93 -20.87 35.88
CA LEU D 615 5.83 -20.92 37.35
C LEU D 615 4.71 -20.06 37.92
N LEU D 616 4.31 -19.04 37.17
CA LEU D 616 3.21 -18.18 37.59
C LEU D 616 1.88 -18.65 36.97
N ASP D 617 1.92 -19.74 36.21
CA ASP D 617 0.69 -20.31 35.61
C ASP D 617 -0.18 -21.04 36.61
N TRP D 618 -1.49 -20.85 36.47
CA TRP D 618 -2.51 -21.66 37.14
C TRP D 618 -2.27 -23.17 36.98
N LYS D 619 -1.93 -23.58 35.75
CA LYS D 619 -1.32 -24.89 35.49
C LYS D 619 -0.08 -25.20 36.33
N ARG D 620 0.00 -24.64 37.53
CA ARG D 620 1.14 -24.91 38.43
C ARG D 620 0.98 -24.24 39.79
N MET D 621 0.45 -23.02 39.82
CA MET D 621 0.13 -22.34 41.06
C MET D 621 -1.15 -22.95 41.59
N GLY D 622 -1.78 -23.78 40.74
CA GLY D 622 -3.05 -24.41 41.03
C GLY D 622 -2.94 -25.73 41.76
N LEU D 623 -1.75 -26.32 41.75
CA LEU D 623 -1.44 -27.53 42.54
C LEU D 623 -1.34 -27.16 44.03
N GLU D 624 -1.15 -25.88 44.30
CA GLU D 624 -1.13 -25.35 45.65
C GLU D 624 -2.53 -25.27 46.25
N TYR D 625 -3.53 -25.07 45.39
CA TYR D 625 -4.93 -25.14 45.78
C TYR D 625 -5.36 -26.61 45.95
N VAL D 626 -4.56 -27.52 45.40
CA VAL D 626 -4.76 -28.97 45.59
C VAL D 626 -4.20 -29.40 46.93
N LYS D 627 -2.97 -28.98 47.24
CA LYS D 627 -2.33 -29.27 48.53
C LYS D 627 -3.07 -28.66 49.71
N ALA D 628 -3.79 -27.56 49.46
CA ALA D 628 -4.57 -26.89 50.48
C ALA D 628 -5.89 -27.61 50.69
N ARG D 629 -6.41 -28.21 49.60
CA ARG D 629 -7.68 -28.95 49.64
C ARG D 629 -7.56 -30.33 50.30
N GLN D 630 -6.43 -30.99 50.07
CA GLN D 630 -6.21 -32.34 50.62
C GLN D 630 -5.79 -32.29 52.09
N LEU D 631 -5.14 -31.21 52.50
CA LEU D 631 -4.86 -30.97 53.92
C LEU D 631 -6.10 -30.45 54.65
N ALA D 632 -7.19 -30.27 53.91
CA ALA D 632 -8.48 -30.02 54.54
C ALA D 632 -9.22 -31.37 54.65
N LEU D 633 -8.95 -32.26 53.69
CA LEU D 633 -9.48 -33.64 53.71
C LEU D 633 -8.63 -34.56 54.58
N ARG D 634 -7.61 -33.98 55.22
CA ARG D 634 -6.71 -34.68 56.14
C ARG D 634 -7.12 -34.43 57.59
N ARG D 635 -7.60 -33.23 57.87
CA ARG D 635 -7.93 -32.82 59.23
C ARG D 635 -9.40 -33.04 59.58
N GLY D 636 -10.26 -33.11 58.56
CA GLY D 636 -11.71 -33.28 58.76
C GLY D 636 -12.15 -34.72 58.98
N TYR D 637 -11.53 -35.64 58.25
CA TYR D 637 -11.74 -37.07 58.43
C TYR D 637 -10.38 -37.78 58.56
N PRO D 638 -9.68 -37.62 59.72
CA PRO D 638 -8.27 -38.05 59.88
C PRO D 638 -7.99 -39.53 59.62
N ASP D 639 -9.01 -40.38 59.74
CA ASP D 639 -8.84 -41.82 59.58
C ASP D 639 -9.04 -42.33 58.15
N GLN D 640 -10.17 -41.97 57.52
CA GLN D 640 -10.47 -42.41 56.15
C GLN D 640 -9.37 -42.04 55.14
N PHE D 641 -8.58 -41.02 55.49
CA PHE D 641 -7.41 -40.59 54.70
C PHE D 641 -6.17 -41.39 55.06
N ARG D 642 -5.98 -41.64 56.35
CA ARG D 642 -4.96 -42.55 56.84
C ARG D 642 -5.22 -43.97 56.31
N GLU D 643 -6.48 -44.28 56.05
CA GLU D 643 -6.92 -45.56 55.48
C GLU D 643 -6.61 -45.67 53.99
N LEU D 644 -6.87 -44.58 53.26
CA LEU D 644 -6.72 -44.55 51.81
C LEU D 644 -5.26 -44.50 51.33
N VAL D 645 -4.42 -43.74 52.04
CA VAL D 645 -2.99 -43.61 51.69
C VAL D 645 -2.18 -44.78 52.27
N GLY D 646 -2.63 -45.30 53.41
CA GLY D 646 -1.93 -46.38 54.10
C GLY D 646 -1.56 -45.99 55.52
N GLU D 647 -1.25 -44.71 55.71
CA GLU D 647 -0.92 -44.15 57.02
C GLU D 647 -1.28 -42.66 57.09
N GLU D 648 -1.06 -42.06 58.25
CA GLU D 648 -1.16 -40.60 58.40
C GLU D 648 0.20 -39.94 58.16
N LEU D 649 0.18 -38.85 57.41
CA LEU D 649 1.38 -38.06 57.19
C LEU D 649 1.34 -36.80 58.07
N ASN D 650 2.39 -35.99 58.03
CA ASN D 650 2.48 -34.77 58.84
C ASN D 650 1.29 -33.83 58.64
N ASP D 651 0.84 -33.24 59.75
CA ASP D 651 -0.45 -32.55 59.81
C ASP D 651 -0.39 -31.02 59.73
N SER D 652 0.62 -30.43 60.35
CA SER D 652 0.66 -28.97 60.57
C SER D 652 1.06 -28.09 59.37
N ASN D 653 1.36 -28.69 58.22
CA ASN D 653 1.75 -27.95 57.02
C ASN D 653 1.05 -28.43 55.74
N MET D 654 0.94 -27.53 54.75
CA MET D 654 0.46 -27.87 53.40
C MET D 654 1.56 -28.56 52.60
N ASP D 655 2.80 -28.13 52.83
CA ASP D 655 3.96 -28.69 52.16
C ASP D 655 4.40 -30.02 52.79
N ALA D 656 4.00 -30.23 54.05
CA ALA D 656 4.30 -31.47 54.76
C ALA D 656 3.43 -32.64 54.31
N LEU D 657 2.27 -32.35 53.74
CA LEU D 657 1.32 -33.37 53.30
C LEU D 657 1.71 -34.04 51.97
N ALA D 658 2.06 -33.23 50.97
CA ALA D 658 2.50 -33.74 49.67
C ALA D 658 3.85 -33.17 49.26
N1 U5P E . 24.33 -23.68 -4.95
C2 U5P E . 24.05 -22.45 -5.57
N3 U5P E . 22.86 -22.22 -6.15
C4 U5P E . 21.93 -23.17 -6.15
C5 U5P E . 22.17 -24.40 -5.55
C6 U5P E . 23.40 -24.64 -4.94
O2 U5P E . 24.92 -21.54 -5.60
O4 U5P E . 20.82 -22.94 -6.69
C1' U5P E . 25.65 -23.88 -4.35
C2' U5P E . 25.59 -24.60 -3.02
O2' U5P E . 25.94 -23.69 -1.98
C3' U5P E . 26.64 -25.70 -3.11
C4' U5P E . 27.09 -25.74 -4.55
O3' U5P E . 27.77 -25.39 -2.27
O4' U5P E . 26.46 -24.65 -5.24
C5' U5P E . 26.75 -27.06 -5.25
O5' U5P E . 26.75 -28.16 -4.34
P U5P E . 27.78 -29.40 -4.48
O1P U5P E . 27.23 -30.39 -3.47
O2P U5P E . 27.67 -29.80 -5.94
O3P U5P E . 29.11 -28.80 -4.11
C1 G6P F . 8.68 -19.33 11.85
C2 G6P F . 7.82 -18.15 12.31
C3 G6P F . 6.65 -18.67 13.15
C4 G6P F . 5.86 -19.70 12.34
C5 G6P F . 6.82 -20.83 11.99
C6 G6P F . 6.15 -21.98 11.23
O1 G6P F . 9.31 -19.97 12.97
O2 G6P F . 8.64 -17.20 13.00
O3 G6P F . 5.82 -17.57 13.57
O4 G6P F . 4.71 -20.25 13.04
O5 G6P F . 7.85 -20.27 11.18
O6 G6P F . 7.10 -23.03 11.00
P G6P F . 6.88 -24.11 9.82
O1P G6P F . 5.38 -24.31 9.81
O2P G6P F . 7.75 -25.23 10.31
O3P G6P F . 7.38 -23.50 8.54
C1 PEG G . -12.30 3.67 4.54
O1 PEG G . -11.32 2.78 4.00
C2 PEG G . -12.71 4.66 3.47
O2 PEG G . -12.12 5.95 3.73
C3 PEG G . -13.09 7.02 3.79
C4 PEG G . -13.49 7.53 2.39
O4 PEG G . -12.45 7.28 1.43
BA BA H . 51.33 -14.54 13.79
BA BA I . 65.01 -30.92 4.71
N1 U5P J . -7.89 34.72 2.17
C2 U5P J . -6.79 33.86 2.40
N3 U5P J . -6.90 32.77 3.18
C4 U5P J . -8.06 32.48 3.77
C5 U5P J . -9.18 33.31 3.56
C6 U5P J . -9.07 34.44 2.75
O2 U5P J . -5.70 34.12 1.87
O4 U5P J . -8.14 31.46 4.50
C1' U5P J . -7.69 35.89 1.30
C2' U5P J . -8.19 35.70 -0.12
O2' U5P J . -7.21 35.11 -0.95
C3' U5P J . -8.52 37.11 -0.56
C4' U5P J . -8.70 37.91 0.70
O3' U5P J . -7.43 37.70 -1.29
O4' U5P J . -8.35 37.05 1.81
C5' U5P J . -10.14 38.36 0.81
O5' U5P J . -10.28 39.16 1.97
P U5P J . -11.04 40.58 1.90
O1P U5P J . -11.94 40.49 0.68
O2P U5P J . -11.78 40.65 3.23
O3P U5P J . -9.89 41.55 1.75
C1 G6P K . -16.04 16.62 -10.90
C2 G6P K . -15.57 15.17 -11.00
C3 G6P K . -16.77 14.25 -11.12
C4 G6P K . -17.70 14.42 -9.95
C5 G6P K . -18.12 15.88 -9.81
C6 G6P K . -18.82 16.10 -8.48
O1 G6P K . -16.59 17.07 -12.13
O2 G6P K . -14.69 15.00 -12.12
O3 G6P K . -16.36 12.89 -11.11
O4 G6P K . -18.84 13.64 -10.23
O5 G6P K . -17.00 16.76 -9.86
O6 G6P K . -19.72 17.19 -8.61
P G6P K . -20.35 17.81 -7.26
O1P G6P K . -21.15 16.67 -6.64
O2P G6P K . -21.17 18.99 -7.69
O3P G6P K . -19.09 18.12 -6.48
C1 PEG L . -1.38 -14.08 -0.36
O1 PEG L . -1.23 -14.60 0.96
C2 PEG L . -2.61 -13.18 -0.38
O2 PEG L . -2.60 -12.37 -1.55
C3 PEG L . -3.83 -11.67 -1.75
C4 PEG L . -3.80 -10.27 -1.13
O4 PEG L . -4.52 -10.30 0.11
BA BA M . 6.25 48.95 -26.18
BA BA N . -25.03 46.52 -20.20
C1 1S3 O . -19.04 -7.52 -41.72
O1 1S3 O . -17.93 -8.11 -41.01
P 1S3 O . -16.58 -7.62 -41.76
O2P 1S3 O . -15.61 -6.96 -40.80
O3P 1S3 O . -15.94 -8.77 -42.49
O5 1S3 O . -20.20 -7.25 -40.89
C5 1S3 O . -20.11 -6.11 -40.02
C6 1S3 O . -21.39 -5.98 -39.20
O6 1S3 O . -22.53 -5.93 -40.06
C4 1S3 O . -19.77 -4.82 -40.80
O4 1S3 O . -19.63 -3.68 -39.93
C3 1S3 O . -18.46 -5.02 -41.55
O3 1S3 O . -18.15 -3.89 -42.37
C2 1S3 O . -18.49 -6.27 -42.43
O2 1S3 O . -17.13 -6.53 -42.81
N1 U5P P . -13.00 -6.78 -31.05
C2 U5P P . -12.74 -7.58 -29.89
N3 U5P P . -11.48 -7.77 -29.49
C4 U5P P . -10.44 -7.21 -30.15
C5 U5P P . -10.66 -6.44 -31.29
C6 U5P P . -11.97 -6.23 -31.72
O2 U5P P . -13.66 -8.10 -29.24
O4 U5P P . -9.27 -7.41 -29.76
C1' U5P P . -14.37 -6.55 -31.51
C2' U5P P . -14.53 -5.04 -31.71
O2' U5P P . -15.42 -4.49 -30.72
C3' U5P P . -15.05 -4.84 -33.12
C4' U5P P . -15.06 -6.22 -33.76
O3' U5P P . -16.38 -4.33 -33.06
O4' U5P P . -14.61 -7.16 -32.78
C5' U5P P . -14.17 -6.29 -35.01
O5' U5P P . -14.67 -5.42 -36.03
P U5P P . -15.34 -5.98 -37.39
O1P U5P P . -14.43 -7.11 -37.82
O2P U5P P . -16.72 -6.43 -36.96
O3P U5P P . -15.35 -4.75 -38.30
C1 G6P Q . -6.89 12.88 -20.08
C2 G6P Q . -6.50 13.45 -18.72
C3 G6P Q . -5.49 14.58 -18.93
C4 G6P Q . -4.29 14.04 -19.70
C5 G6P Q . -4.76 13.52 -21.06
C6 G6P Q . -3.57 12.96 -21.86
O1 G6P Q . -7.62 13.87 -20.80
O2 G6P Q . -7.68 13.92 -18.08
O3 G6P Q . -5.05 15.11 -17.66
O4 G6P Q . -3.31 15.06 -19.86
O5 G6P Q . -5.73 12.48 -20.82
O6 G6P Q . -3.86 12.89 -23.26
P G6P Q . -2.70 12.37 -24.27
O1P G6P Q . -1.77 13.55 -24.32
O2P G6P Q . -3.43 12.13 -25.57
O3P G6P Q . -2.05 11.15 -23.67
C1 PEG R . 8.99 4.70 11.14
O1 PEG R . 8.75 3.30 11.37
C2 PEG R . 7.74 5.30 10.50
O2 PEG R . 7.91 6.70 10.25
C3 PEG R . 7.24 7.14 9.07
C4 PEG R . 8.22 7.31 7.92
O4 PEG R . 7.59 7.04 6.65
BA BA S . -45.19 -1.82 -27.89
N1 U5P T . -4.35 -2.19 34.36
C2 U5P T . -5.12 -1.90 33.21
N3 U5P T . -4.85 -0.83 32.44
C4 U5P T . -3.82 -0.01 32.74
C5 U5P T . -3.04 -0.28 33.88
C6 U5P T . -3.33 -1.38 34.70
O2 U5P T . -6.06 -2.65 32.91
O4 U5P T . -3.58 0.98 32.02
C1' U5P T . -4.71 -3.35 35.16
C2' U5P T . -3.52 -4.23 35.50
O2' U5P T . -3.53 -5.42 34.69
C3' U5P T . -3.70 -4.56 36.97
C4' U5P T . -4.74 -3.58 37.50
O3' U5P T . -4.18 -5.90 37.12
O4' U5P T . -5.31 -2.92 36.38
C5' U5P T . -4.18 -2.51 38.46
O5' U5P T . -3.03 -2.96 39.17
P U5P T . -3.14 -3.36 40.73
O1P U5P T . -3.55 -2.09 41.42
O2P U5P T . -4.19 -4.45 40.77
O3P U5P T . -1.74 -3.85 41.07
C1 G6P U . 12.79 -7.99 19.53
C2 G6P U . 12.84 -8.11 18.03
C3 G6P U . 14.25 -7.81 17.51
C4 G6P U . 14.79 -6.49 18.05
C5 G6P U . 14.63 -6.45 19.55
C6 G6P U . 15.01 -5.11 20.16
O1 G6P U . 13.60 -8.99 20.15
O2 G6P U . 12.41 -9.42 17.67
O3 G6P U . 14.22 -7.68 16.10
O4 G6P U . 16.17 -6.37 17.71
O5 G6P U . 13.26 -6.69 19.86
O6 G6P U . 14.76 -5.15 21.57
P G6P U . 15.06 -3.87 22.49
O1P G6P U . 16.20 -3.13 21.78
O2P G6P U . 15.40 -4.48 23.81
O3P G6P U . 13.75 -3.13 22.48
C1 PEG V . 7.35 2.59 -9.82
O1 PEG V . 7.13 3.69 -8.91
C2 PEG V . 6.06 2.30 -10.58
O2 PEG V . 6.24 2.68 -11.94
C3 PEG V . 5.15 3.49 -12.36
C4 PEG V . 5.70 4.68 -13.14
O4 PEG V . 4.65 5.38 -13.79
BA BA W . -11.39 -35.74 39.33
BA BA X . 14.06 -21.30 49.03
#